data_6WML
#
_entry.id   6WML
#
_cell.length_a   86.816
_cell.length_b   141.575
_cell.length_c   171.263
_cell.angle_alpha   90.000
_cell.angle_beta   90.413
_cell.angle_gamma   90.000
#
_symmetry.space_group_name_H-M   'P 1 21 1'
#
loop_
_entity.id
_entity.type
_entity.pdbx_description
1 polymer 'Toll-like receptor 8'
2 branched alpha-D-mannopyranose-(1-6)-beta-D-mannopyranose-(1-4)-2-acetamido-2-deoxy-beta-D-glucopyranose-(1-4)-2-acetamido-2-deoxy-beta-D-glucopyranose
3 branched beta-D-mannopyranose-(1-4)-2-acetamido-2-deoxy-beta-D-glucopyranose
4 branched beta-D-mannopyranose-(1-4)-2-acetamido-2-deoxy-beta-D-glucopyranose-(1-4)-2-acetamido-2-deoxy-beta-D-glucopyranose
5 branched alpha-D-mannopyranose-(1-3)-beta-D-mannopyranose-(1-4)-2-acetamido-2-deoxy-beta-D-glucopyranose-(1-4)-2-acetamido-2-deoxy-beta-D-glucopyranose
6 branched alpha-D-mannopyranose-(1-3)-[alpha-D-mannopyranose-(1-6)]beta-D-mannopyranose-(1-4)-2-acetamido-2-deoxy-beta-D-glucopyranose-(1-4)-2-acetamido-2-deoxy-beta-D-glucopyranose
7 non-polymer alpha-D-mannopyranose
8 non-polymer 2-acetamido-2-deoxy-beta-D-glucopyranose
9 non-polymer (2R)-2-[(2-amino-7-fluoropyrido[3,2-d]pyrimidin-4-yl)amino]-2-methylhexan-1-ol
10 water water
#
_entity_poly.entity_id   1
_entity_poly.type   'polypeptide(L)'
_entity_poly.pdbx_seq_one_letter_code
;RSPWEENFSRSYPCDEKKQNDSVIAECSNRRLQEVPQTVGKYVTELDLSDNFITHITNESFQGLQNLTKINLNHNPNVQH
QNGNPGIQSNGLNITDGAFLNLKNLRELLLEDNQLPQIPSGLPESLTELSLIQNNIYNITKEGISRLINLKNLYLAWNCY
FNKVCEKTNIEDGVFETLTNLELLSLSFNSLSHVPPKLPSSLRKLFLSNTQIKYISEEDFKGLINLTLLDLSGNCPRCFN
APFPCVPCDGGASINIDRFAFQNLTQLRYLNLSSTSLRKINAAWFKNMPHLKVLDLEFNYLVGEIASGAFLTMLPRLEIL
DLSFNYIKGSYPQHINISRNFSKLLSLRALHLRGYVFQELREDDFQPLMQLPNLSTINLGINFIKQIDFKLFQNFSNLEI
IYLSENRISPLVKDTRQSYANSSSFQRHIRKRRSTDFEFDPHSNFYHFTRPLIKPQCAAYGKALDLSLNSIFFIGPNQFE
NLPDIACLNLSANSNAQVLSGTEFSAIPHVKYLDLTNNRLDFDNASALTELSDLEVLDLSYNSHYFRIAGVTHHLEFIQN
FTNLKVLNLSHNNIYTLTDKYNLESKSLVELVFSGNRLDILWNDDDNRYISIFKGLKNLTRLDLSLNRLKHIPNEAFLNL
PASLTELHINDNMLKFFNWTLLQQFPRLELLDLRGNKLLFLTDSLSDFTSSLRTLLLSHNRISHLPSGFLSEVSSLKHLD
LSSNLLKTINKSALETKTTTKLSMLELHGNPFECTCDIGDFRRWMDEHLNVKIPRLVDVICASPGDQRGKSIVSLELTTC
VSDVTEFLVPR
;
_entity_poly.pdbx_strand_id   A,B,C,D
#
# COMPACT_ATOMS: atom_id res chain seq x y z
N SER A 9 -28.01 -24.17 -9.53
CA SER A 9 -29.42 -23.81 -9.63
C SER A 9 -29.63 -22.35 -9.25
N ARG A 10 -30.87 -21.87 -9.43
CA ARG A 10 -31.21 -20.50 -9.08
C ARG A 10 -31.49 -20.41 -7.58
N SER A 11 -30.75 -19.55 -6.89
CA SER A 11 -30.91 -19.42 -5.45
C SER A 11 -32.20 -18.68 -5.12
N TYR A 12 -32.81 -19.07 -4.00
CA TYR A 12 -34.03 -18.46 -3.51
C TYR A 12 -34.12 -18.74 -2.02
N PRO A 13 -34.56 -17.78 -1.19
CA PRO A 13 -34.99 -16.43 -1.57
C PRO A 13 -33.82 -15.46 -1.71
N CYS A 14 -32.63 -15.93 -1.39
CA CYS A 14 -31.46 -15.06 -1.36
C CYS A 14 -30.76 -15.08 -2.72
N ASP A 15 -29.85 -14.14 -2.92
CA ASP A 15 -29.03 -14.05 -4.12
C ASP A 15 -27.59 -14.32 -3.71
N GLU A 16 -27.04 -15.44 -4.17
CA GLU A 16 -25.74 -15.93 -3.71
C GLU A 16 -24.70 -15.68 -4.80
N LYS A 17 -23.81 -14.73 -4.56
CA LYS A 17 -22.71 -14.46 -5.49
C LYS A 17 -21.42 -15.11 -4.99
N VAL A 23 -18.45 -17.52 -0.73
CA VAL A 23 -19.84 -17.51 -1.18
C VAL A 23 -20.71 -16.73 -0.19
N ILE A 24 -21.14 -15.54 -0.62
CA ILE A 24 -21.98 -14.67 0.20
C ILE A 24 -23.42 -14.80 -0.28
N ALA A 25 -24.35 -14.83 0.67
CA ALA A 25 -25.78 -14.93 0.37
C ALA A 25 -26.45 -13.62 0.75
N GLU A 26 -26.77 -12.80 -0.26
CA GLU A 26 -27.47 -11.54 -0.06
C GLU A 26 -28.96 -11.84 0.12
N CYS A 27 -29.47 -11.66 1.32
CA CYS A 27 -30.81 -12.14 1.62
C CYS A 27 -31.56 -11.10 2.45
N SER A 28 -31.15 -9.84 2.35
CA SER A 28 -31.68 -8.76 3.16
C SER A 28 -32.87 -8.09 2.48
N ASN A 29 -33.75 -7.52 3.30
CA ASN A 29 -34.87 -6.70 2.84
C ASN A 29 -35.77 -7.47 1.88
N ARG A 30 -36.18 -8.68 2.30
CA ARG A 30 -37.02 -9.53 1.47
C ARG A 30 -38.31 -9.94 2.18
N ARG A 31 -38.67 -9.24 3.26
CA ARG A 31 -39.92 -9.48 3.98
C ARG A 31 -40.02 -10.91 4.48
N LEU A 32 -38.88 -11.49 4.87
CA LEU A 32 -38.86 -12.86 5.39
C LEU A 32 -39.31 -12.89 6.84
N GLN A 33 -40.16 -13.86 7.16
CA GLN A 33 -40.67 -14.01 8.52
C GLN A 33 -39.90 -15.01 9.36
N GLU A 34 -39.11 -15.89 8.72
CA GLU A 34 -38.25 -16.83 9.43
C GLU A 34 -36.96 -16.97 8.65
N VAL A 35 -35.95 -17.56 9.29
CA VAL A 35 -34.71 -17.81 8.57
C VAL A 35 -34.98 -18.79 7.44
N PRO A 36 -34.63 -18.45 6.19
CA PRO A 36 -34.93 -19.35 5.08
C PRO A 36 -34.14 -20.66 5.20
N GLN A 37 -34.84 -21.77 4.95
CA GLN A 37 -34.21 -23.08 4.96
C GLN A 37 -33.66 -23.47 3.59
N THR A 38 -33.85 -22.63 2.57
CA THR A 38 -33.38 -22.90 1.21
C THR A 38 -32.08 -22.16 0.90
N VAL A 39 -31.27 -21.86 1.90
CA VAL A 39 -29.97 -21.24 1.69
C VAL A 39 -28.97 -22.32 1.32
N GLY A 40 -28.06 -21.99 0.41
CA GLY A 40 -27.05 -22.96 0.01
C GLY A 40 -26.19 -23.38 1.19
N LYS A 41 -25.85 -24.67 1.21
CA LYS A 41 -25.04 -25.20 2.31
C LYS A 41 -23.59 -24.78 2.24
N TYR A 42 -23.18 -24.07 1.18
CA TYR A 42 -21.80 -23.64 1.01
C TYR A 42 -21.62 -22.15 1.20
N VAL A 43 -22.63 -21.44 1.70
CA VAL A 43 -22.51 -20.00 1.86
C VAL A 43 -21.54 -19.67 3.00
N THR A 44 -20.76 -18.62 2.80
CA THR A 44 -19.82 -18.14 3.79
C THR A 44 -20.43 -17.07 4.68
N GLU A 45 -21.08 -16.07 4.05
CA GLU A 45 -21.62 -14.93 4.76
C GLU A 45 -23.09 -14.79 4.41
N LEU A 46 -23.93 -14.63 5.44
CA LEU A 46 -25.38 -14.59 5.30
C LEU A 46 -25.89 -13.26 5.82
N ASP A 47 -26.54 -12.49 4.94
CA ASP A 47 -27.05 -11.17 5.27
C ASP A 47 -28.58 -11.24 5.29
N LEU A 48 -29.16 -11.24 6.49
CA LEU A 48 -30.60 -11.35 6.67
C LEU A 48 -31.19 -10.10 7.29
N SER A 49 -30.56 -8.95 7.08
CA SER A 49 -31.00 -7.72 7.71
C SER A 49 -32.28 -7.20 7.08
N ASP A 50 -33.01 -6.38 7.85
CA ASP A 50 -34.21 -5.69 7.38
C ASP A 50 -35.33 -6.64 6.97
N ASN A 51 -35.34 -7.83 7.54
CA ASN A 51 -36.43 -8.77 7.35
C ASN A 51 -37.39 -8.70 8.54
N PHE A 52 -38.41 -9.57 8.53
CA PHE A 52 -39.41 -9.61 9.58
C PHE A 52 -39.21 -10.79 10.53
N ILE A 53 -37.98 -11.25 10.69
CA ILE A 53 -37.71 -12.44 11.49
C ILE A 53 -37.89 -12.13 12.96
N THR A 54 -38.54 -13.05 13.68
CA THR A 54 -38.91 -12.83 15.08
C THR A 54 -38.27 -13.78 16.07
N HIS A 55 -37.78 -14.95 15.63
CA HIS A 55 -37.18 -15.90 16.55
C HIS A 55 -35.95 -16.54 15.91
N ILE A 56 -34.99 -16.91 16.76
CA ILE A 56 -33.77 -17.58 16.36
C ILE A 56 -33.51 -18.73 17.33
N THR A 57 -33.43 -19.95 16.81
CA THR A 57 -33.17 -21.13 17.62
C THR A 57 -31.97 -21.88 17.05
N ASN A 58 -31.65 -23.02 17.67
CA ASN A 58 -30.57 -23.87 17.18
C ASN A 58 -30.93 -24.59 15.89
N GLU A 59 -32.19 -24.55 15.47
CA GLU A 59 -32.63 -25.13 14.22
C GLU A 59 -32.58 -24.14 13.06
N SER A 60 -32.37 -22.85 13.34
CA SER A 60 -32.48 -21.83 12.31
C SER A 60 -31.35 -21.94 11.29
N PHE A 61 -30.13 -22.20 11.75
CA PHE A 61 -29.00 -22.35 10.85
C PHE A 61 -28.46 -23.77 10.93
N GLN A 62 -29.36 -24.76 10.85
CA GLN A 62 -28.96 -26.14 11.11
C GLN A 62 -28.06 -26.69 10.00
N GLY A 63 -28.30 -26.29 8.76
CA GLY A 63 -27.57 -26.83 7.63
C GLY A 63 -26.41 -26.01 7.13
N LEU A 64 -26.16 -24.84 7.71
CA LEU A 64 -25.12 -23.93 7.23
C LEU A 64 -23.98 -23.86 8.23
N GLN A 65 -23.24 -24.97 8.33
CA GLN A 65 -22.13 -25.07 9.27
C GLN A 65 -20.85 -24.40 8.78
N ASN A 66 -20.83 -23.90 7.55
CA ASN A 66 -19.69 -23.17 7.01
C ASN A 66 -19.90 -21.66 7.09
N LEU A 67 -20.70 -21.20 8.04
CA LEU A 67 -21.04 -19.78 8.16
C LEU A 67 -20.02 -19.09 9.04
N THR A 68 -19.39 -18.04 8.50
CA THR A 68 -18.49 -17.20 9.27
C THR A 68 -19.06 -15.82 9.59
N LYS A 69 -20.04 -15.35 8.82
CA LYS A 69 -20.63 -14.03 9.03
C LYS A 69 -22.14 -14.13 8.94
N ILE A 70 -22.83 -13.60 9.95
CA ILE A 70 -24.28 -13.56 9.99
C ILE A 70 -24.71 -12.14 10.30
N ASN A 71 -25.56 -11.57 9.45
CA ASN A 71 -26.10 -10.23 9.64
C ASN A 71 -27.60 -10.35 9.90
N LEU A 72 -28.02 -9.97 11.11
CA LEU A 72 -29.42 -10.00 11.51
C LEU A 72 -29.88 -8.62 11.97
N ASN A 73 -29.33 -7.57 11.39
CA ASN A 73 -29.64 -6.22 11.82
C ASN A 73 -31.08 -5.84 11.46
N HIS A 74 -31.68 -5.01 12.31
CA HIS A 74 -33.06 -4.55 12.16
CA HIS A 74 -33.07 -4.55 12.17
C HIS A 74 -34.00 -5.70 11.82
N ASN A 75 -34.30 -6.52 12.82
CA ASN A 75 -35.26 -7.60 12.67
C ASN A 75 -36.06 -7.71 13.97
N PRO A 76 -37.40 -7.64 13.90
CA PRO A 76 -38.19 -7.47 12.67
C PRO A 76 -38.35 -6.02 12.25
N ASN A 77 -38.33 -5.78 10.94
CA ASN A 77 -38.41 -4.42 10.38
C ASN A 77 -39.83 -3.89 10.60
N VAL A 78 -39.99 -3.04 11.62
CA VAL A 78 -41.27 -2.44 11.96
C VAL A 78 -42.33 -3.51 12.21
N GLY A 91 -39.64 -7.42 19.06
CA GLY A 91 -38.22 -7.69 19.24
C GLY A 91 -37.81 -9.05 18.70
N LEU A 92 -36.50 -9.27 18.62
CA LEU A 92 -35.95 -10.52 18.10
C LEU A 92 -35.68 -11.46 19.28
N ASN A 93 -36.40 -12.56 19.33
CA ASN A 93 -36.23 -13.57 20.37
C ASN A 93 -35.12 -14.52 19.96
N ILE A 94 -34.07 -14.61 20.76
CA ILE A 94 -32.95 -15.51 20.52
C ILE A 94 -32.83 -16.45 21.71
N THR A 95 -32.88 -17.75 21.44
CA THR A 95 -32.76 -18.74 22.50
C THR A 95 -31.30 -18.90 22.91
N ASP A 96 -31.10 -19.45 24.10
CA ASP A 96 -29.74 -19.69 24.61
C ASP A 96 -29.05 -20.74 23.75
N GLY A 97 -27.84 -20.40 23.28
CA GLY A 97 -27.08 -21.33 22.48
C GLY A 97 -27.57 -21.52 21.06
N ALA A 98 -28.41 -20.61 20.57
CA ALA A 98 -28.96 -20.76 19.22
C ALA A 98 -27.87 -20.76 18.16
N PHE A 99 -26.76 -20.06 18.41
CA PHE A 99 -25.65 -19.98 17.48
C PHE A 99 -24.52 -20.96 17.82
N LEU A 100 -24.63 -21.69 18.92
CA LEU A 100 -23.50 -22.43 19.45
C LEU A 100 -22.98 -23.49 18.48
N ASN A 101 -23.85 -24.06 17.66
CA ASN A 101 -23.44 -25.14 16.75
C ASN A 101 -22.57 -24.65 15.60
N LEU A 102 -22.54 -23.35 15.33
CA LEU A 102 -21.78 -22.79 14.21
C LEU A 102 -20.37 -22.49 14.70
N LYS A 103 -19.49 -23.49 14.59
CA LYS A 103 -18.14 -23.41 15.12
C LYS A 103 -17.19 -22.59 14.26
N ASN A 104 -17.66 -22.08 13.11
CA ASN A 104 -16.86 -21.19 12.28
C ASN A 104 -17.40 -19.77 12.27
N LEU A 105 -18.45 -19.48 13.03
CA LEU A 105 -19.04 -18.15 13.09
C LEU A 105 -18.05 -17.14 13.66
N ARG A 106 -17.59 -16.21 12.84
CA ARG A 106 -16.62 -15.21 13.26
C ARG A 106 -17.22 -13.83 13.48
N GLU A 107 -18.23 -13.46 12.71
CA GLU A 107 -18.84 -12.13 12.80
C GLU A 107 -20.35 -12.28 12.95
N LEU A 108 -20.90 -11.69 14.01
CA LEU A 108 -22.33 -11.73 14.30
C LEU A 108 -22.81 -10.31 14.53
N LEU A 109 -23.68 -9.82 13.64
CA LEU A 109 -24.23 -8.47 13.74
C LEU A 109 -25.68 -8.56 14.18
N LEU A 110 -25.97 -8.02 15.35
CA LEU A 110 -27.30 -8.07 15.96
C LEU A 110 -27.75 -6.68 16.37
N GLU A 111 -27.71 -5.74 15.43
CA GLU A 111 -28.07 -4.36 15.69
C GLU A 111 -29.57 -4.14 15.48
N ASP A 112 -30.12 -3.16 16.21
CA ASP A 112 -31.50 -2.71 16.05
CA ASP A 112 -31.50 -2.72 16.03
C ASP A 112 -32.48 -3.88 16.18
N ASN A 113 -32.27 -4.72 17.19
CA ASN A 113 -33.11 -5.89 17.40
C ASN A 113 -33.90 -5.83 18.71
N GLN A 114 -33.83 -4.72 19.43
CA GLN A 114 -34.53 -4.57 20.71
C GLN A 114 -34.16 -5.69 21.69
N LEU A 115 -32.90 -6.10 21.65
CA LEU A 115 -32.44 -7.16 22.55
C LEU A 115 -32.41 -6.63 23.98
N PRO A 116 -33.05 -7.31 24.93
CA PRO A 116 -32.96 -6.87 26.33
C PRO A 116 -31.69 -7.28 27.03
N GLN A 117 -30.98 -8.28 26.52
CA GLN A 117 -29.75 -8.76 27.11
C GLN A 117 -28.77 -9.13 26.00
N ILE A 118 -27.51 -9.29 26.38
CA ILE A 118 -26.59 -10.00 25.49
C ILE A 118 -27.05 -11.43 25.35
N PRO A 119 -27.18 -11.98 24.13
CA PRO A 119 -27.67 -13.36 23.99
C PRO A 119 -26.75 -14.34 24.70
N SER A 120 -27.37 -15.30 25.39
CA SER A 120 -26.61 -16.28 26.17
C SER A 120 -26.07 -17.38 25.26
N GLY A 121 -24.93 -17.93 25.66
CA GLY A 121 -24.33 -19.05 24.97
C GLY A 121 -23.92 -18.76 23.54
N LEU A 122 -23.11 -17.71 23.34
CA LEU A 122 -22.62 -17.38 22.01
C LEU A 122 -21.37 -18.17 21.69
N PRO A 123 -21.10 -18.44 20.40
CA PRO A 123 -19.93 -19.26 20.05
C PRO A 123 -18.63 -18.57 20.41
N GLU A 124 -17.69 -19.36 20.92
CA GLU A 124 -16.38 -18.84 21.30
C GLU A 124 -15.51 -18.50 20.10
N SER A 125 -15.93 -18.85 18.88
CA SER A 125 -15.19 -18.51 17.69
C SER A 125 -15.41 -17.07 17.25
N LEU A 126 -16.33 -16.35 17.89
CA LEU A 126 -16.66 -14.99 17.48
C LEU A 126 -15.47 -14.06 17.66
N THR A 127 -15.14 -13.31 16.62
CA THR A 127 -14.14 -12.25 16.69
C THR A 127 -14.74 -10.86 16.60
N GLU A 128 -15.90 -10.71 15.97
CA GLU A 128 -16.59 -9.43 15.86
C GLU A 128 -18.04 -9.62 16.28
N LEU A 129 -18.47 -8.87 17.29
CA LEU A 129 -19.85 -8.88 17.76
C LEU A 129 -20.32 -7.44 17.92
N SER A 130 -21.47 -7.11 17.35
CA SER A 130 -22.02 -5.77 17.41
C SER A 130 -23.45 -5.84 17.90
N LEU A 131 -23.71 -5.27 19.07
CA LEU A 131 -25.05 -5.15 19.62
C LEU A 131 -25.49 -3.69 19.68
N ILE A 132 -25.07 -2.90 18.69
CA ILE A 132 -25.41 -1.48 18.65
C ILE A 132 -26.91 -1.30 18.60
N GLN A 133 -27.41 -0.31 19.35
CA GLN A 133 -28.78 0.16 19.24
C GLN A 133 -29.79 -0.92 19.68
N ASN A 134 -29.60 -1.42 20.91
CA ASN A 134 -30.54 -2.35 21.50
C ASN A 134 -31.02 -1.80 22.85
N ASN A 135 -31.42 -2.69 23.75
CA ASN A 135 -31.85 -2.33 25.09
C ASN A 135 -31.03 -3.07 26.14
N ILE A 136 -29.73 -3.23 25.88
CA ILE A 136 -28.83 -3.97 26.76
C ILE A 136 -28.23 -2.98 27.75
N TYR A 137 -28.60 -3.12 29.02
CA TYR A 137 -28.10 -2.26 30.09
C TYR A 137 -27.19 -3.01 31.06
N ASN A 138 -26.88 -4.27 30.77
CA ASN A 138 -26.08 -5.11 31.66
C ASN A 138 -25.06 -5.87 30.82
N ILE A 139 -23.78 -5.54 31.00
CA ILE A 139 -22.69 -6.24 30.36
C ILE A 139 -22.14 -7.25 31.36
N THR A 140 -22.47 -8.53 31.15
CA THR A 140 -22.25 -9.57 32.14
C THR A 140 -21.08 -10.46 31.76
N LYS A 141 -20.45 -11.05 32.77
CA LYS A 141 -19.42 -12.06 32.52
C LYS A 141 -20.01 -13.29 31.85
N GLU A 142 -21.25 -13.64 32.21
CA GLU A 142 -21.90 -14.79 31.58
C GLU A 142 -22.13 -14.56 30.10
N GLY A 143 -22.24 -13.30 29.67
CA GLY A 143 -22.51 -13.01 28.28
C GLY A 143 -21.28 -12.82 27.42
N ILE A 144 -20.21 -12.26 27.99
CA ILE A 144 -19.06 -11.79 27.22
C ILE A 144 -17.77 -12.49 27.62
N SER A 145 -17.59 -12.77 28.91
CA SER A 145 -16.28 -13.22 29.43
C SER A 145 -15.84 -14.59 28.90
N ARG A 146 -16.50 -15.23 27.94
CA ARG A 146 -16.02 -16.48 27.37
C ARG A 146 -15.63 -16.34 25.90
N LEU A 147 -16.03 -15.26 25.24
CA LEU A 147 -15.67 -15.00 23.85
C LEU A 147 -14.25 -14.42 23.77
N ILE A 148 -13.29 -15.23 24.22
CA ILE A 148 -11.91 -14.78 24.36
C ILE A 148 -11.22 -14.51 23.02
N ASN A 149 -11.88 -14.81 21.90
CA ASN A 149 -11.35 -14.50 20.59
C ASN A 149 -11.90 -13.18 20.04
N LEU A 150 -12.64 -12.43 20.86
CA LEU A 150 -13.25 -11.20 20.41
C LEU A 150 -12.19 -10.15 20.10
N LYS A 151 -12.26 -9.57 18.90
CA LYS A 151 -11.41 -8.45 18.52
C LYS A 151 -12.17 -7.13 18.44
N ASN A 152 -13.44 -7.17 18.04
CA ASN A 152 -14.28 -5.98 17.93
C ASN A 152 -15.56 -6.22 18.70
N LEU A 153 -15.87 -5.34 19.64
CA LEU A 153 -17.08 -5.43 20.45
C LEU A 153 -17.79 -4.08 20.41
N TYR A 154 -18.96 -4.04 19.78
CA TYR A 154 -19.75 -2.82 19.64
C TYR A 154 -20.98 -2.92 20.54
N LEU A 155 -21.06 -2.03 21.53
CA LEU A 155 -22.19 -1.99 22.45
C LEU A 155 -22.75 -0.58 22.57
N ALA A 156 -22.67 0.20 21.49
CA ALA A 156 -23.03 1.61 21.54
C ALA A 156 -24.53 1.79 21.34
N TRP A 157 -25.01 2.96 21.79
CA TRP A 157 -26.37 3.45 21.49
C TRP A 157 -27.45 2.56 22.10
N ASN A 158 -27.24 2.12 23.35
CA ASN A 158 -28.27 1.32 24.02
C ASN A 158 -29.11 2.09 25.01
N CYS A 159 -28.58 3.18 25.58
CA CYS A 159 -29.29 4.07 26.50
C CYS A 159 -28.72 5.47 26.32
N TYR A 160 -29.51 6.37 25.75
CA TYR A 160 -29.02 7.68 25.34
C TYR A 160 -30.19 8.65 25.27
N PHE A 161 -29.86 9.93 25.27
CA PHE A 161 -30.85 11.00 25.10
C PHE A 161 -32.02 10.84 26.07
N ASN A 162 -33.25 11.02 25.58
CA ASN A 162 -34.45 10.85 26.39
C ASN A 162 -35.08 9.47 26.23
N LYS A 163 -34.33 8.50 25.73
CA LYS A 163 -34.82 7.12 25.72
C LYS A 163 -35.07 6.66 27.14
N VAL A 164 -36.19 5.97 27.35
CA VAL A 164 -36.49 5.39 28.65
C VAL A 164 -35.65 4.13 28.79
N CYS A 165 -34.63 4.18 29.63
CA CYS A 165 -33.65 3.12 29.70
C CYS A 165 -33.00 3.15 31.07
N GLU A 166 -32.05 2.24 31.28
CA GLU A 166 -31.38 2.12 32.56
C GLU A 166 -29.90 2.44 32.42
N LYS A 167 -29.31 2.90 33.53
CA LYS A 167 -27.87 3.15 33.55
C LYS A 167 -27.12 1.85 33.33
N THR A 168 -26.06 1.92 32.52
CA THR A 168 -25.33 0.72 32.12
C THR A 168 -24.57 0.15 33.32
N ASN A 169 -24.76 -1.15 33.55
CA ASN A 169 -24.03 -1.88 34.58
C ASN A 169 -22.97 -2.75 33.90
N ILE A 170 -21.71 -2.51 34.24
CA ILE A 170 -20.60 -3.26 33.67
C ILE A 170 -19.98 -4.07 34.81
N GLU A 171 -20.15 -5.39 34.76
CA GLU A 171 -19.61 -6.26 35.79
C GLU A 171 -18.09 -6.13 35.86
N ASP A 172 -17.57 -6.09 37.08
CA ASP A 172 -16.15 -5.85 37.30
C ASP A 172 -15.31 -6.92 36.62
N GLY A 173 -14.43 -6.49 35.71
CA GLY A 173 -13.52 -7.41 35.04
C GLY A 173 -14.12 -8.16 33.88
N VAL A 174 -15.25 -7.70 33.33
CA VAL A 174 -15.91 -8.46 32.26
C VAL A 174 -15.11 -8.41 30.98
N PHE A 175 -14.35 -7.34 30.74
CA PHE A 175 -13.48 -7.25 29.59
C PHE A 175 -12.08 -7.78 29.86
N GLU A 176 -11.76 -8.08 31.13
CA GLU A 176 -10.43 -8.55 31.48
C GLU A 176 -10.10 -9.87 30.78
N THR A 177 -11.11 -10.66 30.44
CA THR A 177 -10.87 -11.93 29.76
C THR A 177 -10.41 -11.72 28.32
N LEU A 178 -10.95 -10.70 27.64
CA LEU A 178 -10.78 -10.55 26.20
C LEU A 178 -9.39 -10.00 25.89
N THR A 179 -8.40 -10.89 26.04
CA THR A 179 -7.00 -10.51 25.85
C THR A 179 -6.63 -10.30 24.38
N ASN A 180 -7.54 -10.55 23.44
CA ASN A 180 -7.33 -10.23 22.04
C ASN A 180 -8.22 -9.08 21.57
N LEU A 181 -8.91 -8.40 22.49
CA LEU A 181 -9.83 -7.34 22.12
C LEU A 181 -9.05 -6.11 21.65
N GLU A 182 -9.30 -5.69 20.41
CA GLU A 182 -8.65 -4.52 19.85
C GLU A 182 -9.53 -3.29 19.80
N LEU A 183 -10.85 -3.47 19.67
CA LEU A 183 -11.79 -2.36 19.59
C LEU A 183 -12.91 -2.58 20.61
N LEU A 184 -13.16 -1.56 21.43
CA LEU A 184 -14.26 -1.58 22.39
C LEU A 184 -15.06 -0.30 22.21
N SER A 185 -16.35 -0.44 21.91
CA SER A 185 -17.24 0.69 21.67
C SER A 185 -18.38 0.65 22.67
N LEU A 186 -18.37 1.61 23.61
CA LEU A 186 -19.41 1.73 24.62
C LEU A 186 -20.11 3.09 24.57
N SER A 187 -19.96 3.81 23.45
CA SER A 187 -20.45 5.17 23.37
C SER A 187 -21.97 5.23 23.42
N PHE A 188 -22.49 6.37 23.89
CA PHE A 188 -23.92 6.60 24.03
C PHE A 188 -24.57 5.56 24.95
N ASN A 189 -23.92 5.32 26.07
CA ASN A 189 -24.48 4.60 27.21
C ASN A 189 -24.15 5.39 28.46
N SER A 190 -24.93 5.20 29.52
CA SER A 190 -24.69 5.91 30.77
C SER A 190 -23.70 5.08 31.58
N LEU A 191 -22.42 5.48 31.54
CA LEU A 191 -21.35 4.78 32.25
C LEU A 191 -20.88 5.51 33.49
N SER A 192 -20.73 6.84 33.42
CA SER A 192 -20.32 7.70 34.53
C SER A 192 -18.87 7.48 34.94
N HIS A 193 -18.31 6.30 34.66
CA HIS A 193 -16.92 6.02 34.97
C HIS A 193 -16.33 5.13 33.89
N VAL A 194 -15.06 5.37 33.57
CA VAL A 194 -14.35 4.45 32.67
C VAL A 194 -14.31 3.07 33.31
N PRO A 195 -14.67 2.01 32.60
CA PRO A 195 -14.62 0.67 33.19
C PRO A 195 -13.21 0.26 33.52
N PRO A 196 -12.97 -0.28 34.70
CA PRO A 196 -11.63 -0.77 35.04
C PRO A 196 -11.38 -2.14 34.41
N LYS A 197 -10.14 -2.59 34.55
CA LYS A 197 -9.71 -3.92 34.10
C LYS A 197 -9.94 -4.12 32.60
N LEU A 198 -9.55 -3.11 31.82
CA LEU A 198 -9.62 -3.22 30.37
C LEU A 198 -8.39 -3.97 29.85
N PRO A 199 -8.55 -4.81 28.84
CA PRO A 199 -7.38 -5.53 28.30
C PRO A 199 -6.46 -4.57 27.56
N SER A 200 -5.15 -4.76 27.75
CA SER A 200 -4.17 -3.88 27.14
C SER A 200 -3.90 -4.22 25.68
N SER A 201 -4.62 -5.18 25.10
CA SER A 201 -4.58 -5.41 23.67
C SER A 201 -5.39 -4.40 22.89
N LEU A 202 -6.10 -3.50 23.57
CA LEU A 202 -6.99 -2.57 22.92
C LEU A 202 -6.22 -1.50 22.15
N ARG A 203 -6.68 -1.22 20.93
CA ARG A 203 -6.15 -0.13 20.13
C ARG A 203 -7.13 1.02 19.95
N LYS A 204 -8.44 0.75 20.02
CA LYS A 204 -9.47 1.77 19.84
C LYS A 204 -10.50 1.64 20.95
N LEU A 205 -10.69 2.72 21.70
CA LEU A 205 -11.64 2.77 22.80
C LEU A 205 -12.60 3.93 22.56
N PHE A 206 -13.87 3.62 22.34
CA PHE A 206 -14.91 4.61 22.08
C PHE A 206 -15.77 4.76 23.33
N LEU A 207 -15.71 5.94 23.95
CA LEU A 207 -16.47 6.24 25.16
C LEU A 207 -17.18 7.57 25.02
N SER A 208 -17.79 7.82 23.86
CA SER A 208 -18.45 9.09 23.62
C SER A 208 -19.84 9.11 24.25
N ASN A 209 -20.23 10.26 24.78
CA ASN A 209 -21.54 10.46 25.39
C ASN A 209 -21.84 9.39 26.43
N THR A 210 -20.89 9.21 27.35
CA THR A 210 -20.99 8.19 28.39
C THR A 210 -21.13 8.79 29.78
N GLN A 211 -21.38 10.10 29.88
CA GLN A 211 -21.57 10.79 31.16
C GLN A 211 -20.38 10.62 32.09
N ILE A 212 -19.18 10.49 31.53
CA ILE A 212 -17.95 10.37 32.31
C ILE A 212 -17.42 11.78 32.55
N LYS A 213 -17.49 12.25 33.78
CA LYS A 213 -17.09 13.60 34.11
C LYS A 213 -15.63 13.71 34.52
N TYR A 214 -14.99 12.62 34.90
CA TYR A 214 -13.63 12.65 35.43
C TYR A 214 -12.83 11.50 34.86
N ILE A 215 -11.61 11.79 34.40
CA ILE A 215 -10.68 10.80 33.89
C ILE A 215 -9.51 10.73 34.86
N SER A 216 -9.38 9.60 35.56
CA SER A 216 -8.35 9.44 36.56
C SER A 216 -7.05 8.96 35.91
N GLU A 217 -5.97 8.98 36.71
CA GLU A 217 -4.69 8.50 36.25
C GLU A 217 -4.70 7.01 36.00
N GLU A 218 -5.58 6.27 36.69
CA GLU A 218 -5.64 4.83 36.55
C GLU A 218 -6.45 4.36 35.35
N ASP A 219 -7.27 5.24 34.76
CA ASP A 219 -8.27 4.80 33.80
C ASP A 219 -7.65 4.16 32.56
N PHE A 220 -6.53 4.72 32.09
CA PHE A 220 -5.86 4.20 30.89
C PHE A 220 -4.38 3.96 31.17
N LYS A 221 -4.06 3.48 32.38
CA LYS A 221 -2.66 3.38 32.77
C LYS A 221 -1.91 2.31 31.97
N GLY A 222 -2.60 1.26 31.53
CA GLY A 222 -1.90 0.15 30.89
C GLY A 222 -2.22 -0.04 29.42
N LEU A 223 -2.99 0.87 28.83
CA LEU A 223 -3.38 0.74 27.42
C LEU A 223 -2.28 1.31 26.52
N ILE A 224 -1.13 0.63 26.54
CA ILE A 224 0.03 1.09 25.79
C ILE A 224 -0.05 0.78 24.31
N ASN A 225 -1.10 0.12 23.85
CA ASN A 225 -1.32 -0.14 22.44
C ASN A 225 -2.40 0.75 21.83
N LEU A 226 -2.98 1.65 22.62
CA LEU A 226 -4.11 2.43 22.15
C LEU A 226 -3.70 3.41 21.07
N THR A 227 -4.40 3.36 19.93
CA THR A 227 -4.20 4.32 18.85
C THR A 227 -5.33 5.33 18.73
N LEU A 228 -6.52 5.02 19.27
CA LEU A 228 -7.66 5.93 19.23
C LEU A 228 -8.31 5.98 20.61
N LEU A 229 -8.63 7.19 21.04
CA LEU A 229 -9.38 7.40 22.28
C LEU A 229 -10.45 8.45 22.02
N ASP A 230 -11.70 8.09 22.26
CA ASP A 230 -12.84 8.97 22.01
C ASP A 230 -13.55 9.24 23.34
N LEU A 231 -13.38 10.45 23.86
CA LEU A 231 -14.06 10.89 25.07
C LEU A 231 -15.06 12.02 24.80
N SER A 232 -15.50 12.15 23.56
CA SER A 232 -16.36 13.25 23.17
C SER A 232 -17.73 13.15 23.85
N GLY A 233 -18.40 14.29 23.95
CA GLY A 233 -19.74 14.33 24.50
C GLY A 233 -19.84 14.06 25.98
N ASN A 234 -18.74 14.12 26.72
CA ASN A 234 -18.73 13.96 28.17
C ASN A 234 -18.52 15.32 28.79
N CYS A 235 -19.47 15.75 29.64
CA CYS A 235 -19.62 17.14 30.05
C CYS A 235 -19.78 18.00 28.79
N PRO A 236 -20.88 17.83 28.06
CA PRO A 236 -20.96 18.43 26.73
C PRO A 236 -21.32 19.91 26.78
N ARG A 237 -21.04 20.59 25.67
CA ARG A 237 -21.52 21.95 25.42
C ARG A 237 -22.89 21.82 24.77
N CYS A 238 -23.92 22.27 25.47
CA CYS A 238 -25.30 21.94 25.12
C CYS A 238 -26.06 23.07 24.44
N PHE A 239 -25.48 24.26 24.30
CA PHE A 239 -26.17 25.34 23.63
C PHE A 239 -26.39 24.99 22.17
N ASN A 240 -27.63 25.17 21.71
CA ASN A 240 -28.02 24.90 20.32
C ASN A 240 -27.77 23.45 19.93
N ALA A 241 -27.87 22.53 20.90
CA ALA A 241 -27.63 21.13 20.61
C ALA A 241 -28.79 20.54 19.83
N PRO A 242 -28.54 19.81 18.74
CA PRO A 242 -29.64 19.21 17.98
C PRO A 242 -30.08 17.87 18.55
N PHE A 243 -29.92 17.70 19.86
CA PHE A 243 -30.30 16.47 20.54
C PHE A 243 -30.51 16.79 22.02
N PRO A 244 -31.26 15.96 22.74
CA PRO A 244 -31.40 16.17 24.20
C PRO A 244 -30.04 16.13 24.87
N CYS A 245 -29.64 17.26 25.43
CA CYS A 245 -28.27 17.45 25.89
C CYS A 245 -28.28 17.80 27.38
N VAL A 246 -27.43 17.13 28.14
CA VAL A 246 -27.33 17.33 29.58
C VAL A 246 -25.93 17.78 29.96
N PRO A 247 -25.74 19.02 30.37
CA PRO A 247 -24.41 19.48 30.77
C PRO A 247 -24.04 19.01 32.16
N CYS A 248 -22.74 18.94 32.40
CA CYS A 248 -22.25 18.72 33.76
C CYS A 248 -22.59 19.94 34.62
N ASP A 249 -22.52 19.75 35.93
CA ASP A 249 -22.98 20.75 36.88
C ASP A 249 -22.35 22.11 36.60
N GLY A 250 -23.19 23.08 36.23
CA GLY A 250 -22.71 24.40 35.87
C GLY A 250 -22.06 24.48 34.51
N GLY A 251 -22.28 23.49 33.65
CA GLY A 251 -21.59 23.46 32.37
C GLY A 251 -20.09 23.33 32.51
N ALA A 252 -19.63 22.63 33.55
CA ALA A 252 -18.20 22.56 33.84
C ALA A 252 -17.47 21.74 32.79
N SER A 253 -16.16 21.94 32.72
CA SER A 253 -15.31 21.19 31.83
C SER A 253 -15.23 19.73 32.26
N ILE A 254 -14.78 18.88 31.32
CA ILE A 254 -14.38 17.53 31.70
C ILE A 254 -13.11 17.62 32.55
N ASN A 255 -12.99 16.75 33.53
CA ASN A 255 -11.86 16.76 34.46
C ASN A 255 -10.94 15.61 34.06
N ILE A 256 -9.91 15.93 33.30
CA ILE A 256 -8.90 14.95 32.88
C ILE A 256 -7.67 15.14 33.74
N ASP A 257 -7.29 14.08 34.47
CA ASP A 257 -6.11 14.14 35.32
C ASP A 257 -4.88 14.43 34.47
N ARG A 258 -3.89 15.09 35.11
CA ARG A 258 -2.70 15.52 34.39
C ARG A 258 -1.89 14.35 33.85
N PHE A 259 -2.01 13.17 34.47
CA PHE A 259 -1.27 11.99 34.06
C PHE A 259 -2.17 10.93 33.42
N ALA A 260 -3.37 11.31 32.99
CA ALA A 260 -4.32 10.33 32.46
C ALA A 260 -3.90 9.75 31.12
N PHE A 261 -3.02 10.42 30.38
CA PHE A 261 -2.59 9.96 29.07
C PHE A 261 -1.12 9.58 29.03
N GLN A 262 -0.45 9.46 30.18
CA GLN A 262 1.00 9.40 30.20
C GLN A 262 1.56 8.14 29.57
N ASN A 263 0.79 7.05 29.50
CA ASN A 263 1.26 5.81 28.90
C ASN A 263 0.67 5.54 27.52
N LEU A 264 -0.15 6.45 27.00
CA LEU A 264 -0.77 6.27 25.68
C LEU A 264 0.15 6.80 24.57
N THR A 265 1.35 6.24 24.51
CA THR A 265 2.35 6.77 23.58
C THR A 265 2.11 6.35 22.13
N GLN A 266 1.17 5.45 21.88
CA GLN A 266 0.82 5.04 20.52
C GLN A 266 -0.43 5.75 19.99
N LEU A 267 -0.96 6.72 20.75
CA LEU A 267 -2.21 7.36 20.36
C LEU A 267 -2.04 8.17 19.09
N ARG A 268 -2.90 7.91 18.11
CA ARG A 268 -2.95 8.67 16.87
C ARG A 268 -4.20 9.52 16.73
N TYR A 269 -5.31 9.11 17.35
CA TYR A 269 -6.58 9.81 17.25
C TYR A 269 -7.08 10.13 18.63
N LEU A 270 -7.30 11.41 18.90
CA LEU A 270 -7.87 11.87 20.17
C LEU A 270 -9.09 12.73 19.87
N ASN A 271 -10.25 12.30 20.36
CA ASN A 271 -11.51 13.00 20.14
C ASN A 271 -11.99 13.57 21.47
N LEU A 272 -11.86 14.89 21.62
CA LEU A 272 -12.33 15.60 22.79
C LEU A 272 -13.45 16.58 22.42
N SER A 273 -14.21 16.26 21.38
CA SER A 273 -15.32 17.09 20.97
C SER A 273 -16.35 17.20 22.08
N SER A 274 -16.90 18.39 22.26
CA SER A 274 -18.02 18.63 23.18
C SER A 274 -17.71 18.07 24.57
N THR A 275 -16.59 18.53 25.14
CA THR A 275 -16.25 18.24 26.52
C THR A 275 -16.16 19.51 27.36
N SER A 276 -16.62 20.64 26.82
CA SER A 276 -16.67 21.92 27.55
C SER A 276 -15.29 22.36 27.99
N LEU A 277 -14.29 22.11 27.15
CA LEU A 277 -12.91 22.47 27.49
C LEU A 277 -12.69 23.97 27.31
N ARG A 278 -12.19 24.61 28.37
CA ARG A 278 -11.70 25.97 28.29
C ARG A 278 -10.18 26.04 28.32
N LYS A 279 -9.52 25.00 28.80
CA LYS A 279 -8.07 24.96 28.90
C LYS A 279 -7.57 23.59 28.46
N ILE A 280 -6.54 23.56 27.63
CA ILE A 280 -5.91 22.34 27.15
C ILE A 280 -4.58 22.20 27.88
N ASN A 281 -4.48 21.23 28.77
CA ASN A 281 -3.23 20.98 29.46
C ASN A 281 -2.21 20.39 28.48
N ALA A 282 -1.12 21.13 28.25
CA ALA A 282 -0.12 20.68 27.31
C ALA A 282 0.55 19.38 27.75
N ALA A 283 0.54 19.10 29.06
CA ALA A 283 1.15 17.88 29.57
C ALA A 283 0.39 16.63 29.18
N TRP A 284 -0.83 16.76 28.65
CA TRP A 284 -1.55 15.59 28.15
C TRP A 284 -0.81 14.93 26.99
N PHE A 285 -0.03 15.71 26.25
CA PHE A 285 0.66 15.24 25.05
C PHE A 285 2.16 15.07 25.26
N LYS A 286 2.62 15.05 26.51
CA LYS A 286 4.06 14.93 26.77
C LYS A 286 4.62 13.64 26.17
N ASN A 287 3.88 12.55 26.27
CA ASN A 287 4.31 11.24 25.79
C ASN A 287 3.47 10.77 24.61
N MET A 288 3.07 11.70 23.74
CA MET A 288 2.19 11.41 22.62
C MET A 288 2.83 11.89 21.32
N PRO A 289 3.90 11.24 20.87
CA PRO A 289 4.62 11.73 19.69
C PRO A 289 3.99 11.37 18.35
N HIS A 290 3.01 10.48 18.34
CA HIS A 290 2.39 10.02 17.10
C HIS A 290 1.01 10.62 16.86
N LEU A 291 0.58 11.57 17.68
CA LEU A 291 -0.77 12.11 17.55
C LEU A 291 -0.95 12.74 16.16
N LYS A 292 -1.94 12.24 15.44
CA LYS A 292 -2.19 12.62 14.05
C LYS A 292 -3.47 13.42 13.86
N VAL A 293 -4.52 13.11 14.62
CA VAL A 293 -5.82 13.76 14.50
C VAL A 293 -6.28 14.16 15.89
N LEU A 294 -6.57 15.44 16.07
CA LEU A 294 -7.05 15.96 17.35
C LEU A 294 -8.38 16.68 17.12
N ASP A 295 -9.45 16.15 17.72
CA ASP A 295 -10.78 16.68 17.55
C ASP A 295 -11.16 17.51 18.78
N LEU A 296 -11.43 18.80 18.57
CA LEU A 296 -11.75 19.71 19.66
C LEU A 296 -12.98 20.56 19.33
N GLU A 297 -13.93 19.99 18.59
CA GLU A 297 -15.13 20.71 18.24
C GLU A 297 -16.02 20.95 19.45
N PHE A 298 -16.86 21.97 19.35
CA PHE A 298 -17.94 22.23 20.31
C PHE A 298 -17.39 22.35 21.74
N ASN A 299 -16.32 23.14 21.88
CA ASN A 299 -15.80 23.47 23.20
C ASN A 299 -15.86 24.99 23.39
N TYR A 300 -15.06 25.51 24.33
CA TYR A 300 -14.98 26.95 24.57
C TYR A 300 -13.51 27.39 24.48
N LEU A 301 -12.89 27.10 23.34
CA LEU A 301 -11.44 27.19 23.20
C LEU A 301 -10.97 28.44 22.47
N VAL A 302 -11.79 29.50 22.43
CA VAL A 302 -11.39 30.71 21.72
C VAL A 302 -10.14 31.31 22.37
N GLY A 303 -10.06 31.28 23.69
CA GLY A 303 -8.85 31.76 24.36
C GLY A 303 -7.65 30.90 24.07
N GLU A 304 -7.83 29.57 24.07
CA GLU A 304 -6.72 28.67 23.78
C GLU A 304 -6.25 28.81 22.33
N ILE A 305 -7.18 29.08 21.41
CA ILE A 305 -6.80 29.32 20.02
C ILE A 305 -5.91 30.55 19.91
N ALA A 306 -6.12 31.54 20.79
CA ALA A 306 -5.29 32.74 20.79
C ALA A 306 -3.98 32.56 21.54
N SER A 307 -3.90 31.59 22.45
CA SER A 307 -2.68 31.32 23.20
C SER A 307 -1.98 30.07 22.70
N GLY A 308 -2.63 28.91 22.81
CA GLY A 308 -2.14 27.69 22.22
C GLY A 308 -0.82 27.17 22.78
N ALA A 309 -0.73 27.06 24.10
CA ALA A 309 0.46 26.46 24.69
C ALA A 309 0.59 24.99 24.32
N PHE A 310 -0.53 24.30 24.15
CA PHE A 310 -0.51 22.88 23.79
C PHE A 310 -0.04 22.65 22.36
N LEU A 311 -0.09 23.68 21.51
CA LEU A 311 0.31 23.50 20.12
C LEU A 311 1.79 23.20 19.96
N THR A 312 2.60 23.53 20.97
CA THR A 312 4.01 23.15 20.95
C THR A 312 4.19 21.65 20.91
N MET A 313 3.24 20.90 21.45
CA MET A 313 3.40 19.48 21.70
C MET A 313 2.93 18.59 20.55
N LEU A 314 2.50 19.16 19.43
CA LEU A 314 1.93 18.38 18.32
C LEU A 314 2.57 18.76 16.99
N PRO A 315 3.89 18.57 16.84
CA PRO A 315 4.53 18.84 15.55
C PRO A 315 4.30 17.76 14.50
N ARG A 316 3.73 16.62 14.90
CA ARG A 316 3.38 15.53 13.98
C ARG A 316 1.91 15.51 13.63
N LEU A 317 1.09 16.36 14.28
CA LEU A 317 -0.34 16.38 14.03
C LEU A 317 -0.63 16.77 12.58
N GLU A 318 -1.58 16.07 11.98
CA GLU A 318 -1.98 16.32 10.59
C GLU A 318 -3.33 17.00 10.46
N ILE A 319 -4.29 16.67 11.31
CA ILE A 319 -5.64 17.25 11.24
C ILE A 319 -5.99 17.83 12.60
N LEU A 320 -6.40 19.10 12.61
CA LEU A 320 -6.79 19.80 13.83
C LEU A 320 -8.15 20.44 13.59
N ASP A 321 -9.18 19.92 14.27
CA ASP A 321 -10.54 20.42 14.13
C ASP A 321 -10.91 21.21 15.38
N LEU A 322 -11.06 22.52 15.22
CA LEU A 322 -11.40 23.42 16.32
C LEU A 322 -12.74 24.11 16.06
N SER A 323 -13.65 23.43 15.37
CA SER A 323 -14.83 24.07 14.85
C SER A 323 -15.92 24.22 15.92
N PHE A 324 -16.77 25.22 15.72
CA PHE A 324 -17.90 25.51 16.60
C PHE A 324 -17.45 25.73 18.05
N ASN A 325 -16.42 26.57 18.21
CA ASN A 325 -16.00 27.08 19.50
C ASN A 325 -16.45 28.51 19.73
N TYR A 326 -17.41 28.99 18.92
CA TYR A 326 -17.85 30.37 19.00
C TYR A 326 -18.37 30.71 20.39
N ILE A 327 -18.24 31.98 20.75
CA ILE A 327 -18.81 32.50 21.99
C ILE A 327 -20.21 33.03 21.69
N LYS A 328 -21.19 32.52 22.42
CA LYS A 328 -22.58 32.91 22.20
C LYS A 328 -22.76 34.41 22.35
N GLY A 329 -23.32 35.04 21.32
CA GLY A 329 -23.54 36.47 21.32
C GLY A 329 -22.32 37.30 20.95
N SER A 330 -21.22 36.67 20.58
CA SER A 330 -19.99 37.37 20.20
C SER A 330 -19.79 37.30 18.70
N TYR A 331 -19.45 38.43 18.10
CA TYR A 331 -19.20 38.54 16.66
C TYR A 331 -17.95 39.37 16.45
N PRO A 332 -16.78 38.85 16.84
CA PRO A 332 -15.57 39.67 16.81
C PRO A 332 -15.20 40.10 15.41
N GLN A 333 -14.41 41.17 15.33
CA GLN A 333 -14.02 41.73 14.04
C GLN A 333 -13.02 40.82 13.32
N HIS A 334 -12.14 40.15 14.06
CA HIS A 334 -11.12 39.32 13.46
C HIS A 334 -10.97 38.04 14.27
N ILE A 335 -10.39 37.03 13.63
CA ILE A 335 -10.03 35.78 14.30
C ILE A 335 -8.65 35.94 14.90
N ASN A 336 -8.46 35.40 16.10
CA ASN A 336 -7.21 35.54 16.84
C ASN A 336 -6.50 34.19 16.84
N ILE A 337 -5.55 34.03 15.92
CA ILE A 337 -4.79 32.79 15.76
C ILE A 337 -3.45 32.98 16.44
N SER A 338 -3.13 32.11 17.39
CA SER A 338 -1.87 32.21 18.12
C SER A 338 -0.69 31.96 17.17
N ARG A 339 0.43 32.62 17.47
CA ARG A 339 1.64 32.41 16.70
C ARG A 339 2.17 30.99 16.83
N ASN A 340 1.78 30.27 17.88
CA ASN A 340 2.24 28.90 18.08
C ASN A 340 1.64 27.92 17.08
N PHE A 341 0.66 28.34 16.27
CA PHE A 341 0.19 27.51 15.17
C PHE A 341 1.30 27.24 14.17
N SER A 342 2.34 28.07 14.14
CA SER A 342 3.49 27.83 13.29
C SER A 342 4.31 26.62 13.71
N LYS A 343 4.06 26.06 14.89
CA LYS A 343 4.76 24.87 15.36
C LYS A 343 4.12 23.57 14.86
N LEU A 344 2.91 23.64 14.32
CA LEU A 344 2.23 22.45 13.78
C LEU A 344 2.82 22.13 12.42
N LEU A 345 4.06 21.63 12.45
CA LEU A 345 4.86 21.52 11.23
C LEU A 345 4.35 20.44 10.28
N SER A 346 3.52 19.51 10.74
CA SER A 346 2.97 18.47 9.89
C SER A 346 1.49 18.67 9.58
N LEU A 347 0.94 19.83 9.92
CA LEU A 347 -0.48 20.08 9.72
C LEU A 347 -0.83 20.05 8.23
N ARG A 348 -1.90 19.33 7.90
CA ARG A 348 -2.42 19.28 6.54
C ARG A 348 -3.83 19.81 6.40
N ALA A 349 -4.65 19.73 7.44
CA ALA A 349 -6.03 20.20 7.39
C ALA A 349 -6.35 20.92 8.69
N LEU A 350 -6.72 22.20 8.59
CA LEU A 350 -7.15 22.99 9.74
C LEU A 350 -8.62 23.34 9.56
N HIS A 351 -9.46 22.87 10.47
CA HIS A 351 -10.91 23.07 10.40
C HIS A 351 -11.29 24.11 11.45
N LEU A 352 -11.77 25.26 11.00
CA LEU A 352 -12.15 26.37 11.87
C LEU A 352 -13.57 26.84 11.56
N ARG A 353 -14.49 25.90 11.37
CA ARG A 353 -15.89 26.28 11.20
C ARG A 353 -16.45 26.84 12.49
N GLY A 354 -17.49 27.67 12.36
CA GLY A 354 -18.21 28.13 13.54
C GLY A 354 -17.37 28.87 14.57
N TYR A 355 -16.33 29.58 14.15
CA TYR A 355 -15.66 30.51 15.06
C TYR A 355 -16.41 31.83 15.12
N VAL A 356 -17.01 32.24 14.00
CA VAL A 356 -17.87 33.41 13.87
C VAL A 356 -17.04 34.68 14.05
N PHE A 357 -16.72 35.33 12.93
CA PHE A 357 -16.02 36.60 12.94
C PHE A 357 -16.30 37.31 11.62
N GLN A 358 -16.06 38.61 11.60
CA GLN A 358 -16.52 39.45 10.50
C GLN A 358 -15.53 39.55 9.35
N GLU A 359 -14.23 39.56 9.63
CA GLU A 359 -13.24 39.92 8.63
C GLU A 359 -11.99 39.08 8.78
N LEU A 360 -11.46 38.62 7.64
CA LEU A 360 -10.21 37.86 7.60
C LEU A 360 -9.14 38.74 6.97
N ARG A 361 -8.22 39.24 7.79
CA ARG A 361 -7.10 40.02 7.31
C ARG A 361 -5.91 39.12 7.00
N GLU A 362 -4.93 39.68 6.29
CA GLU A 362 -3.77 38.89 5.90
C GLU A 362 -2.91 38.52 7.11
N ASP A 363 -2.74 39.44 8.05
CA ASP A 363 -1.90 39.19 9.22
C ASP A 363 -2.53 38.20 10.20
N ASP A 364 -3.82 37.93 10.07
CA ASP A 364 -4.48 37.01 11.00
C ASP A 364 -4.05 35.56 10.76
N PHE A 365 -3.69 35.23 9.52
CA PHE A 365 -3.29 33.87 9.15
C PHE A 365 -1.79 33.75 8.93
N GLN A 366 -1.02 34.73 9.37
CA GLN A 366 0.44 34.64 9.24
C GLN A 366 1.04 33.44 9.98
N PRO A 367 0.60 33.05 11.18
CA PRO A 367 1.17 31.85 11.81
C PRO A 367 0.99 30.57 11.00
N LEU A 368 0.13 30.57 9.98
CA LEU A 368 -0.12 29.38 9.18
C LEU A 368 0.62 29.38 7.85
N MET A 369 1.22 30.50 7.46
CA MET A 369 1.68 30.69 6.08
C MET A 369 2.97 29.96 5.75
N GLN A 370 3.69 29.43 6.74
CA GLN A 370 4.93 28.72 6.49
C GLN A 370 4.84 27.24 6.83
N LEU A 371 3.65 26.74 7.14
CA LEU A 371 3.48 25.30 7.32
C LEU A 371 3.65 24.59 5.98
N PRO A 372 4.55 23.61 5.88
CA PRO A 372 4.90 23.06 4.55
C PRO A 372 3.84 22.16 3.95
N ASN A 373 2.95 21.57 4.75
CA ASN A 373 2.00 20.59 4.24
C ASN A 373 0.55 21.01 4.44
N LEU A 374 0.29 22.24 4.88
CA LEU A 374 -1.08 22.70 5.11
C LEU A 374 -1.75 22.94 3.76
N SER A 375 -2.60 21.99 3.35
CA SER A 375 -3.26 22.07 2.06
C SER A 375 -4.76 22.33 2.16
N THR A 376 -5.36 22.18 3.34
CA THR A 376 -6.79 22.36 3.51
C THR A 376 -7.04 23.35 4.63
N ILE A 377 -7.72 24.46 4.30
CA ILE A 377 -8.17 25.43 5.27
C ILE A 377 -9.69 25.53 5.16
N ASN A 378 -10.39 25.35 6.28
CA ASN A 378 -11.84 25.21 6.31
C ASN A 378 -12.40 26.31 7.20
N LEU A 379 -13.04 27.30 6.58
CA LEU A 379 -13.61 28.44 7.28
C LEU A 379 -15.11 28.57 7.02
N GLY A 380 -15.79 27.43 6.90
CA GLY A 380 -17.22 27.46 6.65
C GLY A 380 -18.00 27.86 7.88
N ILE A 381 -19.17 28.44 7.63
CA ILE A 381 -20.13 28.83 8.67
C ILE A 381 -19.46 29.72 9.72
N ASN A 382 -18.84 30.81 9.27
CA ASN A 382 -18.26 31.79 10.17
C ASN A 382 -18.90 33.17 10.05
N PHE A 383 -19.86 33.34 9.14
CA PHE A 383 -20.51 34.62 8.90
C PHE A 383 -19.49 35.71 8.57
N ILE A 384 -18.45 35.32 7.83
CA ILE A 384 -17.41 36.27 7.44
C ILE A 384 -17.96 37.24 6.42
N LYS A 385 -17.78 38.53 6.68
CA LYS A 385 -18.28 39.55 5.76
C LYS A 385 -17.32 39.79 4.61
N GLN A 386 -16.04 40.00 4.92
CA GLN A 386 -15.05 40.35 3.90
C GLN A 386 -13.78 39.54 4.14
N ILE A 387 -13.11 39.21 3.03
CA ILE A 387 -11.88 38.43 3.06
C ILE A 387 -10.86 39.11 2.14
N ASP A 388 -9.66 39.35 2.66
CA ASP A 388 -8.56 39.83 1.84
C ASP A 388 -7.94 38.61 1.15
N PHE A 389 -8.48 38.27 -0.02
CA PHE A 389 -8.07 37.08 -0.75
C PHE A 389 -6.59 37.10 -1.12
N LYS A 390 -5.90 38.23 -0.92
CA LYS A 390 -4.47 38.30 -1.19
C LYS A 390 -3.66 37.36 -0.30
N LEU A 391 -4.18 37.02 0.87
CA LEU A 391 -3.40 36.24 1.83
C LEU A 391 -3.23 34.79 1.41
N PHE A 392 -4.12 34.26 0.56
CA PHE A 392 -4.05 32.85 0.20
C PHE A 392 -2.89 32.56 -0.75
N GLN A 393 -2.31 33.57 -1.39
CA GLN A 393 -1.14 33.36 -2.22
C GLN A 393 0.12 33.19 -1.38
N ASN A 394 0.16 33.75 -0.19
CA ASN A 394 1.31 33.67 0.69
C ASN A 394 1.43 32.33 1.41
N PHE A 395 0.66 31.33 1.00
CA PHE A 395 0.72 30.00 1.60
C PHE A 395 1.60 29.08 0.77
N SER A 396 2.15 28.07 1.44
CA SER A 396 3.11 27.19 0.77
C SER A 396 2.44 26.23 -0.18
N ASN A 397 1.32 25.63 0.22
CA ASN A 397 0.82 24.44 -0.48
C ASN A 397 -0.69 24.30 -0.34
N LEU A 398 -1.42 25.42 -0.39
CA LEU A 398 -2.86 25.36 -0.25
C LEU A 398 -3.49 24.69 -1.47
N GLU A 399 -4.28 23.65 -1.21
CA GLU A 399 -5.00 22.93 -2.26
C GLU A 399 -6.51 23.03 -2.15
N ILE A 400 -7.05 23.28 -0.95
CA ILE A 400 -8.49 23.36 -0.72
C ILE A 400 -8.75 24.59 0.12
N ILE A 401 -9.40 25.59 -0.47
CA ILE A 401 -9.80 26.81 0.23
C ILE A 401 -11.32 26.77 0.33
N TYR A 402 -11.82 26.46 1.52
CA TYR A 402 -13.26 26.24 1.74
C TYR A 402 -13.82 27.42 2.50
N LEU A 403 -14.52 28.31 1.79
CA LEU A 403 -15.18 29.47 2.38
C LEU A 403 -16.69 29.40 2.21
N SER A 404 -17.24 28.20 2.04
CA SER A 404 -18.66 28.03 1.82
C SER A 404 -19.46 28.47 3.04
N GLU A 405 -20.68 28.95 2.78
CA GLU A 405 -21.65 29.29 3.83
C GLU A 405 -21.12 30.40 4.74
N ASN A 406 -20.94 31.58 4.16
CA ASN A 406 -20.57 32.75 4.95
C ASN A 406 -21.44 33.93 4.56
N ARG A 407 -20.92 35.15 4.70
CA ARG A 407 -21.65 36.35 4.30
C ARG A 407 -20.81 37.22 3.38
N ILE A 408 -20.01 36.60 2.51
CA ILE A 408 -19.17 37.34 1.59
C ILE A 408 -20.05 37.98 0.52
N SER A 409 -19.87 39.28 0.33
CA SER A 409 -20.61 40.09 -0.63
C SER A 409 -19.69 40.55 -1.75
N PRO A 410 -20.24 41.12 -2.83
CA PRO A 410 -19.38 41.55 -3.95
C PRO A 410 -18.31 42.54 -3.50
N LEU A 411 -17.11 42.36 -4.05
CA LEU A 411 -15.97 43.23 -3.76
C LEU A 411 -16.19 44.62 -4.31
N PHE A 437 -34.31 6.09 14.35
CA PHE A 437 -33.45 7.03 15.07
C PHE A 437 -32.80 8.02 14.10
N GLU A 438 -32.33 9.14 14.66
CA GLU A 438 -31.93 10.27 13.83
C GLU A 438 -30.49 10.17 13.36
N PHE A 439 -29.60 9.64 14.20
CA PHE A 439 -28.16 9.70 13.95
C PHE A 439 -27.63 8.31 13.59
N ASP A 440 -26.84 8.24 12.53
CA ASP A 440 -26.21 7.02 12.09
C ASP A 440 -25.16 6.56 13.11
N PRO A 441 -25.35 5.44 13.79
CA PRO A 441 -24.37 5.01 14.80
C PRO A 441 -23.01 4.65 14.22
N HIS A 442 -22.88 4.55 12.89
CA HIS A 442 -21.63 4.18 12.25
C HIS A 442 -20.91 5.36 11.60
N SER A 443 -21.37 6.58 11.84
CA SER A 443 -20.76 7.77 11.25
C SER A 443 -20.34 8.73 12.36
N ASN A 444 -19.58 9.75 11.96
CA ASN A 444 -19.16 10.79 12.90
C ASN A 444 -20.38 11.56 13.39
N PHE A 445 -20.38 11.88 14.68
CA PHE A 445 -21.52 12.52 15.32
C PHE A 445 -21.50 14.03 15.26
N TYR A 446 -20.31 14.64 15.20
CA TYR A 446 -20.18 16.08 15.30
C TYR A 446 -19.89 16.77 13.97
N HIS A 447 -19.61 16.02 12.90
CA HIS A 447 -19.43 16.61 11.59
C HIS A 447 -19.62 15.53 10.53
N PHE A 448 -20.02 15.97 9.34
CA PHE A 448 -20.11 15.07 8.20
C PHE A 448 -18.71 14.78 7.66
N THR A 449 -18.52 13.56 7.16
CA THR A 449 -17.22 13.09 6.71
C THR A 449 -17.06 13.12 5.20
N ARG A 450 -18.04 13.66 4.47
CA ARG A 450 -17.92 13.78 3.03
C ARG A 450 -16.77 14.71 2.66
N PRO A 451 -16.23 14.59 1.45
CA PRO A 451 -15.18 15.53 1.02
C PRO A 451 -15.73 16.94 0.95
N LEU A 452 -14.87 17.91 1.29
CA LEU A 452 -15.28 19.31 1.28
C LEU A 452 -15.66 19.77 -0.12
N ILE A 453 -14.84 19.42 -1.11
CA ILE A 453 -15.11 19.69 -2.51
C ILE A 453 -15.25 18.35 -3.23
N LYS A 454 -16.15 18.29 -4.21
CA LYS A 454 -16.31 17.09 -5.01
C LYS A 454 -14.96 16.67 -5.59
N PRO A 455 -14.59 15.38 -5.49
CA PRO A 455 -13.28 14.96 -6.01
C PRO A 455 -13.10 15.20 -7.50
N GLN A 456 -14.18 15.17 -8.28
CA GLN A 456 -14.05 15.42 -9.71
C GLN A 456 -13.56 16.83 -10.00
N CYS A 457 -13.85 17.77 -9.10
CA CYS A 457 -13.40 19.16 -9.25
C CYS A 457 -12.02 19.36 -8.64
N ALA A 458 -11.82 18.82 -7.44
CA ALA A 458 -10.55 18.98 -6.73
C ALA A 458 -9.40 18.30 -7.47
N ALA A 459 -9.69 17.29 -8.29
CA ALA A 459 -8.63 16.59 -9.01
C ALA A 459 -7.93 17.47 -10.03
N TYR A 460 -8.56 18.55 -10.48
CA TYR A 460 -7.96 19.42 -11.48
C TYR A 460 -6.89 20.34 -10.91
N GLY A 461 -6.81 20.50 -9.60
CA GLY A 461 -5.83 21.35 -8.99
C GLY A 461 -6.43 22.10 -7.82
N LYS A 462 -5.83 23.26 -7.52
CA LYS A 462 -6.27 24.07 -6.40
C LYS A 462 -7.75 24.42 -6.51
N ALA A 463 -8.45 24.37 -5.37
CA ALA A 463 -9.89 24.53 -5.34
C ALA A 463 -10.28 25.66 -4.40
N LEU A 464 -11.21 26.50 -4.85
CA LEU A 464 -11.76 27.58 -4.03
C LEU A 464 -13.27 27.43 -4.01
N ASP A 465 -13.85 27.34 -2.82
CA ASP A 465 -15.28 27.14 -2.64
C ASP A 465 -15.88 28.38 -2.01
N LEU A 466 -16.63 29.16 -2.79
CA LEU A 466 -17.31 30.35 -2.32
C LEU A 466 -18.83 30.17 -2.35
N SER A 467 -19.31 28.93 -2.29
CA SER A 467 -20.73 28.68 -2.39
C SER A 467 -21.48 29.17 -1.16
N LEU A 468 -22.78 29.38 -1.33
CA LEU A 468 -23.68 29.75 -0.24
C LEU A 468 -23.27 31.06 0.42
N ASN A 469 -22.77 31.99 -0.39
CA ASN A 469 -22.55 33.36 0.01
C ASN A 469 -23.56 34.24 -0.74
N SER A 470 -23.29 35.55 -0.78
CA SER A 470 -24.15 36.48 -1.50
C SER A 470 -23.34 37.34 -2.45
N ILE A 471 -22.43 36.70 -3.21
CA ILE A 471 -21.75 37.36 -4.31
C ILE A 471 -22.72 37.39 -5.48
N PHE A 472 -23.74 38.24 -5.39
CA PHE A 472 -24.80 38.26 -6.39
C PHE A 472 -24.37 38.89 -7.71
N PHE A 473 -23.14 39.39 -7.80
CA PHE A 473 -22.52 39.76 -9.06
C PHE A 473 -21.02 39.79 -8.85
N ILE A 474 -20.27 39.47 -9.90
CA ILE A 474 -18.82 39.46 -9.86
C ILE A 474 -18.33 40.80 -10.38
N GLY A 475 -17.70 41.58 -9.51
CA GLY A 475 -17.09 42.82 -9.90
C GLY A 475 -15.84 42.58 -10.72
N PRO A 476 -15.24 43.65 -11.25
CA PRO A 476 -14.05 43.48 -12.09
C PRO A 476 -12.82 43.00 -11.34
N ASN A 477 -12.78 43.18 -10.01
CA ASN A 477 -11.61 42.82 -9.20
C ASN A 477 -11.96 41.79 -8.13
N GLN A 478 -12.97 40.97 -8.37
CA GLN A 478 -13.41 40.02 -7.35
C GLN A 478 -12.36 38.94 -7.09
N PHE A 479 -11.67 38.49 -8.14
CA PHE A 479 -10.76 37.36 -8.04
C PHE A 479 -9.30 37.77 -8.20
N GLU A 480 -8.97 39.02 -7.92
CA GLU A 480 -7.59 39.47 -8.02
C GLU A 480 -6.75 38.91 -6.88
N ASN A 481 -5.47 38.66 -7.18
CA ASN A 481 -4.48 38.23 -6.20
C ASN A 481 -4.85 36.88 -5.58
N LEU A 482 -5.37 35.98 -6.41
CA LEU A 482 -5.68 34.62 -6.00
C LEU A 482 -4.67 33.65 -6.57
N PRO A 483 -4.53 32.46 -5.98
CA PRO A 483 -3.70 31.41 -6.59
C PRO A 483 -4.30 30.95 -7.91
N ASP A 484 -3.50 30.19 -8.65
CA ASP A 484 -3.98 29.62 -9.91
C ASP A 484 -5.09 28.62 -9.65
N ILE A 485 -6.33 29.10 -9.60
CA ILE A 485 -7.47 28.27 -9.25
C ILE A 485 -7.83 27.38 -10.44
N ALA A 486 -7.90 26.07 -10.19
CA ALA A 486 -8.38 25.13 -11.19
C ALA A 486 -9.81 24.68 -10.94
N CYS A 487 -10.31 24.84 -9.73
CA CYS A 487 -11.63 24.37 -9.34
C CYS A 487 -12.31 25.47 -8.53
N LEU A 488 -13.46 25.94 -9.02
CA LEU A 488 -14.14 27.09 -8.44
C LEU A 488 -15.61 26.77 -8.22
N ASN A 489 -16.09 26.99 -7.00
CA ASN A 489 -17.49 26.78 -6.64
C ASN A 489 -18.10 28.13 -6.28
N LEU A 490 -19.02 28.60 -7.13
CA LEU A 490 -19.76 29.83 -6.87
C LEU A 490 -21.25 29.55 -6.78
N SER A 491 -21.61 28.34 -6.37
CA SER A 491 -23.01 27.92 -6.37
C SER A 491 -23.79 28.59 -5.25
N ALA A 492 -25.08 28.79 -5.51
CA ALA A 492 -26.01 29.31 -4.50
C ALA A 492 -25.57 30.67 -3.97
N ASN A 493 -25.13 31.55 -4.87
CA ASN A 493 -24.79 32.92 -4.54
C ASN A 493 -25.84 33.91 -5.03
N SER A 494 -26.89 33.43 -5.70
CA SER A 494 -27.92 34.29 -6.28
C SER A 494 -27.33 35.31 -7.23
N ASN A 495 -26.37 34.87 -8.04
CA ASN A 495 -25.74 35.74 -9.02
C ASN A 495 -26.69 35.97 -10.19
N ALA A 496 -27.00 37.24 -10.47
CA ALA A 496 -27.95 37.60 -11.52
C ALA A 496 -27.28 38.38 -12.64
N GLN A 497 -25.97 38.26 -12.81
CA GLN A 497 -25.25 39.14 -13.71
C GLN A 497 -25.09 38.52 -15.10
N VAL A 498 -24.82 39.38 -16.06
CA VAL A 498 -24.52 38.97 -17.42
C VAL A 498 -23.02 38.70 -17.50
N LEU A 499 -22.65 37.42 -17.59
CA LEU A 499 -21.25 37.07 -17.81
C LEU A 499 -20.85 37.47 -19.23
N SER A 500 -19.73 38.16 -19.35
CA SER A 500 -19.33 38.76 -20.62
C SER A 500 -18.02 38.24 -21.20
N GLY A 501 -17.13 37.69 -20.37
CA GLY A 501 -15.86 37.20 -20.88
C GLY A 501 -14.67 37.84 -20.18
N THR A 502 -14.94 38.58 -19.11
CA THR A 502 -13.89 39.23 -18.33
C THR A 502 -13.95 38.92 -16.84
N GLU A 503 -15.03 38.30 -16.36
CA GLU A 503 -15.23 38.16 -14.92
C GLU A 503 -14.21 37.22 -14.29
N PHE A 504 -13.77 36.19 -15.02
CA PHE A 504 -12.80 35.22 -14.50
C PHE A 504 -11.43 35.42 -15.14
N SER A 505 -11.10 36.64 -15.54
CA SER A 505 -9.82 36.90 -16.18
C SER A 505 -8.65 36.72 -15.22
N ALA A 506 -8.85 37.03 -13.94
CA ALA A 506 -7.76 36.90 -12.97
C ALA A 506 -7.45 35.45 -12.64
N ILE A 507 -8.38 34.53 -12.89
CA ILE A 507 -8.15 33.10 -12.66
C ILE A 507 -8.52 32.35 -13.94
N PRO A 508 -7.79 32.53 -15.03
CA PRO A 508 -8.24 32.02 -16.33
C PRO A 508 -8.06 30.52 -16.53
N HIS A 509 -7.42 29.82 -15.59
CA HIS A 509 -7.10 28.41 -15.77
C HIS A 509 -8.08 27.49 -15.06
N VAL A 510 -9.26 28.00 -14.68
CA VAL A 510 -10.28 27.17 -14.05
C VAL A 510 -10.72 26.09 -15.03
N LYS A 511 -10.64 24.83 -14.59
CA LYS A 511 -11.03 23.70 -15.42
C LYS A 511 -12.42 23.16 -15.08
N TYR A 512 -12.86 23.34 -13.83
CA TYR A 512 -14.17 22.87 -13.38
C TYR A 512 -14.84 24.04 -12.67
N LEU A 513 -15.98 24.47 -13.18
CA LEU A 513 -16.68 25.65 -12.69
C LEU A 513 -18.08 25.26 -12.26
N ASP A 514 -18.40 25.51 -11.00
CA ASP A 514 -19.71 25.21 -10.42
C ASP A 514 -20.46 26.54 -10.25
N LEU A 515 -21.49 26.75 -11.08
CA LEU A 515 -22.32 27.94 -11.02
C LEU A 515 -23.79 27.58 -10.77
N THR A 516 -24.03 26.47 -10.08
CA THR A 516 -25.40 26.01 -9.88
C THR A 516 -26.14 26.91 -8.90
N ASN A 517 -27.48 26.83 -8.96
CA ASN A 517 -28.36 27.46 -7.98
C ASN A 517 -28.13 28.97 -7.89
N ASN A 518 -27.94 29.61 -9.05
CA ASN A 518 -27.88 31.06 -9.12
C ASN A 518 -29.08 31.55 -9.94
N ARG A 519 -28.98 32.77 -10.45
CA ARG A 519 -29.99 33.34 -11.33
C ARG A 519 -29.31 34.03 -12.51
N LEU A 520 -28.39 33.31 -13.15
CA LEU A 520 -27.54 33.90 -14.18
C LEU A 520 -28.38 34.40 -15.35
N ASP A 521 -27.94 35.52 -15.91
CA ASP A 521 -28.64 36.22 -16.99
C ASP A 521 -27.78 36.10 -18.25
N PHE A 522 -28.17 35.20 -19.14
CA PHE A 522 -27.37 34.86 -20.32
C PHE A 522 -27.75 35.79 -21.46
N ASP A 523 -27.06 36.92 -21.55
CA ASP A 523 -27.29 37.94 -22.57
C ASP A 523 -26.00 38.33 -23.28
N ASN A 524 -25.03 37.42 -23.32
CA ASN A 524 -23.76 37.72 -23.97
C ASN A 524 -23.17 36.44 -24.53
N ALA A 525 -22.86 36.45 -25.83
CA ALA A 525 -22.33 35.28 -26.50
C ALA A 525 -20.87 35.00 -26.13
N SER A 526 -20.21 35.90 -25.40
CA SER A 526 -18.82 35.72 -25.01
C SER A 526 -18.70 35.35 -23.52
N ALA A 527 -19.78 34.86 -22.92
CA ALA A 527 -19.74 34.49 -21.51
C ALA A 527 -18.80 33.31 -21.30
N LEU A 528 -17.96 33.41 -20.26
CA LEU A 528 -17.07 32.36 -19.80
C LEU A 528 -15.99 31.99 -20.82
N THR A 529 -15.86 32.74 -21.92
CA THR A 529 -14.89 32.38 -22.94
C THR A 529 -13.45 32.70 -22.53
N GLU A 530 -13.25 33.47 -21.46
CA GLU A 530 -11.90 33.69 -20.96
C GLU A 530 -11.33 32.45 -20.29
N LEU A 531 -12.18 31.47 -19.97
CA LEU A 531 -11.73 30.19 -19.42
C LEU A 531 -11.58 29.21 -20.58
N SER A 532 -10.50 29.37 -21.33
CA SER A 532 -10.28 28.54 -22.52
C SER A 532 -9.96 27.10 -22.17
N ASP A 533 -9.44 26.84 -20.97
CA ASP A 533 -9.14 25.49 -20.53
C ASP A 533 -10.30 24.83 -19.80
N LEU A 534 -11.49 25.43 -19.84
CA LEU A 534 -12.64 24.90 -19.12
C LEU A 534 -13.04 23.54 -19.66
N GLU A 535 -13.26 22.59 -18.76
CA GLU A 535 -13.63 21.23 -19.13
C GLU A 535 -14.98 20.80 -18.57
N VAL A 536 -15.34 21.24 -17.37
CA VAL A 536 -16.64 20.92 -16.77
C VAL A 536 -17.31 22.22 -16.36
N LEU A 537 -18.53 22.43 -16.85
CA LEU A 537 -19.32 23.61 -16.51
C LEU A 537 -20.68 23.15 -16.00
N ASP A 538 -21.04 23.56 -14.79
CA ASP A 538 -22.29 23.19 -14.16
C ASP A 538 -23.16 24.43 -14.01
N LEU A 539 -24.26 24.47 -14.78
CA LEU A 539 -25.20 25.58 -14.74
C LEU A 539 -26.59 25.13 -14.28
N SER A 540 -26.65 24.06 -13.49
CA SER A 540 -27.91 23.55 -13.01
C SER A 540 -28.61 24.58 -12.13
N TYR A 541 -29.95 24.57 -12.18
CA TYR A 541 -30.79 25.40 -11.30
C TYR A 541 -30.49 26.88 -11.47
N ASN A 542 -30.48 27.34 -12.72
CA ASN A 542 -30.41 28.76 -13.06
C ASN A 542 -31.65 29.17 -13.84
N SER A 543 -32.81 28.71 -13.39
CA SER A 543 -34.06 28.85 -14.13
C SER A 543 -34.68 30.23 -14.03
N HIS A 544 -34.15 31.10 -13.16
CA HIS A 544 -34.76 32.39 -12.86
C HIS A 544 -35.14 33.15 -14.14
N TYR A 545 -34.14 33.40 -15.00
CA TYR A 545 -34.40 34.16 -16.21
C TYR A 545 -34.81 33.29 -17.40
N PHE A 546 -34.43 32.01 -17.40
CA PHE A 546 -34.94 31.11 -18.44
C PHE A 546 -36.46 30.98 -18.36
N ARG A 547 -37.03 31.18 -17.16
CA ARG A 547 -38.48 31.13 -17.00
C ARG A 547 -39.17 32.23 -17.78
N ILE A 548 -38.55 33.40 -17.88
CA ILE A 548 -39.19 34.60 -18.41
C ILE A 548 -38.99 34.65 -19.90
N ALA A 549 -40.09 34.59 -20.65
CA ALA A 549 -40.01 34.61 -22.11
C ALA A 549 -39.53 35.96 -22.64
N GLY A 550 -39.85 37.05 -21.94
CA GLY A 550 -39.58 38.37 -22.47
C GLY A 550 -38.13 38.81 -22.38
N VAL A 551 -37.31 38.10 -21.60
CA VAL A 551 -35.90 38.39 -21.52
C VAL A 551 -35.15 37.47 -22.47
N THR A 552 -33.93 37.85 -22.82
CA THR A 552 -33.14 37.12 -23.79
C THR A 552 -32.38 35.98 -23.14
N HIS A 553 -32.15 34.92 -23.91
CA HIS A 553 -31.42 33.74 -23.45
C HIS A 553 -30.43 33.34 -24.54
N HIS A 554 -29.16 33.69 -24.35
CA HIS A 554 -28.11 33.42 -25.32
C HIS A 554 -27.24 32.29 -24.81
N LEU A 555 -27.19 31.18 -25.56
CA LEU A 555 -26.38 30.02 -25.21
C LEU A 555 -25.26 29.77 -26.22
N GLU A 556 -24.94 30.77 -27.05
CA GLU A 556 -23.97 30.58 -28.12
C GLU A 556 -22.55 30.38 -27.61
N PHE A 557 -22.26 30.81 -26.38
CA PHE A 557 -20.89 30.72 -25.85
C PHE A 557 -20.40 29.29 -25.72
N ILE A 558 -21.28 28.29 -25.83
CA ILE A 558 -20.87 26.90 -25.67
C ILE A 558 -19.84 26.51 -26.72
N GLN A 559 -19.93 27.07 -27.92
CA GLN A 559 -19.06 26.66 -29.02
C GLN A 559 -17.63 27.21 -28.89
N ASN A 560 -17.43 28.25 -28.09
CA ASN A 560 -16.12 28.90 -28.02
C ASN A 560 -15.19 28.18 -27.05
N PHE A 561 -15.37 26.87 -26.89
CA PHE A 561 -14.57 26.08 -25.96
C PHE A 561 -13.94 24.92 -26.71
N THR A 562 -12.62 24.79 -26.61
CA THR A 562 -11.90 23.72 -27.28
C THR A 562 -11.77 22.46 -26.42
N ASN A 563 -11.85 22.60 -25.10
CA ASN A 563 -11.65 21.46 -24.19
C ASN A 563 -12.88 21.17 -23.33
N LEU A 564 -14.02 21.79 -23.61
CA LEU A 564 -15.21 21.56 -22.79
C LEU A 564 -15.73 20.14 -23.02
N LYS A 565 -15.79 19.35 -21.95
CA LYS A 565 -16.24 17.97 -22.00
C LYS A 565 -17.60 17.74 -21.38
N VAL A 566 -17.87 18.35 -20.22
CA VAL A 566 -19.08 18.10 -19.46
C VAL A 566 -19.82 19.42 -19.27
N LEU A 567 -21.08 19.46 -19.68
CA LEU A 567 -21.94 20.63 -19.51
C LEU A 567 -23.28 20.19 -18.93
N ASN A 568 -23.68 20.83 -17.83
CA ASN A 568 -24.91 20.48 -17.12
C ASN A 568 -25.85 21.68 -17.15
N LEU A 569 -26.94 21.55 -17.91
CA LEU A 569 -27.97 22.57 -18.00
C LEU A 569 -29.28 22.12 -17.37
N SER A 570 -29.20 21.27 -16.35
CA SER A 570 -30.40 20.63 -15.82
C SER A 570 -31.23 21.59 -14.98
N HIS A 571 -32.53 21.33 -14.96
CA HIS A 571 -33.49 22.04 -14.11
C HIS A 571 -33.39 23.56 -14.31
N ASN A 572 -33.33 23.96 -15.58
CA ASN A 572 -33.30 25.37 -15.94
C ASN A 572 -34.60 25.86 -16.55
N ASN A 573 -35.55 24.96 -16.81
CA ASN A 573 -36.83 25.32 -17.44
C ASN A 573 -36.61 26.00 -18.79
N ILE A 574 -35.61 25.53 -19.52
CA ILE A 574 -35.29 26.09 -20.83
C ILE A 574 -36.41 25.75 -21.80
N TYR A 575 -37.05 26.78 -22.37
CA TYR A 575 -38.06 26.57 -23.39
C TYR A 575 -38.01 27.60 -24.51
N THR A 576 -37.13 28.60 -24.43
CA THR A 576 -36.98 29.57 -25.50
C THR A 576 -35.54 30.09 -25.52
N LEU A 577 -35.01 30.27 -26.72
CA LEU A 577 -33.67 30.81 -26.91
C LEU A 577 -33.74 31.97 -27.89
N THR A 578 -32.74 32.85 -27.81
CA THR A 578 -32.69 34.05 -28.63
C THR A 578 -31.75 33.84 -29.81
N ASP A 579 -32.23 34.16 -31.02
CA ASP A 579 -31.44 34.19 -32.24
C ASP A 579 -30.93 32.80 -32.64
N LYS A 580 -29.98 32.25 -31.88
CA LYS A 580 -29.44 30.93 -32.18
C LYS A 580 -30.19 29.88 -31.38
N TYR A 581 -30.83 28.95 -32.08
CA TYR A 581 -31.67 27.92 -31.46
C TYR A 581 -30.94 26.60 -31.25
N ASN A 582 -29.69 26.48 -31.70
CA ASN A 582 -28.96 25.23 -31.68
C ASN A 582 -27.77 25.32 -30.73
N LEU A 583 -27.52 24.23 -30.01
CA LEU A 583 -26.32 24.09 -29.20
C LEU A 583 -25.22 23.48 -30.05
N GLU A 584 -24.01 24.03 -29.94
CA GLU A 584 -22.92 23.65 -30.81
C GLU A 584 -21.62 23.56 -30.02
N SER A 585 -20.90 22.45 -30.24
CA SER A 585 -19.56 22.25 -29.68
C SER A 585 -18.90 21.06 -30.36
N LYS A 586 -17.63 21.21 -30.73
CA LYS A 586 -16.89 20.11 -31.33
C LYS A 586 -16.19 19.23 -30.29
N SER A 587 -16.17 19.66 -29.03
CA SER A 587 -15.51 18.91 -27.97
C SER A 587 -16.46 18.23 -27.00
N LEU A 588 -17.64 18.81 -26.77
CA LEU A 588 -18.52 18.38 -25.69
C LEU A 588 -18.82 16.90 -25.76
N VAL A 589 -18.59 16.22 -24.64
CA VAL A 589 -18.79 14.77 -24.54
C VAL A 589 -20.11 14.42 -23.88
N GLU A 590 -20.49 15.15 -22.84
CA GLU A 590 -21.70 14.86 -22.09
C GLU A 590 -22.51 16.14 -21.89
N LEU A 591 -23.80 16.08 -22.21
CA LEU A 591 -24.73 17.18 -21.97
C LEU A 591 -25.90 16.66 -21.15
N VAL A 592 -26.14 17.28 -20.00
CA VAL A 592 -27.28 16.96 -19.14
C VAL A 592 -28.33 18.03 -19.37
N PHE A 593 -29.47 17.64 -19.94
CA PHE A 593 -30.54 18.56 -20.30
C PHE A 593 -31.83 18.24 -19.55
N SER A 594 -31.73 17.60 -18.39
CA SER A 594 -32.91 17.21 -17.65
C SER A 594 -33.60 18.43 -17.05
N GLY A 595 -34.88 18.28 -16.73
CA GLY A 595 -35.62 19.35 -16.09
C GLY A 595 -35.79 20.59 -16.93
N ASN A 596 -35.92 20.44 -18.24
CA ASN A 596 -36.20 21.55 -19.14
C ASN A 596 -37.53 21.28 -19.86
N ARG A 597 -37.81 22.08 -20.88
CA ARG A 597 -39.09 21.96 -21.57
C ARG A 597 -38.93 21.61 -23.05
N LEU A 598 -38.28 20.47 -23.33
CA LEU A 598 -38.23 19.99 -24.70
C LEU A 598 -39.62 19.72 -25.26
N ASP A 599 -40.61 19.47 -24.40
CA ASP A 599 -41.99 19.33 -24.85
C ASP A 599 -42.48 20.60 -25.53
N ILE A 600 -41.95 21.75 -25.13
CA ILE A 600 -42.28 23.01 -25.77
C ILE A 600 -41.36 23.29 -26.94
N LEU A 601 -40.05 23.09 -26.74
CA LEU A 601 -39.07 23.33 -27.79
C LEU A 601 -39.37 22.50 -29.03
N TRP A 602 -39.85 21.27 -28.84
CA TRP A 602 -40.14 20.36 -29.94
C TRP A 602 -41.64 20.23 -30.21
N ASN A 603 -42.43 21.23 -29.87
CA ASN A 603 -43.87 21.13 -30.09
C ASN A 603 -44.17 21.13 -31.59
N ASP A 604 -45.37 20.63 -31.92
CA ASP A 604 -45.67 20.29 -33.31
C ASP A 604 -45.74 21.50 -34.23
N ASP A 605 -46.04 22.69 -33.68
CA ASP A 605 -46.19 23.88 -34.49
C ASP A 605 -44.91 24.72 -34.55
N ASP A 606 -43.76 24.14 -34.19
CA ASP A 606 -42.51 24.87 -34.12
C ASP A 606 -41.38 23.98 -34.61
N ASN A 607 -40.57 24.49 -35.54
CA ASN A 607 -39.44 23.74 -36.08
C ASN A 607 -38.09 24.38 -35.79
N ARG A 608 -38.06 25.49 -35.05
CA ARG A 608 -36.80 26.21 -34.84
C ARG A 608 -35.79 25.39 -34.04
N TYR A 609 -36.26 24.48 -33.20
CA TYR A 609 -35.39 23.70 -32.32
C TYR A 609 -35.26 22.25 -32.75
N ILE A 610 -35.57 21.95 -34.02
CA ILE A 610 -35.54 20.58 -34.51
C ILE A 610 -34.14 20.00 -34.51
N SER A 611 -33.11 20.85 -34.55
CA SER A 611 -31.71 20.42 -34.58
C SER A 611 -30.93 20.93 -33.37
N ILE A 612 -31.59 21.02 -32.21
CA ILE A 612 -31.01 21.72 -31.07
C ILE A 612 -29.71 21.05 -30.62
N PHE A 613 -29.61 19.72 -30.74
CA PHE A 613 -28.44 19.00 -30.27
C PHE A 613 -27.56 18.46 -31.39
N LYS A 614 -27.88 18.74 -32.67
CA LYS A 614 -27.12 18.15 -33.76
C LYS A 614 -25.71 18.71 -33.83
N GLY A 615 -25.52 19.96 -33.42
CA GLY A 615 -24.23 20.59 -33.42
C GLY A 615 -23.26 20.10 -32.37
N LEU A 616 -23.67 19.16 -31.53
CA LEU A 616 -22.78 18.55 -30.54
C LEU A 616 -22.20 17.29 -31.15
N LYS A 617 -21.21 17.50 -32.03
CA LYS A 617 -20.73 16.43 -32.91
C LYS A 617 -19.93 15.37 -32.19
N ASN A 618 -19.38 15.67 -31.01
CA ASN A 618 -18.58 14.70 -30.25
C ASN A 618 -19.36 14.09 -29.10
N LEU A 619 -20.66 14.34 -29.02
CA LEU A 619 -21.45 13.95 -27.85
C LEU A 619 -21.59 12.44 -27.77
N THR A 620 -21.38 11.90 -26.57
CA THR A 620 -21.59 10.48 -26.29
C THR A 620 -22.67 10.22 -25.25
N ARG A 621 -22.90 11.13 -24.32
CA ARG A 621 -23.88 10.96 -23.26
C ARG A 621 -24.86 12.12 -23.28
N LEU A 622 -26.14 11.83 -23.41
CA LEU A 622 -27.19 12.84 -23.46
C LEU A 622 -28.32 12.45 -22.53
N ASP A 623 -28.70 13.37 -21.63
CA ASP A 623 -29.75 13.15 -20.66
C ASP A 623 -30.93 14.06 -21.02
N LEU A 624 -32.01 13.47 -21.51
CA LEU A 624 -33.23 14.19 -21.85
C LEU A 624 -34.36 13.91 -20.86
N SER A 625 -34.03 13.44 -19.66
CA SER A 625 -35.04 13.07 -18.69
C SER A 625 -35.77 14.31 -18.18
N LEU A 626 -36.98 14.08 -17.64
CA LEU A 626 -37.77 15.12 -16.98
C LEU A 626 -37.96 16.35 -17.87
N ASN A 627 -38.33 16.10 -19.13
CA ASN A 627 -38.65 17.18 -20.05
C ASN A 627 -40.13 17.16 -20.46
N ARG A 628 -40.95 16.37 -19.77
CA ARG A 628 -42.39 16.31 -20.01
C ARG A 628 -42.72 15.89 -21.45
N LEU A 629 -41.88 15.06 -22.04
CA LEU A 629 -42.06 14.63 -23.42
C LEU A 629 -43.15 13.56 -23.49
N LYS A 630 -44.26 13.89 -24.14
CA LYS A 630 -45.25 12.89 -24.51
C LYS A 630 -44.97 12.30 -25.89
N HIS A 631 -44.12 12.95 -26.68
CA HIS A 631 -43.89 12.60 -28.07
C HIS A 631 -42.61 13.27 -28.53
N ILE A 632 -41.80 12.54 -29.30
CA ILE A 632 -40.60 13.08 -29.92
C ILE A 632 -40.81 13.07 -31.43
N PRO A 633 -40.80 14.22 -32.09
CA PRO A 633 -40.90 14.23 -33.56
C PRO A 633 -39.76 13.43 -34.18
N ASN A 634 -40.10 12.68 -35.23
CA ASN A 634 -39.12 11.76 -35.82
C ASN A 634 -37.91 12.49 -36.35
N GLU A 635 -38.11 13.68 -36.94
CA GLU A 635 -36.96 14.45 -37.42
C GLU A 635 -36.12 14.99 -36.28
N ALA A 636 -36.76 15.36 -35.15
CA ALA A 636 -36.01 15.82 -34.00
C ALA A 636 -35.15 14.69 -33.42
N PHE A 637 -35.69 13.48 -33.36
CA PHE A 637 -34.92 12.35 -32.88
C PHE A 637 -33.78 12.02 -33.84
N LEU A 638 -34.05 12.10 -35.14
CA LEU A 638 -33.02 11.82 -36.14
C LEU A 638 -31.91 12.86 -36.16
N ASN A 639 -32.11 14.01 -35.52
CA ASN A 639 -31.11 15.05 -35.47
C ASN A 639 -30.27 15.02 -34.19
N LEU A 640 -30.48 14.03 -33.33
CA LEU A 640 -29.58 13.84 -32.21
C LEU A 640 -28.25 13.28 -32.73
N PRO A 641 -27.13 13.60 -32.06
CA PRO A 641 -25.83 13.24 -32.61
C PRO A 641 -25.70 11.73 -32.84
N ALA A 642 -25.17 11.37 -34.01
CA ALA A 642 -24.93 9.97 -34.32
C ALA A 642 -23.83 9.37 -33.47
N SER A 643 -23.01 10.20 -32.84
CA SER A 643 -21.92 9.74 -31.98
C SER A 643 -22.41 9.26 -30.62
N LEU A 644 -23.73 9.27 -30.37
CA LEU A 644 -24.25 8.92 -29.06
C LEU A 644 -23.99 7.45 -28.73
N THR A 645 -23.51 7.21 -27.51
CA THR A 645 -23.41 5.86 -26.96
C THR A 645 -24.33 5.65 -25.76
N GLU A 646 -24.90 6.72 -25.21
CA GLU A 646 -25.72 6.64 -24.01
C GLU A 646 -26.81 7.70 -24.12
N LEU A 647 -28.07 7.26 -24.12
CA LEU A 647 -29.21 8.16 -24.30
C LEU A 647 -30.23 7.89 -23.21
N HIS A 648 -30.54 8.91 -22.42
CA HIS A 648 -31.53 8.83 -21.35
C HIS A 648 -32.74 9.68 -21.73
N ILE A 649 -33.90 9.04 -21.84
CA ILE A 649 -35.16 9.76 -22.05
C ILE A 649 -36.14 9.31 -20.97
N ASN A 650 -35.61 8.98 -19.80
CA ASN A 650 -36.44 8.46 -18.73
C ASN A 650 -37.28 9.56 -18.09
N ASP A 651 -38.31 9.15 -17.36
CA ASP A 651 -39.13 10.06 -16.56
C ASP A 651 -39.73 11.19 -17.40
N ASN A 652 -40.24 10.83 -18.58
CA ASN A 652 -41.06 11.70 -19.39
C ASN A 652 -42.48 11.12 -19.39
N MET A 653 -43.22 11.35 -20.48
CA MET A 653 -44.57 10.80 -20.62
C MET A 653 -44.74 10.18 -22.00
N LEU A 654 -43.68 9.56 -22.52
CA LEU A 654 -43.69 8.98 -23.85
C LEU A 654 -44.71 7.87 -23.99
N LYS A 655 -45.73 8.09 -24.82
CA LYS A 655 -46.71 7.07 -25.12
C LYS A 655 -46.30 6.19 -26.30
N PHE A 656 -45.25 6.57 -27.02
CA PHE A 656 -44.78 5.81 -28.18
C PHE A 656 -43.32 6.13 -28.41
N PHE A 657 -42.58 5.12 -28.88
CA PHE A 657 -41.18 5.28 -29.25
C PHE A 657 -40.95 4.62 -30.60
N ASN A 658 -40.41 5.38 -31.54
CA ASN A 658 -40.12 4.89 -32.89
C ASN A 658 -38.81 4.13 -32.85
N TRP A 659 -38.89 2.80 -32.86
CA TRP A 659 -37.70 1.97 -32.72
C TRP A 659 -36.86 1.94 -33.99
N THR A 660 -37.48 2.12 -35.16
CA THR A 660 -36.74 2.01 -36.42
C THR A 660 -35.67 3.10 -36.55
N LEU A 661 -35.87 4.25 -35.89
CA LEU A 661 -34.91 5.34 -36.00
C LEU A 661 -33.59 5.04 -35.29
N LEU A 662 -33.49 3.94 -34.55
CA LEU A 662 -32.23 3.58 -33.93
C LEU A 662 -31.16 3.20 -34.94
N GLN A 663 -31.51 3.04 -36.22
CA GLN A 663 -30.55 2.67 -37.24
C GLN A 663 -29.53 3.77 -37.50
N GLN A 664 -29.82 5.02 -37.14
CA GLN A 664 -28.92 6.13 -37.35
C GLN A 664 -27.99 6.37 -36.15
N PHE A 665 -27.88 5.40 -35.25
CA PHE A 665 -27.03 5.51 -34.06
C PHE A 665 -26.28 4.21 -33.88
N PRO A 666 -25.23 3.98 -34.69
CA PRO A 666 -24.52 2.70 -34.65
C PRO A 666 -23.64 2.50 -33.42
N ARG A 667 -23.48 3.52 -32.59
CA ARG A 667 -22.67 3.42 -31.38
C ARG A 667 -23.50 3.41 -30.11
N LEU A 668 -24.83 3.33 -30.23
CA LEU A 668 -25.72 3.41 -29.07
C LEU A 668 -25.65 2.13 -28.26
N GLU A 669 -25.06 2.20 -27.08
CA GLU A 669 -24.96 1.05 -26.17
C GLU A 669 -26.06 1.04 -25.12
N LEU A 670 -26.45 2.20 -24.61
CA LEU A 670 -27.39 2.30 -23.49
C LEU A 670 -28.55 3.20 -23.89
N LEU A 671 -29.77 2.68 -23.76
CA LEU A 671 -30.99 3.43 -24.02
C LEU A 671 -31.88 3.33 -22.78
N ASP A 672 -32.12 4.47 -22.14
CA ASP A 672 -32.91 4.54 -20.91
C ASP A 672 -34.27 5.13 -21.22
N LEU A 673 -35.32 4.33 -21.05
CA LEU A 673 -36.69 4.79 -21.28
C LEU A 673 -37.59 4.50 -20.08
N ARG A 674 -37.01 4.38 -18.88
CA ARG A 674 -37.79 4.09 -17.69
C ARG A 674 -38.73 5.26 -17.38
N GLY A 675 -39.81 4.93 -16.66
CA GLY A 675 -40.75 5.96 -16.22
C GLY A 675 -41.42 6.70 -17.34
N ASN A 676 -42.00 5.96 -18.28
CA ASN A 676 -42.79 6.54 -19.36
C ASN A 676 -44.11 5.77 -19.43
N LYS A 677 -44.81 5.90 -20.55
CA LYS A 677 -46.06 5.20 -20.78
C LYS A 677 -46.00 4.35 -22.05
N LEU A 678 -44.82 3.82 -22.35
CA LEU A 678 -44.65 2.98 -23.52
C LEU A 678 -45.52 1.73 -23.43
N LEU A 679 -46.17 1.38 -24.53
CA LEU A 679 -47.10 0.26 -24.56
C LEU A 679 -46.66 -0.89 -25.46
N PHE A 680 -45.85 -0.61 -26.48
N PHE A 680 -45.84 -0.62 -26.48
CA PHE A 680 -45.49 -1.59 -27.49
CA PHE A 680 -45.52 -1.66 -27.45
C PHE A 680 -43.98 -1.63 -27.66
C PHE A 680 -44.05 -1.63 -27.80
N LEU A 681 -43.46 -2.82 -27.96
CA LEU A 681 -42.10 -3.01 -28.41
C LEU A 681 -42.11 -3.34 -29.89
N THR A 682 -40.96 -3.17 -30.52
CA THR A 682 -40.87 -3.43 -31.95
C THR A 682 -40.69 -4.92 -32.22
N ASP A 683 -41.11 -5.35 -33.42
CA ASP A 683 -41.09 -6.76 -33.78
C ASP A 683 -39.69 -7.25 -34.13
N SER A 684 -38.84 -6.38 -34.69
CA SER A 684 -37.53 -6.77 -35.20
C SER A 684 -36.50 -5.73 -34.74
N LEU A 685 -36.24 -5.69 -33.45
CA LEU A 685 -35.24 -4.80 -32.89
C LEU A 685 -33.89 -5.17 -33.49
N ASP A 687 -32.91 -5.47 -36.58
CA ASP A 687 -32.99 -4.72 -37.82
C ASP A 687 -32.61 -3.26 -37.64
N PHE A 688 -32.65 -2.80 -36.38
CA PHE A 688 -32.46 -1.38 -36.09
C PHE A 688 -31.22 -1.06 -35.28
N THR A 689 -30.65 -2.02 -34.54
CA THR A 689 -29.39 -1.77 -33.87
C THR A 689 -28.59 -3.07 -33.80
N SER A 690 -27.27 -2.91 -33.80
CA SER A 690 -26.34 -3.99 -33.52
C SER A 690 -25.44 -3.63 -32.34
N SER A 691 -25.76 -2.55 -31.62
CA SER A 691 -24.89 -2.00 -30.60
C SER A 691 -25.51 -1.94 -29.21
N LEU A 692 -26.82 -2.09 -29.09
CA LEU A 692 -27.51 -1.89 -27.81
C LEU A 692 -27.13 -2.99 -26.83
N ARG A 693 -26.45 -2.59 -25.75
CA ARG A 693 -26.10 -3.51 -24.68
C ARG A 693 -27.05 -3.44 -23.50
N THR A 694 -27.68 -2.29 -23.26
CA THR A 694 -28.54 -2.08 -22.09
C THR A 694 -29.82 -1.40 -22.54
N LEU A 695 -30.96 -2.03 -22.24
CA LEU A 695 -32.28 -1.47 -22.52
C LEU A 695 -33.05 -1.41 -21.21
N LEU A 696 -33.27 -0.19 -20.71
CA LEU A 696 -33.98 0.02 -19.46
C LEU A 696 -35.40 0.46 -19.78
N LEU A 697 -36.38 -0.38 -19.44
CA LEU A 697 -37.78 -0.13 -19.78
C LEU A 697 -38.70 -0.23 -18.57
N SER A 698 -38.16 -0.13 -17.36
CA SER A 698 -38.99 -0.28 -16.18
C SER A 698 -39.97 0.88 -16.05
N HIS A 699 -41.09 0.62 -15.37
CA HIS A 699 -42.16 1.61 -15.16
C HIS A 699 -42.68 2.13 -16.50
N ASN A 700 -43.20 1.21 -17.30
CA ASN A 700 -43.91 1.53 -18.53
C ASN A 700 -45.23 0.76 -18.50
N ARG A 701 -45.82 0.56 -19.66
CA ARG A 701 -47.11 -0.12 -19.75
C ARG A 701 -47.08 -1.24 -20.78
N ILE A 702 -45.96 -1.94 -20.91
CA ILE A 702 -45.85 -3.03 -21.86
C ILE A 702 -46.60 -4.24 -21.34
N SER A 703 -47.48 -4.78 -22.16
CA SER A 703 -48.31 -5.90 -21.76
C SER A 703 -47.96 -7.19 -22.48
N HIS A 704 -47.12 -7.15 -23.50
CA HIS A 704 -46.79 -8.30 -24.31
C HIS A 704 -45.36 -8.18 -24.80
N LEU A 705 -44.66 -9.30 -24.85
CA LEU A 705 -43.27 -9.29 -25.32
C LEU A 705 -43.19 -9.89 -26.72
N PRO A 706 -42.36 -9.32 -27.60
CA PRO A 706 -42.28 -9.83 -28.97
C PRO A 706 -41.62 -11.21 -29.02
N SER A 707 -41.83 -11.88 -30.15
CA SER A 707 -41.28 -13.21 -30.34
C SER A 707 -39.77 -13.15 -30.50
N GLY A 708 -39.05 -13.99 -29.76
CA GLY A 708 -37.60 -14.02 -29.82
C GLY A 708 -36.92 -12.78 -29.28
N PHE A 709 -37.62 -11.98 -28.48
CA PHE A 709 -37.06 -10.73 -27.99
C PHE A 709 -35.88 -10.96 -27.06
N LEU A 710 -35.88 -12.05 -26.32
CA LEU A 710 -34.81 -12.33 -25.36
C LEU A 710 -33.62 -13.01 -26.04
N VAL A 713 -32.13 -9.60 -31.04
CA VAL A 713 -31.70 -8.94 -29.82
C VAL A 713 -30.22 -8.54 -29.93
N SER A 714 -29.38 -9.55 -30.17
CA SER A 714 -27.96 -9.41 -30.48
C SER A 714 -27.10 -9.10 -29.26
N SER A 715 -26.58 -7.88 -29.17
CA SER A 715 -25.59 -7.51 -28.16
C SER A 715 -26.23 -7.08 -26.84
N LEU A 716 -27.53 -7.30 -26.66
CA LEU A 716 -28.22 -6.89 -25.45
C LEU A 716 -27.79 -7.77 -24.28
N LYS A 717 -27.13 -7.17 -23.29
CA LYS A 717 -26.72 -7.90 -22.09
C LYS A 717 -27.60 -7.59 -20.89
N HIS A 718 -28.22 -6.41 -20.85
CA HIS A 718 -29.04 -5.97 -19.72
C HIS A 718 -30.38 -5.50 -20.25
N LEU A 719 -31.45 -6.21 -19.89
CA LEU A 719 -32.80 -5.86 -20.29
C LEU A 719 -33.65 -5.71 -19.03
N ASP A 720 -34.19 -4.51 -18.82
CA ASP A 720 -34.97 -4.18 -17.64
C ASP A 720 -36.43 -4.03 -18.04
N LEU A 721 -37.25 -5.01 -17.66
CA LEU A 721 -38.68 -4.99 -17.91
C LEU A 721 -39.50 -4.98 -16.62
N SER A 722 -38.88 -4.58 -15.51
CA SER A 722 -39.58 -4.54 -14.24
C SER A 722 -40.66 -3.46 -14.24
N SER A 723 -41.63 -3.62 -13.34
CA SER A 723 -42.68 -2.64 -13.13
C SER A 723 -43.42 -2.31 -14.42
N ASN A 724 -43.77 -3.35 -15.17
CA ASN A 724 -44.57 -3.20 -16.37
C ASN A 724 -45.91 -3.90 -16.15
N LEU A 725 -46.56 -4.32 -17.24
CA LEU A 725 -47.88 -4.95 -17.17
C LEU A 725 -47.86 -6.34 -17.81
N LEU A 726 -46.71 -7.00 -17.79
CA LEU A 726 -46.62 -8.36 -18.33
C LEU A 726 -47.38 -9.32 -17.44
N LYS A 727 -48.38 -10.00 -18.01
CA LYS A 727 -49.08 -11.05 -17.30
C LYS A 727 -48.41 -12.40 -17.49
N THR A 728 -47.69 -12.59 -18.60
CA THR A 728 -46.97 -13.82 -18.87
C THR A 728 -45.98 -13.55 -19.99
N ILE A 729 -45.06 -14.50 -20.17
CA ILE A 729 -44.11 -14.49 -21.29
C ILE A 729 -44.31 -15.80 -22.04
N ASN A 730 -44.95 -15.72 -23.21
CA ASN A 730 -45.34 -16.91 -23.95
C ASN A 730 -44.11 -17.64 -24.48
N LYS A 731 -44.35 -18.85 -24.98
CA LYS A 731 -43.29 -19.62 -25.64
C LYS A 731 -42.83 -18.96 -26.93
N SER A 732 -43.67 -18.10 -27.53
CA SER A 732 -43.26 -17.41 -28.75
C SER A 732 -42.12 -16.45 -28.49
N ALA A 733 -42.12 -15.80 -27.32
CA ALA A 733 -41.05 -14.85 -26.99
C ALA A 733 -39.74 -15.55 -26.70
N LEU A 734 -39.76 -16.82 -26.33
CA LEU A 734 -38.56 -17.60 -26.07
C LEU A 734 -38.15 -18.45 -27.25
N GLU A 735 -38.96 -18.49 -28.30
CA GLU A 735 -38.61 -19.22 -29.52
C GLU A 735 -37.59 -18.39 -30.28
N THR A 736 -36.37 -18.38 -29.77
CA THR A 736 -35.28 -17.64 -30.37
C THR A 736 -34.50 -18.55 -31.30
N LYS A 737 -34.15 -18.02 -32.46
CA LYS A 737 -33.07 -18.65 -33.18
C LYS A 737 -31.81 -18.50 -32.32
N THR A 738 -31.10 -17.39 -32.48
CA THR A 738 -29.71 -17.26 -32.04
C THR A 738 -29.52 -17.60 -30.57
N THR A 739 -28.27 -17.93 -30.22
CA THR A 739 -27.91 -18.08 -28.82
C THR A 739 -27.83 -16.71 -28.17
N THR A 740 -28.42 -16.58 -26.99
CA THR A 740 -28.57 -15.28 -26.34
C THR A 740 -27.33 -14.94 -25.52
N LYS A 741 -27.02 -13.63 -25.49
CA LYS A 741 -25.98 -13.08 -24.63
C LYS A 741 -26.58 -12.32 -23.45
N LEU A 742 -27.87 -12.50 -23.18
CA LEU A 742 -28.54 -11.84 -22.07
C LEU A 742 -27.99 -12.38 -20.75
N SER A 743 -27.46 -11.50 -19.92
CA SER A 743 -26.91 -11.89 -18.63
C SER A 743 -27.73 -11.38 -17.45
N MET A 744 -28.59 -10.39 -17.66
CA MET A 744 -29.44 -9.87 -16.59
C MET A 744 -30.80 -9.49 -17.17
N LEU A 745 -31.86 -10.06 -16.61
CA LEU A 745 -33.23 -9.77 -17.01
C LEU A 745 -34.04 -9.44 -15.77
N GLU A 746 -34.59 -8.24 -15.73
CA GLU A 746 -35.33 -7.77 -14.56
C GLU A 746 -36.83 -7.82 -14.85
N LEU A 747 -37.58 -8.46 -13.96
CA LEU A 747 -39.01 -8.69 -14.19
C LEU A 747 -39.89 -8.43 -12.96
N HIS A 748 -39.33 -7.98 -11.85
CA HIS A 748 -40.13 -7.77 -10.64
C HIS A 748 -41.15 -6.65 -10.86
N GLY A 749 -42.29 -6.78 -10.19
CA GLY A 749 -43.35 -5.80 -10.30
C GLY A 749 -44.34 -6.05 -11.42
N ASN A 750 -44.13 -7.09 -12.23
CA ASN A 750 -45.11 -7.40 -13.26
C ASN A 750 -46.24 -8.26 -12.69
N PRO A 751 -47.49 -8.01 -13.10
CA PRO A 751 -48.63 -8.77 -12.55
C PRO A 751 -48.76 -10.15 -13.20
N PHE A 752 -47.81 -11.03 -12.87
CA PHE A 752 -47.74 -12.33 -13.53
C PHE A 752 -48.94 -13.19 -13.16
N GLU A 753 -49.47 -13.88 -14.19
CA GLU A 753 -50.54 -14.86 -14.00
C GLU A 753 -49.88 -16.23 -13.79
N CYS A 754 -49.98 -16.75 -12.57
CA CYS A 754 -49.31 -17.99 -12.22
C CYS A 754 -50.27 -19.17 -12.37
N THR A 755 -50.64 -19.40 -13.63
CA THR A 755 -51.41 -20.57 -14.00
C THR A 755 -50.47 -21.65 -14.53
N CYS A 756 -50.95 -22.48 -15.47
CA CYS A 756 -50.07 -23.43 -16.12
C CYS A 756 -49.31 -22.82 -17.28
N ASP A 757 -49.74 -21.65 -17.77
CA ASP A 757 -49.08 -21.01 -18.90
C ASP A 757 -47.73 -20.41 -18.53
N ILE A 758 -47.47 -20.23 -17.23
CA ILE A 758 -46.16 -19.73 -16.80
C ILE A 758 -45.08 -20.80 -16.90
N GLY A 759 -45.46 -22.06 -17.02
CA GLY A 759 -44.48 -23.14 -17.00
C GLY A 759 -43.45 -23.06 -18.11
N ASP A 760 -43.84 -22.56 -19.27
CA ASP A 760 -42.91 -22.45 -20.39
C ASP A 760 -41.79 -21.46 -20.07
N PHE A 761 -42.13 -20.33 -19.43
CA PHE A 761 -41.09 -19.39 -19.03
C PHE A 761 -40.30 -19.88 -17.84
N ARG A 762 -40.95 -20.63 -16.93
CA ARG A 762 -40.24 -21.20 -15.80
C ARG A 762 -39.13 -22.14 -16.27
N ARG A 763 -39.43 -22.99 -17.25
CA ARG A 763 -38.42 -23.87 -17.83
C ARG A 763 -37.35 -23.08 -18.56
N TRP A 764 -37.71 -21.94 -19.16
CA TRP A 764 -36.70 -21.08 -19.78
C TRP A 764 -35.72 -20.56 -18.74
N MET A 765 -36.22 -20.18 -17.56
CA MET A 765 -35.33 -19.79 -16.49
C MET A 765 -34.39 -20.93 -16.11
N ASP A 766 -34.95 -22.14 -15.96
CA ASP A 766 -34.13 -23.29 -15.60
C ASP A 766 -33.13 -23.64 -16.69
N GLU A 767 -33.45 -23.36 -17.95
CA GLU A 767 -32.54 -23.65 -19.04
C GLU A 767 -31.40 -22.64 -19.11
N HIS A 768 -31.70 -21.37 -18.91
CA HIS A 768 -30.72 -20.29 -19.01
C HIS A 768 -30.43 -19.76 -17.61
N LEU A 769 -29.48 -20.40 -16.93
CA LEU A 769 -28.99 -19.91 -15.65
C LEU A 769 -27.88 -18.88 -15.79
N ASN A 770 -27.44 -18.61 -17.02
CA ASN A 770 -26.56 -17.47 -17.26
C ASN A 770 -27.32 -16.15 -17.22
N VAL A 771 -28.64 -16.19 -17.37
CA VAL A 771 -29.49 -15.00 -17.27
C VAL A 771 -29.84 -14.81 -15.81
N LYS A 772 -29.22 -13.82 -15.17
CA LYS A 772 -29.49 -13.52 -13.78
C LYS A 772 -30.77 -12.69 -13.68
N ILE A 773 -31.75 -13.21 -12.94
CA ILE A 773 -32.99 -12.47 -12.68
C ILE A 773 -32.98 -12.03 -11.21
N PRO A 774 -32.68 -10.76 -10.94
CA PRO A 774 -32.60 -10.30 -9.55
C PRO A 774 -33.98 -10.13 -8.93
N ARG A 775 -33.99 -10.17 -7.59
CA ARG A 775 -35.19 -9.92 -6.80
C ARG A 775 -36.33 -10.85 -7.18
N LEU A 776 -36.02 -12.16 -7.21
CA LEU A 776 -37.05 -13.15 -7.54
C LEU A 776 -38.15 -13.16 -6.49
N VAL A 777 -37.84 -12.75 -5.26
CA VAL A 777 -38.87 -12.62 -4.23
C VAL A 777 -39.86 -11.51 -4.58
N ASP A 778 -39.49 -10.59 -5.47
CA ASP A 778 -40.38 -9.53 -5.90
C ASP A 778 -41.01 -9.78 -7.27
N VAL A 779 -40.53 -10.79 -8.00
CA VAL A 779 -41.21 -11.26 -9.19
C VAL A 779 -42.39 -12.10 -8.73
N ILE A 780 -43.55 -11.48 -8.57
CA ILE A 780 -44.63 -12.01 -7.75
C ILE A 780 -45.85 -12.28 -8.62
N CYS A 781 -46.56 -13.37 -8.30
CA CYS A 781 -47.82 -13.66 -8.96
C CYS A 781 -48.90 -12.70 -8.49
N ALA A 782 -49.64 -12.12 -9.44
CA ALA A 782 -50.84 -11.38 -9.12
C ALA A 782 -52.10 -12.23 -9.25
N SER A 783 -52.04 -13.29 -10.04
CA SER A 783 -53.14 -14.21 -10.25
C SER A 783 -52.60 -15.63 -10.19
N PRO A 784 -53.42 -16.59 -9.73
CA PRO A 784 -54.75 -16.46 -9.16
C PRO A 784 -54.71 -16.16 -7.67
N GLY A 785 -55.87 -16.18 -7.01
CA GLY A 785 -55.92 -15.83 -5.60
C GLY A 785 -55.09 -16.74 -4.72
N ASP A 786 -55.02 -18.02 -5.07
CA ASP A 786 -54.23 -18.98 -4.30
C ASP A 786 -52.73 -18.78 -4.49
N GLN A 787 -52.32 -17.91 -5.41
CA GLN A 787 -50.90 -17.63 -5.65
C GLN A 787 -50.54 -16.17 -5.47
N ARG A 788 -51.53 -15.30 -5.22
CA ARG A 788 -51.26 -13.87 -5.12
C ARG A 788 -50.36 -13.58 -3.93
N GLY A 789 -49.19 -13.01 -4.20
CA GLY A 789 -48.21 -12.68 -3.18
C GLY A 789 -46.96 -13.52 -3.23
N LYS A 790 -47.02 -14.71 -3.81
CA LYS A 790 -45.87 -15.61 -3.86
C LYS A 790 -45.08 -15.40 -5.14
N SER A 791 -43.79 -15.74 -5.07
CA SER A 791 -42.91 -15.61 -6.23
C SER A 791 -43.31 -16.61 -7.31
N ILE A 792 -43.11 -16.21 -8.57
CA ILE A 792 -43.43 -17.08 -9.69
C ILE A 792 -42.62 -18.36 -9.66
N VAL A 793 -41.47 -18.36 -8.99
CA VAL A 793 -40.61 -19.54 -8.94
C VAL A 793 -41.06 -20.56 -7.91
N SER A 794 -42.18 -20.33 -7.23
CA SER A 794 -42.64 -21.25 -6.20
C SER A 794 -44.01 -21.83 -6.56
N LEU A 795 -44.17 -22.33 -7.78
CA LEU A 795 -45.38 -22.99 -8.22
C LEU A 795 -45.07 -24.43 -8.61
N GLU A 796 -46.11 -25.15 -9.01
CA GLU A 796 -45.97 -26.55 -9.39
C GLU A 796 -45.01 -26.73 -10.56
N SER B 9 -82.76 6.43 -9.29
CA SER B 9 -82.67 7.71 -9.99
C SER B 9 -81.32 8.37 -9.78
N ARG B 10 -80.25 7.60 -9.98
CA ARG B 10 -78.89 8.09 -9.92
C ARG B 10 -78.28 8.02 -11.31
N SER B 11 -77.63 9.10 -11.72
CA SER B 11 -77.19 9.24 -13.11
C SER B 11 -75.91 8.46 -13.38
N TYR B 12 -75.76 8.06 -14.65
CA TYR B 12 -74.57 7.39 -15.15
C TYR B 12 -74.60 7.49 -16.66
N PRO B 13 -73.48 7.76 -17.34
CA PRO B 13 -72.15 7.97 -16.74
C PRO B 13 -71.91 9.41 -16.30
N CYS B 14 -72.81 10.30 -16.66
CA CYS B 14 -72.61 11.72 -16.38
C CYS B 14 -73.07 12.07 -14.97
N ASP B 15 -72.58 13.20 -14.47
CA ASP B 15 -73.01 13.76 -13.19
C ASP B 15 -73.99 14.88 -13.49
N GLU B 16 -75.25 14.67 -13.14
CA GLU B 16 -76.33 15.60 -13.49
C GLU B 16 -76.57 16.54 -12.31
N LYS B 17 -76.04 17.76 -12.41
CA LYS B 17 -76.15 18.77 -11.36
C LYS B 17 -77.35 19.66 -11.64
N LYS B 18 -77.43 20.79 -10.93
CA LYS B 18 -78.54 21.72 -11.11
C LYS B 18 -78.04 23.14 -10.90
N GLN B 19 -78.49 24.05 -11.76
CA GLN B 19 -78.10 25.46 -11.71
C GLN B 19 -79.29 26.32 -12.08
N ASN B 20 -79.72 27.15 -11.13
CA ASN B 20 -80.92 28.00 -11.20
C ASN B 20 -82.02 27.40 -12.08
N ASP B 21 -82.70 26.38 -11.54
CA ASP B 21 -83.63 25.53 -12.28
C ASP B 21 -83.22 25.35 -13.74
N SER B 22 -81.98 24.91 -13.96
CA SER B 22 -81.57 24.31 -15.21
C SER B 22 -80.91 22.98 -14.87
N VAL B 23 -80.81 22.10 -15.86
CA VAL B 23 -80.27 20.77 -15.64
C VAL B 23 -79.00 20.63 -16.44
N ILE B 24 -77.87 20.53 -15.74
CA ILE B 24 -76.57 20.34 -16.36
C ILE B 24 -76.15 18.89 -16.17
N ALA B 25 -75.46 18.34 -17.18
CA ALA B 25 -74.94 16.98 -17.11
C ALA B 25 -73.43 17.05 -17.39
N GLU B 26 -72.64 17.03 -16.32
CA GLU B 26 -71.18 17.07 -16.43
C GLU B 26 -70.68 15.68 -16.78
N CYS B 27 -70.30 15.49 -18.04
CA CYS B 27 -69.90 14.18 -18.56
C CYS B 27 -68.51 14.19 -19.15
N SER B 28 -67.65 15.12 -18.72
CA SER B 28 -66.35 15.30 -19.32
C SER B 28 -65.32 14.34 -18.72
N ASN B 29 -64.31 14.02 -19.52
CA ASN B 29 -63.13 13.28 -19.06
C ASN B 29 -63.53 11.94 -18.43
N ARG B 30 -64.27 11.13 -19.19
CA ARG B 30 -64.75 9.86 -18.69
C ARG B 30 -64.41 8.70 -19.62
N ARG B 31 -63.46 8.90 -20.53
CA ARG B 31 -62.99 7.85 -21.44
C ARG B 31 -64.13 7.27 -22.27
N LEU B 32 -65.15 8.08 -22.56
CA LEU B 32 -66.29 7.64 -23.34
C LEU B 32 -65.94 7.59 -24.81
N GLN B 33 -66.29 6.49 -25.47
CA GLN B 33 -66.02 6.33 -26.89
C GLN B 33 -67.20 6.76 -27.76
N GLU B 34 -68.43 6.64 -27.26
CA GLU B 34 -69.60 7.13 -27.96
C GLU B 34 -70.41 8.02 -27.03
N VAL B 35 -71.26 8.85 -27.63
CA VAL B 35 -72.15 9.72 -26.86
C VAL B 35 -73.11 8.83 -26.08
N PRO B 36 -73.16 8.93 -24.77
CA PRO B 36 -74.04 8.05 -23.99
C PRO B 36 -75.50 8.40 -24.19
N GLN B 37 -76.33 7.36 -24.28
CA GLN B 37 -77.77 7.52 -24.42
C GLN B 37 -78.50 7.33 -23.10
N THR B 38 -77.78 7.35 -21.98
CA THR B 38 -78.38 7.26 -20.66
C THR B 38 -78.48 8.60 -19.96
N VAL B 39 -78.20 9.70 -20.68
CA VAL B 39 -78.41 11.03 -20.11
C VAL B 39 -79.89 11.24 -19.85
N GLY B 40 -80.19 12.23 -18.99
CA GLY B 40 -81.55 12.58 -18.72
C GLY B 40 -82.19 13.35 -19.86
N LYS B 41 -83.50 13.16 -20.01
CA LYS B 41 -84.29 13.75 -21.08
C LYS B 41 -84.66 15.20 -20.78
N TYR B 42 -84.27 15.67 -19.60
CA TYR B 42 -84.49 17.02 -19.11
C TYR B 42 -83.23 17.87 -19.16
N VAL B 43 -82.08 17.26 -19.48
CA VAL B 43 -80.82 17.99 -19.46
C VAL B 43 -80.83 19.07 -20.53
N THR B 44 -80.43 20.29 -20.14
CA THR B 44 -80.32 21.40 -21.06
C THR B 44 -78.89 21.69 -21.50
N GLU B 45 -77.91 21.44 -20.63
CA GLU B 45 -76.50 21.67 -20.93
C GLU B 45 -75.74 20.37 -20.74
N LEU B 46 -75.05 19.92 -21.78
CA LEU B 46 -74.33 18.65 -21.77
C LEU B 46 -72.87 18.91 -22.12
N ASP B 47 -71.96 18.54 -21.21
CA ASP B 47 -70.52 18.69 -21.41
C ASP B 47 -69.94 17.31 -21.65
N LEU B 48 -69.61 17.02 -22.91
CA LEU B 48 -69.01 15.76 -23.30
C LEU B 48 -67.54 15.93 -23.70
N SER B 49 -66.86 16.88 -23.07
CA SER B 49 -65.48 17.18 -23.44
C SER B 49 -64.54 16.06 -23.03
N ASP B 50 -63.35 16.07 -23.63
CA ASP B 50 -62.20 15.26 -23.21
C ASP B 50 -62.51 13.77 -23.20
N ASN B 51 -63.42 13.31 -24.06
CA ASN B 51 -63.72 11.91 -24.19
C ASN B 51 -62.99 11.34 -25.42
N PHE B 52 -63.37 10.13 -25.82
CA PHE B 52 -62.82 9.49 -27.00
C PHE B 52 -63.87 9.31 -28.09
N ILE B 53 -64.80 10.26 -28.19
CA ILE B 53 -65.89 10.15 -29.15
C ILE B 53 -65.37 10.37 -30.56
N THR B 54 -65.75 9.48 -31.48
CA THR B 54 -65.27 9.52 -32.85
C THR B 54 -66.31 9.95 -33.87
N HIS B 55 -67.59 9.69 -33.63
CA HIS B 55 -68.64 9.96 -34.60
C HIS B 55 -69.79 10.72 -33.95
N ILE B 56 -70.37 11.65 -34.70
CA ILE B 56 -71.58 12.36 -34.32
C ILE B 56 -72.57 12.24 -35.47
N THR B 57 -73.72 11.62 -35.22
CA THR B 57 -74.65 11.31 -36.30
C THR B 57 -76.07 11.78 -36.02
N ASN B 58 -77.01 11.35 -36.87
CA ASN B 58 -78.42 11.65 -36.67
C ASN B 58 -78.90 11.17 -35.30
N GLU B 59 -78.38 10.03 -34.84
CA GLU B 59 -78.88 9.35 -33.65
C GLU B 59 -78.05 9.61 -32.40
N SER B 60 -77.04 10.48 -32.48
CA SER B 60 -76.19 10.73 -31.31
C SER B 60 -76.90 11.55 -30.24
N PHE B 61 -77.94 12.30 -30.61
CA PHE B 61 -78.67 13.14 -29.65
C PHE B 61 -80.18 13.03 -29.93
N GLN B 62 -80.72 11.82 -29.79
CA GLN B 62 -82.14 11.59 -30.00
C GLN B 62 -82.90 11.76 -28.69
N GLY B 63 -84.01 12.50 -28.75
CA GLY B 63 -84.87 12.68 -27.59
C GLY B 63 -84.39 13.67 -26.55
N LEU B 64 -83.20 14.26 -26.73
CA LEU B 64 -82.65 15.27 -25.83
C LEU B 64 -82.88 16.64 -26.47
N GLN B 65 -84.08 17.18 -26.29
CA GLN B 65 -84.46 18.36 -27.06
C GLN B 65 -84.58 19.64 -26.25
N ASN B 66 -84.61 19.58 -24.93
CA ASN B 66 -84.34 20.78 -24.16
C ASN B 66 -82.85 21.13 -24.16
N LEU B 67 -82.04 20.41 -24.93
CA LEU B 67 -80.61 20.65 -25.01
C LEU B 67 -80.34 22.03 -25.59
N THR B 68 -79.71 22.89 -24.80
CA THR B 68 -79.41 24.25 -25.23
C THR B 68 -77.92 24.51 -25.47
N LYS B 69 -77.03 23.74 -24.84
CA LYS B 69 -75.61 23.89 -25.08
C LYS B 69 -74.94 22.52 -25.03
N ILE B 70 -73.95 22.33 -25.90
CA ILE B 70 -73.21 21.07 -26.02
C ILE B 70 -71.72 21.39 -26.07
N ASN B 71 -70.94 20.66 -25.29
CA ASN B 71 -69.48 20.81 -25.24
C ASN B 71 -68.85 19.52 -25.72
N LEU B 72 -68.35 19.51 -26.96
CA LEU B 72 -67.65 18.38 -27.53
C LEU B 72 -66.17 18.68 -27.76
N ASN B 73 -65.61 19.60 -26.98
CA ASN B 73 -64.23 20.00 -27.13
C ASN B 73 -63.29 18.83 -26.83
N HIS B 74 -62.16 18.80 -27.53
CA HIS B 74 -61.10 17.82 -27.31
C HIS B 74 -61.63 16.39 -27.44
N ASN B 75 -62.16 16.10 -28.63
CA ASN B 75 -62.70 14.78 -28.94
C ASN B 75 -62.20 14.37 -30.32
N PRO B 76 -61.50 13.23 -30.45
CA PRO B 76 -61.14 12.33 -29.35
C PRO B 76 -59.85 12.76 -28.63
N ASN B 77 -59.71 12.38 -27.38
CA ASN B 77 -58.57 12.81 -26.57
C ASN B 77 -57.38 11.91 -26.85
N VAL B 78 -56.31 12.51 -27.39
CA VAL B 78 -55.07 11.80 -27.70
C VAL B 78 -55.33 10.61 -28.62
N GLY B 91 -59.63 12.32 -35.43
CA GLY B 91 -60.56 13.40 -35.67
C GLY B 91 -62.00 13.04 -35.38
N LEU B 92 -62.86 14.05 -35.26
CA LEU B 92 -64.27 13.87 -34.95
C LEU B 92 -65.08 13.91 -36.24
N ASN B 93 -65.73 12.79 -36.56
CA ASN B 93 -66.57 12.68 -37.75
C ASN B 93 -67.98 13.15 -37.41
N ILE B 94 -68.37 14.30 -37.95
CA ILE B 94 -69.71 14.84 -37.78
C ILE B 94 -70.41 14.76 -39.13
N THR B 95 -71.53 14.06 -39.18
CA THR B 95 -72.27 13.90 -40.42
C THR B 95 -73.12 15.14 -40.69
N ASP B 96 -73.47 15.33 -41.96
CA ASP B 96 -74.29 16.47 -42.36
C ASP B 96 -75.64 16.43 -41.65
N GLY B 97 -75.97 17.52 -40.97
CA GLY B 97 -77.22 17.60 -40.23
C GLY B 97 -77.31 16.57 -39.13
N ALA B 98 -76.25 16.45 -38.33
CA ALA B 98 -76.30 15.59 -37.15
C ALA B 98 -76.92 16.30 -35.95
N PHE B 99 -77.12 17.61 -36.03
CA PHE B 99 -77.72 18.38 -34.95
C PHE B 99 -79.09 18.95 -35.28
N LEU B 100 -79.39 19.19 -36.56
CA LEU B 100 -80.60 19.92 -36.92
C LEU B 100 -81.88 19.25 -36.41
N ASN B 101 -81.79 17.99 -35.99
CA ASN B 101 -82.88 17.39 -35.22
C ASN B 101 -83.17 18.18 -33.95
N LEU B 102 -82.19 18.95 -33.46
CA LEU B 102 -82.40 19.84 -32.33
C LEU B 102 -83.37 20.95 -32.72
N LYS B 103 -83.81 21.68 -31.70
CA LYS B 103 -84.64 22.85 -31.92
C LYS B 103 -84.32 23.99 -30.95
N ASN B 104 -83.38 23.78 -30.02
CA ASN B 104 -83.14 24.78 -28.98
C ASN B 104 -81.66 24.99 -28.68
N LEU B 105 -80.75 24.43 -29.47
CA LEU B 105 -79.32 24.61 -29.20
C LEU B 105 -78.90 26.03 -29.56
N ARG B 106 -78.41 26.76 -28.56
CA ARG B 106 -77.87 28.10 -28.77
C ARG B 106 -76.35 28.16 -28.73
N GLU B 107 -75.70 27.17 -28.12
CA GLU B 107 -74.26 27.21 -27.90
C GLU B 107 -73.67 25.84 -28.22
N LEU B 108 -72.81 25.79 -29.24
CA LEU B 108 -72.18 24.55 -29.67
C LEU B 108 -70.67 24.73 -29.63
N LEU B 109 -69.99 23.90 -28.84
CA LEU B 109 -68.55 24.00 -28.64
C LEU B 109 -67.89 22.81 -29.33
N LEU B 110 -67.11 23.09 -30.37
CA LEU B 110 -66.42 22.06 -31.16
C LEU B 110 -64.96 22.41 -31.33
N GLU B 111 -64.26 22.66 -30.22
CA GLU B 111 -62.87 23.07 -30.26
C GLU B 111 -61.94 21.85 -30.21
N ASP B 112 -60.80 21.98 -30.89
CA ASP B 112 -59.73 20.99 -30.86
C ASP B 112 -60.25 19.60 -31.25
N ASN B 113 -60.88 19.54 -32.43
CA ASN B 113 -61.45 18.29 -32.94
C ASN B 113 -60.87 17.88 -34.28
N GLN B 114 -59.87 18.60 -34.79
CA GLN B 114 -59.22 18.28 -36.05
C GLN B 114 -60.22 18.25 -37.21
N LEU B 115 -61.19 19.15 -37.16
CA LEU B 115 -62.21 19.19 -38.20
C LEU B 115 -61.62 19.75 -39.50
N PRO B 116 -61.76 19.07 -40.63
CA PRO B 116 -61.26 19.62 -41.89
C PRO B 116 -62.13 20.72 -42.47
N GLN B 117 -63.40 20.79 -42.09
CA GLN B 117 -64.32 21.80 -42.61
C GLN B 117 -65.29 22.21 -41.52
N ILE B 118 -66.00 23.31 -41.76
CA ILE B 118 -67.13 23.65 -40.90
C ILE B 118 -68.24 22.62 -41.10
N PRO B 119 -68.78 22.03 -40.04
CA PRO B 119 -69.83 21.02 -40.21
C PRO B 119 -71.06 21.63 -40.87
N SER B 120 -71.65 20.88 -41.79
CA SER B 120 -72.83 21.31 -42.53
C SER B 120 -74.08 20.77 -41.85
N GLY B 121 -75.13 21.59 -41.84
CA GLY B 121 -76.38 21.20 -41.21
C GLY B 121 -76.51 21.60 -39.76
N LEU B 122 -75.75 22.60 -39.31
CA LEU B 122 -75.90 23.07 -37.95
C LEU B 122 -77.19 23.88 -37.82
N PRO B 123 -77.89 23.79 -36.68
CA PRO B 123 -79.23 24.37 -36.59
C PRO B 123 -79.21 25.90 -36.60
N GLU B 124 -80.25 26.46 -37.21
CA GLU B 124 -80.46 27.92 -37.23
C GLU B 124 -80.62 28.50 -35.82
N SER B 125 -80.69 27.66 -34.80
CA SER B 125 -80.89 28.11 -33.43
C SER B 125 -79.61 28.58 -32.75
N LEU B 126 -78.47 28.47 -33.42
CA LEU B 126 -77.18 28.70 -32.78
C LEU B 126 -76.93 30.19 -32.59
N THR B 127 -76.70 30.60 -31.33
CA THR B 127 -76.23 31.94 -31.03
C THR B 127 -74.74 32.01 -30.78
N GLU B 128 -74.10 30.88 -30.45
CA GLU B 128 -72.67 30.82 -30.23
C GLU B 128 -72.12 29.54 -30.85
N LEU B 129 -71.07 29.67 -31.65
CA LEU B 129 -70.42 28.54 -32.29
C LEU B 129 -68.91 28.74 -32.21
N SER B 130 -68.23 27.81 -31.56
CA SER B 130 -66.79 27.88 -31.35
C SER B 130 -66.12 26.73 -32.09
N LEU B 131 -65.22 27.05 -33.01
CA LEU B 131 -64.48 26.07 -33.79
C LEU B 131 -62.97 26.26 -33.65
N ILE B 132 -62.53 26.67 -32.47
CA ILE B 132 -61.13 27.01 -32.26
C ILE B 132 -60.26 25.76 -32.32
N GLN B 133 -59.05 25.92 -32.89
CA GLN B 133 -58.02 24.87 -32.90
C GLN B 133 -58.45 23.66 -33.72
N ASN B 134 -58.88 23.91 -34.96
CA ASN B 134 -59.19 22.83 -35.88
C ASN B 134 -58.30 22.92 -37.12
N ASN B 135 -58.78 22.42 -38.25
CA ASN B 135 -58.06 22.48 -39.52
C ASN B 135 -58.93 23.12 -40.59
N ILE B 136 -59.73 24.11 -40.22
CA ILE B 136 -60.69 24.75 -41.12
C ILE B 136 -60.01 25.92 -41.80
N TYR B 137 -59.86 25.84 -43.12
CA TYR B 137 -59.23 26.89 -43.92
C TYR B 137 -60.17 27.45 -44.98
N ASN B 138 -61.47 27.17 -44.86
CA ASN B 138 -62.48 27.53 -45.87
C ASN B 138 -63.75 27.93 -45.15
N ILE B 139 -63.97 29.24 -44.99
CA ILE B 139 -65.16 29.75 -44.33
C ILE B 139 -66.17 29.97 -45.45
N THR B 140 -66.94 28.92 -45.74
CA THR B 140 -67.90 28.89 -46.84
C THR B 140 -69.23 29.53 -46.42
N LYS B 141 -70.02 29.91 -47.44
CA LYS B 141 -71.37 30.42 -47.23
C LYS B 141 -72.37 29.32 -46.95
N GLU B 142 -72.13 28.12 -47.48
CA GLU B 142 -72.96 26.98 -47.09
C GLU B 142 -72.92 26.75 -45.58
N GLY B 143 -71.74 26.87 -44.97
CA GLY B 143 -71.59 26.43 -43.59
C GLY B 143 -72.12 27.43 -42.57
N ILE B 144 -71.82 28.72 -42.77
CA ILE B 144 -72.06 29.74 -41.76
C ILE B 144 -73.21 30.69 -42.11
N SER B 145 -73.50 30.90 -43.41
CA SER B 145 -74.44 31.95 -43.78
C SER B 145 -75.90 31.61 -43.50
N ARG B 146 -76.21 30.37 -43.09
CA ARG B 146 -77.59 30.00 -42.78
C ARG B 146 -77.97 30.26 -41.33
N LEU B 147 -77.02 30.70 -40.49
CA LEU B 147 -77.24 30.80 -39.05
C LEU B 147 -77.53 32.26 -38.68
N ILE B 148 -78.79 32.66 -38.82
CA ILE B 148 -79.13 34.08 -38.71
C ILE B 148 -79.08 34.59 -37.26
N ASN B 149 -79.06 33.70 -36.27
CA ASN B 149 -79.13 34.12 -34.87
C ASN B 149 -77.75 34.15 -34.20
N LEU B 150 -76.67 33.91 -34.94
CA LEU B 150 -75.34 33.86 -34.34
C LEU B 150 -74.98 35.19 -33.68
N LYS B 151 -74.56 35.12 -32.42
CA LYS B 151 -74.03 36.28 -31.71
C LYS B 151 -72.52 36.26 -31.59
N ASN B 152 -71.93 35.11 -31.26
CA ASN B 152 -70.50 34.95 -31.13
C ASN B 152 -70.04 33.77 -31.96
N LEU B 153 -69.02 33.99 -32.79
CA LEU B 153 -68.49 32.95 -33.67
C LEU B 153 -66.98 32.92 -33.51
N TYR B 154 -66.45 31.80 -33.02
CA TYR B 154 -65.02 31.63 -32.75
C TYR B 154 -64.43 30.71 -33.80
N LEU B 155 -63.43 31.23 -34.54
CA LEU B 155 -62.75 30.44 -35.58
C LEU B 155 -61.23 30.55 -35.45
N ALA B 156 -60.73 30.92 -34.28
CA ALA B 156 -59.32 31.24 -34.13
C ALA B 156 -58.45 29.98 -34.06
N TRP B 157 -57.17 30.17 -34.35
CA TRP B 157 -56.14 29.16 -34.14
C TRP B 157 -56.33 27.94 -35.03
N ASN B 158 -56.53 28.17 -36.33
CA ASN B 158 -56.66 27.05 -37.27
C ASN B 158 -55.48 26.88 -38.22
N CYS B 159 -54.81 27.97 -38.62
CA CYS B 159 -53.55 27.93 -39.35
C CYS B 159 -52.64 29.02 -38.78
N TYR B 160 -51.53 28.61 -38.15
CA TYR B 160 -50.69 29.52 -37.39
C TYR B 160 -49.31 28.91 -37.24
N PHE B 161 -48.33 29.75 -36.97
CA PHE B 161 -46.96 29.33 -36.61
C PHE B 161 -46.42 28.47 -37.76
N ASN B 162 -45.74 27.36 -37.44
CA ASN B 162 -45.21 26.45 -38.44
C ASN B 162 -46.13 25.26 -38.70
N LYS B 163 -47.40 25.37 -38.32
CA LYS B 163 -48.36 24.31 -38.61
C LYS B 163 -48.52 24.16 -40.13
N VAL B 164 -48.50 22.91 -40.59
CA VAL B 164 -48.75 22.64 -42.01
C VAL B 164 -50.22 22.96 -42.27
N CYS B 165 -50.49 24.12 -42.87
CA CYS B 165 -51.87 24.56 -43.02
C CYS B 165 -52.05 25.14 -44.41
N GLU B 166 -53.20 25.78 -44.62
CA GLU B 166 -53.50 26.48 -45.85
C GLU B 166 -54.00 27.88 -45.51
N LYS B 167 -53.87 28.79 -46.46
CA LYS B 167 -54.33 30.15 -46.24
C LYS B 167 -55.85 30.16 -46.16
N THR B 168 -56.37 31.03 -45.29
CA THR B 168 -57.80 31.01 -44.97
C THR B 168 -58.60 31.67 -46.08
N ASN B 169 -59.45 30.88 -46.74
CA ASN B 169 -60.33 31.38 -47.79
C ASN B 169 -61.67 31.75 -47.16
N ILE B 170 -61.97 33.04 -47.12
CA ILE B 170 -63.23 33.54 -46.59
C ILE B 170 -64.11 33.91 -47.78
N GLU B 171 -65.19 33.15 -47.98
CA GLU B 171 -66.10 33.41 -49.09
C GLU B 171 -66.68 34.83 -48.96
N ASP B 172 -66.64 35.57 -50.07
CA ASP B 172 -67.00 36.98 -50.05
C ASP B 172 -68.42 37.18 -49.56
N GLY B 173 -68.57 37.94 -48.47
CA GLY B 173 -69.88 38.23 -47.93
C GLY B 173 -70.51 37.10 -47.15
N VAL B 174 -69.70 36.23 -46.54
CA VAL B 174 -70.29 35.13 -45.78
C VAL B 174 -70.83 35.61 -44.43
N PHE B 175 -70.21 36.62 -43.84
CA PHE B 175 -70.72 37.22 -42.62
C PHE B 175 -71.76 38.30 -42.88
N GLU B 176 -72.05 38.58 -44.16
CA GLU B 176 -73.03 39.60 -44.51
C GLU B 176 -74.43 39.24 -44.04
N THR B 177 -74.71 37.94 -43.85
CA THR B 177 -76.05 37.50 -43.49
C THR B 177 -76.30 37.49 -41.98
N LEU B 178 -75.25 37.45 -41.16
CA LEU B 178 -75.39 37.35 -39.72
C LEU B 178 -75.56 38.75 -39.14
N THR B 179 -76.77 39.28 -39.27
CA THR B 179 -77.07 40.63 -38.79
C THR B 179 -77.20 40.71 -37.27
N ASN B 180 -77.01 39.61 -36.55
CA ASN B 180 -77.02 39.60 -35.09
C ASN B 180 -75.65 39.25 -34.52
N LEU B 181 -74.62 39.17 -35.37
CA LEU B 181 -73.29 38.79 -34.91
C LEU B 181 -72.65 39.93 -34.12
N GLU B 182 -72.32 39.68 -32.87
CA GLU B 182 -71.71 40.68 -32.00
C GLU B 182 -70.23 40.44 -31.75
N LEU B 183 -69.76 39.20 -31.86
CA LEU B 183 -68.35 38.87 -31.66
C LEU B 183 -67.87 38.00 -32.81
N LEU B 184 -66.75 38.38 -33.42
CA LEU B 184 -66.10 37.58 -34.45
C LEU B 184 -64.61 37.55 -34.16
N SER B 185 -64.06 36.35 -34.00
CA SER B 185 -62.64 36.16 -33.72
C SER B 185 -62.05 35.26 -34.81
N LEU B 186 -61.22 35.85 -35.67
CA LEU B 186 -60.51 35.12 -36.71
C LEU B 186 -59.01 35.08 -36.46
N SER B 187 -58.60 35.28 -35.21
CA SER B 187 -57.19 35.43 -34.91
C SER B 187 -56.43 34.13 -35.18
N PHE B 188 -55.13 34.27 -35.44
CA PHE B 188 -54.23 33.14 -35.69
C PHE B 188 -54.72 32.28 -36.85
N ASN B 189 -55.16 32.97 -37.91
CA ASN B 189 -55.37 32.40 -39.23
C ASN B 189 -54.75 33.36 -40.24
N SER B 190 -54.27 32.83 -41.36
CA SER B 190 -53.68 33.69 -42.38
C SER B 190 -54.81 34.29 -43.22
N LEU B 191 -55.09 35.56 -42.99
CA LEU B 191 -56.16 36.26 -43.70
C LEU B 191 -55.66 37.25 -44.74
N SER B 192 -54.49 37.85 -44.53
CA SER B 192 -53.87 38.80 -45.45
C SER B 192 -54.64 40.12 -45.52
N HIS B 193 -55.96 40.07 -45.58
CA HIS B 193 -56.78 41.28 -45.63
C HIS B 193 -57.95 41.14 -44.67
N VAL B 194 -58.41 42.29 -44.16
CA VAL B 194 -59.64 42.31 -43.37
C VAL B 194 -60.79 41.82 -44.24
N PRO B 195 -61.60 40.88 -43.79
CA PRO B 195 -62.69 40.35 -44.62
C PRO B 195 -63.68 41.45 -44.98
N PRO B 196 -64.06 41.55 -46.25
CA PRO B 196 -65.07 42.54 -46.65
C PRO B 196 -66.46 42.11 -46.25
N LYS B 197 -67.36 43.10 -46.18
CA LYS B 197 -68.77 42.91 -45.87
C LYS B 197 -68.96 42.33 -44.47
N LEU B 198 -68.68 43.18 -43.49
CA LEU B 198 -68.94 42.72 -42.13
C LEU B 198 -70.23 43.32 -41.60
N PRO B 199 -71.01 42.55 -40.83
CA PRO B 199 -72.31 43.06 -40.35
C PRO B 199 -72.11 44.14 -39.30
N SER B 200 -72.87 45.23 -39.45
CA SER B 200 -72.75 46.37 -38.54
C SER B 200 -73.12 46.05 -37.10
N SER B 201 -73.63 44.85 -36.83
CA SER B 201 -73.93 44.43 -35.47
C SER B 201 -72.69 44.07 -34.68
N LEU B 202 -71.52 44.03 -35.32
CA LEU B 202 -70.29 43.62 -34.64
C LEU B 202 -69.94 44.59 -33.53
N ARG B 203 -69.66 44.04 -32.33
CA ARG B 203 -69.17 44.83 -31.22
C ARG B 203 -67.75 44.49 -30.81
N LYS B 204 -67.27 43.30 -31.12
CA LYS B 204 -65.89 42.90 -30.85
C LYS B 204 -65.34 42.16 -32.05
N LEU B 205 -64.17 42.59 -32.52
CA LEU B 205 -63.55 42.04 -33.73
C LEU B 205 -62.10 41.69 -33.41
N PHE B 206 -61.78 40.39 -33.47
CA PHE B 206 -60.44 39.89 -33.18
C PHE B 206 -59.80 39.44 -34.50
N LEU B 207 -58.74 40.13 -34.90
CA LEU B 207 -57.98 39.80 -36.10
C LEU B 207 -56.49 39.68 -35.78
N SER B 208 -56.18 39.09 -34.62
CA SER B 208 -54.79 39.01 -34.18
C SER B 208 -54.02 37.95 -34.95
N ASN B 209 -52.75 38.24 -35.22
CA ASN B 209 -51.86 37.29 -35.90
C ASN B 209 -52.50 36.75 -37.18
N THR B 210 -52.96 37.66 -38.03
CA THR B 210 -53.65 37.29 -39.26
C THR B 210 -52.88 37.67 -40.52
N GLN B 211 -51.64 38.12 -40.37
CA GLN B 211 -50.80 38.52 -41.50
C GLN B 211 -51.46 39.63 -42.32
N ILE B 212 -52.13 40.54 -41.64
CA ILE B 212 -52.79 41.69 -42.27
C ILE B 212 -51.83 42.87 -42.14
N LYS B 213 -51.16 43.21 -43.24
CA LYS B 213 -50.17 44.28 -43.21
C LYS B 213 -50.75 45.66 -43.42
N TYR B 214 -51.97 45.76 -43.94
CA TYR B 214 -52.54 47.05 -44.33
C TYR B 214 -53.98 47.16 -43.86
N ILE B 215 -54.31 48.31 -43.26
CA ILE B 215 -55.66 48.61 -42.80
C ILE B 215 -56.15 49.83 -43.56
N SER B 216 -57.11 49.63 -44.45
CA SER B 216 -57.65 50.71 -45.26
C SER B 216 -58.87 51.33 -44.58
N GLU B 217 -59.56 52.22 -45.29
CA GLU B 217 -60.71 52.91 -44.74
C GLU B 217 -61.99 52.08 -44.88
N GLU B 218 -62.12 51.34 -45.99
CA GLU B 218 -63.28 50.50 -46.19
C GLU B 218 -63.30 49.31 -45.24
N ASP B 219 -62.23 49.09 -44.47
CA ASP B 219 -62.11 47.85 -43.70
C ASP B 219 -63.10 47.82 -42.54
N PHE B 220 -63.25 48.94 -41.81
CA PHE B 220 -64.18 49.01 -40.69
C PHE B 220 -65.14 50.19 -40.81
N LYS B 221 -65.45 50.60 -42.05
CA LYS B 221 -66.25 51.82 -42.23
C LYS B 221 -67.67 51.64 -41.72
N GLY B 222 -68.25 50.44 -41.87
CA GLY B 222 -69.63 50.23 -41.52
C GLY B 222 -69.92 49.71 -40.13
N LEU B 223 -68.90 49.52 -39.30
CA LEU B 223 -69.09 48.94 -37.98
C LEU B 223 -69.10 50.05 -36.92
N ILE B 224 -70.20 50.82 -36.94
CA ILE B 224 -70.34 51.98 -36.06
C ILE B 224 -70.62 51.61 -34.62
N ASN B 225 -70.81 50.34 -34.30
CA ASN B 225 -71.10 49.90 -32.95
C ASN B 225 -70.00 48.98 -32.40
N LEU B 226 -68.77 49.13 -32.92
CA LEU B 226 -67.67 48.30 -32.47
C LEU B 226 -67.07 48.86 -31.18
N THR B 227 -66.88 47.99 -30.19
CA THR B 227 -66.29 48.40 -28.92
C THR B 227 -64.89 47.85 -28.68
N LEU B 228 -64.50 46.78 -29.35
CA LEU B 228 -63.16 46.24 -29.28
C LEU B 228 -62.66 45.91 -30.68
N LEU B 229 -61.43 46.31 -30.98
CA LEU B 229 -60.76 45.91 -32.22
C LEU B 229 -59.38 45.36 -31.85
N ASP B 230 -59.10 44.12 -32.25
CA ASP B 230 -57.84 43.46 -31.98
C ASP B 230 -57.10 43.29 -33.30
N LEU B 231 -56.02 44.07 -33.48
CA LEU B 231 -55.16 43.98 -34.66
C LEU B 231 -53.74 43.56 -34.30
N SER B 232 -53.56 42.95 -33.13
CA SER B 232 -52.23 42.63 -32.64
C SER B 232 -51.57 41.55 -33.49
N GLY B 233 -50.24 41.51 -33.43
CA GLY B 233 -49.49 40.47 -34.11
C GLY B 233 -49.39 40.58 -35.61
N ASN B 234 -49.87 41.68 -36.18
CA ASN B 234 -49.78 41.90 -37.62
C ASN B 234 -48.60 42.82 -37.90
N CYS B 235 -47.67 42.36 -38.75
CA CYS B 235 -46.33 42.93 -38.89
C CYS B 235 -45.68 42.93 -37.52
N PRO B 236 -45.45 41.75 -36.92
CA PRO B 236 -45.05 41.69 -35.51
C PRO B 236 -43.60 42.07 -35.29
N ARG B 237 -43.29 42.35 -34.02
CA ARG B 237 -41.92 42.54 -33.57
C ARG B 237 -41.39 41.16 -33.18
N CYS B 238 -40.42 40.65 -33.95
CA CYS B 238 -40.07 39.24 -33.89
C CYS B 238 -38.84 38.94 -33.04
N PHE B 239 -38.12 39.94 -32.55
CA PHE B 239 -36.93 39.67 -31.75
C PHE B 239 -37.32 39.02 -30.43
N ASN B 240 -36.63 37.92 -30.09
CA ASN B 240 -36.85 37.18 -28.86
C ASN B 240 -38.27 36.63 -28.75
N ALA B 241 -38.90 36.38 -29.90
CA ALA B 241 -40.26 35.86 -29.90
C ALA B 241 -40.27 34.43 -29.37
N PRO B 242 -41.16 34.10 -28.42
CA PRO B 242 -41.23 32.72 -27.92
C PRO B 242 -42.08 31.83 -28.82
N PHE B 243 -42.19 32.20 -30.09
CA PHE B 243 -42.97 31.45 -31.07
C PHE B 243 -42.40 31.73 -32.45
N PRO B 244 -42.72 30.88 -33.44
CA PRO B 244 -42.29 31.18 -34.82
C PRO B 244 -42.91 32.48 -35.33
N CYS B 245 -42.08 33.50 -35.51
CA CYS B 245 -42.52 34.86 -35.83
C CYS B 245 -42.03 35.25 -37.22
N VAL B 246 -42.94 35.73 -38.06
CA VAL B 246 -42.60 36.17 -39.42
C VAL B 246 -42.87 37.67 -39.53
N PRO B 247 -41.84 38.51 -39.58
CA PRO B 247 -42.06 39.95 -39.69
C PRO B 247 -42.41 40.35 -41.11
N CYS B 248 -43.12 41.48 -41.22
CA CYS B 248 -43.35 42.07 -42.53
C CYS B 248 -42.03 42.54 -43.13
N ASP B 249 -41.99 42.62 -44.46
CA ASP B 249 -40.75 42.85 -45.19
C ASP B 249 -39.97 44.04 -44.64
N GLY B 250 -38.76 43.76 -44.15
CA GLY B 250 -37.92 44.80 -43.58
C GLY B 250 -38.26 45.21 -42.18
N GLY B 251 -39.00 44.37 -41.44
CA GLY B 251 -39.42 44.75 -40.10
C GLY B 251 -40.30 45.98 -40.09
N ALA B 252 -41.15 46.14 -41.10
CA ALA B 252 -41.93 47.36 -41.26
C ALA B 252 -43.12 47.36 -40.31
N SER B 253 -43.58 48.57 -39.99
CA SER B 253 -44.77 48.72 -39.17
C SER B 253 -46.02 48.31 -39.93
N ILE B 254 -47.09 48.04 -39.19
CA ILE B 254 -48.38 47.85 -39.82
C ILE B 254 -48.80 49.17 -40.47
N ASN B 255 -49.50 49.07 -41.59
CA ASN B 255 -49.93 50.24 -42.35
C ASN B 255 -51.43 50.44 -42.11
N ILE B 256 -51.77 51.32 -41.18
CA ILE B 256 -53.15 51.69 -40.89
C ILE B 256 -53.37 53.10 -41.40
N ASP B 257 -54.40 53.28 -42.24
CA ASP B 257 -54.64 54.57 -42.86
C ASP B 257 -55.14 55.58 -41.82
N ARG B 258 -55.11 56.85 -42.23
CA ARG B 258 -55.43 57.94 -41.31
C ARG B 258 -56.90 57.94 -40.90
N PHE B 259 -57.80 57.52 -41.79
CA PHE B 259 -59.23 57.51 -41.50
C PHE B 259 -59.76 56.09 -41.28
N ALA B 260 -58.90 55.14 -40.92
CA ALA B 260 -59.35 53.77 -40.74
C ALA B 260 -60.25 53.60 -39.52
N PHE B 261 -60.13 54.49 -38.53
CA PHE B 261 -60.92 54.40 -37.31
C PHE B 261 -61.84 55.61 -37.13
N GLN B 262 -62.15 56.33 -38.21
CA GLN B 262 -62.91 57.57 -38.09
C GLN B 262 -64.35 57.32 -37.69
N ASN B 263 -64.94 56.19 -38.12
CA ASN B 263 -66.32 55.86 -37.81
C ASN B 263 -66.43 54.86 -36.66
N LEU B 264 -65.37 54.69 -35.88
CA LEU B 264 -65.38 53.79 -34.74
C LEU B 264 -65.50 54.57 -33.44
N THR B 265 -66.62 55.28 -33.25
CA THR B 265 -66.77 56.19 -32.12
C THR B 265 -67.07 55.47 -30.81
N GLN B 266 -67.49 54.21 -30.86
CA GLN B 266 -67.85 53.46 -29.66
C GLN B 266 -66.72 52.57 -29.16
N LEU B 267 -65.51 52.70 -29.71
CA LEU B 267 -64.43 51.79 -29.37
C LEU B 267 -63.93 52.05 -27.95
N ARG B 268 -63.88 50.98 -27.16
CA ARG B 268 -63.32 51.05 -25.81
C ARG B 268 -62.05 50.23 -25.65
N TYR B 269 -61.83 49.23 -26.49
CA TYR B 269 -60.65 48.36 -26.41
C TYR B 269 -59.96 48.34 -27.76
N LEU B 270 -58.69 48.75 -27.78
CA LEU B 270 -57.88 48.74 -28.99
C LEU B 270 -56.58 48.02 -28.70
N ASN B 271 -56.34 46.91 -29.40
CA ASN B 271 -55.13 46.10 -29.22
C ASN B 271 -54.25 46.26 -30.44
N LEU B 272 -53.12 46.95 -30.27
CA LEU B 272 -52.14 47.13 -31.32
C LEU B 272 -50.77 46.62 -30.89
N SER B 273 -50.75 45.59 -30.06
CA SER B 273 -49.49 45.02 -29.59
C SER B 273 -48.81 44.22 -30.70
N SER B 274 -47.48 44.31 -30.75
CA SER B 274 -46.67 43.59 -31.74
C SER B 274 -47.14 43.90 -33.16
N THR B 275 -47.20 45.19 -33.47
CA THR B 275 -47.38 45.66 -34.84
C THR B 275 -46.19 46.49 -35.30
N SER B 276 -45.09 46.46 -34.54
CA SER B 276 -43.85 47.14 -34.91
C SER B 276 -44.07 48.63 -35.16
N LEU B 277 -44.99 49.24 -34.43
CA LEU B 277 -45.26 50.66 -34.59
C LEU B 277 -44.07 51.47 -34.09
N ARG B 278 -43.62 52.42 -34.90
CA ARG B 278 -42.63 53.41 -34.48
C ARG B 278 -43.26 54.76 -34.17
N LYS B 279 -44.30 55.14 -34.92
CA LYS B 279 -45.00 56.40 -34.72
C LYS B 279 -46.49 56.14 -34.64
N ILE B 280 -47.17 56.91 -33.80
CA ILE B 280 -48.61 56.81 -33.61
C ILE B 280 -49.25 58.10 -34.12
N ASN B 281 -50.14 57.96 -35.11
CA ASN B 281 -50.89 59.11 -35.60
C ASN B 281 -51.95 59.50 -34.56
N ALA B 282 -51.80 60.68 -33.97
CA ALA B 282 -52.74 61.12 -32.95
C ALA B 282 -54.16 61.21 -33.49
N ALA B 283 -54.31 61.45 -34.79
CA ALA B 283 -55.62 61.54 -35.41
C ALA B 283 -56.35 60.20 -35.46
N TRP B 284 -55.64 59.09 -35.19
CA TRP B 284 -56.31 57.79 -35.13
C TRP B 284 -57.35 57.75 -34.03
N PHE B 285 -57.13 58.51 -32.95
CA PHE B 285 -57.99 58.48 -31.77
C PHE B 285 -58.97 59.64 -31.72
N LYS B 286 -59.03 60.43 -32.79
CA LYS B 286 -59.83 61.66 -32.80
C LYS B 286 -61.29 61.39 -32.49
N ASN B 287 -61.85 60.38 -33.14
CA ASN B 287 -63.25 60.05 -33.03
C ASN B 287 -63.47 58.79 -32.19
N MET B 288 -62.69 58.63 -31.12
CA MET B 288 -62.97 57.62 -30.10
C MET B 288 -62.64 58.20 -28.73
N PRO B 289 -63.41 59.19 -28.27
CA PRO B 289 -63.13 59.81 -26.97
C PRO B 289 -63.50 58.94 -25.78
N HIS B 290 -64.05 57.74 -26.01
CA HIS B 290 -64.41 56.82 -24.95
C HIS B 290 -63.43 55.65 -24.84
N LEU B 291 -62.30 55.70 -25.55
CA LEU B 291 -61.33 54.62 -25.50
C LEU B 291 -60.87 54.41 -24.06
N LYS B 292 -61.04 53.19 -23.56
CA LYS B 292 -60.72 52.85 -22.18
C LYS B 292 -59.41 52.09 -22.03
N VAL B 293 -59.14 51.14 -22.91
CA VAL B 293 -57.96 50.27 -22.81
C VAL B 293 -57.23 50.28 -24.14
N LEU B 294 -55.96 50.70 -24.11
CA LEU B 294 -55.11 50.74 -25.29
C LEU B 294 -53.89 49.87 -25.04
N ASP B 295 -53.71 48.86 -25.89
CA ASP B 295 -52.62 47.91 -25.76
C ASP B 295 -51.59 48.15 -26.85
N LEU B 296 -50.37 48.53 -26.45
CA LEU B 296 -49.30 48.86 -27.39
C LEU B 296 -48.02 48.12 -27.02
N GLU B 297 -48.14 46.87 -26.58
CA GLU B 297 -46.98 46.09 -26.20
C GLU B 297 -46.17 45.67 -27.43
N PHE B 298 -44.90 45.35 -27.19
CA PHE B 298 -44.03 44.72 -28.18
C PHE B 298 -43.97 45.54 -29.48
N ASN B 299 -43.74 46.84 -29.34
CA ASN B 299 -43.54 47.70 -30.50
C ASN B 299 -42.19 48.41 -30.37
N TYR B 300 -42.02 49.52 -31.09
CA TYR B 300 -40.81 50.32 -30.95
C TYR B 300 -41.18 51.75 -30.59
N LEU B 301 -41.79 51.94 -29.42
CA LEU B 301 -42.43 53.21 -29.06
C LEU B 301 -41.64 54.01 -28.05
N VAL B 302 -40.34 53.75 -27.90
CA VAL B 302 -39.53 54.55 -26.97
C VAL B 302 -39.56 56.01 -27.35
N GLY B 303 -39.56 56.30 -28.67
CA GLY B 303 -39.68 57.67 -29.11
C GLY B 303 -41.06 58.26 -28.83
N GLU B 304 -42.10 57.47 -29.07
CA GLU B 304 -43.46 57.97 -28.83
C GLU B 304 -43.76 58.09 -27.34
N ILE B 305 -43.09 57.32 -26.49
CA ILE B 305 -43.30 57.45 -25.06
C ILE B 305 -42.70 58.77 -24.56
N ALA B 306 -41.64 59.25 -25.21
CA ALA B 306 -40.99 60.49 -24.80
C ALA B 306 -41.59 61.73 -25.44
N SER B 307 -42.16 61.62 -26.64
CA SER B 307 -42.81 62.74 -27.31
C SER B 307 -44.32 62.57 -27.27
N GLY B 308 -44.87 61.68 -28.08
CA GLY B 308 -46.26 61.26 -27.97
C GLY B 308 -47.32 62.34 -28.06
N ALA B 309 -47.70 62.71 -29.28
CA ALA B 309 -48.84 63.60 -29.45
C ALA B 309 -50.15 62.87 -29.19
N PHE B 310 -50.18 61.56 -29.46
CA PHE B 310 -51.38 60.77 -29.22
C PHE B 310 -51.79 60.75 -27.75
N LEU B 311 -50.85 61.02 -26.85
CA LEU B 311 -51.16 61.03 -25.41
C LEU B 311 -52.14 62.12 -25.04
N THR B 312 -52.37 63.10 -25.93
CA THR B 312 -53.33 64.17 -25.69
C THR B 312 -54.71 63.84 -26.22
N MET B 313 -54.91 62.65 -26.79
CA MET B 313 -56.16 62.26 -27.41
C MET B 313 -56.87 61.14 -26.67
N LEU B 314 -56.44 60.84 -25.44
CA LEU B 314 -57.01 59.73 -24.66
C LEU B 314 -57.53 60.28 -23.33
N PRO B 315 -58.62 61.06 -23.37
CA PRO B 315 -59.11 61.68 -22.13
C PRO B 315 -59.81 60.72 -21.19
N ARG B 316 -60.34 59.60 -21.70
CA ARG B 316 -61.05 58.62 -20.88
C ARG B 316 -60.31 57.29 -20.79
N LEU B 317 -59.03 57.27 -21.16
CA LEU B 317 -58.27 56.03 -21.12
C LEU B 317 -57.97 55.63 -19.68
N GLU B 318 -58.29 54.38 -19.34
CA GLU B 318 -58.08 53.87 -17.99
C GLU B 318 -56.90 52.92 -17.87
N ILE B 319 -56.53 52.23 -18.94
CA ILE B 319 -55.46 51.24 -18.92
C ILE B 319 -54.58 51.45 -20.14
N LEU B 320 -53.28 51.67 -19.91
CA LEU B 320 -52.32 51.88 -20.98
C LEU B 320 -51.16 50.90 -20.78
N ASP B 321 -51.01 49.98 -21.73
CA ASP B 321 -49.95 48.96 -21.67
C ASP B 321 -48.94 49.25 -22.76
N LEU B 322 -47.76 49.76 -22.36
CA LEU B 322 -46.66 50.03 -23.28
C LEU B 322 -45.47 49.10 -23.00
N SER B 323 -45.75 47.87 -22.59
CA SER B 323 -44.70 46.99 -22.12
C SER B 323 -43.88 46.43 -23.28
N PHE B 324 -42.61 46.14 -22.99
CA PHE B 324 -41.70 45.49 -23.93
C PHE B 324 -41.54 46.29 -25.22
N ASN B 325 -41.25 47.59 -25.05
CA ASN B 325 -40.87 48.45 -26.16
C ASN B 325 -39.38 48.75 -26.16
N TYR B 326 -38.59 47.95 -25.43
CA TYR B 326 -37.18 48.22 -25.26
C TYR B 326 -36.46 48.25 -26.60
N ILE B 327 -35.43 49.09 -26.68
CA ILE B 327 -34.53 49.10 -27.83
C ILE B 327 -33.47 48.04 -27.60
N LYS B 328 -33.37 47.09 -28.54
CA LYS B 328 -32.42 45.99 -28.39
C LYS B 328 -31.00 46.51 -28.25
N GLY B 329 -30.29 46.02 -27.25
CA GLY B 329 -28.92 46.44 -27.01
C GLY B 329 -28.78 47.80 -26.36
N SER B 330 -29.85 48.33 -25.79
CA SER B 330 -29.84 49.66 -25.18
C SER B 330 -30.21 49.56 -23.71
N TYR B 331 -29.44 50.27 -22.88
CA TYR B 331 -29.63 50.26 -21.42
C TYR B 331 -29.56 51.70 -20.92
N PRO B 332 -30.55 52.52 -21.25
CA PRO B 332 -30.46 53.95 -20.91
C PRO B 332 -30.46 54.18 -19.40
N GLN B 333 -29.90 55.32 -19.01
CA GLN B 333 -29.81 55.65 -17.60
C GLN B 333 -31.18 55.88 -16.98
N HIS B 334 -32.08 56.53 -17.70
CA HIS B 334 -33.39 56.88 -17.17
C HIS B 334 -34.47 56.58 -18.19
N ILE B 335 -35.70 56.51 -17.69
CA ILE B 335 -36.88 56.39 -18.55
C ILE B 335 -37.35 57.80 -18.91
N ASN B 336 -37.66 58.01 -20.19
CA ASN B 336 -38.04 59.32 -20.70
C ASN B 336 -39.55 59.32 -20.92
N ILE B 337 -40.28 59.90 -19.96
CA ILE B 337 -41.73 59.93 -19.99
C ILE B 337 -42.17 61.33 -20.44
N SER B 338 -42.97 61.38 -21.49
CA SER B 338 -43.47 62.65 -21.99
C SER B 338 -44.33 63.33 -20.94
N ARG B 339 -44.27 64.66 -20.89
CA ARG B 339 -45.16 65.39 -19.99
C ARG B 339 -46.59 65.42 -20.50
N ASN B 340 -46.83 65.02 -21.75
CA ASN B 340 -48.19 64.82 -22.24
C ASN B 340 -48.87 63.64 -21.57
N PHE B 341 -48.15 62.83 -20.80
CA PHE B 341 -48.77 61.79 -20.00
C PHE B 341 -49.73 62.38 -18.98
N SER B 342 -49.49 63.63 -18.55
CA SER B 342 -50.38 64.31 -17.62
C SER B 342 -51.74 64.62 -18.21
N LYS B 343 -51.94 64.41 -19.50
CA LYS B 343 -53.24 64.58 -20.13
C LYS B 343 -54.14 63.36 -19.98
N LEU B 344 -53.62 62.26 -19.42
CA LEU B 344 -54.40 61.04 -19.22
C LEU B 344 -55.08 61.10 -17.84
N LEU B 345 -56.09 61.96 -17.74
CA LEU B 345 -56.72 62.25 -16.46
C LEU B 345 -57.53 61.09 -15.92
N SER B 346 -57.95 60.16 -16.78
CA SER B 346 -58.75 59.02 -16.35
C SER B 346 -57.91 57.75 -16.18
N LEU B 347 -56.59 57.86 -16.23
CA LEU B 347 -55.72 56.68 -16.22
C LEU B 347 -55.76 56.00 -14.85
N ARG B 348 -55.99 54.69 -14.86
CA ARG B 348 -55.99 53.90 -13.63
C ARG B 348 -54.76 53.00 -13.49
N ALA B 349 -54.26 52.46 -14.60
CA ALA B 349 -53.13 51.54 -14.56
C ALA B 349 -52.18 51.83 -15.71
N LEU B 350 -50.89 51.95 -15.40
CA LEU B 350 -49.84 52.18 -16.39
C LEU B 350 -48.86 51.01 -16.33
N HIS B 351 -48.80 50.23 -17.40
CA HIS B 351 -47.90 49.08 -17.50
C HIS B 351 -46.71 49.46 -18.36
N LEU B 352 -45.53 49.53 -17.73
CA LEU B 352 -44.30 49.90 -18.41
C LEU B 352 -43.22 48.84 -18.19
N ARG B 353 -43.58 47.59 -18.39
CA ARG B 353 -42.62 46.51 -18.30
C ARG B 353 -41.71 46.51 -19.53
N GLY B 354 -40.52 45.93 -19.37
CA GLY B 354 -39.62 45.74 -20.50
C GLY B 354 -39.23 47.00 -21.24
N TYR B 355 -39.14 48.13 -20.53
CA TYR B 355 -38.54 49.32 -21.13
C TYR B 355 -37.03 49.26 -21.04
N VAL B 356 -36.52 48.70 -19.94
CA VAL B 356 -35.09 48.50 -19.69
C VAL B 356 -34.39 49.84 -19.51
N PHE B 357 -34.14 50.20 -18.25
CA PHE B 357 -33.40 51.41 -17.93
C PHE B 357 -32.80 51.26 -16.54
N GLN B 358 -31.76 52.03 -16.27
CA GLN B 358 -30.94 51.80 -15.09
C GLN B 358 -31.52 52.44 -13.83
N GLU B 359 -32.07 53.64 -13.94
CA GLU B 359 -32.34 54.48 -12.78
C GLU B 359 -33.72 55.09 -12.86
N LEU B 360 -34.38 55.18 -11.71
CA LEU B 360 -35.68 55.84 -11.58
C LEU B 360 -35.53 57.00 -10.61
N ARG B 361 -35.55 58.22 -11.15
CA ARG B 361 -35.50 59.44 -10.34
C ARG B 361 -36.90 60.03 -10.20
N GLU B 362 -37.07 60.84 -9.15
CA GLU B 362 -38.38 61.43 -8.90
C GLU B 362 -38.77 62.44 -9.98
N ASP B 363 -37.79 63.05 -10.65
CA ASP B 363 -38.10 63.97 -11.73
C ASP B 363 -38.64 63.28 -12.96
N ASP B 364 -38.43 61.96 -13.08
CA ASP B 364 -38.81 61.24 -14.29
C ASP B 364 -40.29 60.85 -14.32
N PHE B 365 -40.96 60.85 -13.17
CA PHE B 365 -42.38 60.49 -13.11
C PHE B 365 -43.26 61.68 -12.75
N GLN B 366 -42.73 62.90 -12.83
CA GLN B 366 -43.54 64.09 -12.60
C GLN B 366 -44.77 64.19 -13.49
N PRO B 367 -44.74 63.81 -14.78
CA PRO B 367 -45.98 63.85 -15.58
C PRO B 367 -47.10 62.99 -15.03
N LEU B 368 -46.83 62.04 -14.13
CA LEU B 368 -47.85 61.14 -13.63
C LEU B 368 -48.40 61.54 -12.27
N MET B 369 -47.72 62.42 -11.54
CA MET B 369 -47.99 62.64 -10.13
C MET B 369 -49.25 63.46 -9.85
N GLN B 370 -49.94 63.94 -10.87
CA GLN B 370 -51.17 64.68 -10.67
C GLN B 370 -52.40 63.98 -11.25
N LEU B 371 -52.24 62.79 -11.82
CA LEU B 371 -53.39 62.04 -12.29
C LEU B 371 -54.21 61.58 -11.09
N PRO B 372 -55.52 61.84 -11.08
CA PRO B 372 -56.31 61.57 -9.86
C PRO B 372 -56.54 60.10 -9.59
N ASN B 373 -56.67 59.27 -10.63
CA ASN B 373 -57.13 57.89 -10.47
C ASN B 373 -56.05 56.85 -10.78
N LEU B 374 -54.79 57.26 -10.83
CA LEU B 374 -53.70 56.34 -11.15
C LEU B 374 -53.39 55.51 -9.91
N SER B 375 -53.84 54.25 -9.91
CA SER B 375 -53.65 53.38 -8.75
C SER B 375 -52.56 52.33 -8.96
N THR B 376 -52.38 51.83 -10.17
CA THR B 376 -51.40 50.78 -10.45
C THR B 376 -50.33 51.30 -11.39
N ILE B 377 -49.08 51.16 -10.98
CA ILE B 377 -47.92 51.42 -11.84
C ILE B 377 -47.10 50.13 -11.88
N ASN B 378 -46.89 49.60 -13.08
CA ASN B 378 -46.25 48.31 -13.30
C ASN B 378 -44.91 48.56 -13.99
N LEU B 379 -43.82 48.35 -13.26
CA LEU B 379 -42.47 48.56 -13.77
C LEU B 379 -41.64 47.28 -13.72
N GLY B 380 -42.29 46.13 -13.85
CA GLY B 380 -41.57 44.88 -13.80
C GLY B 380 -40.68 44.65 -15.00
N ILE B 381 -39.67 43.80 -14.82
CA ILE B 381 -38.75 43.39 -15.87
C ILE B 381 -38.16 44.59 -16.58
N ASN B 382 -37.44 45.43 -15.84
CA ASN B 382 -36.76 46.59 -16.43
C ASN B 382 -35.29 46.65 -16.07
N PHE B 383 -34.79 45.70 -15.27
CA PHE B 383 -33.40 45.68 -14.82
C PHE B 383 -33.00 46.99 -14.14
N ILE B 384 -33.96 47.62 -13.46
CA ILE B 384 -33.68 48.84 -12.72
C ILE B 384 -32.74 48.52 -11.57
N LYS B 385 -31.67 49.31 -11.44
CA LYS B 385 -30.69 49.09 -10.39
C LYS B 385 -30.92 49.96 -9.16
N GLN B 386 -31.44 51.17 -9.33
CA GLN B 386 -31.68 52.07 -8.20
C GLN B 386 -32.99 52.83 -8.40
N ILE B 387 -33.72 53.01 -7.31
CA ILE B 387 -35.00 53.73 -7.33
C ILE B 387 -35.02 54.68 -6.14
N ASP B 388 -35.35 55.95 -6.40
CA ASP B 388 -35.55 56.94 -5.35
C ASP B 388 -36.99 56.80 -4.87
N PHE B 389 -37.18 56.04 -3.79
CA PHE B 389 -38.52 55.67 -3.34
C PHE B 389 -39.36 56.84 -2.87
N LYS B 390 -38.78 58.03 -2.74
CA LYS B 390 -39.56 59.19 -2.30
C LYS B 390 -40.50 59.71 -3.38
N LEU B 391 -40.34 59.27 -4.63
CA LEU B 391 -41.22 59.75 -5.70
C LEU B 391 -42.63 59.20 -5.59
N PHE B 392 -42.80 58.05 -4.92
CA PHE B 392 -44.13 57.46 -4.81
C PHE B 392 -45.02 58.20 -3.82
N GLN B 393 -44.42 59.01 -2.93
CA GLN B 393 -45.22 59.79 -2.00
C GLN B 393 -45.93 60.94 -2.69
N ASN B 394 -45.36 61.46 -3.78
CA ASN B 394 -45.94 62.59 -4.49
C ASN B 394 -47.15 62.21 -5.34
N PHE B 395 -47.39 60.93 -5.56
CA PHE B 395 -48.56 60.51 -6.32
C PHE B 395 -49.83 60.72 -5.50
N SER B 396 -50.92 60.98 -6.21
CA SER B 396 -52.19 61.28 -5.54
C SER B 396 -52.67 60.09 -4.71
N ASN B 397 -52.78 58.92 -5.33
CA ASN B 397 -53.26 57.74 -4.63
C ASN B 397 -52.81 56.46 -5.33
N LEU B 398 -51.54 56.10 -5.18
CA LEU B 398 -51.04 54.83 -5.68
C LEU B 398 -51.42 53.71 -4.73
N GLU B 399 -52.00 52.64 -5.27
CA GLU B 399 -52.37 51.48 -4.48
C GLU B 399 -51.51 50.26 -4.77
N ILE B 400 -50.91 50.17 -5.96
CA ILE B 400 -50.06 49.04 -6.34
C ILE B 400 -48.79 49.59 -6.97
N ILE B 401 -47.66 49.35 -6.31
CA ILE B 401 -46.35 49.71 -6.84
C ILE B 401 -45.65 48.39 -7.18
N TYR B 402 -45.73 48.00 -8.46
CA TYR B 402 -45.19 46.72 -8.91
C TYR B 402 -43.78 46.93 -9.44
N LEU B 403 -42.79 46.57 -8.63
CA LEU B 403 -41.38 46.66 -9.03
C LEU B 403 -40.72 45.28 -9.04
N SER B 404 -41.51 44.23 -9.21
CA SER B 404 -40.98 42.87 -9.21
C SER B 404 -40.06 42.65 -10.40
N GLU B 405 -39.07 41.77 -10.20
CA GLU B 405 -38.15 41.31 -11.24
C GLU B 405 -37.37 42.50 -11.84
N ASN B 406 -36.48 43.04 -11.02
CA ASN B 406 -35.54 44.04 -11.49
C ASN B 406 -34.15 43.72 -10.94
N ARG B 407 -33.31 44.73 -10.75
CA ARG B 407 -31.97 44.55 -10.23
C ARG B 407 -31.72 45.47 -9.05
N ILE B 408 -32.74 45.69 -8.23
CA ILE B 408 -32.60 46.55 -7.06
C ILE B 408 -31.74 45.85 -6.02
N SER B 409 -30.80 46.60 -5.44
CA SER B 409 -29.84 46.10 -4.47
C SER B 409 -29.91 46.97 -3.23
N PRO B 410 -29.31 46.53 -2.12
CA PRO B 410 -29.45 47.26 -0.86
C PRO B 410 -29.03 48.73 -0.98
N LEU B 411 -29.86 49.60 -0.42
CA LEU B 411 -29.59 51.04 -0.41
C LEU B 411 -28.42 51.38 0.50
N PHE B 437 -50.95 22.27 -27.93
CA PHE B 437 -50.57 23.66 -28.09
C PHE B 437 -50.19 24.28 -26.75
N GLU B 438 -49.14 25.10 -26.76
CA GLU B 438 -48.59 25.67 -25.53
C GLU B 438 -49.23 27.01 -25.16
N PHE B 439 -50.06 27.58 -26.02
CA PHE B 439 -50.74 28.84 -25.73
C PHE B 439 -52.23 28.60 -25.58
N ASP B 440 -52.79 29.09 -24.48
CA ASP B 440 -54.22 28.99 -24.25
C ASP B 440 -54.95 29.86 -25.25
N PRO B 441 -55.78 29.29 -26.13
CA PRO B 441 -56.53 30.11 -27.09
C PRO B 441 -57.61 30.98 -26.47
N HIS B 442 -57.73 30.98 -25.14
CA HIS B 442 -58.74 31.79 -24.45
C HIS B 442 -58.12 32.81 -23.50
N SER B 443 -56.81 32.99 -23.54
CA SER B 443 -56.13 33.95 -22.70
C SER B 443 -55.45 35.01 -23.55
N ASN B 444 -55.08 36.12 -22.92
CA ASN B 444 -54.29 37.14 -23.59
C ASN B 444 -52.96 36.55 -24.03
N PHE B 445 -52.57 36.86 -25.27
CA PHE B 445 -51.39 36.26 -25.87
C PHE B 445 -50.10 36.98 -25.52
N TYR B 446 -50.17 38.24 -25.08
CA TYR B 446 -48.98 39.07 -24.90
C TYR B 446 -48.67 39.39 -23.45
N HIS B 447 -49.52 38.99 -22.51
CA HIS B 447 -49.22 39.15 -21.09
C HIS B 447 -50.18 38.29 -20.28
N PHE B 448 -49.75 37.93 -19.07
CA PHE B 448 -50.61 37.21 -18.16
C PHE B 448 -51.63 38.16 -17.54
N THR B 449 -52.86 37.67 -17.37
CA THR B 449 -53.96 38.46 -16.81
C THR B 449 -54.13 38.26 -15.31
N ARG B 450 -53.21 37.52 -14.68
CA ARG B 450 -53.23 37.36 -13.24
C ARG B 450 -53.08 38.72 -12.55
N PRO B 451 -53.67 38.89 -11.37
CA PRO B 451 -53.41 40.11 -10.60
C PRO B 451 -51.93 40.27 -10.29
N LEU B 452 -51.46 41.52 -10.29
CA LEU B 452 -50.07 41.78 -10.00
C LEU B 452 -49.71 41.41 -8.58
N ILE B 453 -50.55 41.79 -7.62
CA ILE B 453 -50.42 41.39 -6.23
C ILE B 453 -51.56 40.45 -5.91
N LYS B 454 -51.30 39.46 -5.06
CA LYS B 454 -52.35 38.56 -4.64
C LYS B 454 -53.43 39.37 -3.91
N PRO B 455 -54.71 39.11 -4.20
CA PRO B 455 -55.78 39.96 -3.64
C PRO B 455 -55.83 39.95 -2.12
N GLN B 456 -55.48 38.84 -1.47
CA GLN B 456 -55.52 38.78 -0.01
C GLN B 456 -54.56 39.77 0.61
N CYS B 457 -53.50 40.15 -0.10
CA CYS B 457 -52.52 41.12 0.35
C CYS B 457 -52.92 42.55 0.01
N ALA B 458 -53.30 42.77 -1.26
CA ALA B 458 -53.71 44.09 -1.70
C ALA B 458 -54.94 44.61 -0.97
N ALA B 459 -55.77 43.72 -0.44
CA ALA B 459 -56.99 44.15 0.25
C ALA B 459 -56.67 44.98 1.49
N TYR B 460 -55.49 44.77 2.09
CA TYR B 460 -55.15 45.48 3.31
C TYR B 460 -54.80 46.94 3.07
N GLY B 461 -54.45 47.31 1.85
CA GLY B 461 -54.17 48.70 1.53
C GLY B 461 -53.09 48.81 0.46
N LYS B 462 -52.25 49.84 0.62
CA LYS B 462 -51.19 50.11 -0.35
C LYS B 462 -50.19 48.96 -0.39
N ALA B 463 -49.85 48.53 -1.60
CA ALA B 463 -48.99 47.37 -1.81
C ALA B 463 -47.71 47.78 -2.52
N LEU B 464 -46.59 47.20 -2.09
CA LEU B 464 -45.29 47.41 -2.71
C LEU B 464 -44.66 46.05 -2.97
N ASP B 465 -44.45 45.73 -4.24
CA ASP B 465 -43.88 44.45 -4.65
C ASP B 465 -42.44 44.67 -5.07
N LEU B 466 -41.50 44.25 -4.22
CA LEU B 466 -40.07 44.29 -4.53
C LEU B 466 -39.50 42.90 -4.75
N SER B 467 -40.34 41.93 -5.09
CA SER B 467 -39.90 40.54 -5.20
C SER B 467 -38.95 40.36 -6.38
N LEU B 468 -38.20 39.25 -6.33
CA LEU B 468 -37.31 38.84 -7.41
C LEU B 468 -36.28 39.91 -7.74
N ASN B 469 -35.70 40.50 -6.69
CA ASN B 469 -34.57 41.41 -6.84
C ASN B 469 -33.37 40.83 -6.10
N SER B 470 -32.46 41.69 -5.65
CA SER B 470 -31.29 41.24 -4.91
C SER B 470 -31.07 42.07 -3.65
N ILE B 471 -32.15 42.50 -3.01
CA ILE B 471 -32.07 43.16 -1.71
C ILE B 471 -31.75 42.10 -0.67
N PHE B 472 -30.49 41.64 -0.64
CA PHE B 472 -30.11 40.53 0.21
C PHE B 472 -29.94 40.92 1.67
N PHE B 473 -29.98 42.22 1.99
CA PHE B 473 -30.12 42.67 3.37
C PHE B 473 -30.81 44.02 3.35
N ILE B 474 -31.44 44.35 4.47
CA ILE B 474 -32.23 45.57 4.60
C ILE B 474 -31.47 46.54 5.49
N GLY B 475 -31.01 47.65 4.92
CA GLY B 475 -30.30 48.66 5.66
C GLY B 475 -31.23 49.48 6.52
N PRO B 476 -30.65 50.38 7.33
CA PRO B 476 -31.48 51.20 8.24
C PRO B 476 -32.36 52.21 7.53
N ASN B 477 -32.17 52.45 6.23
CA ASN B 477 -32.95 53.44 5.50
C ASN B 477 -33.49 52.90 4.18
N GLN B 478 -33.64 51.58 4.07
CA GLN B 478 -34.11 50.99 2.82
C GLN B 478 -35.52 51.44 2.49
N PHE B 479 -36.36 51.68 3.49
CA PHE B 479 -37.77 51.96 3.27
C PHE B 479 -38.19 53.36 3.72
N GLU B 480 -37.25 54.30 3.79
CA GLU B 480 -37.59 55.66 4.13
C GLU B 480 -38.32 56.35 2.98
N ASN B 481 -39.15 57.34 3.33
CA ASN B 481 -39.92 58.13 2.36
C ASN B 481 -40.94 57.29 1.61
N LEU B 482 -41.38 56.19 2.20
CA LEU B 482 -42.36 55.35 1.53
C LEU B 482 -43.77 55.69 1.97
N PRO B 483 -44.78 55.39 1.16
CA PRO B 483 -46.16 55.54 1.61
C PRO B 483 -46.47 54.57 2.75
N ASP B 484 -47.67 54.72 3.30
CA ASP B 484 -48.14 53.86 4.39
C ASP B 484 -48.44 52.47 3.80
N ILE B 485 -47.37 51.69 3.62
CA ILE B 485 -47.48 50.38 2.99
C ILE B 485 -48.20 49.43 3.92
N ALA B 486 -49.26 48.78 3.41
CA ALA B 486 -49.96 47.75 4.16
C ALA B 486 -49.61 46.34 3.69
N CYS B 487 -49.05 46.21 2.48
CA CYS B 487 -48.78 44.92 1.87
C CYS B 487 -47.43 44.98 1.21
N LEU B 488 -46.47 44.19 1.72
CA LEU B 488 -45.10 44.24 1.25
C LEU B 488 -44.66 42.85 0.79
N ASN B 489 -44.16 42.78 -0.44
CA ASN B 489 -43.64 41.54 -1.03
C ASN B 489 -42.12 41.69 -1.19
N LEU B 490 -41.37 40.99 -0.35
CA LEU B 490 -39.92 40.94 -0.44
C LEU B 490 -39.43 39.54 -0.82
N SER B 491 -40.28 38.76 -1.47
CA SER B 491 -39.97 37.36 -1.74
C SER B 491 -38.89 37.22 -2.80
N ALA B 492 -38.10 36.14 -2.68
CA ALA B 492 -37.08 35.79 -3.67
C ALA B 492 -36.05 36.91 -3.85
N ASN B 493 -35.57 37.44 -2.74
CA ASN B 493 -34.50 38.42 -2.75
C ASN B 493 -33.19 37.87 -2.21
N SER B 494 -33.15 36.58 -1.87
CA SER B 494 -31.98 35.94 -1.30
C SER B 494 -31.48 36.70 -0.07
N ASN B 495 -32.43 37.14 0.76
CA ASN B 495 -32.13 37.92 1.94
C ASN B 495 -31.65 36.99 3.05
N ALA B 496 -30.46 37.24 3.59
CA ALA B 496 -29.86 36.42 4.64
C ALA B 496 -29.72 37.19 5.94
N GLN B 497 -30.57 38.19 6.15
CA GLN B 497 -30.42 39.10 7.28
C GLN B 497 -31.00 38.50 8.55
N VAL B 498 -30.42 38.92 9.68
CA VAL B 498 -30.99 38.62 11.00
C VAL B 498 -31.95 39.77 11.33
N LEU B 499 -33.23 39.56 11.06
CA LEU B 499 -34.23 40.55 11.42
C LEU B 499 -34.24 40.75 12.93
N SER B 500 -34.28 42.01 13.36
CA SER B 500 -34.08 42.32 14.77
C SER B 500 -35.03 43.38 15.33
N GLY B 501 -36.01 43.83 14.56
CA GLY B 501 -37.05 44.71 15.09
C GLY B 501 -36.98 46.16 14.63
N THR B 502 -36.03 46.52 13.75
CA THR B 502 -35.93 47.89 13.27
C THR B 502 -35.94 48.00 11.76
N GLU B 503 -35.98 46.89 11.03
CA GLU B 503 -35.85 46.94 9.57
C GLU B 503 -37.08 47.55 8.91
N PHE B 504 -38.26 47.40 9.51
CA PHE B 504 -39.51 47.87 8.93
C PHE B 504 -40.10 49.04 9.70
N SER B 505 -39.28 49.80 10.43
CA SER B 505 -39.81 50.89 11.25
C SER B 505 -40.42 51.99 10.39
N ALA B 506 -39.83 52.25 9.22
CA ALA B 506 -40.34 53.31 8.35
C ALA B 506 -41.70 52.98 7.76
N ILE B 507 -42.10 51.71 7.76
CA ILE B 507 -43.41 51.30 7.28
C ILE B 507 -44.04 50.38 8.33
N PRO B 508 -44.42 50.89 9.49
CA PRO B 508 -44.78 50.02 10.62
C PRO B 508 -46.19 49.45 10.55
N HIS B 509 -46.98 49.78 9.54
CA HIS B 509 -48.37 49.34 9.45
C HIS B 509 -48.58 48.24 8.42
N VAL B 510 -47.52 47.46 8.15
CA VAL B 510 -47.66 46.33 7.24
C VAL B 510 -48.52 45.26 7.91
N LYS B 511 -49.56 44.81 7.21
CA LYS B 511 -50.44 43.76 7.71
C LYS B 511 -50.17 42.40 7.06
N TYR B 512 -49.58 42.39 5.87
CA TYR B 512 -49.31 41.16 5.12
C TYR B 512 -47.87 41.26 4.61
N LEU B 513 -47.00 40.39 5.11
CA LEU B 513 -45.58 40.42 4.79
C LEU B 513 -45.20 39.13 4.09
N ASP B 514 -44.77 39.23 2.84
CA ASP B 514 -44.30 38.10 2.05
C ASP B 514 -42.78 38.08 2.10
N LEU B 515 -42.21 37.10 2.79
CA LEU B 515 -40.76 36.91 2.86
C LEU B 515 -40.35 35.55 2.33
N THR B 516 -41.14 35.00 1.41
CA THR B 516 -40.87 33.65 0.93
C THR B 516 -39.63 33.62 0.05
N ASN B 517 -39.08 32.41 -0.09
CA ASN B 517 -37.98 32.14 -1.02
C ASN B 517 -36.77 33.03 -0.75
N ASN B 518 -36.43 33.19 0.53
CA ASN B 518 -35.22 33.89 0.94
C ASN B 518 -34.33 32.91 1.72
N ARG B 519 -33.31 33.44 2.36
CA ARG B 519 -32.41 32.66 3.22
C ARG B 519 -32.30 33.32 4.58
N LEU B 520 -33.45 33.65 5.17
CA LEU B 520 -33.48 34.43 6.40
C LEU B 520 -32.78 33.69 7.54
N ASP B 521 -32.18 34.48 8.43
CA ASP B 521 -31.35 33.99 9.53
C ASP B 521 -32.00 34.41 10.83
N PHE B 522 -32.72 33.48 11.46
CA PHE B 522 -33.53 33.80 12.64
C PHE B 522 -32.71 33.61 13.91
N ASP B 523 -31.98 34.66 14.26
CA ASP B 523 -31.12 34.68 15.43
C ASP B 523 -31.47 35.82 16.38
N ASN B 524 -32.70 36.32 16.33
CA ASN B 524 -33.10 37.43 17.18
C ASN B 524 -34.56 37.28 17.57
N ALA B 525 -34.84 37.38 18.86
CA ALA B 525 -36.18 37.20 19.39
C ALA B 525 -37.10 38.38 19.12
N SER B 526 -36.56 39.53 18.72
CA SER B 526 -37.35 40.72 18.43
C SER B 526 -37.62 40.89 16.94
N ALA B 527 -37.36 39.86 16.13
CA ALA B 527 -37.55 39.96 14.69
C ALA B 527 -38.99 40.30 14.35
N LEU B 528 -39.17 41.30 13.50
CA LEU B 528 -40.46 41.73 12.96
C LEU B 528 -41.41 42.26 14.01
N THR B 529 -40.95 42.45 15.25
CA THR B 529 -41.84 42.90 16.32
C THR B 529 -42.27 44.35 16.17
N GLU B 530 -41.62 45.13 15.31
CA GLU B 530 -42.05 46.50 15.06
C GLU B 530 -43.31 46.59 14.22
N LEU B 531 -43.70 45.51 13.55
CA LEU B 531 -44.94 45.47 12.77
C LEU B 531 -46.05 45.01 13.70
N SER B 532 -46.56 45.96 14.50
CA SER B 532 -47.51 45.62 15.54
C SER B 532 -48.85 45.15 14.98
N ASP B 533 -49.23 45.63 13.79
CA ASP B 533 -50.51 45.28 13.18
C ASP B 533 -50.39 44.13 12.19
N LEU B 534 -49.27 43.42 12.19
CA LEU B 534 -49.06 42.33 11.25
C LEU B 534 -50.08 41.22 11.46
N GLU B 535 -50.77 40.84 10.39
CA GLU B 535 -51.80 39.82 10.43
C GLU B 535 -51.47 38.57 9.64
N VAL B 536 -50.72 38.69 8.54
CA VAL B 536 -50.33 37.55 7.72
C VAL B 536 -48.83 37.62 7.50
N LEU B 537 -48.12 36.57 7.89
CA LEU B 537 -46.67 36.46 7.71
C LEU B 537 -46.38 35.18 6.94
N ASP B 538 -45.78 35.32 5.77
CA ASP B 538 -45.42 34.17 4.93
C ASP B 538 -43.91 34.02 4.93
N LEU B 539 -43.43 32.94 5.53
CA LEU B 539 -42.00 32.63 5.61
C LEU B 539 -41.67 31.33 4.89
N SER B 540 -42.39 31.04 3.81
CA SER B 540 -42.16 29.82 3.06
C SER B 540 -40.79 29.84 2.39
N TYR B 541 -40.21 28.66 2.24
CA TYR B 541 -38.97 28.46 1.49
C TYR B 541 -37.84 29.36 2.00
N ASN B 542 -37.54 29.22 3.29
CA ASN B 542 -36.41 29.87 3.94
C ASN B 542 -35.55 28.85 4.64
N SER B 543 -35.39 27.67 4.03
CA SER B 543 -34.75 26.52 4.66
C SER B 543 -33.23 26.65 4.73
N HIS B 544 -32.64 27.66 4.09
CA HIS B 544 -31.19 27.76 3.97
C HIS B 544 -30.49 27.57 5.30
N TYR B 545 -30.85 28.38 6.31
CA TYR B 545 -30.20 28.28 7.60
C TYR B 545 -30.89 27.30 8.55
N PHE B 546 -32.15 26.94 8.28
CA PHE B 546 -32.83 25.97 9.13
C PHE B 546 -32.20 24.59 9.02
N ARG B 547 -31.69 24.22 7.84
CA ARG B 547 -31.12 22.90 7.65
C ARG B 547 -29.74 22.75 8.27
N ILE B 548 -29.10 23.85 8.65
CA ILE B 548 -27.79 23.79 9.29
C ILE B 548 -28.00 23.67 10.80
N ALA B 549 -27.60 22.53 11.37
CA ALA B 549 -27.82 22.29 12.79
C ALA B 549 -26.94 23.19 13.65
N GLY B 550 -25.79 23.61 13.14
CA GLY B 550 -24.82 24.33 13.95
C GLY B 550 -25.14 25.78 14.23
N VAL B 551 -26.01 26.40 13.42
CA VAL B 551 -26.40 27.78 13.64
C VAL B 551 -27.69 27.82 14.43
N THR B 552 -27.99 28.99 14.99
CA THR B 552 -29.16 29.15 15.83
C THR B 552 -30.41 29.39 15.00
N HIS B 553 -31.55 28.99 15.56
CA HIS B 553 -32.86 29.22 14.94
C HIS B 553 -33.83 29.65 16.03
N HIS B 554 -34.22 30.92 16.01
CA HIS B 554 -35.07 31.50 17.05
C HIS B 554 -36.41 31.88 16.44
N LEU B 555 -37.50 31.32 17.00
CA LEU B 555 -38.85 31.58 16.52
C LEU B 555 -39.74 32.20 17.60
N GLU B 556 -39.14 32.71 18.67
CA GLU B 556 -39.92 33.25 19.78
C GLU B 556 -40.67 34.52 19.41
N PHE B 557 -40.24 35.23 18.35
CA PHE B 557 -40.86 36.50 18.00
C PHE B 557 -42.34 36.37 17.65
N ILE B 558 -42.81 35.14 17.37
CA ILE B 558 -44.20 34.96 16.99
C ILE B 558 -45.15 35.38 18.10
N GLN B 559 -44.76 35.18 19.36
CA GLN B 559 -45.64 35.48 20.48
C GLN B 559 -45.85 36.98 20.68
N ASN B 560 -44.96 37.82 20.16
CA ASN B 560 -45.04 39.26 20.40
C ASN B 560 -46.07 39.97 19.52
N PHE B 561 -46.82 39.24 18.71
CA PHE B 561 -47.83 39.82 17.85
C PHE B 561 -49.21 39.63 18.46
N THR B 562 -50.00 40.71 18.49
CA THR B 562 -51.35 40.64 19.03
C THR B 562 -52.41 40.39 17.96
N ASN B 563 -52.12 40.67 16.69
CA ASN B 563 -53.09 40.55 15.62
C ASN B 563 -52.70 39.53 14.56
N LEU B 564 -51.65 38.73 14.80
CA LEU B 564 -51.21 37.76 13.81
C LEU B 564 -52.23 36.64 13.69
N LYS B 565 -52.72 36.40 12.48
CA LYS B 565 -53.73 35.38 12.22
C LYS B 565 -53.21 34.21 11.40
N VAL B 566 -52.39 34.47 10.39
CA VAL B 566 -51.93 33.43 9.46
C VAL B 566 -50.41 33.44 9.44
N LEU B 567 -49.81 32.30 9.72
CA LEU B 567 -48.35 32.14 9.71
C LEU B 567 -48.01 30.91 8.87
N ASN B 568 -47.18 31.12 7.84
CA ASN B 568 -46.80 30.06 6.91
C ASN B 568 -45.31 29.80 7.06
N LEU B 569 -44.96 28.66 7.66
CA LEU B 569 -43.58 28.22 7.80
C LEU B 569 -43.28 27.01 6.91
N SER B 570 -43.94 26.91 5.77
CA SER B 570 -43.87 25.70 4.97
C SER B 570 -42.53 25.58 4.25
N HIS B 571 -42.12 24.32 4.04
CA HIS B 571 -40.94 23.98 3.25
C HIS B 571 -39.70 24.70 3.76
N ASN B 572 -39.53 24.68 5.08
CA ASN B 572 -38.37 25.26 5.73
C ASN B 572 -37.41 24.22 6.30
N ASN B 573 -37.78 22.93 6.27
CA ASN B 573 -36.95 21.85 6.79
C ASN B 573 -36.58 22.10 8.26
N ILE B 574 -37.55 22.58 9.04
CA ILE B 574 -37.31 22.85 10.45
C ILE B 574 -37.21 21.53 11.21
N TYR B 575 -36.11 21.34 11.92
CA TYR B 575 -35.96 20.16 12.75
C TYR B 575 -35.20 20.43 14.05
N THR B 576 -34.78 21.66 14.30
CA THR B 576 -34.09 22.00 15.54
C THR B 576 -34.23 23.49 15.79
N LEU B 577 -34.56 23.86 17.02
CA LEU B 577 -34.68 25.24 17.44
C LEU B 577 -33.77 25.48 18.64
N THR B 578 -33.48 26.75 18.90
CA THR B 578 -32.56 27.14 19.96
C THR B 578 -33.35 27.62 21.19
N ASP B 579 -32.98 27.09 22.36
CA ASP B 579 -33.49 27.55 23.65
C ASP B 579 -34.98 27.27 23.82
N LYS B 580 -35.82 27.88 23.00
CA LYS B 580 -37.27 27.77 23.11
C LYS B 580 -37.79 26.84 22.03
N TYR B 581 -38.43 25.74 22.45
CA TYR B 581 -38.85 24.68 21.54
C TYR B 581 -40.32 24.75 21.17
N ASN B 582 -41.06 25.75 21.63
CA ASN B 582 -42.50 25.82 21.43
C ASN B 582 -42.87 27.06 20.63
N LEU B 583 -43.90 26.92 19.80
CA LEU B 583 -44.52 28.03 19.09
C LEU B 583 -45.72 28.50 19.91
N GLU B 584 -45.74 29.78 20.25
CA GLU B 584 -46.75 30.34 21.13
C GLU B 584 -47.32 31.61 20.53
N SER B 585 -48.66 31.72 20.60
CA SER B 585 -49.35 32.92 20.16
C SER B 585 -50.81 32.86 20.59
N LYS B 586 -51.28 33.89 21.30
CA LYS B 586 -52.67 33.92 21.74
C LYS B 586 -53.63 34.40 20.65
N SER B 587 -53.12 34.80 19.49
CA SER B 587 -53.97 35.27 18.40
C SER B 587 -53.95 34.38 17.17
N LEU B 588 -52.88 33.61 16.95
CA LEU B 588 -52.70 32.90 15.69
C LEU B 588 -53.86 31.94 15.43
N VAL B 589 -54.33 31.96 14.18
CA VAL B 589 -55.50 31.20 13.77
C VAL B 589 -55.14 30.05 12.83
N GLU B 590 -54.21 30.29 11.90
CA GLU B 590 -53.81 29.28 10.93
C GLU B 590 -52.29 29.19 10.89
N LEU B 591 -51.77 27.97 11.07
CA LEU B 591 -50.34 27.69 10.98
C LEU B 591 -50.11 26.65 9.90
N VAL B 592 -49.34 27.02 8.88
CA VAL B 592 -48.94 26.12 7.81
C VAL B 592 -47.54 25.60 8.15
N PHE B 593 -47.44 24.31 8.47
CA PHE B 593 -46.18 23.71 8.85
C PHE B 593 -45.77 22.59 7.89
N SER B 594 -46.24 22.63 6.65
CA SER B 594 -45.90 21.58 5.70
C SER B 594 -44.43 21.65 5.32
N GLY B 595 -43.91 20.54 4.81
CA GLY B 595 -42.55 20.52 4.31
C GLY B 595 -41.48 20.76 5.35
N ASN B 596 -41.74 20.39 6.59
CA ASN B 596 -40.73 20.47 7.64
C ASN B 596 -40.38 19.06 8.10
N ARG B 597 -39.70 18.95 9.25
CA ARG B 597 -39.22 17.65 9.70
C ARG B 597 -39.76 17.31 11.08
N LEU B 598 -41.09 17.23 11.22
CA LEU B 598 -41.67 16.77 12.47
C LEU B 598 -41.30 15.32 12.79
N ASP B 599 -40.89 14.55 11.78
CA ASP B 599 -40.39 13.21 12.05
C ASP B 599 -39.14 13.25 12.91
N ILE B 600 -38.32 14.29 12.77
CA ILE B 600 -37.16 14.46 13.63
C ILE B 600 -37.56 15.17 14.92
N LEU B 601 -38.40 16.21 14.82
CA LEU B 601 -38.80 16.96 16.00
C LEU B 601 -39.52 16.08 17.02
N TRP B 602 -40.39 15.19 16.54
CA TRP B 602 -41.11 14.25 17.39
C TRP B 602 -40.45 12.87 17.42
N ASN B 603 -39.12 12.84 17.32
CA ASN B 603 -38.39 11.58 17.39
C ASN B 603 -38.56 10.94 18.76
N ASP B 604 -38.59 9.60 18.78
CA ASP B 604 -38.94 8.88 20.00
C ASP B 604 -37.95 9.13 21.13
N ASP B 605 -36.68 9.36 20.80
CA ASP B 605 -35.65 9.57 21.82
C ASP B 605 -35.55 11.02 22.27
N ASP B 606 -36.48 11.87 21.88
CA ASP B 606 -36.45 13.29 22.18
C ASP B 606 -37.85 13.75 22.57
N ASN B 607 -37.96 14.49 23.67
CA ASN B 607 -39.25 14.99 24.13
C ASN B 607 -39.29 16.51 24.23
N ARG B 608 -38.25 17.21 23.77
CA ARG B 608 -38.21 18.66 23.91
C ARG B 608 -39.29 19.34 23.09
N TYR B 609 -39.70 18.74 21.96
CA TYR B 609 -40.68 19.34 21.08
C TYR B 609 -42.06 18.70 21.22
N ILE B 610 -42.34 18.11 22.37
CA ILE B 610 -43.62 17.40 22.56
C ILE B 610 -44.79 18.36 22.63
N SER B 611 -44.58 19.61 23.04
CA SER B 611 -45.62 20.62 23.12
C SER B 611 -45.32 21.80 22.18
N ILE B 612 -44.86 21.49 20.97
CA ILE B 612 -44.39 22.54 20.07
C ILE B 612 -45.54 23.45 19.63
N PHE B 613 -46.76 22.91 19.51
CA PHE B 613 -47.89 23.68 19.02
C PHE B 613 -48.92 24.04 20.09
N LYS B 614 -48.77 23.52 21.32
CA LYS B 614 -49.81 23.70 22.33
C LYS B 614 -50.03 25.17 22.67
N GLY B 615 -48.97 25.97 22.65
CA GLY B 615 -49.07 27.38 23.00
C GLY B 615 -49.77 28.24 21.97
N LEU B 616 -50.35 27.61 20.95
CA LEU B 616 -51.16 28.30 19.95
C LEU B 616 -52.62 28.18 20.39
N LYS B 617 -52.99 29.02 21.35
CA LYS B 617 -54.26 28.88 22.06
C LYS B 617 -55.47 29.18 21.19
N ASN B 618 -55.30 29.97 20.12
CA ASN B 618 -56.41 30.34 19.25
C ASN B 618 -56.37 29.62 17.92
N LEU B 619 -55.53 28.59 17.79
CA LEU B 619 -55.32 27.94 16.50
C LEU B 619 -56.53 27.09 16.13
N THR B 620 -57.03 27.29 14.91
CA THR B 620 -58.14 26.51 14.39
C THR B 620 -57.78 25.69 13.16
N ARG B 621 -56.73 26.04 12.43
CA ARG B 621 -56.30 25.31 11.24
C ARG B 621 -54.81 25.03 11.33
N LEU B 622 -54.44 23.76 11.22
CA LEU B 622 -53.05 23.32 11.33
C LEU B 622 -52.74 22.38 10.18
N ASP B 623 -51.64 22.65 9.47
CA ASP B 623 -51.21 21.86 8.32
C ASP B 623 -49.89 21.18 8.67
N LEU B 624 -49.93 19.86 8.86
CA LEU B 624 -48.75 19.07 9.17
C LEU B 624 -48.39 18.11 8.04
N SER B 625 -48.72 18.47 6.80
CA SER B 625 -48.45 17.60 5.67
C SER B 625 -46.97 17.66 5.29
N LEU B 626 -46.54 16.64 4.55
CA LEU B 626 -45.17 16.58 4.01
C LEU B 626 -44.12 16.71 5.11
N ASN B 627 -44.32 16.00 6.22
CA ASN B 627 -43.38 16.01 7.33
C ASN B 627 -42.72 14.65 7.55
N ARG B 628 -42.90 13.71 6.62
CA ARG B 628 -42.28 12.39 6.67
C ARG B 628 -42.61 11.64 7.97
N LEU B 629 -43.79 11.89 8.53
CA LEU B 629 -44.18 11.25 9.77
C LEU B 629 -44.53 9.80 9.52
N LYS B 630 -43.76 8.89 10.14
CA LYS B 630 -44.14 7.48 10.16
C LYS B 630 -45.06 7.15 11.32
N HIS B 631 -45.06 7.98 12.36
CA HIS B 631 -45.93 7.83 13.52
C HIS B 631 -45.89 9.13 14.30
N ILE B 632 -46.97 9.42 14.99
CA ILE B 632 -47.07 10.56 15.90
C ILE B 632 -47.13 10.04 17.32
N PRO B 633 -46.26 10.50 18.22
CA PRO B 633 -46.36 10.06 19.62
C PRO B 633 -47.71 10.46 20.21
N ASN B 634 -48.27 9.55 21.03
CA ASN B 634 -49.59 9.80 21.60
C ASN B 634 -49.62 11.09 22.39
N GLU B 635 -48.55 11.38 23.15
CA GLU B 635 -48.49 12.63 23.89
C GLU B 635 -48.33 13.82 22.95
N ALA B 636 -47.71 13.62 21.79
CA ALA B 636 -47.55 14.72 20.84
C ALA B 636 -48.89 15.11 20.21
N PHE B 637 -49.70 14.12 19.84
CA PHE B 637 -51.01 14.42 19.27
C PHE B 637 -51.92 15.06 20.31
N LEU B 638 -51.87 14.57 21.56
CA LEU B 638 -52.70 15.11 22.62
C LEU B 638 -52.31 16.53 23.00
N ASN B 639 -51.15 17.01 22.56
CA ASN B 639 -50.71 18.37 22.83
C ASN B 639 -50.99 19.34 21.69
N LEU B 640 -51.62 18.87 20.62
CA LEU B 640 -52.11 19.78 19.60
C LEU B 640 -53.24 20.63 20.19
N PRO B 641 -53.38 21.88 19.74
CA PRO B 641 -54.36 22.79 20.36
C PRO B 641 -55.77 22.23 20.29
N ALA B 642 -56.47 22.27 21.43
CA ALA B 642 -57.82 21.74 21.51
C ALA B 642 -58.82 22.58 20.72
N SER B 643 -58.46 23.82 20.37
CA SER B 643 -59.34 24.69 19.60
C SER B 643 -59.36 24.34 18.11
N LEU B 644 -58.65 23.31 17.69
CA LEU B 644 -58.53 22.99 16.27
C LEU B 644 -59.87 22.56 15.69
N THR B 645 -60.20 23.10 14.52
CA THR B 645 -61.33 22.63 13.74
C THR B 645 -60.93 22.00 12.41
N GLU B 646 -59.68 22.18 11.99
CA GLU B 646 -59.21 21.68 10.71
C GLU B 646 -57.77 21.20 10.87
N LEU B 647 -57.55 19.91 10.68
CA LEU B 647 -56.24 19.30 10.90
C LEU B 647 -55.84 18.51 9.66
N HIS B 648 -54.67 18.83 9.11
CA HIS B 648 -54.14 18.19 7.92
C HIS B 648 -52.87 17.43 8.27
N ILE B 649 -52.87 16.13 8.03
CA ILE B 649 -51.66 15.31 8.17
C ILE B 649 -51.48 14.48 6.92
N ASN B 650 -51.81 15.05 5.76
CA ASN B 650 -51.76 14.31 4.52
C ASN B 650 -50.32 14.19 4.01
N ASP B 651 -50.12 13.26 3.07
CA ASP B 651 -48.85 13.09 2.37
C ASP B 651 -47.69 12.91 3.35
N ASN B 652 -47.90 12.10 4.38
CA ASN B 652 -46.86 11.63 5.27
C ASN B 652 -46.66 10.14 5.02
N MET B 653 -46.31 9.39 6.07
CA MET B 653 -46.14 7.94 5.93
C MET B 653 -46.77 7.19 7.10
N LEU B 654 -47.86 7.73 7.66
CA LEU B 654 -48.48 7.14 8.83
C LEU B 654 -49.05 5.77 8.50
N LYS B 655 -48.61 4.76 9.26
CA LYS B 655 -49.16 3.42 9.14
C LYS B 655 -50.19 3.11 10.22
N PHE B 656 -50.27 3.93 11.26
CA PHE B 656 -51.29 3.80 12.29
C PHE B 656 -51.74 5.17 12.72
N PHE B 657 -53.00 5.26 13.14
CA PHE B 657 -53.56 6.50 13.67
C PHE B 657 -54.37 6.16 14.91
N ASN B 658 -54.03 6.79 16.04
CA ASN B 658 -54.72 6.56 17.30
C ASN B 658 -56.02 7.35 17.29
N TRP B 659 -57.09 6.70 16.83
CA TRP B 659 -58.39 7.37 16.70
C TRP B 659 -58.98 7.76 18.05
N THR B 660 -58.58 7.09 19.12
CA THR B 660 -59.11 7.42 20.45
C THR B 660 -58.78 8.85 20.84
N LEU B 661 -57.67 9.40 20.34
CA LEU B 661 -57.23 10.72 20.75
C LEU B 661 -58.10 11.85 20.23
N LEU B 662 -59.01 11.57 19.28
CA LEU B 662 -59.93 12.59 18.81
C LEU B 662 -60.94 13.02 19.87
N GLN B 663 -61.00 12.31 21.00
CA GLN B 663 -61.89 12.68 22.08
C GLN B 663 -61.51 14.02 22.71
N GLN B 664 -60.26 14.45 22.56
CA GLN B 664 -59.78 15.69 23.16
C GLN B 664 -59.86 16.87 22.20
N PHE B 665 -60.54 16.72 21.07
CA PHE B 665 -60.67 17.79 20.08
C PHE B 665 -62.14 17.91 19.73
N PRO B 666 -62.94 18.54 20.59
CA PRO B 666 -64.39 18.57 20.41
C PRO B 666 -64.87 19.52 19.33
N ARG B 667 -64.00 20.35 18.77
CA ARG B 667 -64.36 21.23 17.67
C ARG B 667 -63.79 20.77 16.33
N LEU B 668 -63.11 19.62 16.29
CA LEU B 668 -62.49 19.15 15.06
C LEU B 668 -63.55 18.79 14.03
N GLU B 669 -63.56 19.51 12.92
CA GLU B 669 -64.53 19.29 11.85
C GLU B 669 -63.95 18.61 10.62
N LEU B 670 -62.69 18.87 10.29
CA LEU B 670 -62.05 18.29 9.12
C LEU B 670 -60.76 17.58 9.54
N LEU B 671 -60.65 16.31 9.18
CA LEU B 671 -59.44 15.53 9.40
C LEU B 671 -58.96 15.00 8.05
N ASP B 672 -57.78 15.43 7.63
CA ASP B 672 -57.21 15.08 6.33
C ASP B 672 -56.02 14.15 6.56
N LEU B 673 -56.20 12.87 6.23
CA LEU B 673 -55.16 11.86 6.36
C LEU B 673 -54.82 11.22 5.02
N ARG B 674 -55.02 11.95 3.93
CA ARG B 674 -54.79 11.42 2.60
C ARG B 674 -53.30 11.15 2.39
N GLY B 675 -53.01 10.24 1.45
CA GLY B 675 -51.62 9.97 1.09
C GLY B 675 -50.76 9.46 2.23
N ASN B 676 -51.29 8.53 3.02
CA ASN B 676 -50.49 7.87 4.05
C ASN B 676 -50.48 6.37 3.80
N LYS B 677 -50.14 5.59 4.82
CA LYS B 677 -50.09 4.13 4.71
C LYS B 677 -51.01 3.46 5.71
N LEU B 678 -52.16 4.09 6.01
CA LEU B 678 -53.06 3.58 7.02
C LEU B 678 -53.63 2.23 6.61
N LEU B 679 -53.60 1.27 7.53
CA LEU B 679 -54.03 -0.09 7.26
C LEU B 679 -55.42 -0.42 7.79
N PHE B 680 -55.84 0.21 8.89
CA PHE B 680 -57.10 -0.13 9.53
C PHE B 680 -57.87 1.13 9.89
N LEU B 681 -59.18 0.96 10.07
CA LEU B 681 -60.05 1.96 10.65
C LEU B 681 -60.57 1.44 11.99
N THR B 682 -61.07 2.36 12.80
CA THR B 682 -61.50 2.01 14.15
C THR B 682 -62.93 1.51 14.17
N ASP B 683 -63.21 0.60 15.10
CA ASP B 683 -64.58 0.13 15.31
C ASP B 683 -65.47 1.23 15.85
N SER B 684 -64.90 2.21 16.54
CA SER B 684 -65.63 3.04 17.49
C SER B 684 -65.42 4.53 17.21
N LEU B 685 -65.63 4.95 15.95
CA LEU B 685 -65.44 6.36 15.62
C LEU B 685 -66.49 7.23 16.32
N SER B 686 -67.71 6.72 16.48
CA SER B 686 -68.76 7.50 17.13
C SER B 686 -68.42 7.79 18.58
N ASP B 687 -67.72 6.87 19.25
CA ASP B 687 -67.35 7.07 20.64
C ASP B 687 -66.20 8.05 20.81
N PHE B 688 -65.56 8.48 19.72
CA PHE B 688 -64.38 9.34 19.80
C PHE B 688 -64.62 10.76 19.32
N THR B 689 -65.63 11.00 18.49
CA THR B 689 -65.90 12.35 18.02
C THR B 689 -67.41 12.55 17.87
N SER B 690 -67.84 13.78 18.15
CA SER B 690 -69.22 14.20 17.91
C SER B 690 -69.28 15.38 16.95
N SER B 691 -68.16 15.73 16.32
CA SER B 691 -68.05 16.96 15.56
C SER B 691 -67.42 16.80 14.18
N LEU B 692 -66.73 15.69 13.91
CA LEU B 692 -66.01 15.54 12.64
C LEU B 692 -67.00 15.50 11.49
N ARG B 693 -66.90 16.48 10.59
CA ARG B 693 -67.77 16.58 9.42
C ARG B 693 -67.16 15.97 8.17
N THR B 694 -65.86 16.16 7.95
CA THR B 694 -65.18 15.66 6.77
C THR B 694 -64.01 14.78 7.18
N LEU B 695 -63.96 13.57 6.63
CA LEU B 695 -62.86 12.63 6.87
C LEU B 695 -62.28 12.23 5.53
N LEU B 696 -61.06 12.69 5.24
CA LEU B 696 -60.38 12.39 3.99
C LEU B 696 -59.36 11.29 4.23
N LEU B 697 -59.56 10.14 3.58
CA LEU B 697 -58.70 8.98 3.77
C LEU B 697 -58.22 8.39 2.45
N SER B 698 -58.21 9.18 1.38
CA SER B 698 -57.83 8.65 0.08
C SER B 698 -56.33 8.41 -0.01
N HIS B 699 -55.95 7.46 -0.85
CA HIS B 699 -54.56 7.03 -1.02
C HIS B 699 -53.99 6.51 0.30
N ASN B 700 -54.65 5.49 0.83
CA ASN B 700 -54.18 4.75 1.99
C ASN B 700 -54.25 3.27 1.63
N ARG B 701 -54.26 2.41 2.64
CA ARG B 701 -54.24 0.96 2.42
C ARG B 701 -55.38 0.28 3.19
N ILE B 702 -56.50 0.98 3.38
CA ILE B 702 -57.64 0.40 4.07
C ILE B 702 -58.28 -0.65 3.16
N SER B 703 -58.34 -1.89 3.62
CA SER B 703 -58.91 -2.99 2.86
C SER B 703 -60.24 -3.46 3.41
N HIS B 704 -60.70 -2.92 4.54
CA HIS B 704 -61.93 -3.38 5.16
C HIS B 704 -62.60 -2.22 5.87
N LEU B 705 -63.91 -2.09 5.68
CA LEU B 705 -64.69 -1.08 6.37
C LEU B 705 -65.25 -1.68 7.66
N PRO B 706 -64.95 -1.10 8.83
CA PRO B 706 -65.47 -1.68 10.08
C PRO B 706 -66.99 -1.61 10.14
N SER B 707 -67.57 -2.58 10.85
CA SER B 707 -69.02 -2.70 10.92
C SER B 707 -69.63 -1.50 11.62
N GLY B 708 -70.76 -1.04 11.12
CA GLY B 708 -71.38 0.16 11.65
C GLY B 708 -70.44 1.35 11.53
N PHE B 709 -70.19 1.77 10.30
CA PHE B 709 -69.32 2.91 10.04
C PHE B 709 -70.05 4.08 9.39
N LEU B 710 -71.31 3.90 8.98
CA LEU B 710 -72.07 4.95 8.32
C LEU B 710 -73.23 5.49 9.15
N SER B 711 -73.69 4.75 10.16
CA SER B 711 -74.66 5.28 11.11
C SER B 711 -73.95 6.08 12.18
N GLU B 712 -74.43 5.97 13.43
CA GLU B 712 -73.79 6.48 14.65
C GLU B 712 -73.09 7.83 14.47
N VAL B 713 -72.11 7.89 13.57
CA VAL B 713 -71.34 9.11 13.33
C VAL B 713 -72.14 10.06 12.44
N SER B 714 -72.98 10.88 13.08
CA SER B 714 -73.89 11.75 12.35
C SER B 714 -73.50 13.23 12.47
N SER B 715 -72.20 13.48 12.61
CA SER B 715 -71.64 14.77 12.24
C SER B 715 -70.92 14.70 10.90
N LEU B 716 -70.62 13.49 10.44
CA LEU B 716 -69.83 13.27 9.23
C LEU B 716 -70.73 13.39 8.00
N LYS B 717 -70.50 14.43 7.19
CA LYS B 717 -71.17 14.58 5.91
C LYS B 717 -70.35 14.10 4.73
N HIS B 718 -69.02 14.12 4.85
CA HIS B 718 -68.12 13.89 3.73
C HIS B 718 -67.09 12.84 4.14
N LEU B 719 -67.15 11.67 3.52
CA LEU B 719 -66.20 10.59 3.75
C LEU B 719 -65.53 10.23 2.43
N ASP B 720 -64.21 10.31 2.40
CA ASP B 720 -63.42 10.05 1.20
C ASP B 720 -62.60 8.78 1.42
N LEU B 721 -63.02 7.69 0.77
CA LEU B 721 -62.31 6.42 0.82
C LEU B 721 -61.73 6.04 -0.55
N SER B 722 -61.60 7.00 -1.45
CA SER B 722 -61.12 6.73 -2.79
C SER B 722 -59.67 6.27 -2.77
N SER B 723 -59.29 5.53 -3.82
CA SER B 723 -57.92 5.07 -4.02
C SER B 723 -57.37 4.36 -2.79
N ASN B 724 -58.16 3.44 -2.25
CA ASN B 724 -57.76 2.60 -1.13
C ASN B 724 -57.64 1.15 -1.61
N LEU B 725 -57.88 0.19 -0.73
CA LEU B 725 -57.77 -1.22 -1.06
C LEU B 725 -59.06 -1.97 -0.74
N LEU B 726 -60.20 -1.30 -0.85
CA LEU B 726 -61.48 -1.93 -0.55
C LEU B 726 -61.88 -2.88 -1.67
N LYS B 727 -62.03 -4.15 -1.34
CA LYS B 727 -62.54 -5.13 -2.29
C LYS B 727 -64.05 -5.26 -2.24
N THR B 728 -64.68 -4.89 -1.13
CA THR B 728 -66.13 -4.96 -0.98
C THR B 728 -66.53 -4.16 0.25
N ILE B 729 -67.83 -3.81 0.29
CA ILE B 729 -68.45 -3.19 1.46
C ILE B 729 -69.73 -3.96 1.72
N ASN B 730 -69.74 -4.77 2.78
CA ASN B 730 -70.86 -5.66 3.04
C ASN B 730 -71.91 -4.98 3.91
N LYS B 731 -73.08 -5.63 4.01
CA LYS B 731 -74.25 -5.04 4.66
C LYS B 731 -73.94 -4.53 6.06
N SER B 732 -72.97 -5.14 6.75
CA SER B 732 -72.74 -4.82 8.17
C SER B 732 -72.24 -3.39 8.33
N ALA B 733 -71.42 -2.91 7.41
CA ALA B 733 -70.98 -1.52 7.44
C ALA B 733 -72.06 -0.56 6.95
N LEU B 734 -73.14 -1.08 6.36
CA LEU B 734 -74.22 -0.26 5.81
C LEU B 734 -75.38 -0.09 6.78
N GLU B 735 -75.21 -0.49 8.04
CA GLU B 735 -76.26 -0.32 9.03
C GLU B 735 -76.53 1.16 9.27
N THR B 736 -77.82 1.52 9.41
CA THR B 736 -78.20 2.89 9.79
C THR B 736 -79.38 2.86 10.76
N LYS B 737 -79.09 2.43 11.97
CA LYS B 737 -79.63 2.99 13.20
C LYS B 737 -80.28 4.36 13.05
N THR B 738 -79.49 5.31 12.58
CA THR B 738 -79.49 6.68 13.06
C THR B 738 -79.93 7.69 12.00
N THR B 739 -80.07 8.93 12.46
CA THR B 739 -79.71 10.08 11.65
C THR B 739 -78.38 9.78 10.96
N THR B 740 -78.33 10.01 9.66
CA THR B 740 -77.04 9.97 8.96
C THR B 740 -76.97 11.17 8.03
N LYS B 741 -76.10 12.12 8.39
CA LYS B 741 -75.88 13.30 7.58
C LYS B 741 -74.86 13.05 6.48
N LEU B 742 -74.48 11.79 6.28
CA LEU B 742 -73.56 11.41 5.21
C LEU B 742 -74.15 11.83 3.86
N SER B 743 -73.53 12.82 3.22
CA SER B 743 -73.98 13.30 1.93
C SER B 743 -73.05 12.90 0.79
N MET B 744 -71.74 12.93 0.99
CA MET B 744 -70.78 12.58 -0.04
C MET B 744 -69.96 11.38 0.40
N LEU B 745 -69.77 10.43 -0.52
CA LEU B 745 -68.99 9.22 -0.26
C LEU B 745 -68.19 8.89 -1.52
N GLU B 746 -66.88 9.06 -1.46
CA GLU B 746 -66.00 8.83 -2.59
C GLU B 746 -65.35 7.47 -2.48
N LEU B 747 -65.39 6.70 -3.57
CA LEU B 747 -64.87 5.33 -3.56
C LEU B 747 -64.08 4.96 -4.81
N HIS B 748 -63.87 5.87 -5.75
CA HIS B 748 -63.18 5.53 -6.98
C HIS B 748 -61.72 5.15 -6.70
N GLY B 749 -61.22 4.19 -7.47
CA GLY B 749 -59.86 3.72 -7.31
C GLY B 749 -59.69 2.48 -6.46
N ASN B 750 -60.77 1.96 -5.89
CA ASN B 750 -60.72 0.76 -5.06
C ASN B 750 -60.87 -0.49 -5.92
N PRO B 751 -60.10 -1.55 -5.63
CA PRO B 751 -60.21 -2.80 -6.40
C PRO B 751 -61.41 -3.64 -6.00
N PHE B 752 -62.58 -3.25 -6.51
CA PHE B 752 -63.83 -3.86 -6.08
C PHE B 752 -63.98 -5.27 -6.65
N GLU B 753 -64.39 -6.20 -5.79
CA GLU B 753 -64.63 -7.59 -6.17
C GLU B 753 -66.07 -7.70 -6.66
N CYS B 754 -66.25 -7.66 -7.98
CA CYS B 754 -67.58 -7.55 -8.57
C CYS B 754 -68.17 -8.93 -8.88
N THR B 755 -68.51 -9.62 -7.80
CA THR B 755 -69.29 -10.86 -7.85
C THR B 755 -70.73 -10.53 -7.48
N CYS B 756 -71.40 -11.31 -6.62
CA CYS B 756 -72.71 -10.98 -6.06
C CYS B 756 -72.61 -10.38 -4.67
N ASP B 757 -71.44 -10.43 -4.04
CA ASP B 757 -71.24 -9.75 -2.76
C ASP B 757 -71.37 -8.23 -2.90
N ILE B 758 -71.11 -7.70 -4.09
CA ILE B 758 -71.31 -6.27 -4.34
C ILE B 758 -72.78 -5.89 -4.22
N GLY B 759 -73.68 -6.80 -4.60
CA GLY B 759 -75.11 -6.54 -4.68
C GLY B 759 -75.73 -5.78 -3.53
N ASP B 760 -75.24 -6.01 -2.31
CA ASP B 760 -75.80 -5.33 -1.15
C ASP B 760 -75.38 -3.88 -1.10
N PHE B 761 -74.10 -3.59 -1.36
CA PHE B 761 -73.68 -2.20 -1.46
C PHE B 761 -74.35 -1.52 -2.65
N ARG B 762 -74.57 -2.27 -3.74
CA ARG B 762 -75.26 -1.71 -4.89
C ARG B 762 -76.66 -1.25 -4.52
N ARG B 763 -77.38 -2.05 -3.74
CA ARG B 763 -78.73 -1.68 -3.32
C ARG B 763 -78.71 -0.72 -2.14
N TRP B 764 -77.59 -0.59 -1.43
CA TRP B 764 -77.44 0.52 -0.50
C TRP B 764 -77.38 1.84 -1.25
N MET B 765 -76.66 1.86 -2.38
CA MET B 765 -76.65 3.04 -3.23
C MET B 765 -78.04 3.36 -3.76
N ASP B 766 -78.80 2.33 -4.12
CA ASP B 766 -80.14 2.54 -4.66
C ASP B 766 -81.06 3.17 -3.62
N GLU B 767 -80.96 2.73 -2.37
CA GLU B 767 -81.84 3.20 -1.31
C GLU B 767 -81.34 4.47 -0.64
N HIS B 768 -80.20 5.02 -1.06
CA HIS B 768 -79.64 6.23 -0.49
C HIS B 768 -79.17 7.14 -1.63
N LEU B 769 -80.13 7.77 -2.31
CA LEU B 769 -79.80 8.71 -3.37
C LEU B 769 -79.29 10.03 -2.81
N ASN B 770 -79.58 10.34 -1.55
CA ASN B 770 -79.08 11.54 -0.91
C ASN B 770 -77.57 11.50 -0.69
N VAL B 771 -76.93 10.35 -0.88
CA VAL B 771 -75.49 10.21 -0.74
C VAL B 771 -74.90 10.29 -2.14
N LYS B 772 -74.29 11.42 -2.48
CA LYS B 772 -73.65 11.56 -3.78
C LYS B 772 -72.35 10.76 -3.80
N ILE B 773 -72.19 9.94 -4.83
CA ILE B 773 -70.99 9.15 -5.03
C ILE B 773 -70.31 9.62 -6.31
N PRO B 774 -69.27 10.44 -6.20
CA PRO B 774 -68.71 11.09 -7.39
C PRO B 774 -67.97 10.10 -8.28
N ARG B 775 -67.99 10.40 -9.58
CA ARG B 775 -67.19 9.71 -10.59
C ARG B 775 -67.45 8.21 -10.57
N LEU B 776 -68.70 7.84 -10.83
CA LEU B 776 -69.05 6.42 -10.94
C LEU B 776 -68.30 5.75 -12.09
N VAL B 777 -67.86 6.52 -13.08
CA VAL B 777 -67.06 5.98 -14.17
C VAL B 777 -65.77 5.35 -13.65
N ASP B 778 -65.28 5.83 -12.51
CA ASP B 778 -64.02 5.36 -11.94
C ASP B 778 -64.19 4.46 -10.73
N VAL B 779 -65.41 4.25 -10.25
CA VAL B 779 -65.67 3.23 -9.24
C VAL B 779 -65.77 1.90 -9.98
N ILE B 780 -64.64 1.25 -10.18
CA ILE B 780 -64.46 0.25 -11.23
C ILE B 780 -64.18 -1.11 -10.60
N CYS B 781 -64.76 -2.16 -11.18
CA CYS B 781 -64.48 -3.52 -10.75
C CYS B 781 -63.08 -3.94 -11.19
N ALA B 782 -62.35 -4.59 -10.28
CA ALA B 782 -61.05 -5.13 -10.60
C ALA B 782 -61.04 -6.62 -10.83
N SER B 783 -62.10 -7.33 -10.44
CA SER B 783 -62.18 -8.77 -10.57
C SER B 783 -63.63 -9.19 -10.51
N PRO B 784 -64.03 -10.28 -11.17
CA PRO B 784 -63.16 -11.10 -12.04
C PRO B 784 -62.94 -10.47 -13.41
N GLY B 785 -62.13 -11.12 -14.25
CA GLY B 785 -61.81 -10.59 -15.56
C GLY B 785 -63.03 -10.36 -16.45
N ASP B 786 -64.15 -11.00 -16.14
CA ASP B 786 -65.39 -10.76 -16.86
C ASP B 786 -65.90 -9.33 -16.68
N GLN B 787 -65.54 -8.68 -15.57
CA GLN B 787 -66.05 -7.35 -15.27
C GLN B 787 -64.93 -6.35 -14.93
N ARG B 788 -63.70 -6.65 -15.34
CA ARG B 788 -62.58 -5.75 -15.01
C ARG B 788 -62.62 -4.50 -15.87
N GLY B 789 -62.12 -3.40 -15.31
CA GLY B 789 -62.14 -2.13 -16.02
C GLY B 789 -63.54 -1.57 -16.20
N LYS B 790 -64.48 -2.01 -15.38
CA LYS B 790 -65.90 -1.79 -15.58
C LYS B 790 -66.51 -1.24 -14.30
N SER B 791 -67.37 -0.24 -14.42
CA SER B 791 -67.96 0.38 -13.25
C SER B 791 -68.93 -0.56 -12.54
N ILE B 792 -69.04 -0.40 -11.22
CA ILE B 792 -69.76 -1.35 -10.39
C ILE B 792 -71.27 -1.23 -10.51
N VAL B 793 -71.78 -0.12 -11.06
CA VAL B 793 -73.21 0.01 -11.31
C VAL B 793 -73.63 -0.66 -12.61
N SER B 794 -72.69 -1.24 -13.35
CA SER B 794 -72.95 -1.74 -14.69
C SER B 794 -73.32 -3.22 -14.70
N LEU B 795 -73.81 -3.76 -13.59
CA LEU B 795 -73.87 -5.19 -13.40
C LEU B 795 -75.29 -5.64 -13.06
N GLU B 796 -75.63 -6.83 -13.55
CA GLU B 796 -76.93 -7.46 -13.28
C GLU B 796 -77.07 -7.83 -11.82
N SER C 9 20.82 -14.54 -35.58
CA SER C 9 19.81 -14.70 -34.54
C SER C 9 20.46 -14.87 -33.17
N ARG C 10 21.72 -15.28 -33.16
CA ARG C 10 22.47 -15.35 -31.93
C ARG C 10 23.03 -13.97 -31.58
N SER C 11 23.45 -13.84 -30.32
CA SER C 11 23.82 -12.55 -29.74
C SER C 11 25.27 -12.53 -29.29
N TYR C 12 25.94 -11.43 -29.59
CA TYR C 12 27.37 -11.27 -29.35
C TYR C 12 27.66 -9.78 -29.37
N PRO C 13 28.67 -9.30 -28.62
CA PRO C 13 29.32 -10.02 -27.51
C PRO C 13 28.45 -9.90 -26.25
N CYS C 14 27.37 -9.13 -26.35
CA CYS C 14 26.43 -8.98 -25.25
C CYS C 14 25.59 -10.24 -25.05
N ASP C 15 24.96 -10.33 -23.89
CA ASP C 15 23.97 -11.35 -23.59
C ASP C 15 22.68 -10.63 -23.22
N GLU C 16 21.68 -10.65 -24.11
CA GLU C 16 20.46 -9.91 -23.85
C GLU C 16 19.52 -10.68 -22.94
N LYS C 17 18.78 -9.93 -22.14
CA LYS C 17 17.71 -10.46 -21.31
C LYS C 17 16.47 -9.60 -21.50
N LYS C 18 15.31 -10.25 -21.45
CA LYS C 18 14.03 -9.56 -21.64
C LYS C 18 13.37 -9.39 -20.27
N GLN C 19 13.76 -8.33 -19.57
CA GLN C 19 13.15 -7.99 -18.31
C GLN C 19 11.82 -7.28 -18.55
N ASN C 20 11.10 -7.00 -17.46
CA ASN C 20 9.78 -6.39 -17.55
C ASN C 20 9.85 -5.11 -18.36
N ASP C 21 9.16 -5.12 -19.51
CA ASP C 21 9.00 -4.01 -20.45
C ASP C 21 10.09 -3.96 -21.52
N SER C 22 11.34 -4.21 -21.15
CA SER C 22 12.45 -3.89 -22.05
C SER C 22 13.36 -5.10 -22.26
N VAL C 23 14.39 -4.89 -23.07
CA VAL C 23 15.47 -5.85 -23.32
C VAL C 23 16.79 -5.11 -23.19
N ILE C 24 17.71 -5.64 -22.38
CA ILE C 24 18.94 -4.94 -22.04
C ILE C 24 20.14 -5.84 -22.30
N ALA C 25 21.29 -5.21 -22.48
CA ALA C 25 22.50 -5.87 -22.96
C ALA C 25 23.58 -5.86 -21.89
N GLU C 26 23.98 -7.04 -21.44
CA GLU C 26 25.08 -7.20 -20.50
C GLU C 26 26.36 -7.48 -21.30
N CYS C 27 27.15 -6.43 -21.55
CA CYS C 27 28.43 -6.55 -22.25
C CYS C 27 29.61 -6.22 -21.34
N SER C 28 29.44 -6.41 -20.03
CA SER C 28 30.47 -6.05 -19.07
C SER C 28 31.47 -7.18 -18.90
N ASN C 29 32.73 -6.80 -18.64
CA ASN C 29 33.81 -7.74 -18.32
C ASN C 29 34.01 -8.77 -19.43
N ARG C 30 34.30 -8.26 -20.64
CA ARG C 30 34.48 -9.13 -21.79
C ARG C 30 35.67 -8.74 -22.65
N ARG C 31 36.63 -8.00 -22.09
CA ARG C 31 37.85 -7.58 -22.79
C ARG C 31 37.55 -6.80 -24.07
N LEU C 32 36.37 -6.20 -24.17
CA LEU C 32 36.01 -5.40 -25.33
C LEU C 32 36.90 -4.17 -25.39
N GLN C 33 37.84 -4.16 -26.35
CA GLN C 33 38.74 -3.01 -26.47
C GLN C 33 38.03 -1.77 -27.00
N GLU C 34 36.85 -1.94 -27.60
CA GLU C 34 36.02 -0.82 -28.03
C GLU C 34 34.57 -1.24 -27.99
N VAL C 35 33.67 -0.26 -28.00
CA VAL C 35 32.24 -0.53 -27.91
C VAL C 35 31.78 -1.18 -29.22
N PRO C 36 31.19 -2.37 -29.16
CA PRO C 36 30.80 -3.06 -30.40
C PRO C 36 29.58 -2.43 -31.04
N GLN C 37 29.59 -2.35 -32.37
CA GLN C 37 28.39 -2.05 -33.13
C GLN C 37 27.53 -3.28 -33.32
N THR C 38 28.04 -4.46 -32.93
CA THR C 38 27.26 -5.69 -33.00
C THR C 38 26.07 -5.65 -32.04
N VAL C 39 26.07 -4.76 -31.04
CA VAL C 39 24.98 -4.69 -30.09
C VAL C 39 23.65 -4.48 -30.81
N GLY C 40 22.64 -5.22 -30.38
CA GLY C 40 21.34 -5.15 -31.04
C GLY C 40 20.70 -3.79 -30.84
N LYS C 41 20.01 -3.33 -31.88
CA LYS C 41 19.39 -2.01 -31.86
C LYS C 41 18.11 -1.97 -31.02
N TYR C 42 17.75 -3.07 -30.37
CA TYR C 42 16.60 -3.15 -29.48
C TYR C 42 17.00 -3.12 -28.01
N VAL C 43 18.28 -2.94 -27.70
CA VAL C 43 18.70 -2.88 -26.30
C VAL C 43 18.35 -1.50 -25.75
N THR C 44 17.78 -1.47 -24.56
CA THR C 44 17.49 -0.22 -23.87
C THR C 44 18.56 0.14 -22.85
N GLU C 45 19.22 -0.85 -22.27
CA GLU C 45 20.28 -0.62 -21.28
C GLU C 45 21.53 -1.34 -21.75
N LEU C 46 22.65 -0.61 -21.78
CA LEU C 46 23.93 -1.14 -22.20
C LEU C 46 24.90 -1.07 -21.02
N ASP C 47 25.54 -2.19 -20.71
CA ASP C 47 26.47 -2.30 -19.59
C ASP C 47 27.82 -2.71 -20.14
N LEU C 48 28.70 -1.72 -20.35
CA LEU C 48 30.05 -1.95 -20.89
C LEU C 48 31.12 -1.77 -19.82
N SER C 49 30.78 -2.01 -18.55
CA SER C 49 31.72 -1.80 -17.47
C SER C 49 32.81 -2.87 -17.47
N ASP C 50 33.96 -2.51 -16.90
CA ASP C 50 35.09 -3.43 -16.72
C ASP C 50 35.59 -3.96 -18.06
N ASN C 51 35.84 -3.04 -19.00
CA ASN C 51 36.37 -3.40 -20.30
C ASN C 51 37.63 -2.61 -20.61
N PHE C 52 38.12 -2.70 -21.85
CA PHE C 52 39.32 -2.01 -22.27
C PHE C 52 39.03 -0.82 -23.18
N ILE C 53 37.80 -0.30 -23.13
CA ILE C 53 37.42 0.81 -24.00
C ILE C 53 38.23 2.04 -23.62
N THR C 54 38.84 2.67 -24.63
CA THR C 54 39.67 3.85 -24.41
C THR C 54 39.12 5.11 -25.07
N HIS C 55 38.18 4.99 -26.01
CA HIS C 55 37.66 6.14 -26.73
C HIS C 55 36.16 5.98 -26.92
N ILE C 56 35.44 7.10 -26.77
CA ILE C 56 34.01 7.18 -27.05
C ILE C 56 33.81 8.33 -28.02
N THR C 57 33.41 8.01 -29.24
CA THR C 57 33.19 8.97 -30.31
C THR C 57 31.69 9.22 -30.48
N ASN C 58 31.32 9.99 -31.51
CA ASN C 58 29.90 10.12 -31.82
C ASN C 58 29.40 8.96 -32.66
N GLU C 59 30.29 8.30 -33.40
CA GLU C 59 29.97 7.02 -34.04
C GLU C 59 30.48 5.86 -33.18
N SER C 60 29.86 5.74 -32.00
CA SER C 60 30.05 4.59 -31.12
C SER C 60 28.75 3.89 -30.77
N PHE C 61 27.68 4.63 -30.53
CA PHE C 61 26.36 4.09 -30.21
C PHE C 61 25.37 4.53 -31.28
N GLN C 62 25.51 3.99 -32.48
CA GLN C 62 24.75 4.45 -33.65
C GLN C 62 23.63 3.47 -33.97
N GLY C 63 22.43 4.00 -34.23
CA GLY C 63 21.23 3.22 -34.29
C GLY C 63 20.73 2.76 -32.93
N LEU C 64 21.55 2.84 -31.89
CA LEU C 64 21.15 2.55 -30.52
C LEU C 64 20.55 3.82 -29.95
N GLN C 65 19.21 3.98 -30.05
CA GLN C 65 18.59 5.14 -29.42
C GLN C 65 17.24 4.84 -28.79
N ASN C 66 16.96 3.59 -28.47
CA ASN C 66 16.11 3.36 -27.31
C ASN C 66 16.95 3.16 -26.06
N LEU C 67 18.25 3.42 -26.18
CA LEU C 67 19.21 3.43 -25.09
C LEU C 67 18.77 4.40 -24.01
N THR C 68 18.28 3.86 -22.90
CA THR C 68 17.94 4.68 -21.74
C THR C 68 19.07 4.74 -20.72
N LYS C 69 20.03 3.82 -20.80
CA LYS C 69 21.04 3.68 -19.75
C LYS C 69 22.31 3.09 -20.35
N ILE C 70 23.44 3.74 -20.07
CA ILE C 70 24.76 3.26 -20.48
C ILE C 70 25.65 3.16 -19.26
N ASN C 71 26.40 2.08 -19.15
CA ASN C 71 27.32 1.85 -18.04
C ASN C 71 28.73 1.70 -18.60
N LEU C 72 29.57 2.71 -18.35
CA LEU C 72 30.96 2.71 -18.81
C LEU C 72 31.93 2.80 -17.64
N ASN C 73 31.56 2.23 -16.50
CA ASN C 73 32.41 2.28 -15.32
C ASN C 73 33.65 1.39 -15.52
N HIS C 74 34.76 1.83 -14.93
CA HIS C 74 36.03 1.11 -14.96
C HIS C 74 36.47 0.83 -16.40
N ASN C 75 36.72 1.91 -17.14
CA ASN C 75 37.20 1.82 -18.51
C ASN C 75 38.32 2.84 -18.74
N PRO C 76 39.52 2.39 -19.14
CA PRO C 76 39.87 0.99 -19.37
C PRO C 76 40.32 0.28 -18.10
N ASN C 77 40.08 -1.04 -18.03
CA ASN C 77 40.42 -1.83 -16.86
C ASN C 77 41.91 -2.12 -16.87
N VAL C 78 42.64 -1.48 -15.96
CA VAL C 78 44.09 -1.67 -15.81
C VAL C 78 44.82 -1.41 -17.13
N GLY C 91 43.51 6.27 -19.45
CA GLY C 91 42.33 7.06 -19.23
C GLY C 91 41.35 7.05 -20.39
N LEU C 92 40.06 6.98 -20.06
CA LEU C 92 39.02 7.00 -21.08
C LEU C 92 38.89 8.40 -21.66
N ASN C 93 38.92 8.49 -22.99
CA ASN C 93 38.75 9.76 -23.69
C ASN C 93 37.38 9.78 -24.35
N ILE C 94 36.53 10.69 -23.93
CA ILE C 94 35.19 10.85 -24.47
C ILE C 94 35.15 12.16 -25.24
N THR C 95 35.05 12.07 -26.56
CA THR C 95 35.02 13.26 -27.39
C THR C 95 33.80 14.11 -27.07
N ASP C 96 33.92 15.42 -27.31
CA ASP C 96 32.83 16.34 -27.03
C ASP C 96 31.59 15.98 -27.84
N GLY C 97 30.47 15.84 -27.15
CA GLY C 97 29.22 15.51 -27.80
C GLY C 97 29.11 14.07 -28.25
N ALA C 98 29.91 13.16 -27.68
CA ALA C 98 29.85 11.76 -28.07
C ALA C 98 28.52 11.11 -27.75
N PHE C 99 27.71 11.73 -26.88
CA PHE C 99 26.42 11.19 -26.48
C PHE C 99 25.25 12.05 -26.96
N LEU C 100 25.51 13.10 -27.74
CA LEU C 100 24.47 14.07 -28.08
C LEU C 100 23.32 13.42 -28.85
N ASN C 101 23.65 12.60 -29.85
CA ASN C 101 22.62 11.99 -30.69
C ASN C 101 21.81 10.93 -29.96
N LEU C 102 22.08 10.68 -28.68
CA LEU C 102 21.26 9.77 -27.87
C LEU C 102 20.20 10.61 -27.15
N LYS C 103 19.10 10.85 -27.87
CA LYS C 103 18.04 11.73 -27.42
C LYS C 103 17.25 11.16 -26.24
N ASN C 104 17.38 9.86 -25.96
CA ASN C 104 16.61 9.19 -24.91
C ASN C 104 17.50 8.69 -23.78
N LEU C 105 18.72 9.22 -23.66
CA LEU C 105 19.66 8.75 -22.65
C LEU C 105 19.30 9.37 -21.31
N ARG C 106 18.85 8.54 -20.37
CA ARG C 106 18.49 8.98 -19.03
C ARG C 106 19.62 8.79 -18.02
N GLU C 107 20.35 7.68 -18.10
CA GLU C 107 21.34 7.31 -17.09
C GLU C 107 22.69 7.10 -17.76
N LEU C 108 23.70 7.83 -17.27
CA LEU C 108 25.06 7.72 -17.78
C LEU C 108 25.99 7.50 -16.58
N LEU C 109 26.61 6.33 -16.51
CA LEU C 109 27.51 5.98 -15.42
C LEU C 109 28.94 5.99 -15.95
N LEU C 110 29.72 6.97 -15.51
CA LEU C 110 31.11 7.09 -15.93
C LEU C 110 32.04 7.06 -14.73
N GLU C 111 31.92 6.04 -13.89
CA GLU C 111 32.71 5.95 -12.67
C GLU C 111 34.05 5.28 -12.94
N ASP C 112 35.08 5.73 -12.23
CA ASP C 112 36.41 5.12 -12.28
C ASP C 112 36.95 5.10 -13.71
N ASN C 113 36.86 6.25 -14.37
CA ASN C 113 37.38 6.40 -15.73
C ASN C 113 38.51 7.43 -15.83
N GLN C 114 38.92 8.02 -14.70
CA GLN C 114 40.03 8.97 -14.66
C GLN C 114 39.79 10.18 -15.55
N LEU C 115 38.53 10.55 -15.73
CA LEU C 115 38.22 11.73 -16.55
C LEU C 115 38.71 13.00 -15.86
N PRO C 116 39.49 13.83 -16.55
CA PRO C 116 40.01 15.05 -15.88
C PRO C 116 39.01 16.17 -15.78
N GLN C 117 37.95 16.17 -16.60
CA GLN C 117 36.89 17.17 -16.52
C GLN C 117 35.56 16.47 -16.78
N ILE C 118 34.48 17.18 -16.49
CA ILE C 118 33.15 16.68 -16.84
C ILE C 118 33.04 16.60 -18.36
N PRO C 119 32.55 15.49 -18.92
CA PRO C 119 32.47 15.37 -20.38
C PRO C 119 31.67 16.52 -20.99
N SER C 120 32.25 17.14 -22.01
CA SER C 120 31.64 18.29 -22.66
C SER C 120 30.51 17.84 -23.57
N GLY C 121 29.43 18.63 -23.59
CA GLY C 121 28.27 18.30 -24.38
C GLY C 121 27.63 17.00 -23.94
N LEU C 122 26.76 17.07 -22.95
CA LEU C 122 26.04 15.91 -22.49
C LEU C 122 24.56 16.04 -22.84
N PRO C 123 23.87 14.92 -23.09
CA PRO C 123 22.46 15.01 -23.49
C PRO C 123 21.60 15.58 -22.37
N GLU C 124 20.83 16.61 -22.71
CA GLU C 124 19.92 17.22 -21.74
C GLU C 124 18.80 16.28 -21.32
N SER C 125 18.68 15.11 -21.96
CA SER C 125 17.77 14.06 -21.52
C SER C 125 18.26 13.35 -20.27
N LEU C 126 19.43 13.70 -19.76
CA LEU C 126 20.01 12.99 -18.62
C LEU C 126 19.25 13.31 -17.34
N THR C 127 18.83 12.26 -16.64
CA THR C 127 18.27 12.40 -15.30
C THR C 127 19.20 11.88 -14.21
N GLU C 128 20.17 11.03 -14.57
CA GLU C 128 21.07 10.42 -13.59
C GLU C 128 22.46 10.37 -14.19
N LEU C 129 23.40 11.11 -13.59
CA LEU C 129 24.79 11.14 -14.04
C LEU C 129 25.70 10.91 -12.84
N SER C 130 26.59 9.94 -12.96
CA SER C 130 27.51 9.57 -11.89
C SER C 130 28.94 9.67 -12.39
N LEU C 131 29.71 10.59 -11.83
CA LEU C 131 31.12 10.76 -12.14
C LEU C 131 31.98 10.41 -10.93
N ILE C 132 31.60 9.35 -10.22
CA ILE C 132 32.30 8.95 -9.00
C ILE C 132 33.68 8.41 -9.36
N GLN C 133 34.69 8.81 -8.58
CA GLN C 133 36.06 8.30 -8.70
C GLN C 133 36.68 8.69 -10.04
N ASN C 134 36.82 9.99 -10.24
CA ASN C 134 37.51 10.53 -11.41
C ASN C 134 38.52 11.56 -10.93
N ASN C 135 38.94 12.43 -11.84
CA ASN C 135 39.90 13.49 -11.55
C ASN C 135 39.30 14.85 -11.82
N ILE C 136 38.02 15.02 -11.50
CA ILE C 136 37.30 16.26 -11.78
C ILE C 136 37.38 17.17 -10.56
N TYR C 137 38.03 18.32 -10.72
CA TYR C 137 38.13 19.32 -9.68
C TYR C 137 37.47 20.63 -10.07
N ASN C 138 36.86 20.70 -11.25
CA ASN C 138 36.18 21.90 -11.73
C ASN C 138 34.74 21.51 -12.06
N ILE C 139 33.79 22.03 -11.30
CA ILE C 139 32.37 21.84 -11.56
C ILE C 139 31.89 23.10 -12.26
N THR C 140 31.79 23.05 -13.58
CA THR C 140 31.56 24.23 -14.40
C THR C 140 30.14 24.25 -14.95
N LYS C 141 29.67 25.46 -15.25
CA LYS C 141 28.34 25.64 -15.82
C LYS C 141 28.23 25.04 -17.21
N GLU C 142 29.31 25.09 -17.99
CA GLU C 142 29.33 24.42 -19.28
C GLU C 142 28.93 22.96 -19.14
N GLY C 143 29.58 22.25 -18.21
CA GLY C 143 29.42 20.81 -18.14
C GLY C 143 28.08 20.36 -17.59
N ILE C 144 27.44 21.16 -16.76
CA ILE C 144 26.34 20.71 -15.91
C ILE C 144 25.07 21.53 -16.12
N SER C 145 25.19 22.86 -16.11
CA SER C 145 24.03 23.72 -15.91
C SER C 145 22.93 23.55 -16.94
N ARG C 146 23.24 23.01 -18.12
CA ARG C 146 22.24 22.84 -19.15
C ARG C 146 21.56 21.47 -19.11
N LEU C 147 21.91 20.63 -18.13
CA LEU C 147 21.23 19.34 -17.95
C LEU C 147 20.10 19.53 -16.93
N ILE C 148 19.09 20.29 -17.36
CA ILE C 148 18.01 20.70 -16.47
C ILE C 148 17.09 19.57 -16.05
N ASN C 149 17.25 18.38 -16.63
CA ASN C 149 16.45 17.22 -16.25
C ASN C 149 17.17 16.33 -15.25
N LEU C 150 18.33 16.76 -14.75
CA LEU C 150 19.12 15.93 -13.84
C LEU C 150 18.37 15.72 -12.53
N LYS C 151 18.27 14.46 -12.10
CA LYS C 151 17.68 14.09 -10.84
C LYS C 151 18.70 13.65 -9.80
N ASN C 152 19.71 12.88 -10.20
CA ASN C 152 20.76 12.42 -9.30
C ASN C 152 22.11 12.73 -9.93
N LEU C 153 22.96 13.45 -9.18
CA LEU C 153 24.29 13.82 -9.65
C LEU C 153 25.32 13.36 -8.62
N TYR C 154 26.17 12.42 -9.01
CA TYR C 154 27.18 11.83 -8.13
C TYR C 154 28.55 12.34 -8.57
N LEU C 155 29.20 13.12 -7.70
CA LEU C 155 30.54 13.64 -7.95
C LEU C 155 31.50 13.26 -6.82
N ALA C 156 31.23 12.14 -6.15
CA ALA C 156 31.98 11.78 -4.96
C ALA C 156 33.32 11.13 -5.32
N TRP C 157 34.26 11.24 -4.38
CA TRP C 157 35.52 10.50 -4.42
C TRP C 157 36.41 10.93 -5.59
N ASN C 158 36.60 12.23 -5.74
CA ASN C 158 37.51 12.74 -6.76
C ASN C 158 38.80 13.33 -6.21
N CYS C 159 38.77 13.92 -5.01
CA CYS C 159 39.97 14.45 -4.37
C CYS C 159 39.89 14.09 -2.89
N TYR C 160 40.70 13.13 -2.46
CA TYR C 160 40.57 12.57 -1.13
C TYR C 160 41.89 11.96 -0.69
N PHE C 161 42.04 11.80 0.61
CA PHE C 161 43.15 11.05 1.25
C PHE C 161 44.46 11.70 0.82
N ASN C 162 45.47 10.93 0.42
CA ASN C 162 46.74 11.46 -0.05
C ASN C 162 46.83 11.44 -1.58
N LYS C 163 45.71 11.31 -2.27
CA LYS C 163 45.71 11.42 -3.72
C LYS C 163 46.11 12.83 -4.13
N VAL C 164 46.95 12.93 -5.15
CA VAL C 164 47.40 14.22 -5.64
C VAL C 164 46.27 14.84 -6.45
N CYS C 165 45.71 15.94 -5.95
CA CYS C 165 44.56 16.57 -6.59
C CYS C 165 44.50 18.02 -6.14
N GLU C 166 43.61 18.78 -6.78
CA GLU C 166 43.42 20.19 -6.49
C GLU C 166 42.18 20.37 -5.61
N LYS C 167 42.12 21.52 -4.95
CA LYS C 167 40.90 21.90 -4.23
C LYS C 167 39.76 21.99 -5.22
N THR C 168 38.61 21.43 -4.85
CA THR C 168 37.47 21.39 -5.74
C THR C 168 36.88 22.78 -5.89
N ASN C 169 36.96 23.34 -7.09
CA ASN C 169 36.33 24.62 -7.39
C ASN C 169 34.93 24.37 -7.95
N ILE C 170 33.94 25.01 -7.34
CA ILE C 170 32.54 24.87 -7.75
C ILE C 170 32.09 26.24 -8.24
N GLU C 171 31.79 26.33 -9.54
CA GLU C 171 31.38 27.60 -10.12
C GLU C 171 30.08 28.08 -9.47
N ASP C 172 29.99 29.38 -9.26
CA ASP C 172 28.87 29.95 -8.53
C ASP C 172 27.57 29.76 -9.28
N GLY C 173 26.62 29.05 -8.66
CA GLY C 173 25.34 28.82 -9.29
C GLY C 173 25.33 27.71 -10.31
N VAL C 174 26.30 26.79 -10.25
CA VAL C 174 26.35 25.70 -11.23
C VAL C 174 25.14 24.79 -11.09
N PHE C 175 24.61 24.64 -9.88
CA PHE C 175 23.45 23.81 -9.64
C PHE C 175 22.14 24.59 -9.64
N GLU C 176 22.19 25.91 -9.82
CA GLU C 176 21.00 26.74 -9.66
C GLU C 176 19.92 26.40 -10.69
N THR C 177 20.32 25.91 -11.86
CA THR C 177 19.38 25.63 -12.94
C THR C 177 18.88 24.19 -12.96
N LEU C 178 19.33 23.35 -12.03
CA LEU C 178 18.88 21.96 -11.95
C LEU C 178 17.68 21.87 -11.00
N THR C 179 16.58 22.51 -11.42
CA THR C 179 15.39 22.60 -10.58
C THR C 179 14.64 21.28 -10.45
N ASN C 180 15.15 20.19 -11.02
CA ASN C 180 14.59 18.86 -10.82
C ASN C 180 15.52 17.94 -10.05
N LEU C 181 16.65 18.46 -9.55
CA LEU C 181 17.65 17.63 -8.90
C LEU C 181 17.19 17.26 -7.49
N GLU C 182 17.16 15.96 -7.20
CA GLU C 182 16.75 15.47 -5.89
C GLU C 182 17.91 14.93 -5.05
N LEU C 183 19.02 14.56 -5.68
CA LEU C 183 20.17 14.02 -4.96
C LEU C 183 21.43 14.68 -5.49
N LEU C 184 22.27 15.16 -4.57
CA LEU C 184 23.57 15.72 -4.91
C LEU C 184 24.60 15.18 -3.92
N SER C 185 25.62 14.50 -4.43
CA SER C 185 26.68 13.93 -3.60
C SER C 185 28.01 14.52 -4.05
N LEU C 186 28.61 15.35 -3.20
CA LEU C 186 29.94 15.89 -3.42
C LEU C 186 30.94 15.37 -2.39
N SER C 187 30.64 14.24 -1.76
CA SER C 187 31.44 13.76 -0.65
C SER C 187 32.83 13.31 -1.11
N PHE C 188 33.79 13.41 -0.18
CA PHE C 188 35.18 13.04 -0.44
C PHE C 188 35.77 13.87 -1.59
N ASN C 189 35.53 15.17 -1.52
CA ASN C 189 36.23 16.19 -2.27
C ASN C 189 36.59 17.30 -1.30
N SER C 190 37.41 18.24 -1.74
CA SER C 190 37.83 19.35 -0.87
C SER C 190 37.02 20.59 -1.24
N LEU C 191 35.93 20.81 -0.51
CA LEU C 191 35.01 21.91 -0.82
C LEU C 191 35.19 23.11 0.10
N SER C 192 35.55 22.90 1.36
CA SER C 192 35.78 23.95 2.35
C SER C 192 34.49 24.67 2.76
N HIS C 193 33.52 24.76 1.85
CA HIS C 193 32.27 25.46 2.13
C HIS C 193 31.12 24.74 1.45
N VAL C 194 29.93 24.90 2.02
CA VAL C 194 28.72 24.39 1.38
C VAL C 194 28.44 25.21 0.13
N PRO C 195 28.23 24.59 -1.04
CA PRO C 195 27.95 25.36 -2.25
C PRO C 195 26.64 26.11 -2.12
N PRO C 196 26.66 27.45 -2.28
CA PRO C 196 25.40 28.19 -2.29
C PRO C 196 24.63 27.99 -3.59
N LYS C 197 23.44 28.58 -3.69
CA LYS C 197 22.61 28.51 -4.89
C LYS C 197 22.33 27.07 -5.29
N LEU C 198 21.84 26.29 -4.33
CA LEU C 198 21.40 24.91 -4.52
C LEU C 198 19.91 24.88 -4.85
N PRO C 199 19.47 23.99 -5.73
CA PRO C 199 18.05 23.96 -6.11
C PRO C 199 17.18 23.52 -4.95
N SER C 200 16.01 24.14 -4.85
CA SER C 200 15.07 23.85 -3.77
C SER C 200 14.44 22.46 -3.88
N SER C 201 14.61 21.79 -5.01
CA SER C 201 14.13 20.42 -5.16
C SER C 201 15.01 19.40 -4.44
N LEU C 202 16.13 19.83 -3.89
CA LEU C 202 17.08 18.92 -3.25
C LEU C 202 16.41 18.14 -2.12
N ARG C 203 16.60 16.83 -2.13
CA ARG C 203 16.09 15.95 -1.08
C ARG C 203 17.17 15.19 -0.33
N LYS C 204 18.30 14.90 -0.97
CA LYS C 204 19.42 14.22 -0.32
C LYS C 204 20.71 14.94 -0.69
N LEU C 205 21.42 15.45 0.30
CA LEU C 205 22.65 16.21 0.10
C LEU C 205 23.77 15.52 0.86
N PHE C 206 24.74 14.98 0.11
CA PHE C 206 25.89 14.29 0.69
C PHE C 206 27.11 15.21 0.61
N LEU C 207 27.66 15.54 1.79
CA LEU C 207 28.82 16.43 1.87
C LEU C 207 29.84 15.87 2.85
N SER C 208 30.04 14.56 2.85
CA SER C 208 30.95 13.92 3.78
C SER C 208 32.40 14.11 3.35
N ASN C 209 33.27 14.30 4.34
CA ASN C 209 34.71 14.43 4.11
C ASN C 209 35.03 15.50 3.07
N THR C 210 34.47 16.70 3.30
CA THR C 210 34.66 17.82 2.39
C THR C 210 35.39 19.00 3.03
N GLN C 211 36.01 18.78 4.19
CA GLN C 211 36.82 19.80 4.86
C GLN C 211 36.00 21.06 5.16
N ILE C 212 34.75 20.87 5.54
CA ILE C 212 33.85 21.97 5.88
C ILE C 212 33.87 22.15 7.40
N LYS C 213 34.32 23.30 7.86
CA LYS C 213 34.50 23.56 9.29
C LYS C 213 33.28 24.21 9.93
N TYR C 214 32.52 25.00 9.17
CA TYR C 214 31.45 25.81 9.74
C TYR C 214 30.17 25.60 8.97
N ILE C 215 29.06 25.50 9.70
CA ILE C 215 27.74 25.33 9.13
C ILE C 215 26.81 26.37 9.76
N SER C 216 26.16 27.17 8.92
CA SER C 216 25.25 28.20 9.38
C SER C 216 23.91 28.08 8.66
N GLU C 217 23.00 28.98 8.99
CA GLU C 217 21.65 28.94 8.44
C GLU C 217 21.64 29.14 6.93
N GLU C 218 22.58 29.93 6.40
CA GLU C 218 22.54 30.34 5.00
C GLU C 218 22.96 29.22 4.04
N ASP C 219 23.63 28.17 4.55
CA ASP C 219 24.10 27.10 3.67
C ASP C 219 22.95 26.24 3.14
N PHE C 220 21.79 26.26 3.80
CA PHE C 220 20.64 25.46 3.39
C PHE C 220 19.49 26.39 3.04
N LYS C 221 19.78 27.34 2.14
CA LYS C 221 18.84 28.40 1.80
C LYS C 221 17.78 27.85 0.85
N GLY C 222 16.55 27.70 1.37
CA GLY C 222 15.44 27.24 0.55
C GLY C 222 15.38 25.75 0.30
N LEU C 223 16.09 24.95 1.10
CA LEU C 223 16.08 23.49 0.96
C LEU C 223 15.01 22.85 1.85
N ILE C 224 13.76 23.28 1.60
CA ILE C 224 12.62 22.85 2.41
C ILE C 224 12.17 21.43 2.09
N ASN C 225 12.72 20.81 1.06
CA ASN C 225 12.42 19.41 0.73
C ASN C 225 13.50 18.45 1.22
N LEU C 226 14.58 18.96 1.81
CA LEU C 226 15.72 18.13 2.18
C LEU C 226 15.33 17.12 3.26
N THR C 227 15.56 15.84 2.98
CA THR C 227 15.29 14.77 3.93
C THR C 227 16.55 14.10 4.46
N LEU C 228 17.69 14.24 3.78
CA LEU C 228 18.95 13.67 4.21
C LEU C 228 20.04 14.72 4.13
N LEU C 229 20.85 14.81 5.18
CA LEU C 229 22.00 15.71 5.21
C LEU C 229 23.18 14.95 5.79
N ASP C 230 24.22 14.76 4.99
CA ASP C 230 25.43 14.04 5.39
C ASP C 230 26.56 15.05 5.53
N LEU C 231 26.94 15.35 6.77
CA LEU C 231 28.06 16.22 7.07
C LEU C 231 29.20 15.48 7.76
N SER C 232 29.20 14.15 7.69
CA SER C 232 30.16 13.34 8.42
C SER C 232 31.57 13.56 7.87
N GLY C 233 32.56 13.27 8.72
CA GLY C 233 33.94 13.36 8.31
C GLY C 233 34.52 14.75 8.21
N ASN C 234 33.75 15.78 8.55
CA ASN C 234 34.23 17.16 8.56
C ASN C 234 34.67 17.50 9.98
N CYS C 235 35.94 17.92 10.12
CA CYS C 235 36.63 17.97 11.41
C CYS C 235 36.63 16.57 11.99
N PRO C 236 37.29 15.60 11.36
CA PRO C 236 37.12 14.20 11.75
C PRO C 236 37.85 13.87 13.04
N ARG C 237 37.43 12.76 13.64
CA ARG C 237 38.12 12.15 14.78
C ARG C 237 39.15 11.18 14.21
N CYS C 238 40.43 11.54 14.34
CA CYS C 238 41.48 10.90 13.55
C CYS C 238 42.24 9.79 14.27
N PHE C 239 42.01 9.59 15.56
CA PHE C 239 42.75 8.55 16.27
C PHE C 239 42.38 7.18 15.73
N ASN C 240 43.40 6.38 15.39
CA ASN C 240 43.23 5.02 14.88
C ASN C 240 42.41 4.98 13.59
N ALA C 241 42.49 6.04 12.80
CA ALA C 241 41.74 6.07 11.54
C ALA C 241 42.36 5.08 10.55
N PRO C 242 41.56 4.25 9.88
CA PRO C 242 42.12 3.32 8.89
C PRO C 242 42.31 3.97 7.53
N PHE C 243 42.52 5.29 7.54
CA PHE C 243 42.72 6.05 6.31
C PHE C 243 43.50 7.31 6.67
N PRO C 244 44.11 7.98 5.68
CA PRO C 244 44.73 9.28 5.95
C PRO C 244 43.72 10.29 6.47
N CYS C 245 43.85 10.65 7.75
CA CYS C 245 42.89 11.51 8.43
C CYS C 245 43.56 12.83 8.80
N VAL C 246 42.90 13.94 8.47
CA VAL C 246 43.40 15.27 8.81
C VAL C 246 42.42 15.94 9.75
N PRO C 247 42.76 16.12 11.02
CA PRO C 247 41.83 16.77 11.96
C PRO C 247 41.83 18.27 11.77
N CYS C 248 40.74 18.89 12.23
CA CYS C 248 40.72 20.34 12.32
C CYS C 248 41.72 20.80 13.37
N ASP C 249 42.13 22.05 13.25
CA ASP C 249 43.23 22.57 14.08
C ASP C 249 42.92 22.39 15.55
N GLY C 250 43.81 21.69 16.26
CA GLY C 250 43.60 21.35 17.64
C GLY C 250 42.64 20.20 17.88
N GLY C 251 42.31 19.44 16.83
CA GLY C 251 41.27 18.43 16.97
C GLY C 251 39.91 19.01 17.26
N ALA C 252 39.66 20.24 16.82
CA ALA C 252 38.46 20.96 17.18
C ALA C 252 37.22 20.28 16.59
N SER C 253 36.07 20.59 17.20
CA SER C 253 34.79 20.09 16.73
C SER C 253 34.33 20.88 15.52
N ILE C 254 33.44 20.27 14.74
CA ILE C 254 32.76 21.00 13.68
C ILE C 254 31.89 22.07 14.33
N ASN C 255 31.80 23.23 13.67
CA ASN C 255 31.05 24.36 14.21
C ASN C 255 29.71 24.43 13.49
N ILE C 256 28.73 23.69 14.02
CA ILE C 256 27.36 23.75 13.53
C ILE C 256 26.65 24.82 14.35
N ASP C 257 26.29 25.93 13.70
CA ASP C 257 25.73 27.07 14.40
C ASP C 257 24.35 26.73 14.97
N ARG C 258 23.96 27.50 15.98
CA ARG C 258 22.73 27.25 16.75
C ARG C 258 21.51 27.05 15.86
N PHE C 259 21.34 27.88 14.84
CA PHE C 259 20.15 27.86 13.99
C PHE C 259 20.42 27.28 12.61
N ALA C 260 21.44 26.43 12.48
CA ALA C 260 21.85 25.96 11.16
C ALA C 260 20.77 25.15 10.47
N PHE C 261 19.94 24.43 11.22
CA PHE C 261 18.95 23.52 10.66
C PHE C 261 17.52 24.00 10.86
N GLN C 262 17.33 25.29 11.13
CA GLN C 262 16.00 25.77 11.55
C GLN C 262 14.97 25.62 10.45
N ASN C 263 15.38 25.67 9.18
CA ASN C 263 14.46 25.57 8.05
C ASN C 263 14.41 24.18 7.43
N LEU C 264 15.11 23.21 8.01
CA LEU C 264 15.16 21.86 7.47
C LEU C 264 14.12 20.96 8.14
N THR C 265 12.85 21.33 7.97
CA THR C 265 11.76 20.69 8.69
C THR C 265 11.44 19.28 8.19
N GLN C 266 11.96 18.88 7.03
CA GLN C 266 11.64 17.57 6.46
C GLN C 266 12.77 16.57 6.63
N LEU C 267 13.76 16.87 7.47
CA LEU C 267 14.93 15.99 7.59
C LEU C 267 14.55 14.68 8.25
N ARG C 268 14.88 13.58 7.58
CA ARG C 268 14.73 12.23 8.13
C ARG C 268 16.05 11.58 8.50
N TYR C 269 17.14 11.97 7.83
CA TYR C 269 18.45 11.37 8.03
C TYR C 269 19.48 12.45 8.26
N LEU C 270 20.23 12.34 9.35
CA LEU C 270 21.30 13.27 9.68
C LEU C 270 22.53 12.47 10.05
N ASN C 271 23.62 12.67 9.31
CA ASN C 271 24.88 11.97 9.54
C ASN C 271 25.91 12.97 10.02
N LEU C 272 26.29 12.86 11.30
CA LEU C 272 27.33 13.69 11.88
C LEU C 272 28.47 12.85 12.43
N SER C 273 28.68 11.67 11.84
CA SER C 273 29.74 10.78 12.30
C SER C 273 31.10 11.40 12.02
N SER C 274 32.02 11.23 12.97
CA SER C 274 33.40 11.73 12.85
C SER C 274 33.41 13.22 12.52
N THR C 275 32.70 14.00 13.33
CA THR C 275 32.78 15.45 13.29
C THR C 275 33.34 16.01 14.59
N SER C 276 33.90 15.15 15.44
CA SER C 276 34.58 15.55 16.68
C SER C 276 33.66 16.29 17.63
N LEU C 277 32.37 15.94 17.64
CA LEU C 277 31.41 16.63 18.49
C LEU C 277 31.62 16.24 19.94
N ARG C 278 31.69 17.26 20.81
CA ARG C 278 31.63 17.05 22.25
C ARG C 278 30.28 17.41 22.84
N LYS C 279 29.51 18.24 22.15
CA LYS C 279 28.21 18.69 22.63
C LYS C 279 27.22 18.65 21.46
N ILE C 280 26.03 18.13 21.72
CA ILE C 280 24.94 18.13 20.74
C ILE C 280 23.96 19.21 21.16
N ASN C 281 23.88 20.27 20.36
CA ASN C 281 22.98 21.38 20.66
C ASN C 281 21.54 20.96 20.40
N ALA C 282 20.72 20.98 21.45
CA ALA C 282 19.32 20.57 21.32
C ALA C 282 18.56 21.48 20.36
N ALA C 283 18.98 22.74 20.23
CA ALA C 283 18.31 23.68 19.34
C ALA C 283 18.39 23.26 17.88
N TRP C 284 19.36 22.39 17.53
CA TRP C 284 19.46 21.91 16.16
C TRP C 284 18.21 21.17 15.71
N PHE C 285 17.42 20.64 16.65
CA PHE C 285 16.31 19.76 16.33
C PHE C 285 14.95 20.37 16.67
N LYS C 286 14.89 21.67 16.96
CA LYS C 286 13.63 22.29 17.35
C LYS C 286 12.60 22.17 16.23
N ASN C 287 13.04 22.29 14.98
CA ASN C 287 12.16 22.24 13.82
C ASN C 287 12.36 20.95 13.02
N MET C 288 12.75 19.86 13.67
CA MET C 288 13.02 18.59 13.02
C MET C 288 12.09 17.51 13.59
N PRO C 289 10.79 17.60 13.30
CA PRO C 289 9.84 16.64 13.89
C PRO C 289 9.88 15.26 13.25
N HIS C 290 10.56 15.09 12.12
CA HIS C 290 10.52 13.85 11.37
C HIS C 290 11.85 13.10 11.39
N LEU C 291 12.82 13.54 12.19
CA LEU C 291 14.13 12.89 12.19
C LEU C 291 13.99 11.43 12.60
N LYS C 292 14.48 10.54 11.73
CA LYS C 292 14.36 9.10 11.91
C LYS C 292 15.68 8.41 12.20
N VAL C 293 16.76 8.84 11.56
CA VAL C 293 18.06 8.19 11.70
C VAL C 293 19.09 9.27 12.03
N LEU C 294 19.81 9.09 13.14
CA LEU C 294 20.80 10.05 13.61
C LEU C 294 22.11 9.32 13.83
N ASP C 295 23.10 9.58 12.97
CA ASP C 295 24.41 8.96 13.06
C ASP C 295 25.37 9.90 13.78
N LEU C 296 25.91 9.45 14.91
CA LEU C 296 26.84 10.24 15.70
C LEU C 296 28.08 9.42 16.04
N GLU C 297 28.49 8.52 15.15
CA GLU C 297 29.64 7.67 15.40
C GLU C 297 30.93 8.49 15.40
N PHE C 298 31.96 7.90 16.00
CA PHE C 298 33.33 8.41 15.94
C PHE C 298 33.41 9.88 16.36
N ASN C 299 32.75 10.20 17.47
CA ASN C 299 32.84 11.53 18.06
C ASN C 299 33.37 11.41 19.48
N TYR C 300 33.16 12.44 20.30
CA TYR C 300 33.58 12.40 21.70
C TYR C 300 32.37 12.63 22.61
N LEU C 301 31.34 11.80 22.48
CA LEU C 301 30.04 12.07 23.07
C LEU C 301 29.77 11.25 24.33
N VAL C 302 30.81 10.68 24.96
CA VAL C 302 30.60 9.90 26.17
C VAL C 302 29.93 10.75 27.25
N GLY C 303 30.35 12.02 27.38
CA GLY C 303 29.69 12.91 28.32
C GLY C 303 28.27 13.25 27.90
N GLU C 304 28.05 13.47 26.59
CA GLU C 304 26.71 13.74 26.11
C GLU C 304 25.79 12.54 26.29
N ILE C 305 26.34 11.32 26.19
CA ILE C 305 25.54 10.12 26.43
C ILE C 305 25.06 10.09 27.88
N ALA C 306 25.79 10.71 28.79
CA ALA C 306 25.42 10.69 30.20
C ALA C 306 24.42 11.81 30.55
N SER C 307 24.40 12.90 29.78
CA SER C 307 23.46 13.98 30.00
C SER C 307 22.37 13.98 28.92
N GLY C 308 22.72 14.32 27.69
CA GLY C 308 21.81 14.18 26.56
C GLY C 308 20.55 15.01 26.63
N ALA C 309 20.70 16.34 26.72
CA ALA C 309 19.54 17.21 26.67
C ALA C 309 18.87 17.16 25.31
N PHE C 310 19.64 16.93 24.25
CA PHE C 310 19.07 16.85 22.90
C PHE C 310 18.16 15.64 22.74
N LEU C 311 18.31 14.61 23.56
CA LEU C 311 17.49 13.42 23.44
C LEU C 311 16.01 13.71 23.63
N THR C 312 15.69 14.75 24.41
CA THR C 312 14.31 15.15 24.60
C THR C 312 13.68 15.71 23.33
N MET C 313 14.48 16.03 22.32
CA MET C 313 13.99 16.65 21.10
C MET C 313 13.65 15.64 20.00
N LEU C 314 13.89 14.35 20.22
CA LEU C 314 13.79 13.34 19.17
C LEU C 314 12.87 12.20 19.60
N PRO C 315 11.57 12.47 19.78
CA PRO C 315 10.64 11.40 20.19
C PRO C 315 10.21 10.49 19.06
N ARG C 316 10.49 10.84 17.80
CA ARG C 316 10.14 10.01 16.66
C ARG C 316 11.36 9.36 16.02
N LEU C 317 12.54 9.50 16.62
CA LEU C 317 13.74 8.89 16.11
C LEU C 317 13.67 7.37 16.24
N GLU C 318 14.10 6.66 15.19
CA GLU C 318 14.05 5.21 15.14
C GLU C 318 15.42 4.56 15.28
N ILE C 319 16.46 5.11 14.65
CA ILE C 319 17.80 4.55 14.67
C ILE C 319 18.74 5.60 15.24
N LEU C 320 19.51 5.21 16.26
CA LEU C 320 20.49 6.08 16.89
C LEU C 320 21.82 5.33 16.99
N ASP C 321 22.83 5.82 16.28
CA ASP C 321 24.15 5.20 16.24
C ASP C 321 25.13 6.10 16.97
N LEU C 322 25.63 5.63 18.12
CA LEU C 322 26.63 6.34 18.90
C LEU C 322 27.92 5.53 19.01
N SER C 323 28.21 4.74 17.98
CA SER C 323 29.32 3.80 18.04
C SER C 323 30.66 4.52 18.08
N PHE C 324 31.63 3.88 18.75
CA PHE C 324 33.03 4.31 18.74
C PHE C 324 33.20 5.75 19.21
N ASN C 325 32.62 6.05 20.38
CA ASN C 325 32.79 7.33 21.05
C ASN C 325 33.72 7.22 22.25
N TYR C 326 34.49 6.13 22.33
CA TYR C 326 35.25 5.82 23.53
C TYR C 326 36.28 6.92 23.83
N ILE C 327 36.67 6.98 25.10
CA ILE C 327 37.75 7.86 25.52
C ILE C 327 39.05 7.06 25.50
N LYS C 328 40.08 7.64 24.87
CA LYS C 328 41.33 6.93 24.69
C LYS C 328 41.99 6.65 26.03
N GLY C 329 42.44 5.40 26.21
CA GLY C 329 43.14 5.00 27.42
C GLY C 329 42.28 4.82 28.64
N SER C 330 40.97 5.00 28.55
CA SER C 330 40.07 4.85 29.68
C SER C 330 39.18 3.63 29.47
N TYR C 331 38.87 2.95 30.57
CA TYR C 331 38.16 1.67 30.54
C TYR C 331 37.17 1.66 31.71
N PRO C 332 36.13 2.47 31.64
CA PRO C 332 35.22 2.61 32.79
C PRO C 332 34.54 1.29 33.13
N GLN C 333 34.12 1.18 34.39
CA GLN C 333 33.53 -0.06 34.86
C GLN C 333 32.10 -0.24 34.36
N HIS C 334 31.38 0.86 34.12
CA HIS C 334 30.01 0.79 33.65
C HIS C 334 29.78 1.84 32.58
N ILE C 335 28.73 1.64 31.80
CA ILE C 335 28.29 2.61 30.81
C ILE C 335 27.30 3.55 31.49
N ASN C 336 27.42 4.84 31.21
CA ASN C 336 26.59 5.87 31.83
C ASN C 336 25.55 6.32 30.81
N ILE C 337 24.35 5.76 30.91
CA ILE C 337 23.26 6.05 30.00
C ILE C 337 22.32 7.04 30.65
N SER C 338 22.12 8.19 30.01
CA SER C 338 21.30 9.24 30.57
C SER C 338 19.86 8.79 30.71
N ARG C 339 19.21 9.28 31.77
CA ARG C 339 17.78 9.03 31.95
C ARG C 339 16.95 9.59 30.81
N ASN C 340 17.47 10.58 30.08
CA ASN C 340 16.75 11.17 28.96
C ASN C 340 16.61 10.23 27.77
N PHE C 341 17.30 9.09 27.78
CA PHE C 341 17.09 8.09 26.74
C PHE C 341 15.66 7.56 26.74
N SER C 342 14.95 7.67 27.86
CA SER C 342 13.55 7.26 27.94
C SER C 342 12.63 8.19 27.16
N LYS C 343 13.14 9.30 26.63
CA LYS C 343 12.36 10.18 25.77
C LYS C 343 12.33 9.72 24.32
N LEU C 344 13.17 8.75 23.95
CA LEU C 344 13.23 8.24 22.58
C LEU C 344 12.16 7.16 22.41
N LEU C 345 10.91 7.63 22.41
CA LEU C 345 9.77 6.72 22.47
C LEU C 345 9.51 5.96 21.18
N SER C 346 10.18 6.31 20.08
CA SER C 346 10.04 5.58 18.83
C SER C 346 11.31 4.81 18.48
N LEU C 347 12.32 4.81 19.36
CA LEU C 347 13.60 4.18 19.04
C LEU C 347 13.42 2.69 18.79
N ARG C 348 13.99 2.22 17.68
CA ARG C 348 13.94 0.82 17.29
C ARG C 348 15.29 0.12 17.43
N ALA C 349 16.38 0.78 17.07
CA ALA C 349 17.72 0.20 17.13
C ALA C 349 18.66 1.20 17.79
N LEU C 350 19.40 0.73 18.80
CA LEU C 350 20.38 1.54 19.51
C LEU C 350 21.75 0.90 19.32
N HIS C 351 22.66 1.62 18.67
CA HIS C 351 24.00 1.14 18.38
C HIS C 351 24.98 1.83 19.32
N LEU C 352 25.61 1.05 20.20
CA LEU C 352 26.57 1.57 21.18
C LEU C 352 27.84 0.71 21.13
N ARG C 353 28.43 0.61 19.94
CA ARG C 353 29.70 -0.08 19.79
C ARG C 353 30.84 0.85 20.16
N GLY C 354 31.97 0.25 20.52
CA GLY C 354 33.17 1.02 20.81
C GLY C 354 32.99 2.09 21.87
N TYR C 355 32.12 1.85 22.85
CA TYR C 355 32.07 2.72 24.02
C TYR C 355 33.14 2.30 25.03
N VAL C 356 33.39 0.99 25.13
CA VAL C 356 34.44 0.40 25.94
C VAL C 356 34.12 0.56 27.42
N PHE C 357 33.56 -0.48 28.03
CA PHE C 357 33.30 -0.52 29.46
C PHE C 357 33.34 -1.97 29.93
N GLN C 358 33.56 -2.14 31.24
CA GLN C 358 33.89 -3.45 31.79
C GLN C 358 32.68 -4.30 32.12
N GLU C 359 31.59 -3.70 32.57
CA GLU C 359 30.49 -4.46 33.16
C GLU C 359 29.17 -3.77 32.87
N LEU C 360 28.14 -4.58 32.58
CA LEU C 360 26.79 -4.10 32.29
C LEU C 360 25.87 -4.57 33.41
N ARG C 361 25.52 -3.65 34.31
CA ARG C 361 24.60 -3.95 35.39
C ARG C 361 23.15 -3.75 34.94
N GLU C 362 22.22 -4.21 35.77
CA GLU C 362 20.81 -4.11 35.43
C GLU C 362 20.35 -2.65 35.38
N ASP C 363 20.75 -1.85 36.37
CA ASP C 363 20.32 -0.45 36.41
C ASP C 363 20.99 0.41 35.36
N ASP C 364 22.00 -0.12 34.65
CA ASP C 364 22.67 0.68 33.63
C ASP C 364 21.75 0.98 32.45
N PHE C 365 20.84 0.06 32.12
CA PHE C 365 19.99 0.19 30.95
C PHE C 365 18.53 0.46 31.31
N GLN C 366 18.27 0.91 32.53
CA GLN C 366 16.90 1.19 32.94
C GLN C 366 16.21 2.28 32.11
N PRO C 367 16.88 3.35 31.66
CA PRO C 367 16.18 4.33 30.81
C PRO C 367 15.65 3.75 29.51
N LEU C 368 16.14 2.59 29.07
CA LEU C 368 15.70 2.00 27.81
C LEU C 368 14.63 0.93 27.98
N MET C 369 14.26 0.58 29.22
CA MET C 369 13.46 -0.61 29.47
C MET C 369 11.97 -0.41 29.21
N GLN C 370 11.52 0.82 28.96
CA GLN C 370 10.12 1.07 28.66
C GLN C 370 9.89 1.59 27.25
N LEU C 371 10.95 1.72 26.44
CA LEU C 371 10.80 2.16 25.06
C LEU C 371 9.96 1.14 24.30
N PRO C 372 8.84 1.56 23.70
CA PRO C 372 7.87 0.58 23.20
C PRO C 372 8.38 -0.33 22.09
N ASN C 373 9.14 0.20 21.13
CA ASN C 373 9.53 -0.57 19.95
C ASN C 373 11.04 -0.79 19.86
N LEU C 374 11.76 -0.67 20.97
CA LEU C 374 13.20 -0.94 20.96
C LEU C 374 13.42 -2.43 20.81
N SER C 375 13.84 -2.86 19.62
CA SER C 375 14.01 -4.28 19.32
C SER C 375 15.46 -4.69 19.09
N THR C 376 16.34 -3.74 18.75
CA THR C 376 17.74 -4.04 18.51
C THR C 376 18.60 -3.18 19.41
N ILE C 377 19.50 -3.82 20.17
CA ILE C 377 20.55 -3.11 20.89
C ILE C 377 21.88 -3.78 20.55
N ASN C 378 22.88 -2.97 20.24
CA ASN C 378 24.14 -3.43 19.67
C ASN C 378 25.27 -2.95 20.57
N LEU C 379 25.91 -3.87 21.29
CA LEU C 379 27.01 -3.56 22.19
C LEU C 379 28.29 -4.27 21.76
N GLY C 380 28.48 -4.46 20.46
CA GLY C 380 29.68 -5.12 19.98
C GLY C 380 30.92 -4.27 20.18
N ILE C 381 32.05 -4.95 20.34
CA ILE C 381 33.36 -4.32 20.47
C ILE C 381 33.36 -3.31 21.61
N ASN C 382 33.02 -3.77 22.81
CA ASN C 382 33.08 -2.94 24.01
C ASN C 382 34.01 -3.51 25.07
N PHE C 383 34.61 -4.68 24.84
CA PHE C 383 35.49 -5.34 25.79
C PHE C 383 34.80 -5.57 27.13
N ILE C 384 33.48 -5.81 27.08
CA ILE C 384 32.71 -6.09 28.30
C ILE C 384 33.19 -7.40 28.91
N LYS C 385 33.42 -7.40 30.22
CA LYS C 385 33.87 -8.60 30.91
C LYS C 385 32.73 -9.44 31.44
N GLN C 386 31.66 -8.81 31.94
CA GLN C 386 30.56 -9.53 32.55
C GLN C 386 29.26 -8.75 32.37
N ILE C 387 28.17 -9.48 32.22
CA ILE C 387 26.85 -8.90 32.00
C ILE C 387 25.86 -9.57 32.93
N ASP C 388 25.01 -8.77 33.57
CA ASP C 388 23.87 -9.28 34.33
C ASP C 388 22.74 -9.52 33.36
N PHE C 389 22.66 -10.76 32.85
CA PHE C 389 21.77 -11.06 31.73
C PHE C 389 20.30 -10.87 32.05
N LYS C 390 19.94 -10.80 33.33
CA LYS C 390 18.53 -10.64 33.68
C LYS C 390 17.97 -9.28 33.29
N LEU C 391 18.82 -8.32 32.93
CA LEU C 391 18.33 -7.00 32.55
C LEU C 391 17.55 -7.05 31.23
N PHE C 392 17.85 -8.02 30.37
CA PHE C 392 17.16 -8.11 29.08
C PHE C 392 15.75 -8.66 29.22
N GLN C 393 15.41 -9.28 30.35
CA GLN C 393 14.04 -9.72 30.57
C GLN C 393 13.10 -8.53 30.74
N ASN C 394 13.55 -7.48 31.41
CA ASN C 394 12.76 -6.29 31.71
C ASN C 394 12.48 -5.42 30.49
N PHE C 395 12.85 -5.84 29.28
CA PHE C 395 12.57 -5.07 28.08
C PHE C 395 11.22 -5.48 27.50
N SER C 396 10.64 -4.59 26.69
CA SER C 396 9.33 -4.82 26.10
C SER C 396 9.39 -5.90 25.04
N ASN C 397 10.03 -5.63 23.90
CA ASN C 397 10.15 -6.62 22.83
C ASN C 397 11.52 -6.51 22.16
N LEU C 398 12.57 -6.80 22.92
CA LEU C 398 13.88 -6.96 22.33
C LEU C 398 13.88 -8.17 21.39
N GLU C 399 14.33 -7.96 20.15
CA GLU C 399 14.42 -9.03 19.18
C GLU C 399 15.84 -9.39 18.80
N ILE C 400 16.79 -8.47 18.98
CA ILE C 400 18.19 -8.70 18.62
C ILE C 400 19.05 -8.16 19.76
N ILE C 401 19.74 -9.05 20.46
CA ILE C 401 20.69 -8.68 21.50
C ILE C 401 22.07 -9.03 20.96
N TYR C 402 22.80 -8.02 20.49
CA TYR C 402 24.09 -8.23 19.81
C TYR C 402 25.20 -7.91 20.81
N LEU C 403 25.84 -8.97 21.32
CA LEU C 403 26.98 -8.83 22.23
C LEU C 403 28.25 -9.43 21.63
N SER C 404 28.32 -9.55 20.31
CA SER C 404 29.48 -10.16 19.67
C SER C 404 30.73 -9.32 19.90
N GLU C 405 31.87 -10.01 19.94
CA GLU C 405 33.18 -9.37 20.03
C GLU C 405 33.34 -8.54 21.30
N ASN C 406 33.32 -9.24 22.43
CA ASN C 406 33.62 -8.62 23.72
C ASN C 406 34.61 -9.47 24.48
N ARG C 407 34.60 -9.40 25.81
CA ARG C 407 35.50 -10.19 26.65
C ARG C 407 34.72 -10.95 27.70
N ILE C 408 33.63 -11.58 27.30
CA ILE C 408 32.77 -12.31 28.23
C ILE C 408 33.33 -13.70 28.43
N SER C 409 33.51 -14.08 29.69
CA SER C 409 34.06 -15.36 30.12
C SER C 409 32.96 -16.19 30.79
N PRO C 410 33.23 -17.48 31.06
CA PRO C 410 32.23 -18.30 31.76
C PRO C 410 31.76 -17.66 33.05
N LEU C 411 30.47 -17.76 33.31
CA LEU C 411 29.86 -17.17 34.50
C LEU C 411 30.26 -17.93 35.76
N PHE C 437 40.88 1.16 -5.49
CA PHE C 437 40.66 1.92 -4.26
C PHE C 437 40.14 1.02 -3.15
N GLU C 438 40.33 1.46 -1.90
CA GLU C 438 40.09 0.59 -0.76
C GLU C 438 38.61 0.56 -0.36
N PHE C 439 37.95 1.71 -0.35
CA PHE C 439 36.59 1.82 0.17
C PHE C 439 35.57 1.91 -0.97
N ASP C 440 34.48 1.19 -0.82
CA ASP C 440 33.40 1.22 -1.80
C ASP C 440 32.70 2.57 -1.77
N PRO C 441 32.68 3.32 -2.88
CA PRO C 441 32.01 4.63 -2.88
C PRO C 441 30.49 4.54 -2.78
N HIS C 442 29.89 3.36 -2.98
CA HIS C 442 28.45 3.19 -2.89
C HIS C 442 28.03 2.56 -1.57
N SER C 443 28.91 2.55 -0.57
CA SER C 443 28.64 1.92 0.71
C SER C 443 28.83 2.94 1.84
N ASN C 444 28.34 2.57 3.02
CA ASN C 444 28.56 3.38 4.21
C ASN C 444 30.04 3.35 4.58
N PHE C 445 30.58 4.52 4.92
CA PHE C 445 32.01 4.64 5.19
C PHE C 445 32.36 4.26 6.63
N TYR C 446 31.47 4.52 7.58
CA TYR C 446 31.79 4.40 9.00
C TYR C 446 31.28 3.12 9.64
N HIS C 447 30.48 2.32 8.92
CA HIS C 447 30.06 1.02 9.40
C HIS C 447 29.52 0.22 8.23
N PHE C 448 29.45 -1.09 8.40
CA PHE C 448 28.85 -1.96 7.40
C PHE C 448 27.36 -2.13 7.70
N THR C 449 26.55 -2.12 6.64
CA THR C 449 25.11 -2.25 6.75
C THR C 449 24.64 -3.69 6.63
N ARG C 450 25.56 -4.65 6.71
CA ARG C 450 25.18 -6.05 6.74
C ARG C 450 24.35 -6.33 8.00
N PRO C 451 23.35 -7.21 7.92
CA PRO C 451 22.53 -7.50 9.11
C PRO C 451 23.37 -8.02 10.26
N LEU C 452 22.98 -7.63 11.48
CA LEU C 452 23.70 -8.06 12.67
C LEU C 452 23.62 -9.57 12.83
N ILE C 453 22.42 -10.12 12.74
CA ILE C 453 22.17 -11.56 12.83
C ILE C 453 21.75 -12.05 11.47
N LYS C 454 22.19 -13.26 11.12
CA LYS C 454 21.73 -13.89 9.89
C LYS C 454 20.22 -13.94 9.85
N PRO C 455 19.58 -13.49 8.76
CA PRO C 455 18.11 -13.52 8.72
C PRO C 455 17.52 -14.90 8.86
N GLN C 456 18.23 -15.95 8.43
CA GLN C 456 17.73 -17.30 8.60
C GLN C 456 17.62 -17.69 10.07
N CYS C 457 18.44 -17.09 10.92
CA CYS C 457 18.42 -17.33 12.36
C CYS C 457 17.44 -16.41 13.07
N ALA C 458 17.46 -15.12 12.73
CA ALA C 458 16.60 -14.15 13.38
C ALA C 458 15.11 -14.39 13.11
N ALA C 459 14.79 -15.15 12.06
CA ALA C 459 13.39 -15.38 11.72
C ALA C 459 12.67 -16.28 12.71
N TYR C 460 13.41 -17.04 13.52
CA TYR C 460 12.80 -17.97 14.45
C TYR C 460 12.28 -17.29 15.72
N GLY C 461 12.79 -16.12 16.06
CA GLY C 461 12.37 -15.42 17.25
C GLY C 461 13.51 -14.53 17.76
N LYS C 462 13.49 -14.28 19.07
CA LYS C 462 14.49 -13.43 19.68
C LYS C 462 15.88 -14.05 19.54
N ALA C 463 16.86 -13.22 19.23
CA ALA C 463 18.21 -13.66 18.93
C ALA C 463 19.19 -13.10 19.95
N LEU C 464 20.15 -13.93 20.35
CA LEU C 464 21.24 -13.53 21.23
C LEU C 464 22.55 -13.92 20.57
N ASP C 465 23.39 -12.93 20.28
CA ASP C 465 24.69 -13.15 19.65
C ASP C 465 25.78 -12.98 20.69
N LEU C 466 26.43 -14.09 21.05
CA LEU C 466 27.55 -14.08 21.98
C LEU C 466 28.82 -14.56 21.30
N SER C 467 28.92 -14.36 19.99
CA SER C 467 30.06 -14.85 19.24
C SER C 467 31.30 -13.99 19.51
N LEU C 468 32.46 -14.59 19.25
CA LEU C 468 33.76 -13.91 19.39
C LEU C 468 33.97 -13.42 20.82
N ASN C 469 33.62 -14.27 21.79
CA ASN C 469 33.91 -14.04 23.20
C ASN C 469 34.80 -15.17 23.70
N SER C 470 34.95 -15.25 25.02
CA SER C 470 35.79 -16.27 25.64
C SER C 470 34.99 -17.18 26.56
N ILE C 471 33.73 -17.43 26.22
CA ILE C 471 32.92 -18.40 26.95
C ILE C 471 33.37 -19.80 26.54
N PHE C 472 34.55 -20.20 27.02
CA PHE C 472 35.13 -21.49 26.64
C PHE C 472 34.53 -22.65 27.43
N PHE C 473 33.52 -22.40 28.25
CA PHE C 473 32.87 -23.46 29.03
C PHE C 473 31.52 -22.94 29.49
N ILE C 474 30.45 -23.63 29.11
CA ILE C 474 29.10 -23.23 29.48
C ILE C 474 28.79 -23.80 30.86
N GLY C 475 28.66 -22.93 31.85
CA GLY C 475 28.34 -23.33 33.19
C GLY C 475 26.88 -23.72 33.34
N PRO C 476 26.51 -24.25 34.50
CA PRO C 476 25.12 -24.72 34.68
C PRO C 476 24.09 -23.60 34.66
N ASN C 477 24.46 -22.39 35.12
CA ASN C 477 23.55 -21.26 35.13
C ASN C 477 23.99 -20.19 34.13
N GLN C 478 24.62 -20.60 33.03
CA GLN C 478 25.15 -19.63 32.08
C GLN C 478 24.05 -18.80 31.44
N PHE C 479 22.91 -19.42 31.12
CA PHE C 479 21.84 -18.75 30.41
C PHE C 479 20.58 -18.59 31.26
N GLU C 480 20.74 -18.44 32.57
CA GLU C 480 19.59 -18.23 33.43
C GLU C 480 19.08 -16.80 33.32
N ASN C 481 17.77 -16.64 33.50
CA ASN C 481 17.07 -15.36 33.44
C ASN C 481 17.11 -14.71 32.06
N LEU C 482 17.34 -15.51 31.01
CA LEU C 482 17.29 -14.95 29.67
C LEU C 482 15.89 -15.09 29.09
N PRO C 483 15.51 -14.22 28.15
CA PRO C 483 14.20 -14.37 27.50
C PRO C 483 14.11 -15.65 26.68
N ASP C 484 12.93 -15.94 26.13
CA ASP C 484 12.76 -17.12 25.31
C ASP C 484 13.58 -16.99 24.02
N ILE C 485 14.81 -17.49 24.06
CA ILE C 485 15.74 -17.33 22.94
C ILE C 485 15.46 -18.41 21.90
N ALA C 486 15.21 -18.00 20.66
CA ALA C 486 15.04 -18.92 19.56
C ALA C 486 16.28 -19.04 18.68
N CYS C 487 17.19 -18.07 18.74
CA CYS C 487 18.37 -18.03 17.89
C CYS C 487 19.57 -17.64 18.74
N LEU C 488 20.55 -18.53 18.85
CA LEU C 488 21.71 -18.34 19.71
C LEU C 488 22.99 -18.49 18.90
N ASN C 489 23.88 -17.52 19.03
CA ASN C 489 25.18 -17.55 18.36
C ASN C 489 26.27 -17.63 19.43
N LEU C 490 26.98 -18.75 19.47
CA LEU C 490 28.15 -18.93 20.33
C LEU C 490 29.38 -19.23 19.50
N SER C 491 29.45 -18.66 18.30
CA SER C 491 30.58 -18.89 17.40
C SER C 491 31.86 -18.32 17.98
N ALA C 492 32.97 -18.99 17.68
CA ALA C 492 34.31 -18.51 18.00
C ALA C 492 34.43 -18.11 19.46
N ASN C 493 34.09 -19.05 20.34
CA ASN C 493 34.20 -18.83 21.79
C ASN C 493 35.23 -19.75 22.43
N SER C 494 36.02 -20.47 21.64
CA SER C 494 37.04 -21.40 22.14
C SER C 494 36.46 -22.43 23.10
N ASN C 495 35.21 -22.83 22.88
CA ASN C 495 34.54 -23.77 23.76
C ASN C 495 35.06 -25.18 23.49
N ALA C 496 35.63 -25.81 24.52
CA ALA C 496 36.21 -27.15 24.41
C ALA C 496 35.54 -28.13 25.38
N GLN C 497 34.26 -27.92 25.68
CA GLN C 497 33.57 -28.71 26.68
C GLN C 497 32.84 -29.89 26.04
N VAL C 498 32.51 -30.87 26.87
CA VAL C 498 31.72 -32.02 26.44
C VAL C 498 30.26 -31.69 26.71
N LEU C 499 29.53 -31.36 25.64
CA LEU C 499 28.11 -31.07 25.77
C LEU C 499 27.38 -32.33 26.18
N SER C 500 26.52 -32.21 27.21
CA SER C 500 25.95 -33.39 27.85
C SER C 500 24.43 -33.37 27.93
N GLY C 501 23.76 -32.29 27.56
CA GLY C 501 22.31 -32.24 27.58
C GLY C 501 21.69 -31.41 28.67
N THR C 502 22.49 -30.62 29.41
CA THR C 502 21.97 -29.78 30.47
C THR C 502 22.37 -28.31 30.33
N GLU C 503 23.20 -27.96 29.35
CA GLU C 503 23.77 -26.62 29.30
C GLU C 503 22.78 -25.58 28.78
N PHE C 504 21.82 -25.99 27.94
CA PHE C 504 20.85 -25.09 27.37
C PHE C 504 19.45 -25.29 27.95
N SER C 505 19.36 -25.90 29.14
CA SER C 505 18.07 -26.16 29.75
C SER C 505 17.34 -24.87 30.10
N ALA C 506 18.09 -23.79 30.35
CA ALA C 506 17.48 -22.50 30.65
C ALA C 506 16.92 -21.81 29.42
N ILE C 507 17.35 -22.21 28.23
CA ILE C 507 16.77 -21.71 26.98
C ILE C 507 16.45 -22.91 26.10
N PRO C 508 15.44 -23.71 26.44
CA PRO C 508 15.21 -24.98 25.75
C PRO C 508 14.48 -24.86 24.41
N HIS C 509 14.09 -23.66 24.01
CA HIS C 509 13.34 -23.47 22.77
C HIS C 509 14.21 -22.90 21.65
N VAL C 510 15.53 -23.00 21.78
CA VAL C 510 16.42 -22.54 20.71
C VAL C 510 16.18 -23.39 19.48
N LYS C 511 15.89 -22.72 18.36
CA LYS C 511 15.62 -23.41 17.10
C LYS C 511 16.79 -23.37 16.13
N TYR C 512 17.71 -22.41 16.28
CA TYR C 512 18.85 -22.26 15.40
C TYR C 512 20.06 -21.98 16.29
N LEU C 513 21.01 -22.91 16.31
CA LEU C 513 22.17 -22.83 17.19
C LEU C 513 23.43 -22.78 16.34
N ASP C 514 24.21 -21.71 16.52
CA ASP C 514 25.48 -21.53 15.83
C ASP C 514 26.61 -21.82 16.82
N LEU C 515 27.30 -22.93 16.61
CA LEU C 515 28.42 -23.33 17.46
C LEU C 515 29.71 -23.44 16.65
N THR C 516 29.82 -22.66 15.58
CA THR C 516 30.96 -22.75 14.69
C THR C 516 32.23 -22.22 15.37
N ASN C 517 33.37 -22.62 14.81
CA ASN C 517 34.68 -22.07 15.17
C ASN C 517 34.96 -22.24 16.67
N ASN C 518 34.59 -23.38 17.21
CA ASN C 518 34.94 -23.76 18.57
C ASN C 518 35.87 -24.97 18.52
N ARG C 519 36.07 -25.60 19.67
CA ARG C 519 36.82 -26.85 19.77
C ARG C 519 36.04 -27.86 20.58
N LEU C 520 34.78 -28.08 20.19
CA LEU C 520 33.87 -28.88 20.99
C LEU C 520 34.36 -30.33 21.08
N ASP C 521 34.09 -30.94 22.22
CA ASP C 521 34.56 -32.28 22.57
C ASP C 521 33.33 -33.20 22.65
N PHE C 522 33.04 -33.90 21.56
CA PHE C 522 31.85 -34.73 21.47
C PHE C 522 32.14 -36.08 22.13
N ASP C 523 31.92 -36.14 23.45
CA ASP C 523 32.11 -37.34 24.24
C ASP C 523 30.86 -37.74 25.00
N ASN C 524 29.69 -37.26 24.58
CA ASN C 524 28.44 -37.56 25.26
C ASN C 524 27.34 -37.67 24.23
N ALA C 525 26.63 -38.82 24.24
CA ALA C 525 25.55 -39.05 23.29
C ALA C 525 24.30 -38.24 23.60
N SER C 526 24.25 -37.55 24.74
CA SER C 526 23.12 -36.70 25.08
C SER C 526 23.37 -35.23 24.75
N ALA C 527 24.39 -34.95 23.94
CA ALA C 527 24.74 -33.57 23.62
C ALA C 527 23.59 -32.88 22.88
N LEU C 528 23.20 -31.71 23.37
CA LEU C 528 22.23 -30.80 22.77
C LEU C 528 20.82 -31.36 22.72
N THR C 529 20.56 -32.54 23.29
CA THR C 529 19.24 -33.13 23.19
C THR C 529 18.18 -32.37 23.99
N GLU C 530 18.59 -31.51 24.92
CA GLU C 530 17.61 -30.71 25.66
C GLU C 530 16.91 -29.68 24.79
N LEU C 531 17.40 -29.45 23.57
CA LEU C 531 16.76 -28.54 22.63
C LEU C 531 15.89 -29.36 21.68
N SER C 532 14.67 -29.66 22.15
CA SER C 532 13.77 -30.51 21.37
C SER C 532 13.36 -29.82 20.07
N ASP C 533 13.14 -28.51 20.11
CA ASP C 533 12.68 -27.76 18.95
C ASP C 533 13.81 -27.36 18.00
N LEU C 534 15.02 -27.86 18.23
CA LEU C 534 16.15 -27.47 17.39
C LEU C 534 15.93 -27.88 15.95
N GLU C 535 16.07 -26.93 15.03
CA GLU C 535 15.89 -27.17 13.61
C GLU C 535 17.15 -26.96 12.79
N VAL C 536 18.02 -26.04 13.17
CA VAL C 536 19.27 -25.77 12.47
C VAL C 536 20.41 -25.82 13.47
N LEU C 537 21.45 -26.60 13.15
CA LEU C 537 22.62 -26.74 14.00
C LEU C 537 23.87 -26.61 13.14
N ASP C 538 24.68 -25.60 13.43
CA ASP C 538 25.91 -25.34 12.68
C ASP C 538 27.10 -25.67 13.57
N LEU C 539 27.80 -26.75 13.23
CA LEU C 539 29.01 -27.17 13.94
C LEU C 539 30.25 -27.06 13.07
N SER C 540 30.26 -26.10 12.15
CA SER C 540 31.40 -25.92 11.27
C SER C 540 32.65 -25.52 12.04
N TYR C 541 33.80 -25.99 11.56
CA TYR C 541 35.10 -25.59 12.10
C TYR C 541 35.23 -25.93 13.59
N ASN C 542 34.97 -27.20 13.92
CA ASN C 542 35.23 -27.75 15.25
C ASN C 542 36.19 -28.92 15.14
N SER C 543 37.18 -28.79 14.25
CA SER C 543 38.04 -29.92 13.90
C SER C 543 39.00 -30.30 15.00
N HIS C 544 39.22 -29.41 15.99
CA HIS C 544 40.24 -29.58 17.02
C HIS C 544 40.36 -31.02 17.53
N TYR C 545 39.27 -31.56 18.05
CA TYR C 545 39.30 -32.91 18.62
C TYR C 545 39.00 -34.00 17.59
N PHE C 546 38.32 -33.66 16.50
CA PHE C 546 38.16 -34.64 15.42
C PHE C 546 39.52 -35.00 14.80
N ARG C 547 40.48 -34.07 14.86
CA ARG C 547 41.81 -34.33 14.31
C ARG C 547 42.52 -35.45 15.06
N ILE C 548 42.24 -35.60 16.35
CA ILE C 548 43.00 -36.48 17.22
C ILE C 548 42.33 -37.85 17.22
N ALA C 549 43.03 -38.85 16.68
CA ALA C 549 42.48 -40.20 16.64
C ALA C 549 42.34 -40.80 18.03
N GLY C 550 43.19 -40.40 18.98
CA GLY C 550 43.19 -41.02 20.29
C GLY C 550 41.98 -40.67 21.13
N VAL C 551 41.39 -39.50 20.90
CA VAL C 551 40.21 -39.07 21.65
C VAL C 551 38.96 -39.57 20.93
N THR C 552 37.87 -39.65 21.67
CA THR C 552 36.63 -40.24 21.17
C THR C 552 35.74 -39.17 20.54
N HIS C 553 34.90 -39.62 19.59
CA HIS C 553 34.01 -38.73 18.84
C HIS C 553 32.66 -39.40 18.76
N HIS C 554 31.67 -38.86 19.49
CA HIS C 554 30.32 -39.40 19.52
C HIS C 554 29.39 -38.43 18.81
N LEU C 555 28.85 -38.86 17.68
CA LEU C 555 27.89 -38.07 16.91
C LEU C 555 26.49 -38.66 16.95
N GLU C 556 26.23 -39.62 17.84
CA GLU C 556 24.95 -40.31 17.88
C GLU C 556 23.82 -39.44 18.43
N PHE C 557 24.13 -38.27 19.00
CA PHE C 557 23.09 -37.40 19.54
C PHE C 557 22.19 -36.81 18.47
N ILE C 558 22.52 -37.01 17.19
CA ILE C 558 21.73 -36.43 16.11
C ILE C 558 20.34 -37.04 16.05
N GLN C 559 20.18 -38.28 16.49
CA GLN C 559 18.93 -39.00 16.30
C GLN C 559 17.80 -38.46 17.19
N ASN C 560 18.14 -37.91 18.36
CA ASN C 560 17.11 -37.55 19.33
C ASN C 560 16.27 -36.36 18.90
N PHE C 561 16.72 -35.60 17.91
CA PHE C 561 16.02 -34.39 17.50
C PHE C 561 14.83 -34.73 16.61
N THR C 562 13.66 -34.18 16.93
CA THR C 562 12.42 -34.52 16.23
C THR C 562 12.17 -33.65 15.01
N ASN C 563 12.67 -32.40 15.00
CA ASN C 563 12.52 -31.53 13.84
C ASN C 563 13.85 -30.90 13.44
N LEU C 564 14.94 -31.63 13.59
CA LEU C 564 16.23 -31.21 13.04
C LEU C 564 16.15 -31.26 11.52
N LYS C 565 16.28 -30.11 10.87
CA LYS C 565 16.18 -30.04 9.41
C LYS C 565 17.53 -29.86 8.72
N VAL C 566 18.37 -28.94 9.20
CA VAL C 566 19.66 -28.67 8.58
C VAL C 566 20.75 -28.86 9.62
N LEU C 567 21.79 -29.59 9.24
CA LEU C 567 22.96 -29.81 10.08
C LEU C 567 24.22 -29.57 9.25
N ASN C 568 25.09 -28.68 9.73
CA ASN C 568 26.33 -28.35 9.05
C ASN C 568 27.49 -28.90 9.88
N LEU C 569 28.21 -29.88 9.32
CA LEU C 569 29.40 -30.45 9.92
C LEU C 569 30.64 -30.16 9.09
N SER C 570 30.67 -29.03 8.41
CA SER C 570 31.72 -28.75 7.44
C SER C 570 33.05 -28.43 8.13
N HIS C 571 34.13 -28.76 7.43
CA HIS C 571 35.49 -28.40 7.84
C HIS C 571 35.79 -28.86 9.27
N ASN C 572 35.37 -30.08 9.58
CA ASN C 572 35.66 -30.70 10.86
C ASN C 572 36.75 -31.76 10.75
N ASN C 573 37.21 -32.06 9.52
CA ASN C 573 38.21 -33.11 9.28
C ASN C 573 37.88 -34.40 10.02
N ILE C 574 36.59 -34.75 10.04
CA ILE C 574 36.14 -36.00 10.63
C ILE C 574 36.69 -37.16 9.80
N TYR C 575 37.32 -38.12 10.47
CA TYR C 575 37.80 -39.32 9.80
C TYR C 575 37.72 -40.56 10.68
N THR C 576 37.27 -40.45 11.92
CA THR C 576 37.15 -41.59 12.81
C THR C 576 36.06 -41.28 13.84
N LEU C 577 35.24 -42.28 14.14
CA LEU C 577 34.17 -42.16 15.10
C LEU C 577 34.30 -43.26 16.15
N THR C 578 33.57 -43.10 17.24
CA THR C 578 33.60 -44.04 18.35
C THR C 578 32.33 -44.88 18.35
N ASP C 579 32.51 -46.19 18.50
CA ASP C 579 31.41 -47.14 18.65
C ASP C 579 30.48 -47.15 17.45
N LYS C 580 29.70 -46.09 17.24
CA LYS C 580 28.74 -46.06 16.15
C LYS C 580 29.21 -45.12 15.04
N TYR C 581 29.11 -45.62 13.81
CA TYR C 581 29.76 -45.03 12.65
C TYR C 581 28.78 -44.42 11.65
N ASN C 582 27.47 -44.52 11.90
CA ASN C 582 26.47 -44.02 10.98
C ASN C 582 25.78 -42.78 11.56
N LEU C 583 25.41 -41.87 10.66
CA LEU C 583 24.56 -40.74 11.02
C LEU C 583 23.11 -41.15 10.82
N GLU C 584 22.29 -40.97 11.85
CA GLU C 584 20.90 -41.38 11.82
C GLU C 584 20.00 -40.25 12.28
N SER C 585 18.99 -39.93 11.46
CA SER C 585 17.96 -38.95 11.81
C SER C 585 16.78 -39.08 10.86
N LYS C 586 15.57 -39.11 11.40
CA LYS C 586 14.38 -39.28 10.57
C LYS C 586 13.83 -37.97 10.03
N SER C 587 14.36 -36.83 10.47
CA SER C 587 13.86 -35.54 10.04
C SER C 587 14.86 -34.71 9.25
N LEU C 588 16.15 -35.07 9.28
CA LEU C 588 17.18 -34.25 8.65
C LEU C 588 16.98 -34.20 7.13
N VAL C 589 16.97 -32.98 6.58
CA VAL C 589 16.71 -32.79 5.16
C VAL C 589 18.00 -32.40 4.45
N GLU C 590 18.87 -31.65 5.13
CA GLU C 590 20.13 -31.20 4.55
C GLU C 590 21.27 -31.49 5.52
N LEU C 591 22.35 -32.05 4.98
CA LEU C 591 23.59 -32.28 5.74
C LEU C 591 24.76 -31.75 4.92
N VAL C 592 25.51 -30.82 5.49
CA VAL C 592 26.73 -30.29 4.88
C VAL C 592 27.90 -31.03 5.51
N PHE C 593 28.54 -31.91 4.73
CA PHE C 593 29.65 -32.72 5.23
C PHE C 593 30.96 -32.38 4.52
N SER C 594 31.07 -31.16 3.98
CA SER C 594 32.26 -30.78 3.25
C SER C 594 33.44 -30.57 4.20
N GLY C 595 34.65 -30.58 3.63
CA GLY C 595 35.84 -30.34 4.42
C GLY C 595 36.12 -31.41 5.45
N ASN C 596 35.68 -32.63 5.22
CA ASN C 596 35.96 -33.76 6.09
C ASN C 596 36.81 -34.78 5.33
N ARG C 597 36.92 -35.98 5.89
CA ARG C 597 37.78 -37.00 5.30
C ARG C 597 37.01 -38.25 4.91
N LEU C 598 36.06 -38.10 3.97
CA LEU C 598 35.38 -39.28 3.43
C LEU C 598 36.33 -40.20 2.70
N ASP C 599 37.48 -39.68 2.23
CA ASP C 599 38.49 -40.52 1.64
C ASP C 599 39.06 -41.53 2.64
N ILE C 600 39.05 -41.18 3.93
CA ILE C 600 39.53 -42.07 4.97
C ILE C 600 38.43 -42.98 5.47
N LEU C 601 37.23 -42.44 5.69
CA LEU C 601 36.12 -43.27 6.17
C LEU C 601 35.68 -44.29 5.13
N TRP C 602 35.77 -43.94 3.84
CA TRP C 602 35.45 -44.85 2.75
C TRP C 602 36.71 -45.49 2.17
N ASN C 603 37.75 -45.64 2.97
CA ASN C 603 38.95 -46.35 2.54
C ASN C 603 38.58 -47.79 2.18
N ASP C 604 39.09 -48.25 1.04
CA ASP C 604 38.67 -49.54 0.50
C ASP C 604 39.04 -50.71 1.40
N ASP C 605 39.95 -50.51 2.34
CA ASP C 605 40.32 -51.53 3.31
C ASP C 605 39.48 -51.45 4.59
N ASP C 606 38.40 -50.68 4.58
CA ASP C 606 37.55 -50.50 5.75
C ASP C 606 36.08 -50.58 5.33
N ASN C 607 35.29 -51.29 6.12
CA ASN C 607 33.88 -51.49 5.85
C ASN C 607 32.96 -50.69 6.75
N ARG C 608 33.48 -50.12 7.84
CA ARG C 608 32.63 -49.64 8.92
C ARG C 608 31.79 -48.43 8.55
N TYR C 609 32.17 -47.67 7.53
CA TYR C 609 31.51 -46.40 7.22
C TYR C 609 30.78 -46.40 5.88
N ILE C 610 30.60 -47.56 5.26
CA ILE C 610 29.95 -47.60 3.94
C ILE C 610 28.47 -47.32 4.00
N SER C 611 27.89 -47.23 5.19
CA SER C 611 26.47 -46.90 5.37
C SER C 611 26.31 -45.74 6.34
N ILE C 612 27.26 -44.80 6.33
CA ILE C 612 27.26 -43.72 7.31
C ILE C 612 26.11 -42.73 7.09
N PHE C 613 25.58 -42.65 5.88
CA PHE C 613 24.52 -41.69 5.57
C PHE C 613 23.17 -42.34 5.28
N LYS C 614 23.08 -43.66 5.29
CA LYS C 614 21.81 -44.30 4.97
C LYS C 614 20.76 -44.06 6.04
N GLY C 615 21.19 -43.82 7.28
CA GLY C 615 20.27 -43.51 8.36
C GLY C 615 19.57 -42.17 8.25
N LEU C 616 19.94 -41.35 7.26
CA LEU C 616 19.28 -40.07 7.01
C LEU C 616 18.17 -40.31 6.00
N LYS C 617 16.98 -40.62 6.50
CA LYS C 617 15.91 -41.11 5.64
C LYS C 617 15.25 -40.00 4.83
N ASN C 618 15.07 -38.82 5.42
CA ASN C 618 14.43 -37.70 4.74
C ASN C 618 15.45 -36.71 4.17
N LEU C 619 16.67 -37.15 3.90
CA LEU C 619 17.69 -36.26 3.38
C LEU C 619 17.47 -36.01 1.90
N THR C 620 17.41 -34.73 1.52
CA THR C 620 17.28 -34.33 0.13
C THR C 620 18.49 -33.58 -0.40
N ARG C 621 19.24 -32.89 0.46
CA ARG C 621 20.46 -32.18 0.06
C ARG C 621 21.64 -32.74 0.84
N LEU C 622 22.67 -33.17 0.12
CA LEU C 622 23.87 -33.72 0.73
C LEU C 622 25.09 -33.07 0.07
N ASP C 623 25.97 -32.51 0.90
CA ASP C 623 27.17 -31.82 0.43
C ASP C 623 28.38 -32.66 0.82
N LEU C 624 28.96 -33.34 -0.16
CA LEU C 624 30.14 -34.18 0.05
C LEU C 624 31.40 -33.56 -0.58
N SER C 625 31.41 -32.25 -0.78
CA SER C 625 32.54 -31.59 -1.43
C SER C 625 33.75 -31.58 -0.50
N LEU C 626 34.92 -31.38 -1.12
CA LEU C 626 36.18 -31.15 -0.40
C LEU C 626 36.45 -32.26 0.62
N ASN C 627 36.33 -33.51 0.18
CA ASN C 627 36.64 -34.65 1.01
C ASN C 627 37.83 -35.45 0.47
N ARG C 628 38.59 -34.86 -0.45
CA ARG C 628 39.80 -35.48 -1.02
C ARG C 628 39.50 -36.85 -1.63
N LEU C 629 38.30 -37.02 -2.17
CA LEU C 629 37.87 -38.31 -2.69
C LEU C 629 38.45 -38.53 -4.08
N LYS C 630 39.30 -39.56 -4.22
CA LYS C 630 39.70 -40.01 -5.54
C LYS C 630 38.71 -41.01 -6.11
N HIS C 631 38.02 -41.73 -5.23
CA HIS C 631 37.12 -42.81 -5.63
C HIS C 631 36.10 -43.01 -4.52
N ILE C 632 34.87 -43.31 -4.91
CA ILE C 632 33.80 -43.63 -3.97
C ILE C 632 33.48 -45.11 -4.13
N PRO C 633 33.50 -45.90 -3.06
CA PRO C 633 33.11 -47.31 -3.17
C PRO C 633 31.68 -47.43 -3.69
N ASN C 634 31.49 -48.36 -4.62
CA ASN C 634 30.19 -48.52 -5.26
C ASN C 634 29.10 -48.83 -4.24
N GLU C 635 29.42 -49.66 -3.24
CA GLU C 635 28.45 -49.95 -2.19
C GLU C 635 28.20 -48.74 -1.30
N ALA C 636 29.23 -47.92 -1.07
CA ALA C 636 29.05 -46.72 -0.27
C ALA C 636 28.13 -45.72 -0.96
N PHE C 637 28.28 -45.58 -2.29
CA PHE C 637 27.39 -44.69 -3.03
C PHE C 637 25.95 -45.20 -3.00
N LEU C 638 25.77 -46.52 -3.11
CA LEU C 638 24.43 -47.09 -3.13
C LEU C 638 23.72 -46.95 -1.80
N ASN C 639 24.47 -46.76 -0.70
CA ASN C 639 23.87 -46.57 0.61
C ASN C 639 23.67 -45.10 0.96
N LEU C 640 23.72 -44.21 -0.03
CA LEU C 640 23.26 -42.85 0.17
C LEU C 640 21.73 -42.83 0.16
N PRO C 641 21.12 -41.85 0.84
CA PRO C 641 19.65 -41.83 0.90
C PRO C 641 19.03 -41.74 -0.49
N ALA C 642 17.99 -42.56 -0.71
CA ALA C 642 17.29 -42.54 -1.98
C ALA C 642 16.45 -41.29 -2.17
N SER C 643 16.13 -40.58 -1.09
CA SER C 643 15.35 -39.35 -1.17
C SER C 643 16.16 -38.15 -1.63
N LEU C 644 17.42 -38.35 -2.01
CA LEU C 644 18.28 -37.24 -2.38
C LEU C 644 17.78 -36.56 -3.65
N THR C 645 17.55 -35.25 -3.57
CA THR C 645 17.27 -34.44 -4.74
C THR C 645 18.43 -33.53 -5.11
N GLU C 646 19.44 -33.41 -4.25
CA GLU C 646 20.57 -32.53 -4.48
C GLU C 646 21.80 -33.15 -3.84
N LEU C 647 22.80 -33.47 -4.65
CA LEU C 647 24.02 -34.12 -4.19
C LEU C 647 25.23 -33.38 -4.77
N HIS C 648 26.09 -32.87 -3.88
CA HIS C 648 27.30 -32.16 -4.27
C HIS C 648 28.50 -33.02 -3.92
N ILE C 649 29.33 -33.33 -4.92
CA ILE C 649 30.59 -34.02 -4.70
C ILE C 649 31.69 -33.20 -5.36
N ASN C 650 31.44 -31.90 -5.54
CA ASN C 650 32.35 -31.05 -6.27
C ASN C 650 33.65 -30.83 -5.50
N ASP C 651 34.68 -30.40 -6.22
CA ASP C 651 35.98 -30.06 -5.65
C ASP C 651 36.57 -31.23 -4.85
N ASN C 652 36.64 -32.39 -5.49
CA ASN C 652 37.35 -33.53 -4.94
C ASN C 652 38.49 -33.91 -5.89
N MET C 653 38.70 -35.21 -6.09
CA MET C 653 39.71 -35.67 -7.04
C MET C 653 39.22 -36.92 -7.75
N LEU C 654 37.92 -36.98 -8.03
CA LEU C 654 37.32 -38.17 -8.61
C LEU C 654 37.85 -38.41 -10.03
N LYS C 655 38.52 -39.54 -10.23
CA LYS C 655 38.95 -39.93 -11.56
C LYS C 655 37.88 -40.68 -12.33
N PHE C 656 36.89 -41.24 -11.64
CA PHE C 656 35.82 -41.98 -12.28
C PHE C 656 34.56 -41.87 -11.44
N PHE C 657 33.42 -42.05 -12.10
CA PHE C 657 32.11 -41.98 -11.43
C PHE C 657 31.18 -42.96 -12.14
N ASN C 658 30.67 -43.94 -11.40
CA ASN C 658 29.77 -44.95 -11.96
C ASN C 658 28.41 -44.30 -12.20
N TRP C 659 28.16 -43.90 -13.45
CA TRP C 659 26.88 -43.26 -13.78
C TRP C 659 25.70 -44.21 -13.67
N THR C 660 25.94 -45.52 -13.76
CA THR C 660 24.84 -46.48 -13.81
C THR C 660 24.07 -46.56 -12.49
N LEU C 661 24.66 -46.13 -11.38
CA LEU C 661 24.02 -46.27 -10.08
C LEU C 661 22.98 -45.19 -9.80
N LEU C 662 22.82 -44.21 -10.68
CA LEU C 662 21.73 -43.26 -10.53
C LEU C 662 20.37 -43.91 -10.72
N GLN C 663 20.33 -45.19 -11.10
CA GLN C 663 19.08 -45.92 -11.19
C GLN C 663 18.37 -45.99 -9.83
N GLN C 664 19.13 -46.02 -8.74
CA GLN C 664 18.58 -46.16 -7.40
C GLN C 664 18.27 -44.82 -6.76
N PHE C 665 18.36 -43.71 -7.50
CA PHE C 665 18.05 -42.38 -6.99
C PHE C 665 17.02 -41.76 -7.92
N PRO C 666 15.73 -42.07 -7.71
CA PRO C 666 14.69 -41.61 -8.64
C PRO C 666 14.25 -40.17 -8.45
N ARG C 667 14.86 -39.43 -7.53
CA ARG C 667 14.51 -38.03 -7.31
C ARG C 667 15.70 -37.10 -7.45
N LEU C 668 16.86 -37.61 -7.84
CA LEU C 668 18.04 -36.78 -8.06
C LEU C 668 17.78 -35.81 -9.20
N GLU C 669 17.86 -34.50 -8.90
CA GLU C 669 17.69 -33.47 -9.91
C GLU C 669 18.93 -32.63 -10.15
N LEU C 670 19.84 -32.53 -9.17
CA LEU C 670 21.09 -31.78 -9.34
C LEU C 670 22.25 -32.68 -8.95
N LEU C 671 23.16 -32.91 -9.88
CA LEU C 671 24.39 -33.63 -9.63
C LEU C 671 25.56 -32.69 -9.87
N ASP C 672 26.30 -32.39 -8.81
CA ASP C 672 27.43 -31.47 -8.87
C ASP C 672 28.72 -32.27 -8.81
N LEU C 673 29.46 -32.29 -9.92
CA LEU C 673 30.75 -32.95 -10.00
C LEU C 673 31.82 -31.99 -10.51
N ARG C 674 31.67 -30.71 -10.21
CA ARG C 674 32.63 -29.70 -10.68
C ARG C 674 33.95 -29.82 -9.94
N GLY C 675 35.03 -29.55 -10.66
CA GLY C 675 36.34 -29.52 -10.06
C GLY C 675 36.88 -30.88 -9.65
N ASN C 676 36.73 -31.88 -10.51
CA ASN C 676 37.36 -33.18 -10.31
C ASN C 676 38.12 -33.57 -11.58
N LYS C 677 38.62 -34.80 -11.64
CA LYS C 677 39.41 -35.29 -12.77
C LYS C 677 38.68 -36.36 -13.56
N LEU C 678 37.39 -36.16 -13.79
CA LEU C 678 36.61 -37.11 -14.58
C LEU C 678 37.06 -37.05 -16.04
N LEU C 679 37.01 -38.22 -16.70
CA LEU C 679 37.39 -38.33 -18.09
C LEU C 679 36.32 -38.92 -18.98
N PHE C 680 35.52 -39.86 -18.47
CA PHE C 680 34.54 -40.58 -19.28
C PHE C 680 33.12 -40.25 -18.84
N LEU C 681 32.23 -40.16 -19.81
CA LEU C 681 30.79 -40.12 -19.60
C LEU C 681 30.20 -41.47 -20.00
N THR C 682 28.91 -41.62 -19.75
CA THR C 682 28.25 -42.90 -20.02
C THR C 682 27.52 -42.90 -21.36
N SER C 690 17.87 -40.62 -14.68
CA SER C 690 16.59 -40.66 -15.37
C SER C 690 15.61 -39.67 -14.77
N SER C 691 16.09 -38.88 -13.80
CA SER C 691 15.28 -37.83 -13.20
C SER C 691 16.07 -36.54 -13.00
N LEU C 692 17.28 -36.45 -13.55
CA LEU C 692 18.11 -35.27 -13.33
C LEU C 692 17.58 -34.07 -14.12
N ARG C 693 17.78 -32.89 -13.56
CA ARG C 693 17.47 -31.63 -14.22
C ARG C 693 18.69 -30.74 -14.38
N THR C 694 19.58 -30.72 -13.40
CA THR C 694 20.83 -29.97 -13.45
C THR C 694 21.99 -30.95 -13.42
N LEU C 695 22.97 -30.71 -14.29
CA LEU C 695 24.18 -31.54 -14.35
C LEU C 695 25.37 -30.63 -14.59
N LEU C 696 26.23 -30.49 -13.58
CA LEU C 696 27.41 -29.65 -13.64
C LEU C 696 28.66 -30.51 -13.65
N LEU C 697 29.53 -30.28 -14.63
CA LEU C 697 30.77 -31.04 -14.78
C LEU C 697 31.95 -30.10 -15.06
N SER C 698 31.85 -28.86 -14.57
CA SER C 698 32.90 -27.87 -14.83
C SER C 698 34.24 -28.35 -14.27
N HIS C 699 35.31 -27.88 -14.89
CA HIS C 699 36.68 -28.11 -14.44
C HIS C 699 36.97 -29.60 -14.25
N ASN C 700 36.83 -30.34 -15.35
CA ASN C 700 37.16 -31.76 -15.36
C ASN C 700 38.20 -32.04 -16.44
N ARG C 701 38.34 -33.31 -16.83
CA ARG C 701 39.32 -33.71 -17.84
C ARG C 701 38.63 -34.57 -18.91
N ILE C 702 37.63 -33.98 -19.55
CA ILE C 702 36.79 -34.69 -20.52
C ILE C 702 37.11 -34.14 -21.89
N SER C 703 37.71 -34.97 -22.75
CA SER C 703 38.09 -34.58 -24.10
C SER C 703 37.15 -35.12 -25.17
N HIS C 704 36.17 -35.95 -24.79
CA HIS C 704 35.25 -36.54 -25.76
C HIS C 704 33.86 -36.61 -25.14
N LEU C 705 32.85 -36.29 -25.95
CA LEU C 705 31.46 -36.35 -25.51
C LEU C 705 30.72 -37.48 -26.21
N LEU C 716 16.72 -32.76 -18.40
CA LEU C 716 17.92 -31.96 -18.15
C LEU C 716 17.78 -30.56 -18.72
N LYS C 717 17.62 -29.58 -17.85
CA LYS C 717 17.53 -28.18 -18.27
C LYS C 717 18.89 -27.51 -18.34
N HIS C 718 19.76 -27.76 -17.36
CA HIS C 718 21.05 -27.11 -17.24
C HIS C 718 22.15 -28.15 -17.34
N LEU C 719 23.11 -27.90 -18.23
CA LEU C 719 24.28 -28.74 -18.40
C LEU C 719 25.52 -27.86 -18.46
N ASP C 720 26.49 -28.13 -17.59
CA ASP C 720 27.70 -27.33 -17.48
C ASP C 720 28.90 -28.17 -17.89
N LEU C 721 29.52 -27.82 -19.00
CA LEU C 721 30.74 -28.47 -19.49
C LEU C 721 31.89 -27.49 -19.56
N SER C 722 31.88 -26.47 -18.71
CA SER C 722 32.92 -25.44 -18.73
C SER C 722 34.27 -26.02 -18.31
N SER C 723 35.34 -25.42 -18.85
CA SER C 723 36.71 -25.73 -18.48
C SER C 723 36.98 -27.24 -18.54
N ASN C 724 37.04 -27.73 -19.77
CA ASN C 724 37.30 -29.15 -20.00
C ASN C 724 38.31 -29.35 -21.13
N LEU C 742 16.57 -28.97 -22.86
CA LEU C 742 17.85 -28.27 -22.69
C LEU C 742 17.65 -26.77 -22.80
N SER C 743 17.98 -26.05 -21.72
CA SER C 743 17.84 -24.61 -21.65
C SER C 743 19.17 -23.87 -21.52
N MET C 744 20.20 -24.49 -20.96
CA MET C 744 21.50 -23.86 -20.80
C MET C 744 22.57 -24.92 -20.96
N LEU C 745 23.65 -24.57 -21.67
CA LEU C 745 24.77 -25.48 -21.92
C LEU C 745 26.06 -24.66 -21.90
N GLU C 746 26.67 -24.55 -20.72
CA GLU C 746 27.91 -23.78 -20.59
C GLU C 746 29.07 -24.56 -21.19
N LEU C 747 29.90 -23.87 -21.96
CA LEU C 747 31.05 -24.51 -22.59
C LEU C 747 32.26 -23.59 -22.68
N HIS C 748 32.28 -22.48 -21.94
CA HIS C 748 33.41 -21.57 -21.99
C HIS C 748 34.67 -22.23 -21.42
N GLY C 749 35.82 -21.71 -21.83
CA GLY C 749 37.09 -22.23 -21.38
C GLY C 749 37.52 -23.52 -22.01
N ASN C 750 36.76 -24.06 -22.96
CA ASN C 750 37.08 -25.32 -23.61
C ASN C 750 38.09 -25.12 -24.73
N VAL C 771 18.04 -22.52 -26.66
CA VAL C 771 18.91 -22.95 -25.57
C VAL C 771 20.09 -21.99 -25.44
N LYS C 772 20.29 -21.46 -24.24
CA LYS C 772 21.30 -20.44 -24.02
C LYS C 772 22.67 -21.07 -23.77
N ILE C 773 23.67 -20.56 -24.47
CA ILE C 773 25.08 -20.87 -24.22
C ILE C 773 25.74 -19.60 -23.68
N PRO C 774 25.96 -19.49 -22.38
CA PRO C 774 26.39 -18.23 -21.78
C PRO C 774 27.84 -17.89 -22.08
N ARG C 775 28.12 -16.59 -22.11
CA ARG C 775 29.47 -16.06 -22.29
C ARG C 775 30.15 -16.64 -23.53
N LEU C 776 29.52 -16.39 -24.68
CA LEU C 776 30.08 -16.87 -25.94
C LEU C 776 31.41 -16.23 -26.27
N VAL C 777 31.70 -15.05 -25.71
CA VAL C 777 32.98 -14.40 -25.96
C VAL C 777 34.11 -15.07 -25.19
N ASP C 778 33.78 -15.89 -24.18
CA ASP C 778 34.78 -16.67 -23.47
C ASP C 778 34.85 -18.11 -23.96
N VAL C 779 34.00 -18.49 -24.90
CA VAL C 779 34.08 -19.83 -25.53
C VAL C 779 35.00 -19.66 -26.72
N ILE C 780 36.30 -19.60 -26.44
CA ILE C 780 37.31 -19.37 -27.46
C ILE C 780 37.77 -20.70 -28.06
N SER D 11 70.64 -38.78 -19.09
CA SER D 11 70.15 -37.48 -19.53
C SER D 11 68.68 -37.55 -19.93
N TYR D 12 68.20 -38.75 -20.27
CA TYR D 12 66.79 -38.94 -20.58
C TYR D 12 66.39 -40.39 -20.37
N PRO D 13 65.19 -40.67 -19.84
CA PRO D 13 64.32 -39.68 -19.20
C PRO D 13 64.67 -39.59 -17.72
N CYS D 14 65.64 -40.41 -17.32
CA CYS D 14 66.20 -40.37 -15.99
C CYS D 14 66.98 -39.07 -15.78
N ASP D 15 67.15 -38.71 -14.51
CA ASP D 15 68.04 -37.62 -14.10
C ASP D 15 69.24 -38.26 -13.42
N GLU D 16 70.30 -38.50 -14.18
CA GLU D 16 71.52 -39.09 -13.63
C GLU D 16 72.19 -38.10 -12.68
N LYS D 17 72.87 -38.64 -11.67
CA LYS D 17 73.53 -37.82 -10.65
C LYS D 17 74.68 -38.59 -10.01
N ILE D 24 73.52 -43.33 -9.72
CA ILE D 24 72.09 -43.42 -9.47
C ILE D 24 71.32 -42.69 -10.57
N ALA D 25 70.13 -43.19 -10.88
CA ALA D 25 69.25 -42.60 -11.88
C ALA D 25 67.85 -42.50 -11.31
N GLU D 26 67.27 -41.31 -11.39
CA GLU D 26 65.93 -41.02 -10.86
C GLU D 26 64.96 -40.99 -12.03
N CYS D 27 64.23 -42.09 -12.24
CA CYS D 27 63.20 -42.20 -13.26
C CYS D 27 61.80 -42.27 -12.63
N SER D 28 61.68 -41.74 -11.42
CA SER D 28 60.45 -41.86 -10.66
C SER D 28 59.37 -40.88 -11.16
N ASN D 29 58.12 -41.34 -11.07
CA ASN D 29 56.93 -40.52 -11.35
C ASN D 29 57.07 -39.74 -12.65
N ARG D 30 57.51 -40.43 -13.70
CA ARG D 30 57.73 -39.81 -15.00
C ARG D 30 56.81 -40.38 -16.08
N ARG D 31 55.65 -40.90 -15.66
CA ARG D 31 54.61 -41.44 -16.55
C ARG D 31 55.15 -42.43 -17.56
N LEU D 32 56.31 -43.01 -17.27
CA LEU D 32 56.85 -44.07 -18.09
C LEU D 32 55.88 -45.24 -18.12
N GLN D 33 55.48 -45.63 -19.34
CA GLN D 33 54.60 -46.78 -19.55
C GLN D 33 55.37 -48.07 -19.77
N GLU D 34 56.71 -48.00 -19.79
CA GLU D 34 57.56 -49.16 -19.96
C GLU D 34 58.98 -48.77 -19.53
N VAL D 35 59.74 -49.74 -19.03
CA VAL D 35 61.13 -49.52 -18.62
C VAL D 35 61.85 -48.88 -19.80
N PRO D 36 62.39 -47.66 -19.65
CA PRO D 36 63.08 -47.03 -20.78
C PRO D 36 64.34 -47.80 -21.14
N GLN D 37 64.54 -48.00 -22.45
CA GLN D 37 65.79 -48.51 -22.98
C GLN D 37 66.80 -47.42 -23.29
N THR D 38 66.49 -46.17 -22.93
CA THR D 38 67.40 -45.05 -23.08
C THR D 38 68.25 -44.80 -21.84
N VAL D 39 68.17 -45.68 -20.84
CA VAL D 39 68.89 -45.47 -19.59
C VAL D 39 70.39 -45.59 -19.82
N GLY D 40 71.17 -44.85 -19.02
CA GLY D 40 72.61 -44.96 -19.10
C GLY D 40 73.11 -46.32 -18.67
N LYS D 41 74.33 -46.64 -19.09
CA LYS D 41 74.93 -47.94 -18.84
C LYS D 41 75.71 -47.94 -17.53
N THR D 44 73.92 -47.40 -11.73
CA THR D 44 74.26 -48.36 -10.69
C THR D 44 73.11 -48.47 -9.70
N GLU D 45 72.06 -47.69 -9.95
CA GLU D 45 70.85 -47.69 -9.15
C GLU D 45 69.76 -46.93 -9.88
N LEU D 46 68.64 -47.60 -10.18
CA LEU D 46 67.58 -47.05 -11.02
C LEU D 46 66.27 -47.06 -10.23
N ASP D 47 65.72 -45.87 -10.00
CA ASP D 47 64.42 -45.68 -9.35
C ASP D 47 63.41 -45.39 -10.45
N LEU D 48 62.50 -46.33 -10.68
CA LEU D 48 61.42 -46.17 -11.65
C LEU D 48 60.05 -46.17 -10.97
N SER D 49 60.00 -45.69 -9.73
CA SER D 49 58.77 -45.78 -8.94
C SER D 49 57.68 -44.89 -9.53
N ASP D 50 56.43 -45.26 -9.24
CA ASP D 50 55.26 -44.42 -9.52
C ASP D 50 55.12 -44.07 -10.99
N ASN D 51 55.52 -44.99 -11.85
CA ASN D 51 55.29 -44.86 -13.28
C ASN D 51 54.09 -45.75 -13.65
N PHE D 52 53.79 -45.83 -14.95
CA PHE D 52 52.69 -46.65 -15.47
C PHE D 52 53.20 -47.93 -16.11
N ILE D 53 54.19 -48.58 -15.50
CA ILE D 53 54.80 -49.79 -16.05
C ILE D 53 53.87 -50.96 -15.78
N THR D 54 53.68 -51.82 -16.80
CA THR D 54 52.79 -52.96 -16.69
C THR D 54 53.50 -54.30 -16.75
N HIS D 55 54.63 -54.42 -17.45
CA HIS D 55 55.32 -55.69 -17.63
C HIS D 55 56.82 -55.53 -17.35
N ILE D 56 57.43 -56.60 -16.85
CA ILE D 56 58.87 -56.68 -16.62
C ILE D 56 59.31 -58.00 -17.23
N THR D 57 59.67 -57.97 -18.52
CA THR D 57 60.11 -59.15 -19.23
C THR D 57 61.60 -59.40 -18.98
N ASN D 58 62.13 -60.46 -19.58
CA ASN D 58 63.55 -60.78 -19.50
C ASN D 58 64.41 -59.68 -20.15
N LEU D 67 74.04 -52.38 -12.26
CA LEU D 67 72.85 -52.08 -11.47
C LEU D 67 72.79 -52.91 -10.16
N THR D 68 72.94 -52.23 -9.01
CA THR D 68 72.88 -52.89 -7.72
C THR D 68 71.50 -52.82 -7.07
N LYS D 69 70.69 -51.82 -7.43
CA LYS D 69 69.41 -51.59 -6.78
C LYS D 69 68.40 -51.12 -7.82
N ILE D 70 67.24 -51.79 -7.87
CA ILE D 70 66.12 -51.41 -8.71
C ILE D 70 64.92 -51.13 -7.81
N ASN D 71 64.25 -50.00 -8.04
CA ASN D 71 63.03 -49.61 -7.32
C ASN D 71 61.90 -49.44 -8.35
N LEU D 72 60.90 -50.33 -8.29
CA LEU D 72 59.75 -50.32 -9.19
C LEU D 72 58.44 -50.22 -8.43
N ASN D 73 58.47 -49.59 -7.25
CA ASN D 73 57.29 -49.53 -6.40
C ASN D 73 56.16 -48.75 -7.06
N HIS D 74 54.95 -49.09 -6.65
CA HIS D 74 53.74 -48.38 -7.08
C HIS D 74 53.63 -48.30 -8.60
N ASN D 75 54.01 -49.37 -9.28
CA ASN D 75 53.85 -49.53 -10.72
C ASN D 75 52.76 -50.57 -10.97
N PRO D 76 51.65 -50.23 -11.64
CA PRO D 76 51.26 -48.91 -12.17
C PRO D 76 50.46 -48.09 -11.17
N ASN D 77 50.20 -46.82 -11.46
CA ASN D 77 49.39 -45.99 -10.59
C ASN D 77 47.91 -46.28 -10.82
N GLY D 91 48.02 -54.88 -11.92
CA GLY D 91 49.33 -54.89 -11.29
C GLY D 91 50.48 -55.05 -12.27
N LEU D 92 51.69 -55.25 -11.75
CA LEU D 92 52.84 -55.50 -12.59
C LEU D 92 52.99 -57.00 -12.83
N ASN D 93 53.29 -57.36 -14.08
CA ASN D 93 53.52 -58.73 -14.49
C ASN D 93 55.03 -58.90 -14.69
N ILE D 94 55.68 -59.47 -13.69
CA ILE D 94 57.10 -59.79 -13.73
C ILE D 94 57.23 -61.21 -14.27
N THR D 95 57.60 -61.33 -15.55
CA THR D 95 57.83 -62.64 -16.15
C THR D 95 58.84 -63.41 -15.30
N ASP D 96 58.49 -64.64 -14.93
CA ASP D 96 59.32 -65.45 -14.04
C ASP D 96 60.75 -65.55 -14.60
N GLY D 97 61.73 -65.17 -13.77
CA GLY D 97 63.14 -65.17 -14.14
C GLY D 97 63.67 -63.83 -14.60
N ALA D 98 62.79 -62.86 -14.87
CA ALA D 98 63.13 -61.62 -15.59
C ALA D 98 64.33 -60.85 -15.04
N PHE D 99 64.74 -61.11 -13.79
CA PHE D 99 65.86 -60.41 -13.16
C PHE D 99 67.08 -61.29 -12.94
N LEU D 100 67.04 -62.57 -13.38
CA LEU D 100 68.14 -63.50 -13.11
C LEU D 100 69.42 -63.07 -13.81
N ASN D 101 69.32 -62.48 -15.01
CA ASN D 101 70.49 -62.04 -15.75
C ASN D 101 71.05 -60.71 -15.24
N LEU D 102 70.51 -60.15 -14.15
CA LEU D 102 71.12 -59.02 -13.46
C LEU D 102 72.11 -59.61 -12.46
N LYS D 103 73.41 -59.56 -12.80
CA LYS D 103 74.40 -60.36 -12.08
C LYS D 103 74.61 -59.86 -10.66
N ASN D 104 74.34 -58.57 -10.41
CA ASN D 104 74.59 -57.95 -9.11
C ASN D 104 73.44 -57.02 -8.70
N LEU D 105 72.21 -57.51 -8.80
CA LEU D 105 71.07 -56.89 -8.12
C LEU D 105 71.10 -57.32 -6.66
N ARG D 106 71.36 -56.37 -5.75
CA ARG D 106 71.36 -56.61 -4.31
C ARG D 106 70.13 -56.03 -3.61
N GLU D 107 69.38 -55.15 -4.25
CA GLU D 107 68.21 -54.55 -3.61
C GLU D 107 67.14 -54.35 -4.67
N LEU D 108 66.03 -55.07 -4.54
CA LEU D 108 64.84 -54.86 -5.36
C LEU D 108 63.70 -54.41 -4.46
N LEU D 109 63.04 -53.32 -4.84
CA LEU D 109 61.87 -52.82 -4.12
C LEU D 109 60.66 -52.97 -5.03
N LEU D 110 59.65 -53.68 -4.55
CA LEU D 110 58.52 -54.12 -5.37
C LEU D 110 57.23 -54.05 -4.55
N GLU D 111 57.00 -52.90 -3.91
CA GLU D 111 55.83 -52.71 -3.09
C GLU D 111 54.69 -52.12 -3.91
N ASP D 112 53.48 -52.34 -3.40
CA ASP D 112 52.26 -51.72 -3.94
C ASP D 112 52.14 -51.96 -5.44
N ASN D 113 52.40 -53.20 -5.85
CA ASN D 113 52.33 -53.58 -7.25
C ASN D 113 51.17 -54.54 -7.54
N GLN D 114 50.28 -54.79 -6.57
CA GLN D 114 49.19 -55.77 -6.72
C GLN D 114 49.71 -57.13 -7.16
N LEU D 115 50.96 -57.44 -6.81
CA LEU D 115 51.54 -58.71 -7.20
C LEU D 115 50.85 -59.84 -6.48
N PRO D 116 50.68 -61.00 -7.12
CA PRO D 116 49.91 -62.09 -6.51
C PRO D 116 50.76 -63.20 -5.90
N GLN D 117 52.07 -63.19 -6.15
CA GLN D 117 52.93 -64.24 -5.61
C GLN D 117 54.36 -63.74 -5.60
N ILE D 118 55.16 -64.31 -4.69
CA ILE D 118 56.57 -63.95 -4.56
C ILE D 118 57.26 -64.27 -5.89
N PRO D 119 57.79 -63.26 -6.65
CA PRO D 119 58.29 -63.49 -8.01
C PRO D 119 59.13 -64.75 -8.20
N SER D 120 58.81 -65.55 -9.23
CA SER D 120 59.57 -66.76 -9.55
C SER D 120 60.80 -66.38 -10.36
N GLY D 121 61.96 -66.87 -9.94
CA GLY D 121 63.20 -66.54 -10.64
C GLY D 121 63.93 -65.35 -10.06
N LEU D 122 64.21 -65.38 -8.76
CA LEU D 122 64.90 -64.21 -8.22
C LEU D 122 66.37 -64.53 -7.97
N PRO D 123 67.29 -63.62 -8.29
CA PRO D 123 68.73 -63.94 -8.19
C PRO D 123 69.17 -64.28 -6.77
N GLU D 124 70.33 -64.93 -6.68
CA GLU D 124 71.07 -65.17 -5.44
C GLU D 124 71.90 -63.98 -4.99
N SER D 125 71.96 -62.91 -5.79
CA SER D 125 72.67 -61.70 -5.38
C SER D 125 71.83 -60.78 -4.50
N LEU D 126 70.52 -60.95 -4.47
CA LEU D 126 69.63 -60.03 -3.75
C LEU D 126 69.98 -59.99 -2.26
N THR D 127 70.27 -58.79 -1.76
CA THR D 127 70.52 -58.57 -0.34
C THR D 127 69.32 -58.02 0.41
N GLU D 128 68.42 -57.32 -0.29
CA GLU D 128 67.24 -56.71 0.34
C GLU D 128 66.08 -56.77 -0.65
N LEU D 129 64.95 -57.30 -0.18
CA LEU D 129 63.74 -57.44 -0.97
C LEU D 129 62.56 -56.94 -0.14
N SER D 130 61.73 -56.10 -0.74
CA SER D 130 60.57 -55.50 -0.08
C SER D 130 59.35 -55.73 -0.96
N LEU D 131 58.40 -56.51 -0.47
CA LEU D 131 57.12 -56.79 -1.13
C LEU D 131 55.96 -56.28 -0.29
N ILE D 132 56.17 -55.15 0.39
CA ILE D 132 55.15 -54.56 1.25
C ILE D 132 53.93 -54.19 0.41
N GLN D 133 52.75 -54.46 0.96
CA GLN D 133 51.49 -54.07 0.29
C GLN D 133 51.35 -54.68 -1.10
N ASN D 134 51.44 -56.01 -1.17
CA ASN D 134 51.06 -56.72 -2.38
C ASN D 134 49.87 -57.62 -2.03
N ASN D 135 49.58 -58.59 -2.89
CA ASN D 135 48.51 -59.56 -2.69
C ASN D 135 49.07 -60.97 -2.59
N ILE D 136 50.24 -61.09 -1.97
CA ILE D 136 50.94 -62.37 -1.83
C ILE D 136 50.59 -62.97 -0.47
N TYR D 137 50.00 -64.17 -0.48
CA TYR D 137 49.54 -64.84 0.73
C TYR D 137 50.18 -66.21 0.94
N ASN D 138 51.18 -66.57 0.16
CA ASN D 138 51.89 -67.83 0.37
C ASN D 138 53.39 -67.58 0.21
N ILE D 139 54.11 -67.52 1.32
CA ILE D 139 55.57 -67.44 1.29
C ILE D 139 56.11 -68.84 1.04
N THR D 140 56.81 -69.00 -0.09
CA THR D 140 57.14 -70.31 -0.63
C THR D 140 58.65 -70.44 -0.76
N LYS D 141 59.13 -71.68 -0.61
CA LYS D 141 60.48 -72.04 -1.02
C LYS D 141 60.62 -71.87 -2.53
N ILE D 144 61.78 -68.17 -2.55
CA ILE D 144 62.50 -67.38 -1.56
C ILE D 144 63.66 -68.16 -0.99
N SER D 145 63.45 -69.47 -0.87
CA SER D 145 64.41 -70.34 -0.18
C SER D 145 65.76 -70.40 -0.90
N ARG D 146 65.79 -70.23 -2.22
CA ARG D 146 67.05 -70.24 -2.95
C ARG D 146 67.80 -68.91 -2.88
N LEU D 147 67.11 -67.80 -2.59
CA LEU D 147 67.78 -66.57 -2.17
C LEU D 147 68.44 -66.82 -0.82
N ILE D 148 69.77 -66.84 -0.77
CA ILE D 148 70.52 -67.25 0.40
C ILE D 148 71.38 -66.12 0.98
N ASN D 149 71.36 -64.94 0.34
CA ASN D 149 72.10 -63.77 0.81
C ASN D 149 71.17 -62.59 1.11
N LEU D 150 69.88 -62.86 1.30
CA LEU D 150 68.95 -61.85 1.81
C LEU D 150 69.30 -61.48 3.26
N LYS D 151 69.46 -60.18 3.52
CA LYS D 151 69.67 -59.64 4.85
C LYS D 151 68.42 -59.01 5.45
N ASN D 152 67.65 -58.27 4.65
CA ASN D 152 66.39 -57.68 5.06
C ASN D 152 65.30 -58.09 4.08
N LEU D 153 64.22 -58.68 4.59
CA LEU D 153 63.11 -59.16 3.78
C LEU D 153 61.81 -58.63 4.38
N TYR D 154 61.10 -57.82 3.61
CA TYR D 154 59.84 -57.18 4.01
C TYR D 154 58.69 -57.80 3.23
N LEU D 155 57.72 -58.36 3.95
CA LEU D 155 56.51 -58.93 3.35
C LEU D 155 55.24 -58.41 4.03
N ALA D 156 55.33 -57.25 4.69
CA ALA D 156 54.24 -56.76 5.53
C ALA D 156 53.10 -56.19 4.68
N TRP D 157 51.95 -55.98 5.31
CA TRP D 157 50.82 -55.26 4.72
C TRP D 157 50.26 -55.92 3.47
N ASN D 158 50.25 -57.25 3.45
CA ASN D 158 49.64 -57.95 2.33
C ASN D 158 48.22 -58.44 2.62
N CYS D 159 47.88 -58.63 3.90
CA CYS D 159 46.54 -59.07 4.30
C CYS D 159 46.25 -58.45 5.66
N TYR D 160 45.28 -57.54 5.72
CA TYR D 160 45.06 -56.74 6.91
C TYR D 160 43.69 -56.10 6.84
N PHE D 161 43.19 -55.67 8.00
CA PHE D 161 41.95 -54.89 8.13
C PHE D 161 40.82 -55.68 7.48
N ASN D 162 39.98 -55.04 6.66
CA ASN D 162 38.90 -55.69 5.93
C ASN D 162 39.22 -55.84 4.45
N LYS D 163 40.50 -56.04 4.13
CA LYS D 163 40.87 -56.37 2.75
C LYS D 163 40.48 -57.81 2.45
N VAL D 164 39.94 -58.04 1.26
CA VAL D 164 39.66 -59.40 0.82
C VAL D 164 41.01 -60.07 0.59
N CYS D 165 41.32 -61.07 1.43
CA CYS D 165 42.56 -61.82 1.30
C CYS D 165 42.43 -63.12 2.06
N GLU D 166 43.39 -64.00 1.86
CA GLU D 166 43.44 -65.30 2.52
C GLU D 166 44.53 -65.29 3.56
N LYS D 167 44.37 -66.15 4.57
CA LYS D 167 45.38 -66.29 5.61
C LYS D 167 46.72 -66.67 4.99
N THR D 168 47.80 -66.11 5.53
CA THR D 168 49.13 -66.36 4.97
C THR D 168 49.58 -67.77 5.36
N ASN D 169 50.03 -68.53 4.37
CA ASN D 169 50.69 -69.81 4.57
C ASN D 169 52.19 -69.59 4.42
N ILE D 170 52.95 -69.95 5.46
CA ILE D 170 54.41 -69.81 5.47
C ILE D 170 54.98 -71.21 5.54
N GLU D 171 55.19 -71.82 4.37
CA GLU D 171 55.66 -73.19 4.24
C GLU D 171 56.80 -73.47 5.22
N ASP D 172 56.71 -74.62 5.88
CA ASP D 172 57.67 -74.97 6.93
C ASP D 172 59.10 -74.91 6.40
N GLY D 173 59.98 -74.30 7.19
CA GLY D 173 61.39 -74.16 6.87
C GLY D 173 61.73 -73.06 5.89
N VAL D 174 60.74 -72.21 5.53
CA VAL D 174 60.93 -71.28 4.41
C VAL D 174 62.11 -70.34 4.61
N PHE D 175 62.48 -70.07 5.88
CA PHE D 175 63.54 -69.12 6.21
C PHE D 175 64.84 -69.76 6.65
N GLU D 176 64.88 -71.09 6.85
CA GLU D 176 66.09 -71.76 7.32
C GLU D 176 67.23 -71.57 6.34
N THR D 177 66.92 -71.58 5.05
CA THR D 177 67.94 -71.44 4.03
C THR D 177 68.63 -70.09 4.13
N LEU D 178 67.89 -69.05 4.54
CA LEU D 178 68.41 -67.69 4.53
C LEU D 178 69.24 -67.41 5.77
N THR D 179 70.43 -68.01 5.83
CA THR D 179 71.26 -67.99 7.03
C THR D 179 71.96 -66.64 7.26
N ASN D 180 71.79 -65.65 6.39
CA ASN D 180 72.35 -64.32 6.61
C ASN D 180 71.26 -63.29 6.87
N LEU D 181 70.03 -63.74 7.10
CA LEU D 181 68.89 -62.83 7.28
C LEU D 181 68.98 -62.13 8.63
N GLU D 182 68.97 -60.80 8.61
CA GLU D 182 69.03 -59.97 9.80
C GLU D 182 67.68 -59.41 10.22
N LEU D 183 66.86 -59.04 9.25
CA LEU D 183 65.58 -58.39 9.51
C LEU D 183 64.50 -59.11 8.73
N LEU D 184 63.44 -59.51 9.45
CA LEU D 184 62.29 -60.17 8.85
C LEU D 184 61.04 -59.41 9.26
N SER D 185 60.26 -58.98 8.27
CA SER D 185 59.07 -58.18 8.49
C SER D 185 57.86 -58.90 7.93
N LEU D 186 56.98 -59.37 8.84
CA LEU D 186 55.73 -60.02 8.46
C LEU D 186 54.52 -59.30 9.02
N SER D 187 54.68 -58.05 9.47
CA SER D 187 53.61 -57.36 10.15
C SER D 187 52.39 -57.18 9.25
N PHE D 188 51.22 -57.09 9.88
CA PHE D 188 49.96 -56.89 9.17
C PHE D 188 49.75 -57.97 8.11
N ASN D 189 49.90 -59.22 8.54
CA ASN D 189 49.57 -60.40 7.75
C ASN D 189 48.92 -61.41 8.69
N SER D 190 48.02 -62.23 8.15
CA SER D 190 47.32 -63.22 8.97
C SER D 190 48.23 -64.43 9.14
N LEU D 191 48.93 -64.49 10.28
CA LEU D 191 49.88 -65.56 10.56
C LEU D 191 49.39 -66.54 11.62
N SER D 192 48.76 -66.05 12.69
CA SER D 192 48.17 -66.85 13.76
C SER D 192 49.23 -67.47 14.68
N HIS D 193 50.39 -67.85 14.14
CA HIS D 193 51.47 -68.40 14.95
C HIS D 193 52.80 -67.86 14.47
N VAL D 194 53.77 -67.84 15.37
CA VAL D 194 55.15 -67.49 15.04
C VAL D 194 55.71 -68.55 14.09
N PRO D 195 56.20 -68.17 12.92
CA PRO D 195 56.77 -69.16 11.99
C PRO D 195 57.95 -69.87 12.63
N PRO D 196 57.98 -71.20 12.55
CA PRO D 196 59.06 -71.96 13.21
C PRO D 196 60.31 -72.00 12.35
N LYS D 197 61.41 -72.42 13.00
CA LYS D 197 62.74 -72.48 12.40
C LYS D 197 63.10 -71.15 11.74
N LEU D 198 63.36 -70.16 12.59
CA LEU D 198 63.89 -68.93 12.02
C LEU D 198 65.41 -68.94 12.09
N PRO D 199 66.09 -68.37 11.09
CA PRO D 199 67.55 -68.33 11.13
C PRO D 199 68.06 -67.57 12.34
N SER D 200 69.07 -68.13 12.99
CA SER D 200 69.65 -67.53 14.18
C SER D 200 70.40 -66.26 13.84
N SER D 201 70.39 -65.88 12.56
CA SER D 201 70.95 -64.60 12.13
C SER D 201 69.99 -63.44 12.34
N LEU D 202 68.75 -63.71 12.75
CA LEU D 202 67.74 -62.68 12.88
C LEU D 202 68.09 -61.73 14.02
N ARG D 203 68.13 -60.44 13.72
CA ARG D 203 68.33 -59.40 14.73
C ARG D 203 67.11 -58.51 14.92
N LYS D 204 66.26 -58.38 13.91
CA LYS D 204 65.03 -57.60 14.00
C LYS D 204 63.88 -58.41 13.42
N LEU D 205 62.83 -58.58 14.22
CA LEU D 205 61.68 -59.40 13.85
C LEU D 205 60.42 -58.59 14.03
N PHE D 206 59.69 -58.38 12.93
CA PHE D 206 58.47 -57.57 12.92
C PHE D 206 57.28 -58.50 12.70
N LEU D 207 56.46 -58.67 13.73
CA LEU D 207 55.28 -59.53 13.69
C LEU D 207 54.06 -58.80 14.22
N SER D 208 53.92 -57.51 13.89
CA SER D 208 52.84 -56.71 14.43
C SER D 208 51.55 -56.92 13.66
N ASN D 209 50.44 -56.99 14.40
CA ASN D 209 49.12 -57.18 13.82
C ASN D 209 49.07 -58.44 12.96
N THR D 210 49.61 -59.53 13.50
CA THR D 210 49.69 -60.80 12.80
C THR D 210 48.69 -61.81 13.34
N GLN D 211 47.79 -61.38 14.23
CA GLN D 211 46.74 -62.22 14.80
C GLN D 211 47.30 -63.40 15.59
N ILE D 212 48.48 -63.22 16.19
CA ILE D 212 49.02 -64.19 17.12
C ILE D 212 48.36 -63.99 18.49
N LYS D 213 47.89 -65.08 19.08
CA LYS D 213 47.30 -65.01 20.41
C LYS D 213 48.20 -65.56 21.50
N TYR D 214 49.12 -66.46 21.17
CA TYR D 214 49.95 -67.13 22.17
C TYR D 214 51.40 -67.12 21.72
N ILE D 215 52.30 -66.70 22.61
CA ILE D 215 53.73 -66.76 22.38
C ILE D 215 54.28 -67.87 23.27
N SER D 216 54.78 -68.92 22.64
CA SER D 216 55.28 -70.09 23.38
C SER D 216 56.75 -69.92 23.72
N GLU D 217 57.22 -70.77 24.64
CA GLU D 217 58.63 -70.83 25.00
C GLU D 217 59.45 -71.72 24.05
N GLU D 218 59.00 -71.88 22.80
CA GLU D 218 59.81 -72.50 21.76
C GLU D 218 59.68 -71.73 20.45
N ASP D 219 59.39 -70.44 20.55
CA ASP D 219 59.20 -69.53 19.41
C ASP D 219 60.45 -68.71 19.09
N PHE D 220 61.16 -68.21 20.10
CA PHE D 220 62.28 -67.27 19.96
C PHE D 220 63.55 -67.79 20.63
N LYS D 221 63.85 -69.08 20.51
CA LYS D 221 64.99 -69.61 21.27
C LYS D 221 66.29 -69.50 20.51
N GLY D 222 66.27 -69.77 19.20
CA GLY D 222 67.46 -69.60 18.40
C GLY D 222 67.83 -68.16 18.12
N LEU D 223 67.05 -67.20 18.61
CA LEU D 223 67.24 -65.78 18.28
C LEU D 223 68.09 -65.09 19.34
N ILE D 224 69.28 -65.67 19.57
CA ILE D 224 70.23 -65.07 20.53
C ILE D 224 70.84 -63.79 20.01
N ASN D 225 70.65 -63.47 18.72
CA ASN D 225 71.17 -62.26 18.12
C ASN D 225 70.12 -61.16 18.03
N LEU D 226 68.90 -61.41 18.53
CA LEU D 226 67.80 -60.50 18.29
C LEU D 226 67.94 -59.23 19.12
N THR D 227 67.72 -58.08 18.47
CA THR D 227 67.71 -56.79 19.14
C THR D 227 66.35 -56.12 19.14
N LEU D 228 65.46 -56.45 18.21
CA LEU D 228 64.13 -55.88 18.14
C LEU D 228 63.11 -57.00 17.99
N LEU D 229 62.03 -56.93 18.76
CA LEU D 229 60.91 -57.84 18.64
C LEU D 229 59.63 -57.04 18.70
N ASP D 230 58.88 -57.03 17.60
CA ASP D 230 57.63 -56.28 17.50
C ASP D 230 56.47 -57.28 17.49
N LEU D 231 55.77 -57.36 18.62
CA LEU D 231 54.58 -58.20 18.75
C LEU D 231 53.31 -57.37 18.93
N SER D 232 53.34 -56.11 18.50
CA SER D 232 52.22 -55.22 18.73
C SER D 232 50.99 -55.65 17.92
N GLY D 233 49.83 -55.15 18.35
CA GLY D 233 48.59 -55.40 17.64
C GLY D 233 48.04 -56.80 17.73
N ASN D 234 48.69 -57.70 18.47
CA ASN D 234 48.22 -59.07 18.62
C ASN D 234 47.33 -59.14 19.86
N CYS D 235 46.08 -59.57 19.66
CA CYS D 235 45.01 -59.42 20.65
C CYS D 235 44.89 -57.93 20.99
N PRO D 236 44.47 -57.10 20.04
CA PRO D 236 44.57 -55.65 20.24
C PRO D 236 43.44 -55.08 21.09
N ARG D 237 43.75 -53.96 21.73
CA ARG D 237 42.73 -53.13 22.36
C ARG D 237 42.05 -52.30 21.29
N CYS D 238 40.74 -52.51 21.11
CA CYS D 238 40.05 -52.04 19.93
C CYS D 238 39.08 -50.89 20.18
N PHE D 239 39.02 -50.36 21.40
CA PHE D 239 38.11 -49.25 21.67
C PHE D 239 38.62 -47.98 21.01
N ASN D 240 37.75 -47.32 20.25
CA ASN D 240 38.08 -46.07 19.55
C ASN D 240 39.27 -46.28 18.61
N ALA D 241 39.31 -47.42 17.95
CA ALA D 241 40.41 -47.72 17.04
C ALA D 241 40.18 -47.02 15.70
N PRO D 242 41.19 -46.35 15.15
CA PRO D 242 41.02 -45.68 13.85
C PRO D 242 41.20 -46.63 12.67
N PHE D 243 40.87 -47.90 12.86
CA PHE D 243 41.05 -48.91 11.83
C PHE D 243 40.16 -50.10 12.19
N PRO D 244 39.82 -50.94 11.20
CA PRO D 244 39.10 -52.18 11.52
C PRO D 244 39.86 -53.06 12.50
N CYS D 245 39.35 -53.14 13.73
CA CYS D 245 40.05 -53.80 14.83
C CYS D 245 39.21 -54.97 15.33
N VAL D 246 39.79 -56.16 15.29
CA VAL D 246 39.15 -57.37 15.80
C VAL D 246 39.94 -57.83 17.03
N PRO D 247 39.33 -57.84 18.21
CA PRO D 247 40.04 -58.26 19.42
C PRO D 247 39.93 -59.76 19.64
N CYS D 248 40.82 -60.26 20.51
CA CYS D 248 40.70 -61.64 20.96
C CYS D 248 39.48 -61.79 21.84
N ASP D 249 38.95 -63.01 21.90
CA ASP D 249 37.62 -63.25 22.45
C ASP D 249 37.54 -62.78 23.90
N GLY D 250 36.65 -61.82 24.15
CA GLY D 250 36.49 -61.27 25.48
C GLY D 250 37.56 -60.28 25.89
N GLY D 251 38.11 -59.54 24.93
CA GLY D 251 39.23 -58.66 25.23
C GLY D 251 40.42 -59.38 25.82
N ALA D 252 40.65 -60.62 25.41
CA ALA D 252 41.67 -61.45 26.02
C ALA D 252 43.06 -60.85 25.80
N SER D 253 43.87 -60.88 26.86
CA SER D 253 45.23 -60.40 26.78
C SER D 253 46.06 -61.30 25.86
N ILE D 254 47.28 -60.87 25.59
CA ILE D 254 48.22 -61.70 24.86
C ILE D 254 48.88 -62.67 25.83
N ASN D 255 49.03 -63.92 25.39
CA ASN D 255 49.54 -64.99 26.25
C ASN D 255 51.00 -65.23 25.91
N ILE D 256 51.89 -64.60 26.65
CA ILE D 256 53.33 -64.77 26.48
C ILE D 256 53.83 -65.67 27.60
N ASP D 257 54.45 -66.79 27.23
CA ASP D 257 54.97 -67.71 28.22
C ASP D 257 56.04 -67.04 29.07
N ARG D 258 56.23 -67.58 30.28
CA ARG D 258 57.11 -66.93 31.25
C ARG D 258 58.54 -66.82 30.75
N PHE D 259 59.05 -67.90 30.13
CA PHE D 259 60.40 -67.91 29.58
C PHE D 259 60.42 -67.65 28.08
N ALA D 260 59.35 -67.07 27.53
CA ALA D 260 59.32 -66.83 26.08
C ALA D 260 60.44 -65.90 25.62
N PHE D 261 60.96 -65.06 26.52
CA PHE D 261 62.05 -64.15 26.20
C PHE D 261 63.35 -64.57 26.88
N GLN D 262 63.51 -65.86 27.16
CA GLN D 262 64.61 -66.33 27.98
C GLN D 262 65.96 -66.14 27.28
N ASN D 263 66.04 -66.52 26.01
CA ASN D 263 67.31 -66.52 25.28
C ASN D 263 67.46 -65.33 24.35
N LEU D 264 66.77 -64.22 24.65
CA LEU D 264 66.93 -62.99 23.87
C LEU D 264 67.77 -61.99 24.67
N THR D 265 69.06 -62.32 24.79
CA THR D 265 69.95 -61.57 25.66
C THR D 265 70.23 -60.17 25.12
N GLN D 266 70.27 -59.99 23.80
CA GLN D 266 70.70 -58.75 23.19
C GLN D 266 69.52 -57.87 22.77
N LEU D 267 68.35 -58.06 23.35
CA LEU D 267 67.18 -57.30 22.94
C LEU D 267 67.28 -55.86 23.40
N ARG D 268 67.03 -54.93 22.48
CA ARG D 268 67.01 -53.50 22.78
C ARG D 268 65.65 -52.87 22.60
N TYR D 269 64.83 -53.37 21.67
CA TYR D 269 63.53 -52.78 21.35
C TYR D 269 62.46 -53.86 21.50
N LEU D 270 61.50 -53.63 22.39
CA LEU D 270 60.36 -54.52 22.58
C LEU D 270 59.09 -53.71 22.43
N ASN D 271 58.29 -54.05 21.43
CA ASN D 271 57.04 -53.34 21.14
C ASN D 271 55.88 -54.25 21.50
N LEU D 272 55.29 -54.02 22.67
CA LEU D 272 54.11 -54.74 23.12
C LEU D 272 52.87 -53.84 23.11
N SER D 273 52.83 -52.88 22.19
CA SER D 273 51.69 -51.98 22.11
C SER D 273 50.45 -52.70 21.62
N SER D 274 49.30 -52.34 22.18
CA SER D 274 48.00 -52.84 21.74
C SER D 274 47.97 -54.37 21.72
N THR D 275 48.36 -54.98 22.84
CA THR D 275 48.21 -56.41 23.05
C THR D 275 47.29 -56.71 24.21
N SER D 276 46.49 -55.72 24.63
CA SER D 276 45.50 -55.87 25.70
C SER D 276 46.13 -56.36 27.01
N LEU D 277 47.38 -55.96 27.26
CA LEU D 277 48.07 -56.39 28.46
C LEU D 277 47.48 -55.71 29.69
N ARG D 278 47.07 -56.52 30.67
CA ARG D 278 46.67 -56.01 31.97
C ARG D 278 47.69 -56.28 33.06
N LYS D 279 48.60 -57.22 32.84
CA LYS D 279 49.69 -57.50 33.77
C LYS D 279 50.99 -57.66 32.97
N ILE D 280 52.09 -57.25 33.59
CA ILE D 280 53.42 -57.39 33.01
C ILE D 280 54.21 -58.36 33.88
N ASN D 281 54.72 -59.42 33.25
CA ASN D 281 55.52 -60.42 33.96
C ASN D 281 56.94 -59.90 34.08
N ALA D 282 57.36 -59.57 35.31
CA ALA D 282 58.71 -59.07 35.53
C ALA D 282 59.77 -60.08 35.11
N ALA D 283 59.43 -61.37 35.03
CA ALA D 283 60.38 -62.37 34.58
C ALA D 283 60.66 -62.28 33.09
N TRP D 284 59.83 -61.56 32.34
CA TRP D 284 60.06 -61.40 30.90
C TRP D 284 61.35 -60.65 30.61
N PHE D 285 61.86 -59.87 31.57
CA PHE D 285 63.03 -59.04 31.36
C PHE D 285 64.23 -59.47 32.20
N LYS D 286 64.14 -60.60 32.91
CA LYS D 286 65.24 -61.02 33.77
C LYS D 286 66.49 -61.37 32.97
N ASN D 287 66.34 -61.80 31.72
CA ASN D 287 67.47 -62.11 30.86
C ASN D 287 67.65 -61.06 29.76
N MET D 288 67.17 -59.84 29.98
CA MET D 288 67.28 -58.73 29.04
C MET D 288 68.09 -57.62 29.71
N PRO D 289 69.42 -57.78 29.80
CA PRO D 289 70.23 -56.77 30.50
C PRO D 289 70.56 -55.55 29.67
N HIS D 290 70.11 -55.48 28.43
CA HIS D 290 70.43 -54.37 27.53
C HIS D 290 69.18 -53.84 26.84
N LEU D 291 68.04 -53.83 27.53
CA LEU D 291 66.81 -53.35 26.94
C LEU D 291 66.75 -51.82 27.05
N LYS D 292 66.50 -51.16 25.92
CA LYS D 292 66.58 -49.70 25.82
C LYS D 292 65.24 -49.02 25.60
N VAL D 293 64.35 -49.60 24.80
CA VAL D 293 63.07 -48.99 24.46
C VAL D 293 61.97 -50.01 24.67
N LEU D 294 60.98 -49.66 25.49
CA LEU D 294 59.84 -50.53 25.77
C LEU D 294 58.56 -49.76 25.43
N ASP D 295 57.85 -50.22 24.40
CA ASP D 295 56.61 -49.60 23.95
C ASP D 295 55.44 -50.42 24.47
N LEU D 296 54.65 -49.82 25.37
CA LEU D 296 53.50 -50.48 26.00
C LEU D 296 52.26 -49.61 25.86
N GLU D 297 51.98 -49.15 24.64
CA GLU D 297 50.83 -48.30 24.40
C GLU D 297 49.56 -49.13 24.19
N PHE D 298 48.42 -48.47 24.39
CA PHE D 298 47.11 -49.02 24.05
C PHE D 298 46.86 -50.37 24.72
N ASN D 299 47.23 -50.46 26.00
CA ASN D 299 46.87 -51.62 26.81
C ASN D 299 45.99 -51.16 27.97
N TYR D 300 45.93 -51.94 29.05
CA TYR D 300 45.16 -51.58 30.24
C TYR D 300 46.07 -51.64 31.46
N LEU D 301 47.14 -50.83 31.44
CA LEU D 301 48.22 -50.93 32.41
C LEU D 301 48.14 -49.89 33.52
N VAL D 302 46.96 -49.31 33.76
CA VAL D 302 46.82 -48.36 34.86
C VAL D 302 47.18 -49.05 36.18
N GLY D 303 46.82 -50.32 36.33
CA GLY D 303 47.15 -51.03 37.56
C GLY D 303 48.65 -51.22 37.72
N GLU D 304 49.33 -51.67 36.67
CA GLU D 304 50.77 -51.91 36.77
C GLU D 304 51.55 -50.60 36.78
N ILE D 305 50.99 -49.52 36.22
CA ILE D 305 51.63 -48.22 36.36
C ILE D 305 51.66 -47.82 37.84
N ALA D 306 50.65 -48.22 38.60
CA ALA D 306 50.60 -47.92 40.03
C ALA D 306 51.42 -48.90 40.86
N SER D 307 51.67 -50.11 40.35
CA SER D 307 52.46 -51.11 41.08
C SER D 307 53.80 -51.31 40.40
N GLY D 308 53.84 -51.96 39.24
CA GLY D 308 55.04 -52.05 38.42
C GLY D 308 56.23 -52.75 39.05
N ALA D 309 56.09 -54.06 39.30
CA ALA D 309 57.24 -54.83 39.72
C ALA D 309 58.25 -54.98 38.59
N PHE D 310 57.79 -54.90 37.34
CA PHE D 310 58.68 -55.03 36.19
C PHE D 310 59.60 -53.83 36.04
N LEU D 311 59.25 -52.69 36.62
CA LEU D 311 60.12 -51.52 36.56
C LEU D 311 61.45 -51.76 37.25
N THR D 312 61.50 -52.68 38.21
CA THR D 312 62.75 -53.02 38.88
C THR D 312 63.71 -53.76 37.95
N MET D 313 63.22 -54.27 36.82
CA MET D 313 64.00 -55.12 35.93
C MET D 313 64.55 -54.38 34.72
N LEU D 314 64.41 -53.05 34.68
CA LEU D 314 64.84 -52.25 33.54
C LEU D 314 65.83 -51.17 34.00
N PRO D 315 67.05 -51.56 34.37
CA PRO D 315 68.02 -50.56 34.86
C PRO D 315 68.67 -49.74 33.76
N ARG D 316 68.55 -50.14 32.50
CA ARG D 316 69.13 -49.39 31.39
C ARG D 316 68.10 -49.03 30.32
N LEU D 317 66.81 -49.04 30.68
CA LEU D 317 65.79 -48.58 29.74
C LEU D 317 65.88 -47.06 29.58
N GLU D 318 65.79 -46.60 28.34
CA GLU D 318 65.90 -45.18 28.04
C GLU D 318 64.59 -44.52 27.62
N ILE D 319 63.72 -45.26 26.92
CA ILE D 319 62.41 -44.75 26.50
C ILE D 319 61.34 -45.69 27.03
N LEU D 320 60.38 -45.13 27.76
CA LEU D 320 59.24 -45.88 28.28
C LEU D 320 57.97 -45.20 27.81
N ASP D 321 57.23 -45.85 26.92
CA ASP D 321 56.01 -45.31 26.35
C ASP D 321 54.82 -46.06 26.93
N LEU D 322 54.08 -45.40 27.82
CA LEU D 322 52.88 -45.96 28.43
C LEU D 322 51.62 -45.20 28.01
N SER D 323 51.58 -44.74 26.75
CA SER D 323 50.54 -43.83 26.31
C SER D 323 49.23 -44.57 26.06
N PHE D 324 48.12 -43.86 26.28
CA PHE D 324 46.78 -44.35 25.98
C PHE D 324 46.47 -45.67 26.68
N ASN D 325 46.65 -45.67 28.00
CA ASN D 325 46.24 -46.78 28.86
C ASN D 325 45.01 -46.43 29.68
N TYR D 326 44.30 -45.37 29.31
CA TYR D 326 43.18 -44.89 30.11
C TYR D 326 42.10 -45.95 30.24
N ILE D 327 41.44 -45.96 31.39
CA ILE D 327 40.26 -46.78 31.61
C ILE D 327 39.06 -45.99 31.10
N LYS D 328 38.34 -46.58 30.14
CA LYS D 328 37.23 -45.90 29.49
C LYS D 328 36.16 -45.53 30.52
N GLY D 329 35.75 -44.27 30.51
CA GLY D 329 34.78 -43.76 31.46
C GLY D 329 35.35 -43.31 32.79
N SER D 330 36.67 -43.39 32.97
CA SER D 330 37.32 -43.02 34.22
C SER D 330 38.07 -41.71 34.03
N TYR D 331 37.78 -40.74 34.89
CA TYR D 331 38.44 -39.43 34.88
C TYR D 331 39.00 -39.18 36.28
N PRO D 332 40.00 -39.95 36.70
CA PRO D 332 40.51 -39.82 38.07
C PRO D 332 41.15 -38.46 38.30
N GLN D 333 41.30 -38.11 39.58
CA GLN D 333 41.79 -36.79 39.93
C GLN D 333 43.31 -36.68 39.87
N HIS D 334 44.04 -37.79 39.96
CA HIS D 334 45.48 -37.72 40.04
C HIS D 334 46.12 -38.89 39.32
N ILE D 335 47.37 -38.70 38.94
CA ILE D 335 48.18 -39.77 38.36
C ILE D 335 48.73 -40.64 39.49
N ASN D 336 48.69 -41.95 39.29
CA ASN D 336 49.18 -42.91 40.28
C ASN D 336 50.48 -43.50 39.75
N ILE D 337 51.59 -42.89 40.12
CA ILE D 337 52.92 -43.30 39.68
C ILE D 337 53.54 -44.14 40.78
N SER D 338 53.94 -45.36 40.43
CA SER D 338 54.55 -46.26 41.40
C SER D 338 55.93 -45.76 41.80
N ARG D 339 56.30 -46.02 43.06
CA ARG D 339 57.62 -45.61 43.55
C ARG D 339 58.74 -46.37 42.85
N ASN D 340 58.43 -47.50 42.20
CA ASN D 340 59.46 -48.26 41.50
C ASN D 340 59.91 -47.58 40.21
N PHE D 341 59.26 -46.49 39.79
CA PHE D 341 59.79 -45.68 38.71
C PHE D 341 61.14 -45.08 39.07
N SER D 342 61.47 -45.03 40.36
CA SER D 342 62.72 -44.45 40.85
C SER D 342 63.95 -45.23 40.43
N LYS D 343 63.79 -46.44 39.87
CA LYS D 343 64.91 -47.30 39.53
C LYS D 343 65.22 -47.33 38.04
N LEU D 344 64.42 -46.67 37.21
CA LEU D 344 64.72 -46.49 35.79
C LEU D 344 65.78 -45.40 35.66
N LEU D 345 66.99 -45.73 36.12
CA LEU D 345 68.05 -44.73 36.23
C LEU D 345 68.57 -44.28 34.87
N SER D 346 68.42 -45.10 33.84
CA SER D 346 68.83 -44.72 32.49
C SER D 346 67.70 -44.10 31.69
N LEU D 347 66.51 -43.94 32.29
CA LEU D 347 65.37 -43.43 31.55
C LEU D 347 65.59 -41.99 31.13
N ARG D 348 65.44 -41.73 29.84
CA ARG D 348 65.58 -40.39 29.28
C ARG D 348 64.25 -39.76 28.92
N ALA D 349 63.30 -40.54 28.42
CA ALA D 349 61.99 -40.03 28.01
C ALA D 349 60.90 -40.94 28.55
N LEU D 350 59.91 -40.34 29.22
CA LEU D 350 58.76 -41.05 29.75
C LEU D 350 57.51 -40.50 29.08
N HIS D 351 56.82 -41.34 28.32
CA HIS D 351 55.63 -40.93 27.56
C HIS D 351 54.40 -41.42 28.31
N LEU D 352 53.59 -40.48 28.80
CA LEU D 352 52.39 -40.77 29.56
C LEU D 352 51.18 -40.05 28.97
N ARG D 353 51.01 -40.18 27.66
CA ARG D 353 49.84 -39.61 27.01
C ARG D 353 48.62 -40.49 27.23
N GLY D 354 47.45 -39.90 27.07
CA GLY D 354 46.21 -40.66 27.11
C GLY D 354 45.99 -41.46 28.37
N TYR D 355 46.49 -41.00 29.52
CA TYR D 355 46.12 -41.62 30.79
C TYR D 355 44.81 -41.07 31.31
N VAL D 356 44.57 -39.77 31.09
CA VAL D 356 43.35 -39.06 31.47
C VAL D 356 43.26 -38.91 32.97
N PHE D 357 43.64 -37.73 33.47
CA PHE D 357 43.45 -37.37 34.86
C PHE D 357 43.30 -35.86 34.96
N GLN D 358 42.89 -35.39 36.14
CA GLN D 358 42.47 -34.01 36.33
C GLN D 358 43.57 -33.09 36.83
N GLU D 359 44.37 -33.54 37.80
CA GLU D 359 45.34 -32.66 38.45
C GLU D 359 46.66 -33.38 38.63
N LEU D 360 47.75 -32.66 38.41
CA LEU D 360 49.11 -33.14 38.66
C LEU D 360 49.72 -32.29 39.77
N ARG D 361 49.85 -32.87 40.96
CA ARG D 361 50.42 -32.18 42.10
C ARG D 361 51.86 -32.65 42.34
N GLU D 362 52.59 -31.85 43.12
CA GLU D 362 54.02 -32.05 43.27
C GLU D 362 54.35 -33.45 43.79
N ASP D 363 53.54 -34.00 44.69
CA ASP D 363 53.85 -35.30 45.28
C ASP D 363 53.61 -36.45 44.33
N ASP D 364 52.77 -36.28 43.31
CA ASP D 364 52.45 -37.38 42.40
C ASP D 364 53.64 -37.79 41.54
N PHE D 365 54.63 -36.91 41.38
CA PHE D 365 55.79 -37.18 40.53
C PHE D 365 57.08 -37.33 41.32
N GLN D 366 56.98 -37.62 42.63
CA GLN D 366 58.18 -37.83 43.43
C GLN D 366 59.03 -39.00 42.97
N PRO D 367 58.49 -40.14 42.52
CA PRO D 367 59.36 -41.21 42.01
C PRO D 367 60.24 -40.79 40.85
N LEU D 368 59.85 -39.78 40.08
CA LEU D 368 60.60 -39.37 38.89
C LEU D 368 61.62 -38.27 39.16
N MET D 369 61.54 -37.59 40.31
CA MET D 369 62.20 -36.30 40.44
C MET D 369 63.72 -36.41 40.62
N GLN D 370 64.21 -37.55 41.11
CA GLN D 370 65.65 -37.74 41.27
C GLN D 370 66.24 -38.66 40.22
N LEU D 371 65.49 -38.97 39.16
CA LEU D 371 66.05 -39.72 38.04
C LEU D 371 67.04 -38.83 37.29
N PRO D 372 68.28 -39.28 37.10
CA PRO D 372 69.33 -38.36 36.60
C PRO D 372 69.30 -38.14 35.09
N ASN D 373 68.66 -39.00 34.31
CA ASN D 373 68.70 -38.90 32.86
C ASN D 373 67.37 -38.49 32.24
N LEU D 374 66.32 -38.34 33.05
CA LEU D 374 64.99 -38.00 32.52
C LEU D 374 65.03 -36.60 31.93
N SER D 375 65.10 -36.52 30.60
CA SER D 375 65.15 -35.25 29.90
C SER D 375 63.81 -34.84 29.29
N THR D 376 62.95 -35.80 28.97
CA THR D 376 61.68 -35.53 28.30
C THR D 376 60.55 -36.17 29.11
N ILE D 377 59.57 -35.36 29.49
CA ILE D 377 58.35 -35.84 30.11
C ILE D 377 57.18 -35.44 29.21
N ASN D 378 56.42 -36.42 28.76
CA ASN D 378 55.35 -36.23 27.79
C ASN D 378 54.02 -36.53 28.46
N LEU D 379 53.20 -35.49 28.65
CA LEU D 379 51.92 -35.63 29.33
C LEU D 379 50.78 -35.05 28.48
N GLY D 380 50.86 -35.19 27.16
CA GLY D 380 49.84 -34.66 26.30
C GLY D 380 48.59 -35.51 26.27
N ILE D 381 47.48 -34.89 25.87
CA ILE D 381 46.19 -35.54 25.70
C ILE D 381 45.80 -36.27 26.98
N ASN D 382 45.84 -35.57 28.11
CA ASN D 382 45.42 -36.12 29.39
C ASN D 382 44.27 -35.36 30.02
N PHE D 383 43.82 -34.28 29.38
CA PHE D 383 42.72 -33.44 29.89
C PHE D 383 43.01 -32.91 31.29
N ILE D 384 44.27 -32.63 31.58
CA ILE D 384 44.66 -32.10 32.88
C ILE D 384 44.12 -30.69 33.02
N LYS D 385 43.47 -30.41 34.15
CA LYS D 385 42.87 -29.10 34.38
C LYS D 385 43.83 -28.13 35.07
N GLN D 386 44.60 -28.59 36.03
CA GLN D 386 45.57 -27.74 36.71
C GLN D 386 46.87 -28.50 36.94
N ILE D 387 47.97 -27.76 36.82
CA ILE D 387 49.31 -28.28 37.04
C ILE D 387 49.97 -27.40 38.09
N ASP D 388 50.71 -28.03 39.00
CA ASP D 388 51.46 -27.31 40.01
C ASP D 388 52.91 -27.25 39.57
N PHE D 389 53.27 -26.15 38.90
CA PHE D 389 54.52 -26.05 38.16
C PHE D 389 55.77 -26.07 39.03
N LYS D 390 55.65 -25.94 40.36
CA LYS D 390 56.85 -26.02 41.20
C LYS D 390 57.48 -27.42 41.15
N LEU D 391 56.72 -28.44 40.75
CA LEU D 391 57.25 -29.80 40.74
C LEU D 391 58.34 -29.99 39.68
N PHE D 392 58.35 -29.19 38.63
CA PHE D 392 59.37 -29.31 37.59
C PHE D 392 60.68 -28.63 37.97
N GLN D 393 60.75 -27.98 39.13
CA GLN D 393 61.99 -27.41 39.62
C GLN D 393 62.85 -28.45 40.33
N ASN D 394 62.20 -29.40 40.99
CA ASN D 394 62.88 -30.47 41.73
C ASN D 394 63.71 -31.36 40.81
N PHE D 395 63.47 -31.34 39.51
CA PHE D 395 64.13 -32.26 38.59
C PHE D 395 65.59 -31.83 38.37
N SER D 396 66.32 -32.68 37.64
CA SER D 396 67.76 -32.53 37.49
C SER D 396 68.19 -32.29 36.05
N ASN D 397 67.68 -33.07 35.10
CA ASN D 397 68.11 -32.96 33.71
C ASN D 397 66.92 -32.82 32.77
N LEU D 398 65.81 -32.30 33.28
CA LEU D 398 64.60 -32.14 32.47
C LEU D 398 64.82 -31.07 31.40
N GLU D 399 64.70 -31.46 30.13
CA GLU D 399 64.86 -30.51 29.04
C GLU D 399 63.61 -30.27 28.23
N ILE D 400 62.59 -31.12 28.34
CA ILE D 400 61.36 -31.00 27.56
C ILE D 400 60.19 -31.31 28.49
N ILE D 401 59.37 -30.31 28.76
CA ILE D 401 58.15 -30.46 29.53
C ILE D 401 56.99 -30.31 28.56
N TYR D 402 56.45 -31.44 28.11
CA TYR D 402 55.42 -31.46 27.08
C TYR D 402 54.05 -31.62 27.74
N LEU D 403 53.29 -30.52 27.78
CA LEU D 403 51.94 -30.53 28.35
C LEU D 403 50.89 -30.06 27.35
N SER D 404 51.19 -30.17 26.06
CA SER D 404 50.26 -29.70 25.04
C SER D 404 49.02 -30.58 24.99
N GLU D 405 47.91 -29.97 24.57
CA GLU D 405 46.63 -30.67 24.38
C GLU D 405 46.09 -31.23 25.69
N ASN D 406 45.76 -30.32 26.60
CA ASN D 406 45.09 -30.67 27.85
C ASN D 406 43.96 -29.67 28.06
N ARG D 407 43.56 -29.47 29.31
CA ARG D 407 42.50 -28.53 29.66
C ARG D 407 42.99 -27.50 30.67
N ILE D 408 44.23 -27.04 30.51
CA ILE D 408 44.81 -26.10 31.45
C ILE D 408 44.23 -24.70 31.21
N SER D 409 43.83 -24.04 32.28
CA SER D 409 43.22 -22.71 32.27
C SER D 409 43.95 -21.85 33.28
N PRO D 410 43.76 -20.51 33.23
CA PRO D 410 44.54 -19.62 34.09
C PRO D 410 44.40 -19.95 35.57
N LEU D 411 45.46 -19.63 36.32
CA LEU D 411 45.47 -19.82 37.77
C LEU D 411 45.40 -18.47 38.48
N PHE D 437 46.43 -46.07 0.38
CA PHE D 437 46.10 -46.60 1.70
C PHE D 437 46.36 -45.55 2.79
N GLU D 438 45.81 -45.79 3.97
CA GLU D 438 45.78 -44.76 5.00
C GLU D 438 47.08 -44.67 5.79
N PHE D 439 47.66 -45.81 6.16
CA PHE D 439 48.81 -45.84 7.04
C PHE D 439 50.09 -46.11 6.26
N ASP D 440 51.13 -45.37 6.59
CA ASP D 440 52.43 -45.55 5.95
C ASP D 440 53.06 -46.84 6.45
N PRO D 441 53.34 -47.82 5.59
CA PRO D 441 53.94 -49.08 6.06
C PRO D 441 55.36 -48.93 6.57
N HIS D 442 55.99 -47.77 6.38
CA HIS D 442 57.37 -47.56 6.80
C HIS D 442 57.48 -46.64 8.01
N SER D 443 56.36 -46.30 8.65
CA SER D 443 56.36 -45.47 9.84
C SER D 443 55.70 -46.22 10.99
N ASN D 444 55.98 -45.75 12.21
CA ASN D 444 55.35 -46.32 13.40
C ASN D 444 53.83 -46.22 13.28
N PHE D 445 53.15 -47.24 13.76
CA PHE D 445 51.70 -47.36 13.57
C PHE D 445 50.89 -46.78 14.72
N TYR D 446 51.48 -46.64 15.91
CA TYR D 446 50.73 -46.25 17.10
C TYR D 446 51.02 -44.82 17.56
N HIS D 447 52.04 -44.17 17.02
CA HIS D 447 52.30 -42.78 17.37
C HIS D 447 53.16 -42.15 16.27
N PHE D 448 53.20 -40.83 16.28
CA PHE D 448 54.10 -40.11 15.38
C PHE D 448 55.54 -40.25 15.87
N THR D 449 56.48 -39.84 15.02
CA THR D 449 57.89 -39.83 15.37
C THR D 449 58.53 -38.46 15.24
N ARG D 450 57.75 -37.43 14.92
CA ARG D 450 58.29 -36.08 14.88
C ARG D 450 58.75 -35.67 16.28
N PRO D 451 59.68 -34.72 16.37
CA PRO D 451 60.05 -34.19 17.69
C PRO D 451 58.85 -33.54 18.36
N LEU D 452 58.80 -33.68 19.69
CA LEU D 452 57.70 -33.09 20.44
C LEU D 452 57.69 -31.56 20.29
N ILE D 453 58.87 -30.95 20.35
CA ILE D 453 59.02 -29.51 20.18
C ILE D 453 60.00 -29.29 19.04
N LYS D 454 59.74 -28.24 18.25
CA LYS D 454 60.59 -27.92 17.12
C LYS D 454 62.05 -27.83 17.57
N PRO D 455 62.97 -28.51 16.89
CA PRO D 455 64.38 -28.46 17.32
C PRO D 455 64.96 -27.06 17.37
N GLN D 456 64.48 -26.15 16.51
CA GLN D 456 64.95 -24.77 16.54
C GLN D 456 64.59 -24.08 17.85
N CYS D 457 63.55 -24.55 18.54
CA CYS D 457 63.16 -24.04 19.85
C CYS D 457 63.89 -24.74 20.98
N ALA D 458 63.92 -26.08 20.94
CA ALA D 458 64.55 -26.84 22.01
C ALA D 458 66.03 -26.57 22.12
N ALA D 459 66.69 -26.25 21.00
CA ALA D 459 68.13 -26.03 21.01
C ALA D 459 68.54 -24.89 21.92
N TYR D 460 67.61 -24.01 22.29
CA TYR D 460 67.94 -22.87 23.15
C TYR D 460 68.02 -23.25 24.62
N GLY D 461 67.45 -24.37 25.02
CA GLY D 461 67.52 -24.80 26.41
C GLY D 461 66.25 -25.53 26.82
N LYS D 462 65.91 -25.38 28.10
CA LYS D 462 64.73 -26.05 28.65
C LYS D 462 63.47 -25.55 27.98
N ALA D 463 62.62 -26.47 27.55
CA ALA D 463 61.46 -26.17 26.74
C ALA D 463 60.19 -26.58 27.46
N LEU D 464 59.17 -25.72 27.37
CA LEU D 464 57.86 -25.96 27.98
C LEU D 464 56.79 -25.74 26.91
N ASP D 465 56.02 -26.78 26.63
CA ASP D 465 54.99 -26.75 25.58
C ASP D 465 53.62 -26.77 26.27
N LEU D 466 52.96 -25.62 26.30
CA LEU D 466 51.61 -25.49 26.85
C LEU D 466 50.57 -25.25 25.76
N SER D 467 50.86 -25.65 24.53
CA SER D 467 49.98 -25.34 23.41
C SER D 467 48.70 -26.16 23.49
N LEU D 468 47.68 -25.66 22.76
CA LEU D 468 46.40 -26.35 22.61
C LEU D 468 45.72 -26.58 23.97
N ASN D 469 45.85 -25.61 24.85
CA ASN D 469 45.11 -25.55 26.09
C ASN D 469 44.16 -24.35 26.02
N SER D 470 43.74 -23.85 27.18
CA SER D 470 42.84 -22.71 27.25
C SER D 470 43.36 -21.67 28.24
N ILE D 471 44.65 -21.37 28.15
CA ILE D 471 45.23 -20.25 28.88
C ILE D 471 44.94 -18.98 28.08
N PHE D 472 43.67 -18.57 28.05
CA PHE D 472 43.24 -17.42 27.28
C PHE D 472 43.61 -16.09 27.93
N PHE D 473 44.35 -16.13 29.04
CA PHE D 473 44.81 -14.94 29.73
C PHE D 473 45.92 -15.32 30.70
N ILE D 474 47.06 -14.64 30.63
CA ILE D 474 48.18 -14.92 31.52
C ILE D 474 48.05 -14.04 32.75
N GLY D 475 47.94 -14.67 33.92
CA GLY D 475 47.83 -13.95 35.16
C GLY D 475 49.19 -13.52 35.69
N PRO D 476 49.17 -12.74 36.76
CA PRO D 476 50.43 -12.24 37.34
C PRO D 476 51.31 -13.33 37.93
N ASN D 477 50.77 -14.53 38.16
CA ASN D 477 51.54 -15.62 38.75
C ASN D 477 51.36 -16.93 37.98
N GLN D 478 51.16 -16.83 36.67
CA GLN D 478 50.93 -18.04 35.88
C GLN D 478 52.20 -18.86 35.71
N PHE D 479 53.37 -18.22 35.72
CA PHE D 479 54.63 -18.90 35.42
C PHE D 479 55.59 -18.90 36.61
N GLU D 480 55.11 -18.64 37.82
CA GLU D 480 55.99 -18.65 38.97
C GLU D 480 56.43 -20.07 39.32
N ASN D 481 57.59 -20.17 39.97
CA ASN D 481 58.18 -21.43 40.41
C ASN D 481 58.59 -22.34 39.26
N LEU D 482 58.71 -21.80 38.05
CA LEU D 482 59.11 -22.61 36.91
C LEU D 482 60.62 -22.59 36.73
N PRO D 483 61.18 -23.62 36.07
CA PRO D 483 62.62 -23.57 35.75
C PRO D 483 62.97 -22.46 34.78
N ASP D 484 64.26 -22.29 34.51
CA ASP D 484 64.73 -21.27 33.57
C ASP D 484 64.35 -21.70 32.15
N ILE D 485 63.11 -21.36 31.78
CA ILE D 485 62.58 -21.75 30.47
C ILE D 485 63.20 -20.88 29.39
N ALA D 486 63.78 -21.53 28.38
CA ALA D 486 64.30 -20.83 27.21
C ALA D 486 63.39 -20.96 25.99
N CYS D 487 62.55 -21.99 25.96
CA CYS D 487 61.66 -22.25 24.82
C CYS D 487 60.27 -22.47 25.35
N LEU D 488 59.33 -21.61 24.95
CA LEU D 488 57.97 -21.65 25.46
C LEU D 488 56.98 -21.63 24.31
N ASN D 489 56.02 -22.56 24.34
CA ASN D 489 54.99 -22.67 23.31
C ASN D 489 53.63 -22.46 23.96
N LEU D 490 53.00 -21.32 23.66
CA LEU D 490 51.65 -21.02 24.11
C LEU D 490 50.68 -20.95 22.94
N SER D 491 50.97 -21.69 21.87
CA SER D 491 50.15 -21.64 20.67
C SER D 491 48.77 -22.23 20.92
N ALA D 492 47.79 -21.70 20.19
CA ALA D 492 46.42 -22.22 20.20
C ALA D 492 45.83 -22.26 21.62
N ASN D 493 46.10 -21.22 22.40
CA ASN D 493 45.53 -21.08 23.73
C ASN D 493 44.39 -20.07 23.76
N SER D 494 43.98 -19.56 22.59
CA SER D 494 42.91 -18.56 22.48
C SER D 494 43.14 -17.36 23.39
N ASN D 495 44.40 -16.99 23.57
CA ASN D 495 44.76 -15.87 24.43
C ASN D 495 44.35 -14.56 23.75
N ALA D 496 43.50 -13.78 24.42
CA ALA D 496 42.98 -12.52 23.88
C ALA D 496 43.40 -11.32 24.71
N GLN D 497 44.48 -11.43 25.48
CA GLN D 497 44.85 -10.40 26.42
C GLN D 497 45.80 -9.39 25.78
N VAL D 498 45.97 -8.26 26.47
CA VAL D 498 46.89 -7.21 26.07
C VAL D 498 48.18 -7.43 26.84
N LEU D 499 49.17 -8.05 26.19
CA LEU D 499 50.48 -8.20 26.80
C LEU D 499 51.06 -6.83 27.10
N SER D 500 51.56 -6.66 28.32
CA SER D 500 51.89 -5.33 28.83
C SER D 500 53.31 -5.22 29.37
N GLY D 501 54.14 -6.24 29.22
CA GLY D 501 55.51 -6.17 29.65
C GLY D 501 55.81 -6.81 31.00
N THR D 502 54.83 -7.48 31.62
CA THR D 502 55.04 -8.14 32.90
C THR D 502 54.64 -9.61 32.91
N GLU D 503 53.96 -10.10 31.87
CA GLU D 503 53.38 -11.43 31.93
C GLU D 503 54.43 -12.54 32.00
N PHE D 504 55.63 -12.29 31.47
CA PHE D 504 56.68 -13.29 31.43
C PHE D 504 57.86 -12.95 32.35
N SER D 505 57.61 -12.14 33.38
CA SER D 505 58.70 -11.73 34.28
C SER D 505 59.27 -12.92 35.05
N ALA D 506 58.47 -13.96 35.27
CA ALA D 506 58.96 -15.13 36.00
C ALA D 506 59.97 -15.91 35.17
N ILE D 507 59.78 -15.96 33.86
CA ILE D 507 60.68 -16.67 32.95
C ILE D 507 61.31 -15.66 31.99
N PRO D 508 62.20 -14.79 32.46
CA PRO D 508 62.64 -13.66 31.62
C PRO D 508 63.70 -14.01 30.60
N HIS D 509 64.15 -15.26 30.52
CA HIS D 509 65.21 -15.65 29.59
C HIS D 509 64.69 -16.49 28.44
N VAL D 510 63.40 -16.39 28.11
CA VAL D 510 62.86 -17.05 26.94
C VAL D 510 63.52 -16.48 25.69
N LYS D 511 64.05 -17.37 24.85
CA LYS D 511 64.65 -16.96 23.58
C LYS D 511 63.82 -17.32 22.37
N TYR D 512 62.87 -18.23 22.51
CA TYR D 512 61.99 -18.64 21.42
C TYR D 512 60.57 -18.70 21.98
N LEU D 513 59.69 -17.83 21.49
CA LEU D 513 58.34 -17.71 22.01
C LEU D 513 57.35 -17.96 20.88
N ASP D 514 56.53 -19.01 21.05
CA ASP D 514 55.51 -19.38 20.08
C ASP D 514 54.15 -18.95 20.64
N LEU D 515 53.61 -17.87 20.07
CA LEU D 515 52.29 -17.37 20.46
C LEU D 515 51.30 -17.46 19.29
N THR D 516 51.48 -18.46 18.42
CA THR D 516 50.64 -18.56 17.24
C THR D 516 49.24 -19.03 17.59
N ASN D 517 48.31 -18.79 16.67
CA ASN D 517 46.94 -19.30 16.75
C ASN D 517 46.25 -18.84 18.04
N ASN D 518 46.44 -17.58 18.40
CA ASN D 518 45.73 -16.95 19.50
C ASN D 518 44.96 -15.75 18.96
N ARG D 519 44.35 -14.99 19.87
CA ARG D 519 43.68 -13.76 19.49
C ARG D 519 44.29 -12.58 20.21
N LEU D 520 45.61 -12.45 20.14
CA LEU D 520 46.32 -11.45 20.92
C LEU D 520 45.85 -10.05 20.56
N ASP D 521 45.82 -9.19 21.57
CA ASP D 521 45.32 -7.82 21.46
C ASP D 521 46.48 -6.87 21.74
N PHE D 522 47.04 -6.29 20.68
CA PHE D 522 48.25 -5.48 20.80
C PHE D 522 47.85 -4.02 21.04
N ASP D 523 47.57 -3.72 22.31
CA ASP D 523 47.18 -2.38 22.73
C ASP D 523 48.18 -1.78 23.72
N ASN D 524 49.39 -2.33 23.79
CA ASN D 524 50.41 -1.81 24.69
C ASN D 524 51.77 -1.85 23.98
N ALA D 525 52.52 -0.76 24.10
CA ALA D 525 53.82 -0.65 23.45
C ALA D 525 54.93 -1.36 24.22
N SER D 526 54.67 -1.83 25.43
CA SER D 526 55.66 -2.53 26.23
C SER D 526 55.50 -4.04 26.16
N ALA D 527 54.65 -4.54 25.28
CA ALA D 527 54.38 -5.98 25.19
C ALA D 527 55.67 -6.76 24.98
N LEU D 528 55.85 -7.80 25.79
CA LEU D 528 56.94 -8.77 25.65
C LEU D 528 58.32 -8.17 25.88
N THR D 529 58.39 -6.88 26.23
CA THR D 529 59.70 -6.24 26.38
C THR D 529 60.48 -6.72 27.60
N GLU D 530 59.83 -7.43 28.53
CA GLU D 530 60.57 -8.03 29.63
C GLU D 530 61.38 -9.24 29.20
N LEU D 531 61.13 -9.76 28.00
CA LEU D 531 61.93 -10.85 27.43
C LEU D 531 63.10 -10.24 26.65
N SER D 532 64.03 -9.66 27.39
CA SER D 532 65.13 -8.90 26.79
C SER D 532 66.06 -9.78 25.97
N ASP D 533 66.00 -11.10 26.14
CA ASP D 533 66.85 -12.03 25.39
C ASP D 533 66.10 -12.72 24.26
N LEU D 534 64.89 -12.27 23.94
CA LEU D 534 64.08 -12.92 22.92
C LEU D 534 64.76 -12.87 21.57
N GLU D 535 64.85 -14.02 20.91
CA GLU D 535 65.47 -14.14 19.59
C GLU D 535 64.49 -14.54 18.50
N VAL D 536 63.55 -15.43 18.79
CA VAL D 536 62.56 -15.89 17.82
C VAL D 536 61.17 -15.64 18.40
N LEU D 537 60.33 -14.93 17.65
CA LEU D 537 58.97 -14.63 18.06
C LEU D 537 58.03 -14.96 16.91
N ASP D 538 57.15 -15.92 17.12
CA ASP D 538 56.17 -16.34 16.12
C ASP D 538 54.79 -15.84 16.54
N LEU D 539 54.25 -14.90 15.78
CA LEU D 539 52.91 -14.35 16.02
C LEU D 539 51.94 -14.75 14.91
N SER D 540 52.19 -15.88 14.26
CA SER D 540 51.35 -16.31 13.15
C SER D 540 49.92 -16.57 13.63
N TYR D 541 48.96 -16.24 12.77
CA TYR D 541 47.55 -16.56 13.00
C TYR D 541 47.02 -15.92 14.28
N ASN D 542 47.17 -14.61 14.38
CA ASN D 542 46.54 -13.80 15.42
C ASN D 542 45.73 -12.68 14.77
N SER D 543 45.01 -13.02 13.71
CA SER D 543 44.31 -12.03 12.90
C SER D 543 43.05 -11.49 13.58
N HIS D 544 42.61 -12.13 14.66
CA HIS D 544 41.35 -11.80 15.33
C HIS D 544 41.12 -10.30 15.47
N TYR D 545 42.07 -9.59 16.10
CA TYR D 545 41.90 -8.16 16.32
C TYR D 545 42.51 -7.30 15.23
N PHE D 546 43.45 -7.84 14.45
CA PHE D 546 43.95 -7.09 13.29
C PHE D 546 42.87 -6.90 12.25
N ARG D 547 41.90 -7.83 12.17
CA ARG D 547 40.79 -7.68 11.23
C ARG D 547 39.99 -6.42 11.52
N ILE D 548 39.81 -6.10 12.79
CA ILE D 548 38.86 -5.08 13.22
C ILE D 548 39.53 -3.71 13.13
N ALA D 549 39.05 -2.87 12.21
CA ALA D 549 39.62 -1.53 12.05
C ALA D 549 39.38 -0.67 13.30
N GLY D 550 38.29 -0.92 14.02
CA GLY D 550 37.91 -0.06 15.12
C GLY D 550 38.75 -0.18 16.38
N VAL D 551 39.45 -1.30 16.55
CA VAL D 551 40.32 -1.47 17.71
C VAL D 551 41.73 -1.06 17.32
N THR D 552 42.56 -0.82 18.33
CA THR D 552 43.92 -0.37 18.12
C THR D 552 44.86 -1.55 17.89
N HIS D 553 45.92 -1.30 17.13
CA HIS D 553 46.94 -2.31 16.85
C HIS D 553 48.30 -1.65 16.98
N HIS D 554 49.07 -2.06 17.99
CA HIS D 554 50.35 -1.44 18.32
C HIS D 554 51.45 -2.48 18.17
N LEU D 555 52.36 -2.24 17.22
CA LEU D 555 53.50 -3.10 17.00
C LEU D 555 54.82 -2.44 17.37
N GLU D 556 54.78 -1.31 18.08
CA GLU D 556 55.99 -0.59 18.44
C GLU D 556 56.94 -1.41 19.29
N PHE D 557 56.44 -2.43 20.00
CA PHE D 557 57.26 -3.18 20.94
C PHE D 557 58.42 -3.91 20.27
N ILE D 558 58.39 -4.06 18.95
CA ILE D 558 59.44 -4.81 18.25
C ILE D 558 60.78 -4.11 18.39
N GLN D 559 60.79 -2.77 18.47
CA GLN D 559 62.04 -2.02 18.49
C GLN D 559 62.82 -2.21 19.79
N ASN D 560 62.16 -2.62 20.88
CA ASN D 560 62.82 -2.66 22.17
C ASN D 560 63.77 -3.84 22.33
N PHE D 561 63.67 -4.85 21.46
CA PHE D 561 64.52 -6.03 21.59
C PHE D 561 65.88 -5.79 20.97
N THR D 562 66.94 -6.06 21.72
CA THR D 562 68.30 -5.86 21.26
C THR D 562 68.89 -7.08 20.55
N ASN D 563 68.23 -8.23 20.63
CA ASN D 563 68.74 -9.46 20.01
C ASN D 563 67.67 -10.23 19.26
N LEU D 564 66.57 -9.58 18.88
CA LEU D 564 65.52 -10.24 18.12
C LEU D 564 66.01 -10.49 16.69
N LYS D 565 65.90 -11.74 16.24
CA LYS D 565 66.39 -12.14 14.94
C LYS D 565 65.30 -12.59 13.98
N VAL D 566 64.34 -13.39 14.44
CA VAL D 566 63.30 -13.95 13.60
C VAL D 566 61.94 -13.52 14.16
N LEU D 567 61.13 -12.91 13.31
CA LEU D 567 59.78 -12.49 13.67
C LEU D 567 58.82 -12.93 12.58
N ASN D 568 57.80 -13.70 12.95
CA ASN D 568 56.79 -14.19 12.03
C ASN D 568 55.47 -13.50 12.34
N LEU D 569 55.04 -12.62 11.44
CA LEU D 569 53.75 -11.93 11.54
C LEU D 569 52.77 -12.42 10.50
N SER D 570 52.89 -13.67 10.07
CA SER D 570 52.14 -14.15 8.93
C SER D 570 50.68 -14.43 9.27
N HIS D 571 49.83 -14.30 8.25
CA HIS D 571 48.41 -14.65 8.35
C HIS D 571 47.72 -13.92 9.49
N ASN D 572 48.08 -12.65 9.66
CA ASN D 572 47.46 -11.80 10.67
C ASN D 572 46.50 -10.79 10.08
N ASN D 573 46.38 -10.74 8.74
CA ASN D 573 45.48 -9.80 8.06
C ASN D 573 45.77 -8.36 8.45
N ILE D 574 47.03 -8.04 8.70
CA ILE D 574 47.41 -6.70 9.11
C ILE D 574 47.15 -5.73 7.97
N TYR D 575 46.27 -4.76 8.20
CA TYR D 575 46.02 -3.72 7.21
C TYR D 575 45.91 -2.32 7.81
N THR D 576 46.03 -2.17 9.13
CA THR D 576 45.99 -0.85 9.75
C THR D 576 46.69 -0.92 11.11
N LEU D 577 47.50 0.09 11.38
CA LEU D 577 48.22 0.20 12.64
C LEU D 577 47.92 1.55 13.28
N THR D 578 48.17 1.63 14.58
CA THR D 578 47.85 2.82 15.36
C THR D 578 49.11 3.64 15.63
N ASP D 579 49.04 4.93 15.32
CA ASP D 579 50.07 5.92 15.66
C ASP D 579 51.37 5.69 14.90
N LYS D 580 52.07 4.60 15.19
CA LYS D 580 53.34 4.29 14.53
C LYS D 580 53.09 3.27 13.42
N TYR D 581 53.42 3.66 12.19
CA TYR D 581 53.18 2.85 11.01
C TYR D 581 54.42 2.09 10.54
N ASN D 582 55.54 2.22 11.24
CA ASN D 582 56.81 1.67 10.79
C ASN D 582 57.31 0.62 11.78
N LEU D 583 57.67 -0.55 11.27
CA LEU D 583 58.37 -1.55 12.06
C LEU D 583 59.85 -1.22 12.09
N GLU D 584 60.43 -1.22 13.29
CA GLU D 584 61.82 -0.83 13.48
C GLU D 584 62.52 -1.82 14.40
N SER D 585 63.78 -2.12 14.07
CA SER D 585 64.61 -3.00 14.87
C SER D 585 66.06 -2.99 14.38
N LYS D 586 67.00 -2.83 15.31
CA LYS D 586 68.42 -2.81 14.95
C LYS D 586 68.99 -4.20 14.72
N SER D 587 68.26 -5.26 15.04
CA SER D 587 68.82 -6.62 15.04
C SER D 587 68.07 -7.62 14.18
N LEU D 588 66.83 -7.36 13.78
CA LEU D 588 66.04 -8.36 13.08
C LEU D 588 66.66 -8.69 11.72
N VAL D 589 66.86 -9.98 11.46
CA VAL D 589 67.38 -10.44 10.19
C VAL D 589 66.31 -11.07 9.30
N GLU D 590 65.25 -11.64 9.88
CA GLU D 590 64.19 -12.27 9.11
C GLU D 590 62.84 -11.75 9.59
N LEU D 591 61.98 -11.40 8.64
CA LEU D 591 60.61 -11.02 8.92
C LEU D 591 59.69 -11.74 7.96
N VAL D 592 58.74 -12.50 8.49
CA VAL D 592 57.75 -13.20 7.69
C VAL D 592 56.46 -12.40 7.78
N PHE D 593 56.06 -11.77 6.66
CA PHE D 593 54.90 -10.90 6.61
C PHE D 593 53.86 -11.42 5.61
N SER D 594 53.85 -12.72 5.35
CA SER D 594 52.93 -13.25 4.36
C SER D 594 51.53 -13.38 4.93
N GLY D 595 50.54 -13.46 4.03
CA GLY D 595 49.17 -13.57 4.48
C GLY D 595 48.63 -12.33 5.16
N ASN D 596 49.16 -11.16 4.81
CA ASN D 596 48.67 -9.90 5.33
C ASN D 596 48.11 -9.07 4.17
N ARG D 597 47.90 -7.78 4.41
CA ARG D 597 47.26 -6.94 3.41
C ARG D 597 48.12 -5.73 3.04
N LEU D 598 49.29 -5.98 2.45
CA LEU D 598 50.11 -4.88 1.96
C LEU D 598 49.45 -4.16 0.79
N ASP D 599 48.49 -4.80 0.12
CA ASP D 599 47.75 -4.13 -0.94
C ASP D 599 46.94 -2.95 -0.39
N ILE D 600 46.47 -3.06 0.85
CA ILE D 600 45.77 -1.94 1.49
C ILE D 600 46.78 -0.98 2.12
N LEU D 601 47.84 -1.53 2.72
CA LEU D 601 48.84 -0.68 3.37
C LEU D 601 49.55 0.20 2.35
N TRP D 602 49.88 -0.36 1.18
CA TRP D 602 50.54 0.39 0.12
C TRP D 602 49.56 0.91 -0.92
N ASN D 603 48.30 1.12 -0.53
CA ASN D 603 47.31 1.71 -1.43
C ASN D 603 47.78 3.08 -1.89
N ASP D 604 47.53 3.38 -3.18
CA ASP D 604 48.09 4.59 -3.77
C ASP D 604 47.56 5.86 -3.14
N ASP D 605 46.37 5.83 -2.54
CA ASP D 605 45.82 6.99 -1.85
C ASP D 605 46.37 7.15 -0.43
N ASP D 606 47.32 6.32 -0.02
CA ASP D 606 47.79 6.28 1.36
C ASP D 606 49.31 6.11 1.35
N ASN D 607 50.02 7.08 1.92
CA ASN D 607 51.48 7.02 2.01
C ASN D 607 51.98 6.89 3.44
N ARG D 608 51.10 6.51 4.38
CA ARG D 608 51.52 6.39 5.76
C ARG D 608 52.43 5.19 5.98
N TYR D 609 52.26 4.13 5.18
CA TYR D 609 53.03 2.90 5.32
C TYR D 609 54.09 2.75 4.24
N ILE D 610 54.51 3.86 3.62
CA ILE D 610 55.44 3.78 2.50
C ILE D 610 56.85 3.37 2.94
N SER D 611 57.15 3.47 4.24
CA SER D 611 58.45 3.07 4.78
C SER D 611 58.25 2.10 5.95
N ILE D 612 57.31 1.18 5.80
CA ILE D 612 56.92 0.31 6.91
C ILE D 612 58.06 -0.62 7.31
N PHE D 613 58.87 -1.08 6.35
CA PHE D 613 59.95 -2.01 6.62
C PHE D 613 61.33 -1.34 6.63
N LYS D 614 61.40 -0.03 6.37
CA LYS D 614 62.71 0.61 6.26
C LYS D 614 63.46 0.58 7.58
N GLY D 615 62.76 0.72 8.70
CA GLY D 615 63.40 0.73 10.00
C GLY D 615 64.06 -0.58 10.41
N LEU D 616 63.86 -1.65 9.63
CA LEU D 616 64.50 -2.93 9.90
C LEU D 616 65.86 -2.93 9.20
N LYS D 617 66.83 -2.31 9.86
CA LYS D 617 68.11 -1.99 9.22
C LYS D 617 69.10 -3.15 9.22
N ASN D 618 68.76 -4.29 9.82
CA ASN D 618 69.60 -5.48 9.76
C ASN D 618 68.93 -6.61 8.98
N LEU D 619 67.83 -6.33 8.28
CA LEU D 619 67.02 -7.36 7.67
C LEU D 619 67.69 -7.92 6.43
N THR D 620 67.81 -9.24 6.37
CA THR D 620 68.37 -9.94 5.21
C THR D 620 67.35 -10.81 4.48
N ARG D 621 66.36 -11.34 5.19
CA ARG D 621 65.31 -12.15 4.58
C ARG D 621 63.96 -11.50 4.86
N LEU D 622 63.15 -11.36 3.81
CA LEU D 622 61.83 -10.75 3.93
C LEU D 622 60.85 -11.53 3.06
N ASP D 623 59.70 -11.87 3.65
CA ASP D 623 58.66 -12.65 2.98
C ASP D 623 57.42 -11.79 2.86
N LEU D 624 57.10 -11.37 1.62
CA LEU D 624 55.92 -10.57 1.34
C LEU D 624 54.88 -11.33 0.55
N SER D 625 54.92 -12.67 0.58
CA SER D 625 54.00 -13.47 -0.21
C SER D 625 52.57 -13.34 0.33
N LEU D 626 51.61 -13.74 -0.49
CA LEU D 626 50.22 -13.85 -0.09
C LEU D 626 49.68 -12.54 0.51
N ASN D 627 50.08 -11.42 -0.09
CA ASN D 627 49.62 -10.11 0.35
C ASN D 627 48.69 -9.46 -0.66
N ARG D 628 48.23 -10.21 -1.66
CA ARG D 628 47.25 -9.74 -2.64
C ARG D 628 47.74 -8.49 -3.37
N LEU D 629 49.04 -8.37 -3.57
CA LEU D 629 49.62 -7.20 -4.22
C LEU D 629 49.42 -7.29 -5.73
N LYS D 630 48.79 -6.27 -6.31
CA LYS D 630 48.72 -6.14 -7.76
C LYS D 630 49.86 -5.29 -8.32
N HIS D 631 50.45 -4.44 -7.49
CA HIS D 631 51.57 -3.59 -7.86
C HIS D 631 52.15 -3.00 -6.59
N ILE D 632 53.44 -2.72 -6.61
CA ILE D 632 54.15 -2.11 -5.48
C ILE D 632 54.54 -0.69 -5.89
N PRO D 633 54.18 0.33 -5.12
CA PRO D 633 54.63 1.69 -5.44
C PRO D 633 56.15 1.75 -5.48
N ASN D 634 56.68 2.52 -6.44
CA ASN D 634 58.12 2.62 -6.62
C ASN D 634 58.81 3.05 -5.34
N GLU D 635 58.24 4.02 -4.62
CA GLU D 635 58.85 4.49 -3.39
C GLU D 635 58.76 3.45 -2.29
N ALA D 636 57.74 2.59 -2.32
CA ALA D 636 57.62 1.55 -1.32
C ALA D 636 58.71 0.50 -1.49
N PHE D 637 58.97 0.09 -2.73
CA PHE D 637 60.04 -0.88 -2.99
C PHE D 637 61.39 -0.29 -2.63
N LEU D 638 61.64 0.96 -3.01
CA LEU D 638 62.92 1.60 -2.69
C LEU D 638 63.13 1.75 -1.20
N ASN D 639 62.07 1.80 -0.41
CA ASN D 639 62.18 1.91 1.03
C ASN D 639 62.43 0.57 1.72
N LEU D 640 62.46 -0.53 0.98
CA LEU D 640 62.83 -1.80 1.56
C LEU D 640 64.30 -1.76 1.99
N PRO D 641 64.66 -2.47 3.06
CA PRO D 641 66.03 -2.39 3.58
C PRO D 641 67.05 -2.82 2.52
N ALA D 642 68.07 -1.99 2.34
CA ALA D 642 69.12 -2.27 1.37
C ALA D 642 70.00 -3.44 1.78
N SER D 643 69.82 -3.98 2.99
CA SER D 643 70.59 -5.14 3.45
C SER D 643 69.99 -6.46 3.00
N LEU D 644 68.96 -6.43 2.15
CA LEU D 644 68.25 -7.65 1.79
C LEU D 644 69.11 -8.54 0.89
N THR D 645 69.24 -9.80 1.27
CA THR D 645 69.82 -10.82 0.41
C THR D 645 68.78 -11.78 -0.16
N GLU D 646 67.56 -11.79 0.40
CA GLU D 646 66.54 -12.74 0.03
C GLU D 646 65.19 -12.06 0.13
N LEU D 647 64.46 -12.01 -0.97
CA LEU D 647 63.19 -11.28 -1.05
C LEU D 647 62.15 -12.15 -1.73
N HIS D 648 61.09 -12.48 -1.01
CA HIS D 648 59.99 -13.29 -1.52
C HIS D 648 58.76 -12.40 -1.70
N ILE D 649 58.25 -12.33 -2.92
CA ILE D 649 57.00 -11.62 -3.21
C ILE D 649 56.08 -12.57 -3.96
N ASN D 650 56.24 -13.87 -3.73
CA ASN D 650 55.55 -14.86 -4.51
C ASN D 650 54.05 -14.90 -4.16
N ASP D 651 53.28 -15.54 -5.05
CA ASP D 651 51.86 -15.82 -4.81
C ASP D 651 51.06 -14.56 -4.50
N ASN D 652 51.37 -13.47 -5.21
CA ASN D 652 50.53 -12.29 -5.20
C ASN D 652 49.81 -12.20 -6.54
N MET D 653 49.60 -10.98 -7.04
CA MET D 653 48.99 -10.76 -8.35
C MET D 653 49.73 -9.67 -9.10
N LEU D 654 51.06 -9.71 -9.06
CA LEU D 654 51.87 -8.65 -9.66
C LEU D 654 51.74 -8.66 -11.18
N LYS D 655 51.35 -7.53 -11.75
CA LYS D 655 51.28 -7.36 -13.20
C LYS D 655 52.62 -6.91 -13.78
N PHE D 656 53.31 -6.02 -13.06
CA PHE D 656 54.60 -5.49 -13.49
C PHE D 656 55.57 -5.53 -12.32
N PHE D 657 56.84 -5.29 -12.62
CA PHE D 657 57.89 -5.29 -11.61
C PHE D 657 59.01 -4.39 -12.10
N ASN D 658 59.23 -3.27 -11.41
CA ASN D 658 60.29 -2.35 -11.80
C ASN D 658 61.65 -2.98 -11.55
N TRP D 659 62.22 -3.62 -12.57
CA TRP D 659 63.52 -4.26 -12.44
C TRP D 659 64.63 -3.25 -12.16
N THR D 660 64.43 -1.99 -12.55
CA THR D 660 65.47 -0.98 -12.34
C THR D 660 65.74 -0.74 -10.85
N LEU D 661 64.72 -0.91 -10.01
CA LEU D 661 64.87 -0.68 -8.59
C LEU D 661 65.83 -1.65 -7.92
N LEU D 662 66.20 -2.75 -8.60
CA LEU D 662 67.21 -3.66 -8.06
C LEU D 662 68.59 -3.01 -7.95
N GLN D 663 68.79 -1.83 -8.55
CA GLN D 663 70.07 -1.15 -8.48
C GLN D 663 70.43 -0.74 -7.06
N GLN D 664 69.44 -0.55 -6.19
CA GLN D 664 69.67 -0.12 -4.82
C GLN D 664 69.65 -1.27 -3.82
N PHE D 665 69.88 -2.49 -4.29
CA PHE D 665 69.93 -3.68 -3.44
C PHE D 665 71.19 -4.46 -3.79
N PRO D 666 72.35 -3.99 -3.34
CA PRO D 666 73.62 -4.58 -3.80
C PRO D 666 73.87 -5.98 -3.26
N ARG D 667 73.14 -6.42 -2.24
CA ARG D 667 73.37 -7.73 -1.63
C ARG D 667 72.26 -8.72 -1.96
N LEU D 668 71.30 -8.34 -2.81
CA LEU D 668 70.19 -9.23 -3.14
C LEU D 668 70.70 -10.44 -3.92
N GLU D 669 70.48 -11.63 -3.36
CA GLU D 669 70.90 -12.88 -4.00
C GLU D 669 69.73 -13.71 -4.52
N LEU D 670 68.58 -13.66 -3.84
CA LEU D 670 67.42 -14.47 -4.21
C LEU D 670 66.22 -13.56 -4.38
N LEU D 671 65.59 -13.61 -5.54
CA LEU D 671 64.35 -12.89 -5.82
C LEU D 671 63.28 -13.90 -6.19
N ASP D 672 62.22 -13.97 -5.40
CA ASP D 672 61.15 -14.94 -5.58
C ASP D 672 59.90 -14.20 -6.03
N LEU D 673 59.52 -14.38 -7.30
CA LEU D 673 58.35 -13.74 -7.88
C LEU D 673 57.36 -14.75 -8.44
N ARG D 674 57.40 -16.00 -7.98
CA ARG D 674 56.52 -17.03 -8.50
C ARG D 674 55.06 -16.72 -8.17
N GLY D 675 54.16 -17.30 -8.95
CA GLY D 675 52.74 -17.17 -8.68
C GLY D 675 52.20 -15.76 -8.84
N ASN D 676 52.67 -15.02 -9.84
CA ASN D 676 52.13 -13.70 -10.13
C ASN D 676 51.62 -13.66 -11.57
N LYS D 677 51.43 -12.46 -12.11
CA LYS D 677 50.95 -12.28 -13.47
C LYS D 677 51.93 -11.44 -14.29
N LEU D 678 53.22 -11.66 -14.07
CA LEU D 678 54.25 -10.90 -14.78
C LEU D 678 54.21 -11.23 -16.27
N LEU D 679 54.15 -10.19 -17.10
CA LEU D 679 54.00 -10.37 -18.53
C LEU D 679 55.30 -10.21 -19.32
N PHE D 680 56.26 -9.46 -18.78
CA PHE D 680 57.47 -9.18 -19.55
C PHE D 680 58.67 -9.06 -18.61
N LEU D 681 59.83 -9.46 -19.14
CA LEU D 681 61.11 -9.27 -18.47
C LEU D 681 61.86 -8.12 -19.12
N THR D 682 62.82 -7.56 -18.38
CA THR D 682 63.61 -6.46 -18.87
C THR D 682 64.86 -6.98 -19.59
N ASP D 683 65.49 -6.09 -20.36
CA ASP D 683 66.62 -6.46 -21.19
C ASP D 683 67.94 -6.38 -20.43
N SER D 684 68.25 -5.21 -19.86
CA SER D 684 69.55 -4.96 -19.24
C SER D 684 69.47 -5.23 -17.74
N LEU D 685 69.26 -6.51 -17.41
CA LEU D 685 69.28 -6.92 -16.02
C LEU D 685 70.67 -6.74 -15.41
N SER D 686 71.72 -6.88 -16.21
CA SER D 686 73.08 -6.72 -15.71
C SER D 686 73.33 -5.30 -15.21
N ASP D 687 72.62 -4.32 -15.76
CA ASP D 687 72.72 -2.95 -15.28
C ASP D 687 71.94 -2.72 -13.99
N PHE D 688 71.16 -3.70 -13.55
CA PHE D 688 70.35 -3.57 -12.35
C PHE D 688 70.89 -4.35 -11.16
N THR D 689 71.57 -5.47 -11.39
CA THR D 689 72.13 -6.24 -10.29
C THR D 689 73.35 -7.00 -10.78
N SER D 690 74.38 -7.07 -9.93
CA SER D 690 75.53 -7.94 -10.14
C SER D 690 75.64 -8.97 -9.02
N SER D 691 74.60 -9.12 -8.20
CA SER D 691 74.62 -10.02 -7.06
C SER D 691 73.54 -11.09 -7.10
N LEU D 692 72.53 -10.96 -7.95
CA LEU D 692 71.42 -11.90 -7.98
C LEU D 692 71.92 -13.29 -8.36
N ARG D 693 71.68 -14.26 -7.48
CA ARG D 693 72.08 -15.64 -7.72
C ARG D 693 70.91 -16.54 -8.12
N THR D 694 69.71 -16.29 -7.57
CA THR D 694 68.55 -17.13 -7.81
C THR D 694 67.37 -16.24 -8.17
N LEU D 695 66.78 -16.50 -9.34
CA LEU D 695 65.62 -15.75 -9.80
C LEU D 695 64.51 -16.75 -10.15
N LEU D 696 63.49 -16.81 -9.30
CA LEU D 696 62.35 -17.70 -9.49
C LEU D 696 61.20 -16.93 -10.11
N LEU D 697 60.67 -17.44 -11.24
CA LEU D 697 59.61 -16.75 -11.95
C LEU D 697 58.51 -17.70 -12.42
N SER D 698 58.40 -18.88 -11.83
CA SER D 698 57.43 -19.85 -12.31
C SER D 698 56.00 -19.37 -12.03
N HIS D 699 55.06 -19.88 -12.83
CA HIS D 699 53.65 -19.55 -12.73
C HIS D 699 53.42 -18.05 -12.91
N ASN D 700 53.97 -17.51 -14.00
CA ASN D 700 53.67 -16.15 -14.43
C ASN D 700 53.15 -16.18 -15.86
N ARG D 701 53.17 -15.04 -16.54
CA ARG D 701 52.66 -14.95 -17.90
C ARG D 701 53.73 -14.46 -18.87
N ILE D 702 54.99 -14.83 -18.63
CA ILE D 702 56.08 -14.46 -19.52
C ILE D 702 56.01 -15.32 -20.77
N SER D 703 55.83 -14.69 -21.93
CA SER D 703 55.72 -15.39 -23.20
C SER D 703 56.87 -15.08 -24.15
N HIS D 704 57.84 -14.28 -23.75
CA HIS D 704 58.96 -13.93 -24.61
C HIS D 704 60.17 -13.65 -23.76
N LEU D 705 61.26 -14.38 -24.01
CA LEU D 705 62.53 -14.14 -23.33
C LEU D 705 63.28 -13.04 -24.07
N PRO D 706 63.65 -11.94 -23.41
CA PRO D 706 64.24 -10.81 -24.13
C PRO D 706 65.56 -11.18 -24.80
N SER D 707 65.90 -10.39 -25.82
CA SER D 707 67.11 -10.60 -26.60
C SER D 707 68.37 -10.45 -25.74
N VAL D 713 74.56 -10.87 -16.98
CA VAL D 713 74.30 -11.24 -15.60
C VAL D 713 75.22 -12.39 -15.18
N SER D 714 76.41 -12.03 -14.70
CA SER D 714 77.39 -13.05 -14.34
C SER D 714 76.95 -13.86 -13.14
N SER D 715 76.21 -13.26 -12.21
CA SER D 715 75.94 -13.88 -10.93
C SER D 715 74.82 -14.92 -10.97
N LEU D 716 73.95 -14.87 -11.97
CA LEU D 716 72.77 -15.73 -12.00
C LEU D 716 73.18 -17.19 -12.18
N LYS D 717 72.98 -18.00 -11.14
CA LYS D 717 73.26 -19.42 -11.19
C LYS D 717 72.01 -20.27 -11.36
N HIS D 718 70.87 -19.81 -10.84
CA HIS D 718 69.61 -20.57 -10.86
C HIS D 718 68.53 -19.68 -11.45
N LEU D 719 67.90 -20.16 -12.53
CA LEU D 719 66.82 -19.43 -13.20
C LEU D 719 65.66 -20.38 -13.40
N ASP D 720 64.48 -19.97 -12.94
CA ASP D 720 63.27 -20.79 -12.98
C ASP D 720 62.22 -20.08 -13.82
N LEU D 721 61.98 -20.60 -15.04
CA LEU D 721 60.98 -20.05 -15.95
C LEU D 721 59.86 -21.04 -16.23
N SER D 722 59.63 -21.99 -15.33
CA SER D 722 58.67 -23.05 -15.58
C SER D 722 57.24 -22.52 -15.49
N SER D 723 56.32 -23.27 -16.10
CA SER D 723 54.88 -22.97 -16.06
C SER D 723 54.58 -21.53 -16.44
N ASN D 724 55.25 -21.06 -17.49
CA ASN D 724 54.97 -19.75 -18.08
C ASN D 724 54.30 -19.98 -19.44
N LEU D 725 54.28 -18.93 -20.27
CA LEU D 725 53.68 -19.00 -21.60
C LEU D 725 54.73 -18.91 -22.71
N LEU D 726 55.92 -19.46 -22.47
CA LEU D 726 56.98 -19.44 -23.47
C LEU D 726 56.63 -20.39 -24.61
N LYS D 727 56.36 -19.82 -25.79
CA LYS D 727 56.10 -20.66 -26.95
C LYS D 727 57.39 -21.14 -27.61
N THR D 728 58.48 -20.41 -27.43
CA THR D 728 59.79 -20.78 -27.95
C THR D 728 60.83 -19.89 -27.27
N ILE D 729 62.09 -20.24 -27.47
CA ILE D 729 63.21 -19.47 -26.94
C ILE D 729 64.11 -19.15 -28.13
N ASN D 730 63.99 -17.93 -28.66
CA ASN D 730 64.81 -17.52 -29.79
C ASN D 730 66.28 -17.46 -29.38
N LYS D 731 67.16 -17.71 -30.35
CA LYS D 731 68.60 -17.71 -30.11
C LYS D 731 69.16 -16.31 -29.85
N SER D 732 68.31 -15.29 -29.76
CA SER D 732 68.79 -13.96 -29.37
C SER D 732 68.96 -13.84 -27.86
N ALA D 733 68.19 -14.62 -27.09
CA ALA D 733 68.32 -14.63 -25.64
C ALA D 733 69.59 -15.37 -25.22
N LYS D 741 77.45 -18.09 -15.29
CA LYS D 741 77.54 -19.01 -14.15
C LYS D 741 76.24 -19.77 -13.96
N LEU D 742 75.41 -19.77 -14.99
CA LEU D 742 74.12 -20.46 -14.93
C LEU D 742 74.32 -21.96 -14.76
N SER D 743 73.83 -22.51 -13.65
CA SER D 743 73.94 -23.93 -13.38
C SER D 743 72.63 -24.69 -13.48
N MET D 744 71.49 -24.00 -13.44
CA MET D 744 70.19 -24.66 -13.51
C MET D 744 69.22 -23.75 -14.26
N LEU D 745 68.41 -24.35 -15.13
CA LEU D 745 67.41 -23.63 -15.90
C LEU D 745 66.15 -24.50 -15.97
N GLU D 746 65.09 -24.05 -15.31
CA GLU D 746 63.83 -24.79 -15.26
C GLU D 746 62.87 -24.25 -16.30
N LEU D 747 62.31 -25.15 -17.12
CA LEU D 747 61.44 -24.73 -18.21
C LEU D 747 60.19 -25.57 -18.36
N HIS D 748 59.94 -26.56 -17.49
CA HIS D 748 58.81 -27.46 -17.67
C HIS D 748 57.50 -26.69 -17.58
N GLY D 749 56.46 -27.26 -18.20
CA GLY D 749 55.16 -26.64 -18.22
C GLY D 749 55.00 -25.48 -19.20
N ASN D 750 55.98 -25.26 -20.07
CA ASN D 750 55.78 -24.17 -21.02
C ASN D 750 55.18 -24.71 -22.32
N PRO D 751 54.24 -23.99 -22.92
CA PRO D 751 53.63 -24.46 -24.18
C PRO D 751 54.52 -24.17 -25.39
N PHE D 752 55.59 -24.95 -25.51
CA PHE D 752 56.55 -24.75 -26.59
C PHE D 752 55.93 -25.11 -27.94
N GLU D 753 56.40 -24.44 -28.98
CA GLU D 753 55.96 -24.71 -30.35
C GLU D 753 57.04 -25.55 -31.03
N CYS D 754 56.73 -26.83 -31.28
CA CYS D 754 57.69 -27.74 -31.91
C CYS D 754 57.61 -27.57 -33.42
N THR D 755 58.25 -26.53 -33.91
CA THR D 755 58.52 -26.35 -35.32
C THR D 755 60.04 -26.39 -35.52
N CYS D 756 60.51 -25.83 -36.62
CA CYS D 756 61.95 -25.69 -36.81
C CYS D 756 62.54 -24.62 -35.90
N ASP D 757 61.71 -23.71 -35.38
CA ASP D 757 62.19 -22.62 -34.55
C ASP D 757 62.68 -23.09 -33.18
N ILE D 758 62.28 -24.29 -32.74
CA ILE D 758 62.77 -24.83 -31.48
C ILE D 758 64.16 -25.45 -31.63
N GLY D 759 64.63 -25.66 -32.86
CA GLY D 759 65.95 -26.24 -33.06
C GLY D 759 67.07 -25.33 -32.60
N ASP D 760 66.89 -24.01 -32.74
CA ASP D 760 67.88 -23.08 -32.23
C ASP D 760 68.01 -23.20 -30.72
N PHE D 761 66.88 -23.32 -30.02
CA PHE D 761 66.94 -23.54 -28.57
C PHE D 761 67.45 -24.92 -28.24
N ARG D 762 67.10 -25.92 -29.05
CA ARG D 762 67.55 -27.29 -28.80
C ARG D 762 69.04 -27.46 -29.04
N ARG D 763 69.66 -26.57 -29.81
CA ARG D 763 71.10 -26.60 -30.01
C ARG D 763 71.81 -26.16 -28.73
N LEU D 769 75.43 -27.69 -21.58
CA LEU D 769 75.33 -29.03 -20.99
C LEU D 769 75.78 -29.02 -19.52
N ASN D 770 76.46 -27.95 -19.12
CA ASN D 770 76.70 -27.70 -17.69
C ASN D 770 75.46 -27.18 -16.97
N VAL D 771 74.50 -26.61 -17.70
CA VAL D 771 73.26 -26.15 -17.09
C VAL D 771 72.29 -27.32 -17.06
N LYS D 772 72.01 -27.82 -15.86
CA LYS D 772 71.00 -28.86 -15.70
C LYS D 772 69.61 -28.30 -16.01
N ILE D 773 68.75 -29.14 -16.58
CA ILE D 773 67.36 -28.78 -16.87
C ILE D 773 66.49 -29.91 -16.33
N PRO D 774 65.95 -29.77 -15.12
CA PRO D 774 65.23 -30.88 -14.49
C PRO D 774 63.91 -31.16 -15.19
N ARG D 775 63.44 -32.40 -15.01
CA ARG D 775 62.13 -32.83 -15.49
C ARG D 775 61.95 -32.55 -16.98
N LEU D 776 62.98 -32.92 -17.77
CA LEU D 776 62.85 -32.87 -19.22
C LEU D 776 61.70 -33.74 -19.70
N VAL D 777 61.25 -34.68 -18.87
CA VAL D 777 60.02 -35.42 -19.12
C VAL D 777 58.83 -34.48 -19.30
N ASP D 778 58.86 -33.32 -18.63
CA ASP D 778 57.73 -32.42 -18.60
C ASP D 778 57.96 -31.11 -19.35
N VAL D 779 59.15 -30.90 -19.92
CA VAL D 779 59.33 -29.80 -20.86
C VAL D 779 58.66 -30.20 -22.15
N ILE D 780 57.33 -30.25 -22.14
CA ILE D 780 56.57 -30.92 -23.16
C ILE D 780 56.07 -29.90 -24.18
N CYS D 781 55.57 -30.40 -25.31
CA CYS D 781 55.13 -29.57 -26.41
C CYS D 781 53.62 -29.36 -26.36
N ALA D 782 53.18 -28.28 -27.01
CA ALA D 782 51.77 -27.96 -27.13
C ALA D 782 51.28 -27.84 -28.57
N SER D 783 52.17 -27.61 -29.54
CA SER D 783 51.70 -27.39 -30.91
C SER D 783 52.81 -27.51 -31.95
N PRO D 784 52.68 -28.45 -32.91
CA PRO D 784 51.83 -29.64 -32.80
C PRO D 784 52.68 -30.82 -32.35
N GLN D 787 52.32 -32.04 -32.75
CA GLN D 787 52.95 -33.25 -32.22
C GLN D 787 52.98 -33.17 -30.70
N ARG D 788 51.82 -32.83 -30.13
CA ARG D 788 51.72 -32.42 -28.75
C ARG D 788 52.01 -33.57 -27.79
N GLY D 789 52.28 -33.22 -26.54
CA GLY D 789 52.54 -34.19 -25.50
C GLY D 789 53.95 -34.71 -25.45
N LYS D 790 54.70 -34.65 -26.54
CA LYS D 790 56.06 -35.14 -26.54
C LYS D 790 57.01 -34.10 -25.96
N SER D 791 58.15 -34.57 -25.45
CA SER D 791 59.19 -33.68 -24.99
C SER D 791 59.71 -32.84 -26.15
N ILE D 792 60.40 -31.75 -25.81
CA ILE D 792 61.03 -30.93 -26.85
C ILE D 792 62.28 -31.58 -27.41
N VAL D 793 62.77 -32.65 -26.78
CA VAL D 793 63.92 -33.39 -27.28
C VAL D 793 63.57 -34.09 -28.58
#